data_7WF4
#
_entry.id   7WF4
#
_cell.length_a   1.00
_cell.length_b   1.00
_cell.length_c   1.00
_cell.angle_alpha   90.00
_cell.angle_beta   90.00
_cell.angle_gamma   90.00
#
_symmetry.space_group_name_H-M   'P 1'
#
loop_
_entity.id
_entity.type
_entity.pdbx_description
1 polymer 'Potassium voltage-gated channel subfamily A member 3'
2 polymer 'Voltage-gated potassium channel subunit beta-2'
3 polymer 'Potassium voltage-gated channel subfamily A member 3'
4 non-polymer 'NADP NICOTINAMIDE-ADENINE-DINUCLEOTIDE PHOSPHATE'
5 non-polymer 'POTASSIUM ION'
6 water water
#
loop_
_entity_poly.entity_id
_entity_poly.type
_entity_poly.pdbx_seq_one_letter_code
_entity_poly.pdbx_strand_id
1 'polypeptide(L)'
;ERPLPRRDFQRQVWLLFEYPESSGPARGIAIVSVLVILISIVIFCLETLPEFRDEKDYPASTSQDSFEAAGNSTSGSRAG
ASSFSDPFFVVETLCIIWFSFELLVRFFACPSKATFSRNIMNLIDIVAIIPYFITLGTELAERQGNGQQAMSLAILRVIR
LVRVFRIFKLSRHSKGLQILGQTLKASMRELGLLIFFLFIGVILFSSAVYFAEADDPTSGFSSIPDAFWWAVVTMTTVGY
GDMHPVTIGGKIVGSLCAIAGVLTIALPVPVIVSNFNYFYHRE
;
D,B,F,H
2 'polypeptide(L)'
;RQLQFYRNLGKSGLRVSCLGLGTWVTFGGQITDEMAEQLMTLAYDNGINLFDTAEVYAAGKAEVVLGNIIKKKGWRRSSL
VITTKIFWGGKAETERGLSRKHIIEGLKASLERLQLEYVDVVFANRPDPNTPMEETVRAMTHVINQGMAMYWGTSRWSSM
EIMEAYSVARQFNLTPPICEQAEYHMFQREKVEVQLPELFHKIGVGAMTWSPLACGIVSGKYDSGIPPYSRASLKGYQWL
KDKILSEEGRRQQAKLKELQAIAERLGCTLPQLAIAWCLRNEGVSSVLLGASNADQLMENIGAIQVLPKLSSSIIHEIDS
ILGNKPYS
;
G,I,M,o
3 'polypeptide(L)'
;QDCCGERVVINISGLRFETQLKTLCQFPETLLGDPKRRMRYFDPLRNEYFFDRNRPSFDAILYYYQSGGRIRRPVNVPID
IFSEEIRFYQLGEEAMEKFREDEGFL
;
J,N,O,P
#
# COMPACT_ATOMS: atom_id res chain seq x y z
N GLU A 1 -35.93 20.69 -2.30
CA GLU A 1 -37.15 20.83 -3.09
C GLU A 1 -37.87 22.12 -2.77
N ARG A 2 -39.14 22.16 -3.13
CA ARG A 2 -40.04 23.26 -2.83
C ARG A 2 -41.32 22.71 -2.25
N PRO A 3 -41.99 23.46 -1.38
CA PRO A 3 -43.27 22.98 -0.84
C PRO A 3 -44.30 22.82 -1.95
N LEU A 4 -45.22 21.90 -1.73
CA LEU A 4 -46.32 21.79 -2.66
C LEU A 4 -47.61 22.22 -1.99
N PRO A 5 -48.56 22.76 -2.76
CA PRO A 5 -49.81 23.23 -2.14
C PRO A 5 -50.57 22.17 -1.38
N ARG A 6 -50.52 20.93 -1.85
CA ARG A 6 -51.17 19.79 -1.18
C ARG A 6 -52.66 20.06 -0.96
N ARG A 7 -53.33 20.47 -2.03
CA ARG A 7 -54.74 20.83 -1.94
C ARG A 7 -55.46 20.35 -3.19
N ASP A 8 -56.73 20.76 -3.31
CA ASP A 8 -57.62 20.14 -4.28
C ASP A 8 -57.41 20.70 -5.68
N PHE A 9 -57.72 21.98 -5.88
CA PHE A 9 -57.60 22.59 -7.20
C PHE A 9 -56.28 23.33 -7.35
N GLN A 10 -55.87 24.07 -6.33
CA GLN A 10 -54.69 24.93 -6.44
C GLN A 10 -53.42 24.11 -6.66
N ARG A 11 -53.27 23.00 -5.96
CA ARG A 11 -52.09 22.17 -6.18
C ARG A 11 -52.06 21.63 -7.59
N GLN A 12 -53.21 21.16 -8.09
CA GLN A 12 -53.27 20.65 -9.45
C GLN A 12 -52.93 21.73 -10.46
N VAL A 13 -53.43 22.95 -10.23
CA VAL A 13 -53.19 24.05 -11.15
C VAL A 13 -51.71 24.44 -11.17
N TRP A 14 -51.11 24.52 -9.98
CA TRP A 14 -49.72 24.92 -9.91
C TRP A 14 -48.80 23.86 -10.51
N LEU A 15 -49.12 22.58 -10.30
CA LEU A 15 -48.34 21.55 -10.98
C LEU A 15 -48.50 21.65 -12.49
N LEU A 16 -49.66 22.13 -12.96
CA LEU A 16 -49.86 22.28 -14.40
C LEU A 16 -49.03 23.43 -14.95
N PHE A 17 -49.02 24.56 -14.24
CA PHE A 17 -48.34 25.74 -14.76
C PHE A 17 -46.89 25.84 -14.34
N GLU A 18 -46.37 24.86 -13.61
CA GLU A 18 -44.99 24.99 -13.15
C GLU A 18 -44.07 23.90 -13.69
N TYR A 19 -44.57 22.68 -13.86
CA TYR A 19 -43.71 21.56 -14.26
C TYR A 19 -44.14 21.02 -15.62
N PRO A 20 -43.44 21.39 -16.70
CA PRO A 20 -43.81 20.91 -18.04
C PRO A 20 -43.61 19.43 -18.27
N GLU A 21 -43.09 18.69 -17.30
CA GLU A 21 -42.87 17.27 -17.46
C GLU A 21 -44.06 16.43 -17.01
N SER A 22 -45.10 17.06 -16.46
CA SER A 22 -46.14 16.28 -15.80
C SER A 22 -46.99 15.50 -16.80
N SER A 23 -47.70 16.19 -17.68
CA SER A 23 -48.72 15.55 -18.48
C SER A 23 -48.71 16.12 -19.89
N GLY A 24 -49.71 15.73 -20.67
CA GLY A 24 -49.93 16.31 -21.97
C GLY A 24 -50.30 17.78 -21.94
N PRO A 25 -51.26 18.16 -21.08
CA PRO A 25 -51.62 19.58 -20.97
C PRO A 25 -50.46 20.48 -20.59
N ALA A 26 -49.54 20.01 -19.74
CA ALA A 26 -48.39 20.84 -19.38
C ALA A 26 -47.53 21.13 -20.61
N ARG A 27 -47.29 20.11 -21.42
CA ARG A 27 -46.51 20.31 -22.64
C ARG A 27 -47.25 21.24 -23.59
N GLY A 28 -48.57 21.12 -23.68
CA GLY A 28 -49.34 22.02 -24.53
C GLY A 28 -49.24 23.46 -24.08
N ILE A 29 -49.36 23.70 -22.77
CA ILE A 29 -49.24 25.06 -22.27
C ILE A 29 -47.85 25.62 -22.55
N ALA A 30 -46.81 24.82 -22.33
CA ALA A 30 -45.47 25.30 -22.58
C ALA A 30 -45.29 25.68 -24.04
N ILE A 31 -45.75 24.85 -24.96
CA ILE A 31 -45.60 25.18 -26.37
C ILE A 31 -46.39 26.42 -26.72
N VAL A 32 -47.56 26.61 -26.09
CA VAL A 32 -48.32 27.82 -26.36
C VAL A 32 -47.54 29.06 -25.94
N SER A 33 -46.92 29.01 -24.76
CA SER A 33 -46.14 30.16 -24.30
C SER A 33 -44.99 30.45 -25.24
N VAL A 34 -44.33 29.41 -25.74
CA VAL A 34 -43.22 29.63 -26.65
C VAL A 34 -43.71 30.28 -27.94
N LEU A 35 -44.81 29.79 -28.48
CA LEU A 35 -45.34 30.37 -29.72
C LEU A 35 -45.69 31.83 -29.53
N VAL A 36 -46.34 32.17 -28.43
CA VAL A 36 -46.74 33.55 -28.23
C VAL A 36 -45.53 34.46 -28.08
N ILE A 37 -44.49 34.00 -27.36
CA ILE A 37 -43.30 34.82 -27.23
C ILE A 37 -42.69 35.10 -28.59
N LEU A 38 -42.55 34.06 -29.41
CA LEU A 38 -41.96 34.26 -30.73
C LEU A 38 -42.79 35.22 -31.57
N ILE A 39 -44.11 35.07 -31.55
CA ILE A 39 -44.97 35.97 -32.31
C ILE A 39 -44.74 37.40 -31.87
N SER A 40 -44.69 37.65 -30.56
CA SER A 40 -44.54 39.01 -30.09
C SER A 40 -43.20 39.60 -30.52
N ILE A 41 -42.14 38.80 -30.47
CA ILE A 41 -40.85 39.32 -30.92
C ILE A 41 -40.90 39.70 -32.39
N VAL A 42 -41.52 38.85 -33.21
CA VAL A 42 -41.58 39.16 -34.64
C VAL A 42 -42.38 40.44 -34.87
N ILE A 43 -43.47 40.61 -34.14
CA ILE A 43 -44.26 41.83 -34.28
C ILE A 43 -43.44 43.05 -33.91
N PHE A 44 -42.70 42.97 -32.81
CA PHE A 44 -41.90 44.12 -32.40
C PHE A 44 -40.84 44.46 -33.44
N CYS A 45 -40.15 43.45 -33.98
CA CYS A 45 -39.07 43.73 -34.91
C CYS A 45 -39.55 44.00 -36.33
N LEU A 46 -40.84 43.82 -36.60
CA LEU A 46 -41.35 44.01 -37.94
C LEU A 46 -42.04 45.35 -38.15
N GLU A 47 -42.65 45.90 -37.11
CA GLU A 47 -43.40 47.14 -37.26
C GLU A 47 -42.51 48.34 -37.46
N THR A 48 -41.21 48.17 -37.60
CA THR A 48 -40.29 49.30 -37.71
C THR A 48 -39.79 49.51 -39.12
N LEU A 49 -40.34 48.84 -40.13
CA LEU A 49 -39.86 49.01 -41.51
C LEU A 49 -40.18 50.35 -42.11
N PRO A 50 -39.48 50.70 -43.19
CA PRO A 50 -39.65 51.97 -43.88
C PRO A 50 -41.01 52.09 -44.53
N GLU A 51 -41.53 50.99 -45.05
CA GLU A 51 -42.82 50.95 -45.71
C GLU A 51 -44.06 51.28 -44.87
N PHE A 52 -44.15 50.73 -43.67
CA PHE A 52 -45.30 50.98 -42.81
C PHE A 52 -45.02 52.12 -41.85
N ARG A 53 -43.86 52.73 -41.98
CA ARG A 53 -43.53 53.84 -41.13
C ARG A 53 -44.43 55.02 -41.40
N ASP A 54 -44.72 55.25 -42.68
CA ASP A 54 -45.54 56.39 -43.11
C ASP A 54 -44.94 57.70 -42.63
N GLU A 55 -45.73 58.52 -41.95
CA GLU A 55 -45.25 59.80 -41.44
C GLU A 55 -45.25 59.85 -39.91
N SER A 83 -55.16 54.18 -31.64
CA SER A 83 -55.48 53.62 -32.94
C SER A 83 -56.70 52.74 -32.84
N PHE A 84 -57.04 52.02 -33.90
CA PHE A 84 -58.20 51.14 -33.83
C PHE A 84 -58.11 49.77 -34.51
N SER A 85 -58.07 49.76 -35.84
CA SER A 85 -58.06 48.52 -36.63
C SER A 85 -56.81 48.14 -37.41
N ASP A 86 -55.67 48.74 -37.10
CA ASP A 86 -54.45 48.39 -37.82
C ASP A 86 -54.04 46.97 -37.50
N PRO A 87 -53.40 46.30 -38.44
CA PRO A 87 -52.99 44.93 -38.14
C PRO A 87 -51.98 44.90 -37.01
N PHE A 88 -51.05 45.83 -37.01
CA PHE A 88 -50.06 45.88 -35.96
C PHE A 88 -50.59 46.18 -34.57
N PHE A 89 -51.60 47.02 -34.44
CA PHE A 89 -52.08 47.28 -33.10
C PHE A 89 -52.94 46.21 -32.45
N VAL A 90 -53.40 45.21 -33.19
CA VAL A 90 -54.21 44.19 -32.55
C VAL A 90 -53.37 43.20 -31.76
N VAL A 91 -52.57 42.46 -32.52
CA VAL A 91 -51.69 41.37 -32.12
C VAL A 91 -50.99 41.69 -30.80
N GLU A 92 -50.56 42.94 -30.63
CA GLU A 92 -49.92 43.32 -29.38
C GLU A 92 -50.86 43.16 -28.21
N THR A 93 -52.11 43.58 -28.37
CA THR A 93 -53.07 43.44 -27.28
C THR A 93 -53.32 41.98 -26.95
N LEU A 94 -53.40 41.13 -27.97
CA LEU A 94 -53.60 39.70 -27.70
C LEU A 94 -52.42 39.13 -26.92
N CYS A 95 -51.20 39.45 -27.33
CA CYS A 95 -50.04 38.90 -26.63
C CYS A 95 -49.97 39.40 -25.19
N ILE A 96 -50.26 40.68 -24.96
CA ILE A 96 -50.25 41.20 -23.61
C ILE A 96 -51.33 40.54 -22.77
N ILE A 97 -52.50 40.28 -23.37
CA ILE A 97 -53.55 39.59 -22.64
C ILE A 97 -53.06 38.23 -22.17
N TRP A 98 -52.42 37.48 -23.07
CA TRP A 98 -52.00 36.15 -22.68
C TRP A 98 -50.91 36.20 -21.61
N PHE A 99 -49.95 37.10 -21.75
CA PHE A 99 -48.90 37.21 -20.73
C PHE A 99 -49.49 37.55 -19.37
N SER A 100 -50.42 38.51 -19.33
CA SER A 100 -50.99 38.89 -18.05
C SER A 100 -51.79 37.76 -17.45
N PHE A 101 -52.55 37.03 -18.28
CA PHE A 101 -53.30 35.89 -17.76
C PHE A 101 -52.36 34.86 -17.15
N GLU A 102 -51.29 34.53 -17.86
CA GLU A 102 -50.36 33.53 -17.36
C GLU A 102 -49.74 33.95 -16.05
N LEU A 103 -49.28 35.21 -15.97
CA LEU A 103 -48.68 35.69 -14.73
C LEU A 103 -49.67 35.65 -13.59
N LEU A 104 -50.89 36.11 -13.82
CA LEU A 104 -51.89 36.15 -12.76
C LEU A 104 -52.20 34.75 -12.26
N VAL A 105 -52.39 33.80 -13.17
CA VAL A 105 -52.71 32.43 -12.74
C VAL A 105 -51.55 31.82 -12.00
N ARG A 106 -50.32 32.01 -12.50
CA ARG A 106 -49.15 31.45 -11.84
C ARG A 106 -49.01 32.01 -10.43
N PHE A 107 -49.29 33.29 -10.25
CA PHE A 107 -49.21 33.87 -8.91
C PHE A 107 -50.39 33.46 -8.04
N PHE A 108 -51.51 33.05 -8.65
CA PHE A 108 -52.71 32.76 -7.88
C PHE A 108 -52.48 31.64 -6.87
N ALA A 109 -51.81 30.59 -7.30
CA ALA A 109 -51.51 29.44 -6.45
C ALA A 109 -49.99 29.38 -6.28
N CYS A 110 -49.48 30.14 -5.31
CA CYS A 110 -48.06 30.12 -5.01
C CYS A 110 -47.94 29.98 -3.50
N PRO A 111 -47.17 29.00 -3.03
CA PRO A 111 -47.14 28.74 -1.58
C PRO A 111 -46.63 29.91 -0.75
N SER A 112 -45.44 30.41 -1.05
CA SER A 112 -44.81 31.45 -0.25
C SER A 112 -44.67 32.72 -1.06
N LYS A 113 -45.03 33.85 -0.46
CA LYS A 113 -44.91 35.15 -1.10
C LYS A 113 -43.48 35.64 -1.16
N ALA A 114 -42.67 35.33 -0.13
CA ALA A 114 -41.30 35.80 -0.10
C ALA A 114 -40.50 35.22 -1.26
N THR A 115 -40.72 33.95 -1.57
CA THR A 115 -40.06 33.36 -2.73
C THR A 115 -40.48 34.05 -4.02
N PHE A 116 -41.78 34.35 -4.15
CA PHE A 116 -42.25 35.02 -5.36
C PHE A 116 -41.60 36.38 -5.53
N SER A 117 -41.46 37.14 -4.44
CA SER A 117 -40.76 38.41 -4.55
C SER A 117 -39.28 38.23 -4.87
N ARG A 118 -38.65 37.23 -4.27
CA ARG A 118 -37.21 37.05 -4.43
C ARG A 118 -36.83 36.40 -5.75
N ASN A 119 -37.79 35.96 -6.55
CA ASN A 119 -37.47 35.29 -7.80
C ASN A 119 -36.98 36.31 -8.82
N ILE A 120 -36.62 35.82 -10.01
CA ILE A 120 -36.19 36.69 -11.09
C ILE A 120 -37.08 36.59 -12.32
N MET A 121 -37.57 35.40 -12.67
CA MET A 121 -38.43 35.27 -13.85
C MET A 121 -39.65 36.17 -13.73
N ASN A 122 -40.23 36.27 -12.53
CA ASN A 122 -41.40 37.12 -12.36
C ASN A 122 -41.07 38.58 -12.63
N LEU A 123 -39.86 39.01 -12.28
CA LEU A 123 -39.45 40.37 -12.60
C LEU A 123 -39.43 40.58 -14.11
N ILE A 124 -38.89 39.62 -14.84
CA ILE A 124 -38.88 39.73 -16.30
C ILE A 124 -40.31 39.85 -16.83
N ASP A 125 -41.23 39.05 -16.28
CA ASP A 125 -42.60 39.09 -16.79
C ASP A 125 -43.25 40.44 -16.52
N ILE A 126 -43.11 40.97 -15.30
CA ILE A 126 -43.77 42.24 -15.01
C ILE A 126 -43.13 43.37 -15.79
N VAL A 127 -41.82 43.32 -15.99
CA VAL A 127 -41.16 44.36 -16.79
C VAL A 127 -41.60 44.27 -18.24
N ALA A 128 -41.83 43.07 -18.76
CA ALA A 128 -42.32 42.94 -20.12
C ALA A 128 -43.78 43.35 -20.26
N ILE A 129 -44.54 43.36 -19.17
CA ILE A 129 -45.93 43.79 -19.27
C ILE A 129 -46.12 45.29 -19.03
N ILE A 130 -45.23 45.92 -18.27
CA ILE A 130 -45.42 47.34 -17.92
C ILE A 130 -45.56 48.26 -19.13
N PRO A 131 -44.64 48.25 -20.10
CA PRO A 131 -44.65 49.31 -21.12
C PRO A 131 -45.95 49.42 -21.89
N TYR A 132 -46.59 48.30 -22.21
CA TYR A 132 -47.85 48.38 -22.93
C TYR A 132 -48.89 49.14 -22.11
N PHE A 133 -48.89 48.99 -20.81
CA PHE A 133 -49.85 49.76 -20.04
C PHE A 133 -49.49 51.22 -19.99
N ILE A 134 -48.22 51.54 -19.85
CA ILE A 134 -47.86 52.94 -19.81
C ILE A 134 -48.20 53.67 -21.10
N THR A 135 -47.87 53.08 -22.24
CA THR A 135 -48.16 53.78 -23.46
C THR A 135 -49.61 53.94 -23.63
N LEU A 136 -50.35 52.87 -23.45
CA LEU A 136 -51.77 52.99 -23.65
C LEU A 136 -52.38 53.91 -22.65
N GLY A 137 -51.96 53.76 -21.41
CA GLY A 137 -52.52 54.58 -20.36
C GLY A 137 -52.26 56.03 -20.57
N THR A 138 -51.05 56.38 -20.99
CA THR A 138 -50.73 57.79 -21.19
C THR A 138 -51.54 58.46 -22.30
N GLU A 139 -51.77 57.79 -23.42
CA GLU A 139 -52.53 58.41 -24.48
C GLU A 139 -53.97 58.68 -24.17
N LEU A 140 -54.64 57.75 -23.52
CA LEU A 140 -56.03 57.99 -23.29
C LEU A 140 -56.33 59.19 -22.40
N ALA A 141 -55.68 59.29 -21.26
CA ALA A 141 -55.97 60.39 -20.37
C ALA A 141 -55.56 61.78 -20.84
N GLU A 142 -54.31 61.90 -21.29
CA GLU A 142 -53.79 63.21 -21.73
C GLU A 142 -54.29 63.80 -23.05
N ARG A 143 -54.37 63.01 -24.11
CA ARG A 143 -54.79 63.56 -25.39
C ARG A 143 -56.22 64.05 -25.36
N GLN A 144 -57.10 63.27 -24.74
CA GLN A 144 -58.51 63.59 -24.62
C GLN A 144 -58.82 64.81 -23.79
N GLY A 145 -58.10 64.99 -22.69
CA GLY A 145 -58.34 66.14 -21.83
C GLY A 145 -57.22 67.13 -21.58
N ASN A 146 -56.17 67.10 -22.41
CA ASN A 146 -55.05 68.03 -22.20
C ASN A 146 -54.23 68.31 -23.46
N GLY A 147 -53.38 69.32 -23.39
CA GLY A 147 -52.50 69.63 -24.51
C GLY A 147 -51.12 69.22 -24.03
N GLN A 148 -50.46 68.34 -24.79
CA GLN A 148 -49.14 67.86 -24.40
C GLN A 148 -48.16 67.78 -25.57
N GLN A 149 -46.87 67.87 -25.25
CA GLN A 149 -45.84 67.76 -26.27
C GLN A 149 -45.83 66.37 -26.88
N ALA A 150 -46.00 65.39 -25.99
CA ALA A 150 -46.01 63.92 -26.14
C ALA A 150 -45.78 63.57 -24.69
N MET A 151 -44.59 63.99 -24.28
CA MET A 151 -44.02 63.94 -22.96
C MET A 151 -42.70 64.57 -23.31
N SER A 152 -41.93 63.84 -24.09
CA SER A 152 -40.69 64.32 -24.64
C SER A 152 -40.34 63.45 -25.83
N LEU A 153 -39.50 63.92 -26.73
CA LEU A 153 -39.11 63.05 -27.81
C LEU A 153 -38.28 61.93 -27.25
N ALA A 154 -37.37 62.28 -26.34
CA ALA A 154 -36.55 61.30 -25.70
C ALA A 154 -37.34 60.37 -24.78
N ILE A 155 -38.27 60.88 -24.00
CA ILE A 155 -38.95 59.99 -23.07
C ILE A 155 -39.73 58.87 -23.73
N LEU A 156 -40.49 59.22 -24.75
CA LEU A 156 -41.25 58.21 -25.46
C LEU A 156 -40.36 57.28 -26.20
N ARG A 157 -39.29 57.81 -26.76
CA ARG A 157 -38.34 56.97 -27.44
C ARG A 157 -37.67 56.01 -26.52
N VAL A 158 -37.37 56.43 -25.30
CA VAL A 158 -36.74 55.55 -24.35
C VAL A 158 -37.62 54.38 -24.02
N ILE A 159 -38.91 54.59 -23.84
CA ILE A 159 -39.77 53.48 -23.51
C ILE A 159 -39.84 52.45 -24.58
N ARG A 160 -39.97 52.85 -25.84
CA ARG A 160 -40.09 51.92 -26.95
C ARG A 160 -39.02 50.88 -26.98
N LEU A 161 -37.86 51.26 -26.51
CA LEU A 161 -36.68 50.40 -26.42
C LEU A 161 -36.85 49.35 -25.31
N VAL A 162 -37.38 49.76 -24.16
CA VAL A 162 -37.56 48.82 -23.05
C VAL A 162 -38.47 47.68 -23.46
N ARG A 163 -39.36 47.93 -24.41
CA ARG A 163 -40.27 46.90 -24.88
C ARG A 163 -39.55 45.64 -25.39
N VAL A 164 -38.23 45.65 -25.49
CA VAL A 164 -37.50 44.52 -26.09
C VAL A 164 -37.16 43.43 -25.10
N PHE A 165 -37.40 43.62 -23.81
CA PHE A 165 -37.01 42.61 -22.84
C PHE A 165 -37.86 41.35 -22.92
N ARG A 166 -38.74 41.22 -23.90
CA ARG A 166 -39.53 40.02 -24.02
C ARG A 166 -38.71 38.80 -24.41
N ILE A 167 -37.47 38.99 -24.88
CA ILE A 167 -36.65 37.85 -25.25
C ILE A 167 -36.34 36.99 -24.03
N PHE A 168 -36.01 37.62 -22.92
CA PHE A 168 -35.54 36.87 -21.77
C PHE A 168 -36.60 36.01 -21.14
N LYS A 169 -37.85 36.13 -21.58
CA LYS A 169 -38.86 35.18 -21.11
C LYS A 169 -38.59 33.77 -21.62
N LEU A 170 -37.68 33.59 -22.55
CA LEU A 170 -37.26 32.27 -22.98
C LEU A 170 -36.32 31.60 -21.98
N SER A 171 -35.95 32.28 -20.91
CA SER A 171 -35.17 31.63 -19.87
C SER A 171 -35.95 30.53 -19.17
N ARG A 172 -37.27 30.56 -19.27
CA ARG A 172 -38.07 29.51 -18.66
C ARG A 172 -38.02 28.21 -19.45
N HIS A 173 -37.65 28.29 -20.73
CA HIS A 173 -37.79 27.15 -21.62
C HIS A 173 -36.49 26.65 -22.23
N SER A 174 -35.34 27.11 -21.75
CA SER A 174 -34.05 26.62 -22.23
C SER A 174 -33.06 26.58 -21.08
N LYS A 175 -32.32 25.48 -20.97
CA LYS A 175 -31.28 25.41 -19.96
C LYS A 175 -30.08 26.25 -20.37
N GLY A 176 -29.92 26.51 -21.66
CA GLY A 176 -28.77 27.26 -22.12
C GLY A 176 -28.72 28.66 -21.53
N LEU A 177 -29.84 29.38 -21.57
CA LEU A 177 -29.85 30.73 -21.03
C LEU A 177 -29.63 30.73 -19.53
N GLN A 178 -30.14 29.74 -18.81
CA GLN A 178 -29.95 29.72 -17.37
C GLN A 178 -28.50 29.40 -17.01
N ILE A 179 -27.87 28.49 -17.75
CA ILE A 179 -26.44 28.26 -17.57
C ILE A 179 -25.66 29.55 -17.81
N LEU A 180 -26.04 30.28 -18.86
CA LEU A 180 -25.37 31.55 -19.15
C LEU A 180 -25.56 32.55 -18.03
N GLY A 181 -26.76 32.61 -17.47
CA GLY A 181 -26.99 33.51 -16.36
C GLY A 181 -26.13 33.18 -15.15
N GLN A 182 -26.05 31.90 -14.81
CA GLN A 182 -25.22 31.50 -13.67
C GLN A 182 -23.74 31.78 -13.93
N THR A 183 -23.27 31.50 -15.15
CA THR A 183 -21.88 31.78 -15.48
C THR A 183 -21.57 33.27 -15.37
N LEU A 184 -22.46 34.12 -15.88
CA LEU A 184 -22.21 35.55 -15.81
C LEU A 184 -22.29 36.06 -14.39
N LYS A 185 -23.12 35.44 -13.55
CA LYS A 185 -23.19 35.88 -12.16
C LYS A 185 -21.94 35.48 -11.39
N ALA A 186 -21.39 34.30 -11.69
CA ALA A 186 -20.23 33.83 -10.93
C ALA A 186 -18.98 34.63 -11.27
N SER A 187 -18.85 35.08 -12.52
CA SER A 187 -17.61 35.65 -13.02
C SER A 187 -17.66 37.17 -13.14
N MET A 188 -18.24 37.85 -12.15
CA MET A 188 -18.34 39.30 -12.23
C MET A 188 -16.96 39.96 -12.20
N ARG A 189 -16.07 39.46 -11.34
CA ARG A 189 -14.79 40.13 -11.13
C ARG A 189 -13.94 40.11 -12.40
N GLU A 190 -13.94 39.00 -13.12
CA GLU A 190 -13.14 38.94 -14.35
C GLU A 190 -13.69 39.88 -15.41
N LEU A 191 -15.00 40.06 -15.46
CA LEU A 191 -15.57 41.08 -16.33
C LEU A 191 -15.05 42.46 -15.96
N GLY A 192 -15.02 42.76 -14.66
CA GLY A 192 -14.46 44.03 -14.23
C GLY A 192 -13.02 44.21 -14.71
N LEU A 193 -12.21 43.17 -14.56
CA LEU A 193 -10.81 43.27 -14.97
C LEU A 193 -10.68 43.49 -16.47
N LEU A 194 -11.48 42.77 -17.27
CA LEU A 194 -11.40 42.94 -18.71
C LEU A 194 -11.72 44.37 -19.11
N ILE A 195 -12.81 44.93 -18.59
CA ILE A 195 -13.15 46.30 -18.93
C ILE A 195 -12.08 47.27 -18.46
N PHE A 196 -11.48 47.01 -17.30
CA PHE A 196 -10.47 47.91 -16.78
C PHE A 196 -9.25 47.95 -17.68
N PHE A 197 -8.76 46.78 -18.09
CA PHE A 197 -7.60 46.74 -18.97
C PHE A 197 -7.90 47.39 -20.30
N LEU A 198 -9.11 47.17 -20.82
CA LEU A 198 -9.49 47.81 -22.06
C LEU A 198 -9.46 49.33 -21.93
N PHE A 199 -9.99 49.85 -20.82
CA PHE A 199 -10.05 51.29 -20.63
C PHE A 199 -8.66 51.91 -20.56
N ILE A 200 -7.76 51.28 -19.81
CA ILE A 200 -6.40 51.80 -19.73
C ILE A 200 -5.73 51.78 -21.09
N GLY A 201 -5.84 50.66 -21.82
CA GLY A 201 -5.22 50.60 -23.13
C GLY A 201 -5.77 51.65 -24.07
N VAL A 202 -7.09 51.85 -24.05
CA VAL A 202 -7.72 52.82 -24.93
C VAL A 202 -7.16 54.20 -24.68
N ILE A 203 -7.11 54.63 -23.41
CA ILE A 203 -6.62 55.98 -23.14
C ILE A 203 -5.17 56.12 -23.60
N LEU A 204 -4.34 55.14 -23.27
CA LEU A 204 -2.92 55.25 -23.60
C LEU A 204 -2.69 55.39 -25.10
N PHE A 205 -3.30 54.50 -25.89
CA PHE A 205 -3.00 54.53 -27.32
C PHE A 205 -3.72 55.67 -28.02
N SER A 206 -4.90 56.07 -27.55
CA SER A 206 -5.52 57.25 -28.14
C SER A 206 -4.64 58.47 -27.96
N SER A 207 -4.09 58.66 -26.77
CA SER A 207 -3.22 59.80 -26.55
C SER A 207 -2.00 59.75 -27.46
N ALA A 208 -1.36 58.57 -27.53
CA ALA A 208 -0.15 58.47 -28.34
C ALA A 208 -0.43 58.78 -29.80
N VAL A 209 -1.49 58.24 -30.37
CA VAL A 209 -1.71 58.46 -31.80
C VAL A 209 -2.33 59.81 -32.11
N TYR A 210 -2.95 60.49 -31.13
CA TYR A 210 -3.33 61.87 -31.40
C TYR A 210 -2.11 62.77 -31.43
N PHE A 211 -1.18 62.58 -30.50
CA PHE A 211 -0.01 63.46 -30.50
C PHE A 211 0.94 63.15 -31.63
N ALA A 212 0.93 61.92 -32.16
CA ALA A 212 1.81 61.62 -33.27
C ALA A 212 1.30 62.21 -34.60
N GLU A 213 0.10 62.76 -34.63
CA GLU A 213 -0.50 63.27 -35.85
C GLU A 213 -1.10 64.66 -35.69
N ALA A 214 -0.55 65.49 -34.81
CA ALA A 214 -1.06 66.84 -34.67
C ALA A 214 -0.52 67.75 -35.77
N ASP A 215 0.73 67.55 -36.16
CA ASP A 215 1.36 68.45 -37.12
C ASP A 215 0.77 68.30 -38.52
N ASP A 216 0.32 67.11 -38.87
CA ASP A 216 -0.22 66.90 -40.21
C ASP A 216 -1.57 67.61 -40.36
N PRO A 217 -1.83 68.21 -41.51
CA PRO A 217 -3.16 68.81 -41.74
C PRO A 217 -4.24 67.78 -42.04
N THR A 218 -3.93 66.80 -42.88
CA THR A 218 -4.92 65.87 -43.40
C THR A 218 -4.97 64.64 -42.51
N SER A 219 -5.57 64.80 -41.35
CA SER A 219 -5.71 63.71 -40.40
C SER A 219 -7.13 63.70 -39.86
N GLY A 220 -7.68 62.50 -39.65
CA GLY A 220 -9.03 62.40 -39.16
C GLY A 220 -9.18 62.59 -37.67
N PHE A 221 -8.07 62.62 -36.94
CA PHE A 221 -8.11 62.72 -35.49
C PHE A 221 -8.08 64.17 -35.09
N SER A 222 -9.21 64.69 -34.65
CA SER A 222 -9.33 66.09 -34.27
C SER A 222 -9.02 66.32 -32.80
N SER A 223 -9.27 65.33 -31.95
CA SER A 223 -9.05 65.47 -30.52
C SER A 223 -8.90 64.08 -29.93
N ILE A 224 -8.35 64.02 -28.72
CA ILE A 224 -8.18 62.73 -28.06
C ILE A 224 -9.50 62.00 -27.89
N PRO A 225 -10.59 62.63 -27.45
CA PRO A 225 -11.86 61.89 -27.39
C PRO A 225 -12.32 61.38 -28.73
N ASP A 226 -11.68 61.77 -29.83
CA ASP A 226 -12.10 61.27 -31.12
C ASP A 226 -11.34 60.02 -31.53
N ALA A 227 -10.20 59.74 -30.91
CA ALA A 227 -9.43 58.55 -31.21
C ALA A 227 -9.89 57.36 -30.39
N PHE A 228 -10.80 57.54 -29.45
CA PHE A 228 -11.28 56.41 -28.66
C PHE A 228 -11.93 55.36 -29.55
N TRP A 229 -12.72 55.79 -30.53
CA TRP A 229 -13.38 54.85 -31.41
C TRP A 229 -12.37 54.03 -32.19
N TRP A 230 -11.33 54.67 -32.70
CA TRP A 230 -10.29 53.95 -33.40
C TRP A 230 -9.59 52.95 -32.49
N ALA A 231 -9.33 53.34 -31.25
CA ALA A 231 -8.63 52.43 -30.35
C ALA A 231 -9.46 51.21 -30.02
N VAL A 232 -10.75 51.38 -29.76
CA VAL A 232 -11.54 50.19 -29.44
C VAL A 232 -11.76 49.34 -30.67
N VAL A 233 -11.88 49.93 -31.85
CA VAL A 233 -12.10 49.12 -33.03
C VAL A 233 -10.82 48.43 -33.50
N THR A 234 -9.65 48.90 -33.07
CA THR A 234 -8.40 48.24 -33.42
C THR A 234 -7.95 47.21 -32.40
N MET A 235 -8.12 47.48 -31.10
CA MET A 235 -7.70 46.50 -30.10
C MET A 235 -8.47 45.21 -30.21
N THR A 236 -9.77 45.29 -30.50
CA THR A 236 -10.60 44.11 -30.61
C THR A 236 -10.55 43.47 -31.99
N THR A 237 -9.77 44.02 -32.91
CA THR A 237 -9.54 43.44 -34.23
C THR A 237 -10.79 43.41 -35.07
N VAL A 238 -11.59 44.48 -35.01
CA VAL A 238 -12.69 44.62 -35.97
C VAL A 238 -12.16 45.44 -37.13
N GLY A 239 -11.70 46.65 -36.86
CA GLY A 239 -11.08 47.43 -37.91
C GLY A 239 -12.06 47.85 -38.99
N TYR A 240 -12.94 48.79 -38.68
CA TYR A 240 -13.98 49.17 -39.64
C TYR A 240 -13.39 49.78 -40.89
N GLY A 241 -12.38 50.64 -40.76
CA GLY A 241 -11.67 51.13 -41.90
C GLY A 241 -11.68 52.62 -42.11
N ASP A 242 -12.52 53.36 -41.39
CA ASP A 242 -12.37 54.80 -41.31
C ASP A 242 -11.43 55.15 -40.18
N MET A 243 -10.84 56.34 -40.25
CA MET A 243 -9.89 56.78 -39.23
C MET A 243 -8.70 55.82 -39.14
N HIS A 244 -7.88 55.88 -40.10
CA HIS A 244 -6.67 55.11 -39.89
C HIS A 244 -5.43 56.00 -40.03
N PRO A 245 -4.32 55.65 -39.39
CA PRO A 245 -3.15 56.53 -39.43
C PRO A 245 -2.58 56.69 -40.83
N VAL A 246 -1.96 57.85 -41.05
CA VAL A 246 -1.31 58.18 -42.31
C VAL A 246 0.16 58.51 -42.13
N THR A 247 0.50 59.27 -41.09
CA THR A 247 1.91 59.55 -40.86
C THR A 247 2.63 58.30 -40.41
N ILE A 248 3.96 58.31 -40.55
CA ILE A 248 4.75 57.15 -40.11
C ILE A 248 4.66 56.98 -38.62
N GLY A 249 4.74 58.07 -37.86
CA GLY A 249 4.58 57.99 -36.42
C GLY A 249 3.24 57.44 -36.01
N GLY A 250 2.20 57.71 -36.81
CA GLY A 250 0.92 57.10 -36.55
C GLY A 250 0.90 55.60 -36.79
N LYS A 251 1.55 55.14 -37.85
CA LYS A 251 1.58 53.71 -38.14
C LYS A 251 2.36 52.95 -37.09
N ILE A 252 3.45 53.53 -36.57
CA ILE A 252 4.23 52.86 -35.54
C ILE A 252 3.34 52.55 -34.34
N VAL A 253 2.41 53.44 -34.01
CA VAL A 253 1.56 53.21 -32.84
C VAL A 253 0.37 52.33 -33.20
N GLY A 254 -0.14 52.47 -34.42
CA GLY A 254 -1.25 51.63 -34.84
C GLY A 254 -0.88 50.17 -34.91
N SER A 255 0.40 49.86 -35.08
CA SER A 255 0.81 48.46 -34.99
C SER A 255 0.78 47.97 -33.54
N LEU A 256 1.30 48.78 -32.61
CA LEU A 256 1.34 48.36 -31.21
C LEU A 256 -0.04 48.21 -30.63
N CYS A 257 -0.98 49.05 -31.06
CA CYS A 257 -2.35 48.88 -30.59
C CYS A 257 -2.90 47.53 -31.01
N ALA A 258 -2.67 47.15 -32.28
CA ALA A 258 -3.17 45.88 -32.77
C ALA A 258 -2.57 44.74 -31.98
N ILE A 259 -1.28 44.82 -31.68
CA ILE A 259 -0.63 43.74 -30.93
C ILE A 259 -1.16 43.68 -29.49
N ALA A 260 -1.31 44.83 -28.82
CA ALA A 260 -1.67 44.82 -27.42
C ALA A 260 -3.14 44.51 -27.20
N GLY A 261 -3.98 44.70 -28.21
CA GLY A 261 -5.38 44.35 -28.05
C GLY A 261 -5.57 42.89 -27.73
N VAL A 262 -4.88 42.01 -28.47
CA VAL A 262 -4.98 40.58 -28.22
C VAL A 262 -4.55 40.26 -26.79
N LEU A 263 -3.44 40.85 -26.34
CA LEU A 263 -2.91 40.54 -25.03
C LEU A 263 -3.88 40.94 -23.93
N THR A 264 -4.47 42.14 -24.01
CA THR A 264 -5.38 42.55 -22.94
C THR A 264 -6.73 41.84 -23.04
N ILE A 265 -7.17 41.48 -24.24
CA ILE A 265 -8.45 40.79 -24.37
C ILE A 265 -8.36 39.37 -23.84
N ALA A 266 -7.29 38.66 -24.17
CA ALA A 266 -7.25 37.22 -23.97
C ALA A 266 -6.86 36.78 -22.58
N LEU A 267 -6.76 37.70 -21.62
CA LEU A 267 -6.34 37.29 -20.27
C LEU A 267 -7.46 36.59 -19.49
N PRO A 268 -8.61 37.20 -19.23
CA PRO A 268 -9.63 36.54 -18.40
C PRO A 268 -10.61 35.67 -19.15
N VAL A 269 -10.37 35.35 -20.41
CA VAL A 269 -11.26 34.44 -21.14
C VAL A 269 -11.21 33.03 -20.57
N PRO A 270 -10.06 32.44 -20.28
CA PRO A 270 -10.07 31.07 -19.74
C PRO A 270 -10.89 30.88 -18.50
N VAL A 271 -10.94 31.87 -17.61
CA VAL A 271 -11.74 31.73 -16.39
C VAL A 271 -13.22 31.58 -16.74
N ILE A 272 -13.73 32.45 -17.60
CA ILE A 272 -15.14 32.40 -17.94
C ILE A 272 -15.47 31.12 -18.70
N VAL A 273 -14.59 30.72 -19.61
CA VAL A 273 -14.85 29.47 -20.31
C VAL A 273 -14.86 28.29 -19.34
N SER A 274 -13.94 28.28 -18.38
CA SER A 274 -13.93 27.19 -17.41
C SER A 274 -15.21 27.17 -16.59
N ASN A 275 -15.67 28.34 -16.14
CA ASN A 275 -16.92 28.40 -15.39
C ASN A 275 -18.09 27.86 -16.20
N PHE A 276 -18.21 28.30 -17.45
CA PHE A 276 -19.32 27.82 -18.26
C PHE A 276 -19.23 26.33 -18.46
N ASN A 277 -18.04 25.81 -18.76
CA ASN A 277 -17.94 24.39 -19.00
C ASN A 277 -18.31 23.59 -17.78
N TYR A 278 -17.87 24.02 -16.60
CA TYR A 278 -18.22 23.31 -15.38
C TYR A 278 -19.72 23.35 -15.11
N PHE A 279 -20.34 24.54 -15.22
CA PHE A 279 -21.77 24.65 -14.97
C PHE A 279 -22.59 23.86 -15.98
N TYR A 280 -22.09 23.71 -17.20
CA TYR A 280 -22.87 23.05 -18.24
C TYR A 280 -22.72 21.54 -18.16
N HIS A 281 -21.49 21.05 -18.03
CA HIS A 281 -21.25 19.63 -17.97
C HIS A 281 -21.46 19.06 -16.58
N ARG A 282 -21.82 19.89 -15.61
CA ARG A 282 -22.12 19.39 -14.27
C ARG A 282 -23.22 18.34 -14.32
N GLU A 283 -24.25 18.57 -15.11
CA GLU A 283 -25.31 17.58 -15.26
C GLU A 283 -26.07 17.78 -16.57
N ARG B 1 -32.92 -32.02 34.29
CA ARG B 1 -33.05 -30.60 33.98
C ARG B 1 -31.80 -29.83 34.40
N GLN B 2 -31.36 -30.03 35.64
CA GLN B 2 -30.09 -29.48 36.11
C GLN B 2 -29.11 -30.57 36.51
N LEU B 3 -29.48 -31.45 37.44
CA LEU B 3 -28.65 -32.58 37.84
C LEU B 3 -29.08 -33.79 37.03
N GLN B 4 -28.07 -34.56 36.57
CA GLN B 4 -28.19 -35.60 35.53
C GLN B 4 -28.78 -35.06 34.23
N PHE B 5 -28.55 -33.78 33.96
CA PHE B 5 -28.72 -33.16 32.66
C PHE B 5 -27.46 -32.34 32.43
N TYR B 6 -26.65 -32.76 31.47
CA TYR B 6 -25.30 -32.26 31.37
C TYR B 6 -25.19 -31.23 30.26
N ARG B 7 -24.29 -30.26 30.46
CA ARG B 7 -24.09 -29.21 29.48
C ARG B 7 -22.63 -28.79 29.51
N ASN B 8 -22.21 -28.14 28.43
CA ASN B 8 -20.83 -27.71 28.31
C ASN B 8 -20.54 -26.52 29.21
N LEU B 9 -19.36 -26.52 29.80
CA LEU B 9 -18.90 -25.40 30.63
C LEU B 9 -18.36 -24.33 29.69
N GLY B 10 -19.18 -23.34 29.39
CA GLY B 10 -18.79 -22.37 28.38
C GLY B 10 -18.94 -22.95 27.00
N LYS B 11 -17.95 -22.71 26.15
CA LYS B 11 -17.89 -23.33 24.83
C LYS B 11 -16.84 -24.42 24.73
N SER B 12 -16.28 -24.87 25.85
CA SER B 12 -15.28 -25.91 25.84
C SER B 12 -15.93 -27.29 25.72
N GLY B 13 -15.10 -28.33 25.71
CA GLY B 13 -15.56 -29.69 25.62
C GLY B 13 -15.85 -30.38 26.93
N LEU B 14 -15.68 -29.69 28.05
CA LEU B 14 -15.95 -30.28 29.36
C LEU B 14 -17.43 -30.19 29.66
N ARG B 15 -18.04 -31.31 30.02
CA ARG B 15 -19.47 -31.39 30.27
C ARG B 15 -19.73 -31.64 31.75
N VAL B 16 -20.55 -30.79 32.37
CA VAL B 16 -20.83 -30.86 33.79
C VAL B 16 -22.34 -30.89 34.00
N SER B 17 -22.73 -31.39 35.16
CA SER B 17 -24.10 -31.23 35.63
C SER B 17 -24.29 -29.82 36.17
N CYS B 18 -25.54 -29.36 36.19
CA CYS B 18 -25.83 -27.98 36.56
C CYS B 18 -26.05 -27.80 38.05
N LEU B 19 -25.86 -28.84 38.85
CA LEU B 19 -25.77 -28.71 40.29
C LEU B 19 -24.41 -29.24 40.74
N GLY B 20 -23.73 -28.48 41.58
CA GLY B 20 -22.47 -28.89 42.17
C GLY B 20 -22.53 -28.78 43.69
N LEU B 21 -21.55 -29.37 44.35
CA LEU B 21 -21.47 -29.36 45.80
C LEU B 21 -20.21 -28.62 46.23
N GLY B 22 -20.37 -27.68 47.15
CA GLY B 22 -19.27 -26.85 47.60
C GLY B 22 -18.63 -27.34 48.88
N THR B 23 -17.41 -26.86 49.12
CA THR B 23 -16.58 -27.29 50.23
C THR B 23 -16.25 -26.15 51.18
N TRP B 24 -17.15 -25.18 51.32
CA TRP B 24 -17.04 -24.09 52.29
C TRP B 24 -17.49 -24.62 53.67
N VAL B 25 -17.93 -23.70 54.55
CA VAL B 25 -17.91 -23.69 56.02
C VAL B 25 -18.10 -25.04 56.71
N THR B 26 -18.99 -25.88 56.16
CA THR B 26 -19.31 -27.19 56.72
C THR B 26 -18.11 -28.13 56.75
N PHE B 27 -17.41 -28.29 55.62
CA PHE B 27 -16.37 -29.31 55.49
C PHE B 27 -15.13 -28.94 56.29
N GLY B 28 -14.76 -29.80 57.26
CA GLY B 28 -13.65 -29.56 58.14
C GLY B 28 -13.94 -28.66 59.32
N GLY B 29 -15.09 -27.98 59.31
CA GLY B 29 -15.52 -27.06 60.34
C GLY B 29 -16.76 -27.53 61.06
N GLN B 30 -17.90 -27.06 60.56
CA GLN B 30 -19.19 -27.22 61.23
C GLN B 30 -19.63 -28.69 61.34
N ILE B 31 -19.42 -29.48 60.29
CA ILE B 31 -19.88 -30.87 60.26
C ILE B 31 -18.70 -31.81 60.45
N THR B 32 -19.01 -33.09 60.67
CA THR B 32 -18.01 -34.12 60.89
C THR B 32 -17.65 -34.80 59.56
N ASP B 33 -16.77 -35.79 59.64
CA ASP B 33 -16.31 -36.48 58.43
C ASP B 33 -17.33 -37.50 57.93
N GLU B 34 -18.08 -38.14 58.83
CA GLU B 34 -19.08 -39.12 58.44
C GLU B 34 -20.25 -38.46 57.72
N MET B 35 -20.66 -37.28 58.19
CA MET B 35 -21.69 -36.49 57.52
C MET B 35 -21.23 -36.03 56.15
N ALA B 36 -19.95 -35.67 56.03
CA ALA B 36 -19.37 -35.27 54.75
C ALA B 36 -19.34 -36.42 53.76
N GLU B 37 -19.01 -37.63 54.25
CA GLU B 37 -19.02 -38.83 53.39
C GLU B 37 -20.43 -39.18 52.96
N GLN B 38 -21.42 -39.02 53.87
CA GLN B 38 -22.81 -39.26 53.53
C GLN B 38 -23.32 -38.26 52.50
N LEU B 39 -22.94 -36.98 52.62
CA LEU B 39 -23.34 -35.96 51.65
C LEU B 39 -22.69 -36.21 50.28
N MET B 40 -21.43 -36.64 50.26
CA MET B 40 -20.78 -36.93 48.99
C MET B 40 -21.35 -38.17 48.31
N THR B 41 -21.71 -39.19 49.09
CA THR B 41 -22.35 -40.38 48.54
C THR B 41 -23.74 -40.07 47.99
N LEU B 42 -24.51 -39.25 48.71
CA LEU B 42 -25.83 -38.85 48.24
C LEU B 42 -25.76 -37.95 47.02
N ALA B 43 -24.72 -37.12 46.90
CA ALA B 43 -24.55 -36.31 45.70
C ALA B 43 -24.11 -37.16 44.52
N TYR B 44 -23.20 -38.12 44.74
CA TYR B 44 -22.68 -38.94 43.64
C TYR B 44 -23.72 -39.93 43.11
N ASP B 45 -24.60 -40.43 43.98
CA ASP B 45 -25.60 -41.39 43.51
C ASP B 45 -26.73 -40.76 42.72
N ASN B 46 -26.86 -39.44 42.71
CA ASN B 46 -27.90 -38.76 41.95
C ASN B 46 -27.38 -38.13 40.66
N GLY B 47 -26.12 -38.35 40.31
CA GLY B 47 -25.58 -37.88 39.05
C GLY B 47 -24.79 -36.59 39.09
N ILE B 48 -24.44 -36.08 40.26
CA ILE B 48 -23.63 -34.88 40.39
C ILE B 48 -22.16 -35.26 40.30
N ASN B 49 -21.42 -34.62 39.39
CA ASN B 49 -20.02 -34.93 39.17
C ASN B 49 -19.09 -33.75 39.42
N LEU B 50 -19.60 -32.63 39.94
CA LEU B 50 -18.83 -31.40 40.09
C LEU B 50 -18.65 -31.10 41.58
N PHE B 51 -17.39 -30.97 42.00
CA PHE B 51 -17.05 -30.69 43.40
C PHE B 51 -15.98 -29.60 43.43
N ASP B 52 -16.20 -28.57 44.24
CA ASP B 52 -15.39 -27.36 44.22
C ASP B 52 -14.85 -27.05 45.61
N THR B 53 -13.53 -26.86 45.71
CA THR B 53 -12.88 -26.56 46.98
C THR B 53 -11.86 -25.44 46.78
N ALA B 54 -11.13 -25.11 47.84
CA ALA B 54 -10.10 -24.08 47.79
C ALA B 54 -9.06 -24.36 48.87
N GLU B 55 -7.91 -23.70 48.75
CA GLU B 55 -6.80 -23.90 49.68
C GLU B 55 -6.92 -23.06 50.94
N VAL B 56 -7.85 -22.09 50.98
CA VAL B 56 -8.01 -21.23 52.14
C VAL B 56 -9.09 -21.76 53.09
N TYR B 57 -9.86 -22.76 52.68
CA TYR B 57 -10.98 -23.25 53.48
C TYR B 57 -10.44 -24.14 54.59
N ALA B 58 -10.71 -23.73 55.85
CA ALA B 58 -10.36 -24.45 57.09
C ALA B 58 -8.87 -24.77 57.16
N ALA B 59 -8.04 -23.78 56.78
CA ALA B 59 -6.58 -23.87 56.65
C ALA B 59 -6.14 -25.02 55.75
N GLY B 60 -6.93 -25.32 54.72
CA GLY B 60 -6.64 -26.41 53.83
C GLY B 60 -7.22 -27.74 54.23
N LYS B 61 -7.70 -27.86 55.49
CA LYS B 61 -8.08 -29.15 56.07
C LYS B 61 -9.26 -29.80 55.35
N ALA B 62 -10.17 -28.96 54.82
CA ALA B 62 -11.31 -29.45 54.06
C ALA B 62 -10.88 -30.22 52.82
N GLU B 63 -9.82 -29.73 52.15
CA GLU B 63 -9.25 -30.43 51.00
C GLU B 63 -8.76 -31.82 51.37
N VAL B 64 -8.18 -31.94 52.58
CA VAL B 64 -7.69 -33.21 53.11
C VAL B 64 -8.84 -34.19 53.26
N VAL B 65 -9.98 -33.74 53.79
CA VAL B 65 -11.07 -34.68 54.02
C VAL B 65 -11.75 -35.03 52.71
N LEU B 66 -11.63 -34.16 51.69
CA LEU B 66 -12.15 -34.47 50.37
C LEU B 66 -11.38 -35.63 49.76
N GLY B 67 -10.05 -35.63 49.94
CA GLY B 67 -9.22 -36.74 49.49
C GLY B 67 -9.54 -38.01 50.24
N ASN B 68 -9.87 -37.88 51.54
CA ASN B 68 -10.18 -39.04 52.35
C ASN B 68 -11.51 -39.67 52.00
N ILE B 69 -12.36 -38.99 51.23
CA ILE B 69 -13.53 -39.68 50.72
C ILE B 69 -13.21 -40.39 49.40
N ILE B 70 -12.43 -39.75 48.53
CA ILE B 70 -12.26 -40.22 47.16
C ILE B 70 -11.41 -41.49 47.12
N LYS B 71 -10.38 -41.56 47.97
CA LYS B 71 -9.59 -42.77 48.09
C LYS B 71 -10.35 -43.88 48.84
N LYS B 72 -11.39 -43.53 49.61
CA LYS B 72 -12.04 -44.56 50.42
C LYS B 72 -13.07 -45.34 49.61
N LYS B 73 -13.93 -44.65 48.88
CA LYS B 73 -15.02 -45.33 48.18
C LYS B 73 -14.60 -45.93 46.85
N GLY B 74 -13.42 -45.58 46.34
CA GLY B 74 -12.91 -46.21 45.15
C GLY B 74 -13.57 -45.80 43.85
N TRP B 75 -14.00 -44.54 43.74
CA TRP B 75 -14.59 -44.05 42.51
C TRP B 75 -13.51 -43.86 41.44
N ARG B 76 -13.93 -43.96 40.18
CA ARG B 76 -13.03 -43.73 39.07
C ARG B 76 -12.71 -42.25 38.93
N ARG B 77 -11.46 -41.95 38.57
CA ARG B 77 -11.03 -40.57 38.42
C ARG B 77 -11.66 -39.91 37.20
N SER B 78 -11.93 -40.69 36.15
CA SER B 78 -12.45 -40.15 34.90
C SER B 78 -13.91 -39.74 34.95
N SER B 79 -14.62 -40.05 36.04
CA SER B 79 -16.04 -39.70 36.18
C SER B 79 -16.27 -38.52 37.12
N LEU B 80 -15.22 -37.82 37.52
CA LEU B 80 -15.33 -36.73 38.48
C LEU B 80 -14.70 -35.47 37.91
N VAL B 81 -15.22 -34.32 38.33
CA VAL B 81 -14.67 -33.00 37.99
C VAL B 81 -14.33 -32.30 39.30
N ILE B 82 -13.05 -32.05 39.53
CA ILE B 82 -12.56 -31.45 40.78
C ILE B 82 -11.92 -30.11 40.44
N THR B 83 -12.35 -29.05 41.14
CA THR B 83 -11.80 -27.71 40.94
C THR B 83 -11.20 -27.18 42.24
N THR B 84 -10.17 -26.34 42.12
CA THR B 84 -9.52 -25.69 43.25
C THR B 84 -9.30 -24.21 42.95
N LYS B 85 -9.18 -23.42 44.03
CA LYS B 85 -8.95 -21.98 43.93
C LYS B 85 -7.70 -21.60 44.72
N ILE B 86 -6.89 -20.71 44.16
CA ILE B 86 -5.57 -20.36 44.71
C ILE B 86 -5.45 -18.84 44.74
N PHE B 87 -5.50 -18.25 45.95
CA PHE B 87 -4.90 -16.93 46.14
C PHE B 87 -4.08 -16.82 47.43
N TRP B 88 -4.57 -17.42 48.52
CA TRP B 88 -4.00 -17.23 49.85
C TRP B 88 -3.35 -18.53 50.31
N GLY B 89 -2.07 -18.46 50.64
CA GLY B 89 -1.33 -19.66 50.98
C GLY B 89 -0.61 -19.65 52.30
N GLY B 90 -0.53 -18.50 52.96
CA GLY B 90 0.18 -18.42 54.22
C GLY B 90 0.37 -16.98 54.65
N LYS B 91 1.14 -16.81 55.72
CA LYS B 91 1.34 -15.50 56.33
C LYS B 91 2.57 -14.77 55.80
N ALA B 92 3.44 -15.45 55.05
CA ALA B 92 4.62 -14.79 54.50
C ALA B 92 4.22 -13.94 53.28
N GLU B 93 5.17 -13.09 52.86
CA GLU B 93 4.90 -12.14 51.78
C GLU B 93 4.84 -12.84 50.42
N THR B 94 5.66 -13.86 50.22
CA THR B 94 5.73 -14.56 48.95
C THR B 94 4.73 -15.69 48.84
N GLU B 95 3.84 -15.86 49.82
CA GLU B 95 2.86 -16.94 49.83
C GLU B 95 1.46 -16.45 49.48
N ARG B 96 1.35 -15.35 48.74
CA ARG B 96 0.05 -14.89 48.26
C ARG B 96 0.24 -14.14 46.94
N GLY B 97 -0.84 -14.03 46.19
CA GLY B 97 -0.84 -13.35 44.92
C GLY B 97 -0.92 -14.32 43.75
N LEU B 98 -0.76 -13.77 42.55
CA LEU B 98 -0.85 -14.53 41.32
C LEU B 98 0.47 -14.48 40.54
N SER B 99 1.59 -14.53 41.26
CA SER B 99 2.88 -14.67 40.62
C SER B 99 3.12 -16.12 40.21
N ARG B 100 4.18 -16.34 39.44
CA ARG B 100 4.50 -17.68 38.93
C ARG B 100 4.90 -18.63 40.05
N LYS B 101 5.69 -18.13 41.01
CA LYS B 101 6.21 -18.93 42.11
C LYS B 101 5.09 -19.43 43.01
N HIS B 102 4.15 -18.55 43.37
CA HIS B 102 3.07 -18.95 44.26
C HIS B 102 2.05 -19.84 43.55
N ILE B 103 1.82 -19.63 42.25
CA ILE B 103 0.90 -20.49 41.49
C ILE B 103 1.43 -21.92 41.41
N ILE B 104 2.74 -22.08 41.12
CA ILE B 104 3.33 -23.40 41.03
C ILE B 104 3.39 -24.08 42.39
N GLU B 105 3.82 -23.34 43.43
CA GLU B 105 3.94 -23.93 44.77
C GLU B 105 2.58 -24.24 45.40
N GLY B 106 1.60 -23.35 45.22
CA GLY B 106 0.27 -23.58 45.75
C GLY B 106 -0.46 -24.71 45.07
N LEU B 107 -0.29 -24.86 43.75
CA LEU B 107 -0.90 -25.98 43.05
C LEU B 107 -0.24 -27.30 43.44
N LYS B 108 1.08 -27.30 43.66
CA LYS B 108 1.75 -28.53 44.12
C LYS B 108 1.33 -28.91 45.54
N ALA B 109 1.17 -27.93 46.44
CA ALA B 109 0.74 -28.22 47.79
C ALA B 109 -0.72 -28.68 47.85
N SER B 110 -1.58 -28.10 47.00
CA SER B 110 -2.97 -28.51 46.95
C SER B 110 -3.13 -29.91 46.35
N LEU B 111 -2.30 -30.25 45.35
CA LEU B 111 -2.32 -31.60 44.81
C LEU B 111 -1.74 -32.61 45.79
N GLU B 112 -0.81 -32.18 46.65
CA GLU B 112 -0.30 -33.07 47.69
C GLU B 112 -1.34 -33.33 48.78
N ARG B 113 -2.12 -32.30 49.14
CA ARG B 113 -3.15 -32.50 50.16
C ARG B 113 -4.34 -33.29 49.65
N LEU B 114 -4.64 -33.21 48.35
CA LEU B 114 -5.80 -33.89 47.79
C LEU B 114 -5.54 -35.34 47.41
N GLN B 115 -4.27 -35.78 47.48
CA GLN B 115 -3.81 -37.11 47.05
C GLN B 115 -4.18 -37.41 45.60
N LEU B 116 -4.02 -36.42 44.72
CA LEU B 116 -4.36 -36.53 43.32
C LEU B 116 -3.15 -36.18 42.46
N GLU B 117 -3.25 -36.53 41.18
CA GLU B 117 -2.22 -36.18 40.21
C GLU B 117 -2.53 -34.86 39.50
N TYR B 118 -3.81 -34.54 39.31
CA TYR B 118 -4.20 -33.34 38.59
C TYR B 118 -5.60 -32.94 39.06
N VAL B 119 -5.93 -31.67 38.84
CA VAL B 119 -7.30 -31.20 38.94
C VAL B 119 -7.79 -30.90 37.53
N ASP B 120 -9.09 -30.64 37.42
CA ASP B 120 -9.67 -30.33 36.12
C ASP B 120 -9.59 -28.85 35.80
N VAL B 121 -10.11 -27.99 36.69
CA VAL B 121 -10.02 -26.54 36.53
C VAL B 121 -9.31 -25.98 37.75
N VAL B 122 -8.41 -25.02 37.52
CA VAL B 122 -7.78 -24.26 38.61
C VAL B 122 -8.18 -22.80 38.44
N PHE B 123 -8.71 -22.21 39.51
CA PHE B 123 -9.22 -20.85 39.47
C PHE B 123 -8.27 -19.89 40.19
N ALA B 124 -8.24 -18.66 39.70
CA ALA B 124 -7.65 -17.55 40.43
C ALA B 124 -8.76 -16.90 41.24
N ASN B 125 -8.58 -16.83 42.57
CA ASN B 125 -9.68 -16.50 43.47
C ASN B 125 -10.07 -15.03 43.41
N ARG B 126 -9.11 -14.14 43.13
CA ARG B 126 -9.37 -12.71 43.03
C ARG B 126 -8.25 -12.11 42.19
N PRO B 127 -8.47 -10.94 41.56
CA PRO B 127 -7.40 -10.32 40.77
C PRO B 127 -6.26 -9.78 41.61
N ASP B 128 -5.08 -9.71 41.00
CA ASP B 128 -3.85 -9.28 41.65
C ASP B 128 -3.34 -8.01 40.99
N PRO B 129 -3.27 -6.88 41.69
CA PRO B 129 -2.79 -5.64 41.05
C PRO B 129 -1.28 -5.53 40.92
N ASN B 130 -0.51 -6.32 41.66
CA ASN B 130 0.94 -6.22 41.66
C ASN B 130 1.62 -7.09 40.61
N THR B 131 0.87 -7.91 39.89
CA THR B 131 1.45 -8.80 38.91
C THR B 131 1.00 -8.42 37.50
N PRO B 132 1.89 -8.43 36.52
CA PRO B 132 1.45 -8.28 35.12
C PRO B 132 0.63 -9.48 34.67
N MET B 133 -0.25 -9.21 33.69
CA MET B 133 -1.16 -10.24 33.18
C MET B 133 -0.42 -11.32 32.41
N GLU B 134 0.69 -10.95 31.73
CA GLU B 134 1.46 -11.88 30.92
C GLU B 134 2.10 -12.98 31.77
N GLU B 135 2.59 -12.61 32.97
CA GLU B 135 3.18 -13.58 33.89
C GLU B 135 2.14 -14.58 34.39
N THR B 136 0.93 -14.10 34.70
CA THR B 136 -0.15 -14.97 35.18
C THR B 136 -0.62 -15.93 34.10
N VAL B 137 -0.78 -15.43 32.87
CA VAL B 137 -1.23 -16.28 31.76
C VAL B 137 -0.15 -17.31 31.38
N ARG B 138 1.12 -16.91 31.45
CA ARG B 138 2.21 -17.84 31.18
C ARG B 138 2.34 -18.90 32.27
N ALA B 139 2.08 -18.54 33.54
CA ALA B 139 2.12 -19.52 34.62
C ALA B 139 0.97 -20.52 34.52
N MET B 140 -0.22 -20.05 34.14
CA MET B 140 -1.36 -20.95 33.94
C MET B 140 -1.13 -21.89 32.75
N THR B 141 -0.56 -21.37 31.67
CA THR B 141 -0.22 -22.20 30.51
C THR B 141 0.86 -23.23 30.86
N HIS B 142 1.82 -22.83 31.72
CA HIS B 142 2.86 -23.75 32.15
C HIS B 142 2.31 -24.88 33.01
N VAL B 143 1.40 -24.57 33.96
CA VAL B 143 0.87 -25.65 34.79
C VAL B 143 -0.14 -26.52 34.04
N ILE B 144 -0.76 -26.00 32.96
CA ILE B 144 -1.57 -26.87 32.11
C ILE B 144 -0.67 -27.80 31.28
N ASN B 145 0.44 -27.27 30.74
CA ASN B 145 1.31 -28.08 29.88
C ASN B 145 2.13 -29.12 30.64
N GLN B 146 2.25 -29.00 31.96
CA GLN B 146 2.95 -30.01 32.76
C GLN B 146 2.05 -31.14 33.22
N GLY B 147 0.76 -31.09 32.89
CA GLY B 147 -0.16 -32.14 33.29
C GLY B 147 -0.72 -32.01 34.68
N MET B 148 -0.54 -30.87 35.34
CA MET B 148 -1.09 -30.66 36.68
C MET B 148 -2.51 -30.13 36.65
N ALA B 149 -3.01 -29.71 35.49
CA ALA B 149 -4.37 -29.22 35.34
C ALA B 149 -4.77 -29.38 33.88
N MET B 150 -6.07 -29.29 33.63
CA MET B 150 -6.63 -29.37 32.29
C MET B 150 -7.10 -28.03 31.75
N TYR B 151 -7.75 -27.21 32.58
CA TYR B 151 -8.27 -25.91 32.18
C TYR B 151 -8.00 -24.93 33.31
N TRP B 152 -8.24 -23.65 33.04
CA TRP B 152 -8.18 -22.64 34.09
C TRP B 152 -9.25 -21.59 33.85
N GLY B 153 -9.62 -20.91 34.94
CA GLY B 153 -10.65 -19.88 34.91
C GLY B 153 -10.37 -18.83 35.95
N THR B 154 -11.26 -17.84 36.03
CA THR B 154 -11.13 -16.70 36.93
C THR B 154 -12.28 -16.68 37.92
N SER B 155 -12.15 -15.80 38.91
CA SER B 155 -13.19 -15.58 39.91
C SER B 155 -13.07 -14.16 40.44
N ARG B 156 -14.22 -13.46 40.50
CA ARG B 156 -14.34 -12.05 40.92
C ARG B 156 -13.52 -11.10 40.06
N TRP B 157 -13.37 -11.39 38.77
CA TRP B 157 -12.72 -10.48 37.85
C TRP B 157 -13.77 -9.64 37.14
N SER B 158 -13.38 -8.45 36.71
CA SER B 158 -14.25 -7.63 35.88
C SER B 158 -14.12 -8.05 34.43
N SER B 159 -14.94 -7.44 33.55
CA SER B 159 -14.95 -7.81 32.14
C SER B 159 -13.69 -7.34 31.42
N MET B 160 -13.14 -6.19 31.83
CA MET B 160 -11.93 -5.67 31.21
C MET B 160 -10.72 -6.56 31.49
N GLU B 161 -10.66 -7.14 32.70
CA GLU B 161 -9.54 -8.01 33.05
C GLU B 161 -9.60 -9.34 32.32
N ILE B 162 -10.81 -9.89 32.13
CA ILE B 162 -10.98 -11.13 31.37
C ILE B 162 -10.66 -10.90 29.89
N MET B 163 -11.09 -9.75 29.35
CA MET B 163 -10.75 -9.41 27.97
C MET B 163 -9.25 -9.16 27.79
N GLU B 164 -8.59 -8.58 28.79
CA GLU B 164 -7.15 -8.38 28.76
C GLU B 164 -6.39 -9.71 28.80
N ALA B 165 -6.87 -10.65 29.61
CA ALA B 165 -6.27 -11.99 29.66
C ALA B 165 -6.43 -12.74 28.34
N TYR B 166 -7.61 -12.60 27.71
CA TYR B 166 -7.83 -13.19 26.38
C TYR B 166 -6.92 -12.56 25.33
N SER B 167 -6.75 -11.24 25.37
CA SER B 167 -5.92 -10.55 24.39
C SER B 167 -4.43 -10.89 24.56
N VAL B 168 -3.97 -11.02 25.81
CA VAL B 168 -2.60 -11.42 26.08
C VAL B 168 -2.36 -12.88 25.64
N ALA B 169 -3.34 -13.76 25.87
CA ALA B 169 -3.22 -15.15 25.44
C ALA B 169 -3.22 -15.29 23.92
N ARG B 170 -4.01 -14.46 23.22
CA ARG B 170 -3.99 -14.51 21.76
C ARG B 170 -2.74 -13.86 21.18
N GLN B 171 -2.13 -12.91 21.89
CA GLN B 171 -0.93 -12.24 21.39
C GLN B 171 0.28 -13.17 21.39
N PHE B 172 0.49 -13.92 22.46
CA PHE B 172 1.71 -14.72 22.63
C PHE B 172 1.48 -16.22 22.40
N ASN B 173 0.35 -16.60 21.82
CA ASN B 173 -0.05 -17.99 21.50
C ASN B 173 -0.08 -18.87 22.76
N LEU B 174 -0.93 -18.45 23.71
CA LEU B 174 -1.09 -19.10 25.00
C LEU B 174 -2.53 -19.59 25.15
N THR B 175 -2.88 -20.05 26.35
CA THR B 175 -4.18 -20.66 26.60
C THR B 175 -5.13 -19.66 27.24
N PRO B 176 -6.28 -19.37 26.63
CA PRO B 176 -7.26 -18.46 27.24
C PRO B 176 -8.06 -19.17 28.32
N PRO B 177 -8.65 -18.43 29.26
CA PRO B 177 -9.52 -19.07 30.26
C PRO B 177 -10.89 -19.41 29.69
N ILE B 178 -11.60 -20.30 30.40
CA ILE B 178 -12.87 -20.81 29.91
C ILE B 178 -14.06 -20.45 30.78
N CYS B 179 -13.88 -20.03 32.03
CA CYS B 179 -15.02 -19.90 32.92
C CYS B 179 -14.78 -18.78 33.93
N GLU B 180 -15.89 -18.27 34.47
CA GLU B 180 -15.87 -17.23 35.49
C GLU B 180 -16.84 -17.61 36.60
N GLN B 181 -16.39 -17.52 37.85
CA GLN B 181 -17.23 -17.77 39.02
C GLN B 181 -17.74 -16.44 39.57
N ALA B 182 -19.06 -16.29 39.64
CA ALA B 182 -19.69 -15.06 40.10
C ALA B 182 -20.80 -15.38 41.09
N GLU B 183 -21.13 -14.40 41.93
CA GLU B 183 -22.20 -14.53 42.90
C GLU B 183 -23.53 -14.15 42.24
N TYR B 184 -24.56 -14.95 42.49
CA TYR B 184 -25.85 -14.74 41.82
C TYR B 184 -26.96 -15.33 42.68
N HIS B 185 -27.86 -14.47 43.14
CA HIS B 185 -29.11 -14.89 43.76
C HIS B 185 -30.16 -13.81 43.47
N MET B 186 -31.27 -13.85 44.21
CA MET B 186 -32.38 -12.96 43.91
C MET B 186 -32.13 -11.52 44.34
N PHE B 187 -31.13 -11.26 45.17
CA PHE B 187 -30.79 -9.91 45.59
C PHE B 187 -29.41 -9.48 45.10
N GLN B 188 -28.85 -10.20 44.11
CA GLN B 188 -27.56 -9.86 43.52
C GLN B 188 -27.62 -10.29 42.05
N ARG B 189 -27.99 -9.35 41.18
CA ARG B 189 -28.38 -9.69 39.81
C ARG B 189 -27.63 -8.95 38.71
N GLU B 190 -26.73 -8.02 39.04
CA GLU B 190 -26.23 -7.09 38.04
C GLU B 190 -25.20 -7.73 37.10
N LYS B 191 -24.18 -8.38 37.69
CA LYS B 191 -23.00 -8.80 36.93
C LYS B 191 -23.29 -9.97 36.00
N VAL B 192 -24.11 -10.92 36.46
CA VAL B 192 -24.46 -12.07 35.64
C VAL B 192 -25.38 -11.67 34.49
N GLU B 193 -26.28 -10.72 34.73
CA GLU B 193 -27.31 -10.42 33.74
C GLU B 193 -26.93 -9.34 32.73
N VAL B 194 -26.09 -8.37 33.08
CA VAL B 194 -25.81 -7.28 32.14
C VAL B 194 -24.38 -7.28 31.59
N GLN B 195 -23.45 -8.02 32.18
CA GLN B 195 -22.04 -7.96 31.75
C GLN B 195 -21.56 -9.23 31.08
N LEU B 196 -21.83 -10.38 31.66
CA LEU B 196 -21.40 -11.69 31.17
C LEU B 196 -21.99 -12.25 29.85
N PRO B 197 -23.24 -11.94 29.42
CA PRO B 197 -23.66 -12.40 28.08
C PRO B 197 -22.84 -11.88 26.90
N GLU B 198 -22.28 -10.67 26.99
CA GLU B 198 -21.39 -10.17 25.94
C GLU B 198 -20.11 -10.99 25.86
N LEU B 199 -19.55 -11.37 27.01
CA LEU B 199 -18.37 -12.23 27.02
C LEU B 199 -18.69 -13.65 26.58
N PHE B 200 -19.91 -14.13 26.84
CA PHE B 200 -20.28 -15.45 26.37
C PHE B 200 -20.49 -15.47 24.86
N HIS B 201 -21.10 -14.43 24.30
CA HIS B 201 -21.32 -14.39 22.86
C HIS B 201 -20.06 -14.04 22.09
N LYS B 202 -19.12 -13.33 22.70
CA LYS B 202 -17.93 -12.87 21.99
C LYS B 202 -16.80 -13.90 22.01
N ILE B 203 -16.34 -14.27 23.21
CA ILE B 203 -15.18 -15.14 23.35
C ILE B 203 -15.53 -16.48 23.98
N GLY B 204 -16.80 -16.74 24.25
CA GLY B 204 -17.24 -18.04 24.76
C GLY B 204 -16.83 -18.40 26.17
N VAL B 205 -16.91 -17.45 27.10
CA VAL B 205 -16.58 -17.69 28.50
C VAL B 205 -17.87 -17.92 29.26
N GLY B 206 -17.99 -19.08 29.91
CA GLY B 206 -19.17 -19.42 30.67
C GLY B 206 -19.13 -18.94 32.11
N ALA B 207 -20.24 -19.13 32.80
CA ALA B 207 -20.41 -18.67 34.17
C ALA B 207 -20.80 -19.83 35.07
N MET B 208 -20.22 -19.86 36.27
CA MET B 208 -20.51 -20.87 37.28
C MET B 208 -20.83 -20.14 38.58
N THR B 209 -22.11 -19.97 38.88
CA THR B 209 -22.53 -19.08 39.95
C THR B 209 -22.48 -19.76 41.30
N TRP B 210 -22.27 -18.95 42.34
CA TRP B 210 -22.21 -19.44 43.72
C TRP B 210 -23.13 -18.63 44.61
N SER B 211 -23.40 -19.20 45.80
CA SER B 211 -24.33 -18.76 46.84
C SER B 211 -25.74 -18.50 46.32
N PRO B 212 -26.50 -19.54 45.96
CA PRO B 212 -27.85 -19.30 45.42
C PRO B 212 -28.89 -18.98 46.49
N LEU B 213 -28.63 -19.29 47.76
CA LEU B 213 -29.59 -19.05 48.83
C LEU B 213 -29.15 -17.93 49.76
N ALA B 214 -28.12 -17.15 49.38
CA ALA B 214 -27.58 -15.99 50.10
C ALA B 214 -27.18 -16.35 51.54
N CYS B 215 -26.40 -17.43 51.66
CA CYS B 215 -25.95 -18.03 52.92
C CYS B 215 -27.11 -18.44 53.83
N GLY B 216 -28.24 -18.82 53.24
CA GLY B 216 -29.40 -19.27 53.99
C GLY B 216 -30.49 -18.26 54.22
N ILE B 217 -30.36 -17.05 53.67
CA ILE B 217 -31.37 -16.01 53.88
C ILE B 217 -32.65 -16.34 53.10
N VAL B 218 -32.51 -16.72 51.83
CA VAL B 218 -33.67 -16.98 50.97
C VAL B 218 -34.31 -18.34 51.25
N SER B 219 -33.74 -19.14 52.14
CA SER B 219 -34.42 -20.36 52.60
C SER B 219 -35.62 -20.04 53.47
N GLY B 220 -35.62 -18.89 54.15
CA GLY B 220 -36.74 -18.48 54.97
C GLY B 220 -36.69 -18.94 56.40
N LYS B 221 -35.54 -19.37 56.91
CA LYS B 221 -35.44 -19.84 58.28
C LYS B 221 -35.31 -18.71 59.30
N TYR B 222 -34.98 -17.49 58.85
CA TYR B 222 -34.78 -16.36 59.74
C TYR B 222 -36.00 -15.44 59.79
N ASP B 223 -37.20 -16.01 59.67
CA ASP B 223 -38.41 -15.19 59.70
C ASP B 223 -38.71 -14.67 61.10
N SER B 224 -38.33 -15.42 62.14
CA SER B 224 -38.51 -14.98 63.51
C SER B 224 -37.24 -14.32 64.06
N GLY B 225 -36.14 -15.06 64.08
CA GLY B 225 -34.89 -14.56 64.62
C GLY B 225 -33.71 -15.39 64.18
N ILE B 226 -32.79 -15.66 65.11
CA ILE B 226 -31.62 -16.49 64.82
C ILE B 226 -31.81 -17.84 65.50
N PRO B 227 -32.13 -18.90 64.78
CA PRO B 227 -32.27 -20.23 65.40
C PRO B 227 -30.92 -20.80 65.77
N PRO B 228 -30.86 -21.72 66.72
CA PRO B 228 -29.59 -22.36 67.06
C PRO B 228 -29.11 -23.30 65.96
N TYR B 229 -27.78 -23.54 65.99
CA TYR B 229 -27.06 -24.41 65.05
C TYR B 229 -27.22 -23.95 63.60
N SER B 230 -27.23 -22.64 63.40
CA SER B 230 -27.27 -22.04 62.07
C SER B 230 -25.93 -21.36 61.80
N ARG B 231 -25.77 -20.88 60.56
CA ARG B 231 -24.53 -20.22 60.17
C ARG B 231 -24.40 -18.84 60.82
N ALA B 232 -25.52 -18.15 61.05
CA ALA B 232 -25.47 -16.84 61.67
C ALA B 232 -25.15 -16.88 63.16
N SER B 233 -25.38 -18.02 63.81
CA SER B 233 -25.10 -18.15 65.24
C SER B 233 -23.72 -18.72 65.53
N LEU B 234 -22.93 -19.02 64.50
CA LEU B 234 -21.60 -19.56 64.72
C LEU B 234 -20.63 -18.45 65.12
N LYS B 235 -19.49 -18.86 65.66
CA LYS B 235 -18.44 -17.93 66.04
C LYS B 235 -17.69 -17.46 64.80
N GLY B 236 -17.58 -16.15 64.64
CA GLY B 236 -16.89 -15.58 63.50
C GLY B 236 -17.78 -15.15 62.36
N TYR B 237 -19.10 -15.13 62.55
CA TYR B 237 -20.04 -14.72 61.52
C TYR B 237 -20.96 -13.64 62.05
N GLN B 238 -20.36 -12.63 62.68
CA GLN B 238 -21.12 -11.51 63.22
C GLN B 238 -21.64 -10.59 62.11
N TRP B 239 -20.95 -10.56 60.96
CA TRP B 239 -21.36 -9.73 59.84
C TRP B 239 -22.68 -10.21 59.25
N LEU B 240 -22.87 -11.53 59.14
CA LEU B 240 -24.12 -12.08 58.63
C LEU B 240 -25.26 -11.85 59.61
N LYS B 241 -24.98 -11.94 60.92
CA LYS B 241 -26.00 -11.70 61.94
C LYS B 241 -26.40 -10.23 61.98
N ASP B 242 -25.45 -9.33 61.74
CA ASP B 242 -25.78 -7.91 61.65
C ASP B 242 -26.52 -7.59 60.36
N LYS B 243 -26.24 -8.33 59.29
CA LYS B 243 -26.95 -8.13 58.02
C LYS B 243 -28.40 -8.61 58.12
N ILE B 244 -28.64 -9.70 58.85
CA ILE B 244 -30.00 -10.23 59.00
C ILE B 244 -30.83 -9.30 59.90
N LEU B 245 -30.25 -8.85 61.00
CA LEU B 245 -30.99 -8.10 62.02
C LEU B 245 -30.99 -6.59 61.78
N SER B 246 -30.70 -6.15 60.56
CA SER B 246 -30.77 -4.73 60.21
C SER B 246 -32.16 -4.41 59.69
N GLU B 247 -32.33 -3.22 59.10
CA GLU B 247 -33.63 -2.76 58.65
C GLU B 247 -34.00 -3.26 57.24
N GLU B 248 -33.00 -3.55 56.40
CA GLU B 248 -33.29 -4.11 55.07
C GLU B 248 -33.75 -5.56 55.14
N GLY B 249 -33.35 -6.26 56.21
CA GLY B 249 -33.73 -7.66 56.37
C GLY B 249 -35.21 -7.89 56.54
N ARG B 250 -35.92 -6.94 57.16
CA ARG B 250 -37.37 -7.07 57.32
C ARG B 250 -38.10 -6.97 55.99
N ARG B 251 -37.64 -6.06 55.11
CA ARG B 251 -38.21 -5.96 53.77
C ARG B 251 -37.88 -7.20 52.95
N GLN B 252 -36.67 -7.75 53.13
CA GLN B 252 -36.32 -9.00 52.47
C GLN B 252 -37.17 -10.17 52.97
N GLN B 253 -37.51 -10.18 54.26
CA GLN B 253 -38.37 -11.24 54.80
C GLN B 253 -39.81 -11.10 54.30
N ALA B 254 -40.31 -9.87 54.13
CA ALA B 254 -41.66 -9.68 53.58
C ALA B 254 -41.74 -10.12 52.12
N LYS B 255 -40.72 -9.77 51.32
CA LYS B 255 -40.65 -10.25 49.94
C LYS B 255 -40.47 -11.77 49.89
N LEU B 256 -39.78 -12.35 50.87
CA LEU B 256 -39.64 -13.79 50.96
C LEU B 256 -40.96 -14.48 51.32
N LYS B 257 -41.81 -13.82 52.12
CA LYS B 257 -43.14 -14.35 52.39
C LYS B 257 -44.01 -14.36 51.14
N GLU B 258 -43.93 -13.30 50.32
CA GLU B 258 -44.68 -13.28 49.06
C GLU B 258 -44.17 -14.34 48.07
N LEU B 259 -42.84 -14.50 47.99
CA LEU B 259 -42.27 -15.54 47.13
C LEU B 259 -42.58 -16.94 47.64
N GLN B 260 -42.68 -17.11 48.97
CA GLN B 260 -43.09 -18.38 49.54
C GLN B 260 -44.54 -18.69 49.21
N ALA B 261 -45.40 -17.67 49.16
CA ALA B 261 -46.79 -17.86 48.72
C ALA B 261 -46.84 -18.31 47.25
N ILE B 262 -46.00 -17.72 46.39
CA ILE B 262 -45.93 -18.14 44.99
C ILE B 262 -45.42 -19.58 44.86
N ALA B 263 -44.37 -19.93 45.61
CA ALA B 263 -43.80 -21.27 45.57
C ALA B 263 -44.74 -22.32 46.15
N GLU B 264 -45.54 -21.96 47.16
CA GLU B 264 -46.55 -22.88 47.67
C GLU B 264 -47.73 -23.02 46.70
N ARG B 265 -48.00 -21.98 45.91
CA ARG B 265 -48.98 -22.11 44.84
C ARG B 265 -48.50 -23.06 43.74
N LEU B 266 -47.19 -23.02 43.44
CA LEU B 266 -46.65 -23.91 42.40
C LEU B 266 -46.52 -25.36 42.83
N GLY B 267 -46.63 -25.66 44.13
CA GLY B 267 -46.49 -27.02 44.60
C GLY B 267 -45.09 -27.41 45.01
N CYS B 268 -44.26 -26.46 45.40
CA CYS B 268 -42.87 -26.72 45.75
C CYS B 268 -42.53 -25.94 47.01
N THR B 269 -41.24 -25.85 47.32
CA THR B 269 -40.74 -25.08 48.44
C THR B 269 -39.94 -23.88 47.92
N LEU B 270 -39.73 -22.91 48.82
CA LEU B 270 -38.98 -21.71 48.47
C LEU B 270 -37.51 -21.92 48.09
N PRO B 271 -36.69 -22.77 48.77
CA PRO B 271 -35.33 -23.02 48.24
C PRO B 271 -35.28 -23.68 46.87
N GLN B 272 -36.25 -24.53 46.54
CA GLN B 272 -36.27 -25.15 45.21
C GLN B 272 -36.57 -24.12 44.13
N LEU B 273 -37.50 -23.19 44.39
CA LEU B 273 -37.78 -22.12 43.46
C LEU B 273 -36.60 -21.15 43.33
N ALA B 274 -35.90 -20.89 44.45
CA ALA B 274 -34.75 -20.00 44.42
C ALA B 274 -33.57 -20.62 43.67
N ILE B 275 -33.38 -21.93 43.79
CA ILE B 275 -32.30 -22.60 43.04
C ILE B 275 -32.65 -22.68 41.57
N ALA B 276 -33.88 -23.07 41.23
CA ALA B 276 -34.28 -23.21 39.84
C ALA B 276 -34.49 -21.87 39.13
N TRP B 277 -34.60 -20.78 39.87
CA TRP B 277 -34.68 -19.46 39.24
C TRP B 277 -33.35 -19.04 38.62
N CYS B 278 -32.23 -19.51 39.18
CA CYS B 278 -30.91 -19.13 38.68
C CYS B 278 -30.54 -19.82 37.38
N LEU B 279 -31.20 -20.93 37.03
CA LEU B 279 -30.86 -21.73 35.86
C LEU B 279 -31.81 -21.51 34.69
N ARG B 280 -32.58 -20.42 34.70
CA ARG B 280 -33.59 -20.21 33.68
C ARG B 280 -33.01 -19.67 32.37
N ASN B 281 -31.75 -19.22 32.36
CA ASN B 281 -31.11 -18.71 31.17
C ASN B 281 -29.92 -19.58 30.80
N GLU B 282 -29.50 -19.48 29.55
CA GLU B 282 -28.47 -20.35 29.01
C GLU B 282 -27.05 -19.84 29.26
N GLY B 283 -26.90 -18.64 29.82
CA GLY B 283 -25.58 -18.14 30.15
C GLY B 283 -24.96 -18.77 31.38
N VAL B 284 -25.77 -19.39 32.24
CA VAL B 284 -25.32 -20.02 33.46
C VAL B 284 -25.17 -21.52 33.18
N SER B 285 -23.98 -22.06 33.44
CA SER B 285 -23.73 -23.48 33.19
C SER B 285 -24.02 -24.35 34.40
N SER B 286 -23.66 -23.90 35.60
CA SER B 286 -23.83 -24.71 36.79
C SER B 286 -24.02 -23.82 38.00
N VAL B 287 -24.62 -24.39 39.04
CA VAL B 287 -24.88 -23.71 40.30
C VAL B 287 -24.28 -24.54 41.42
N LEU B 288 -23.40 -23.93 42.22
CA LEU B 288 -22.77 -24.60 43.35
C LEU B 288 -23.63 -24.48 44.59
N LEU B 289 -23.89 -25.61 45.25
CA LEU B 289 -24.77 -25.68 46.41
C LEU B 289 -23.97 -25.81 47.70
N GLY B 290 -24.60 -25.43 48.79
CA GLY B 290 -24.07 -25.70 50.11
C GLY B 290 -25.15 -26.34 50.97
N ALA B 291 -24.75 -27.32 51.77
CA ALA B 291 -25.69 -28.04 52.61
C ALA B 291 -25.00 -28.43 53.90
N SER B 292 -25.81 -28.55 54.97
CA SER B 292 -25.30 -28.90 56.28
C SER B 292 -25.72 -30.29 56.76
N ASN B 293 -26.77 -30.85 56.20
CA ASN B 293 -27.18 -32.22 56.50
C ASN B 293 -27.84 -32.81 55.25
N ALA B 294 -28.26 -34.08 55.37
CA ALA B 294 -28.74 -34.82 54.20
C ALA B 294 -30.14 -34.39 53.77
N ASP B 295 -30.96 -33.91 54.70
CA ASP B 295 -32.31 -33.47 54.37
C ASP B 295 -32.29 -32.20 53.53
N GLN B 296 -31.37 -31.28 53.83
CA GLN B 296 -31.21 -30.06 53.04
C GLN B 296 -30.73 -30.38 51.62
N LEU B 297 -29.82 -31.34 51.47
CA LEU B 297 -29.34 -31.71 50.15
C LEU B 297 -30.41 -32.43 49.34
N MET B 298 -31.19 -33.30 50.00
CA MET B 298 -32.28 -33.99 49.30
C MET B 298 -33.42 -33.02 48.94
N GLU B 299 -33.60 -31.95 49.70
CA GLU B 299 -34.57 -30.93 49.31
C GLU B 299 -34.02 -30.08 48.16
N ASN B 300 -32.73 -29.73 48.19
CA ASN B 300 -32.15 -28.87 47.17
C ASN B 300 -31.99 -29.57 45.83
N ILE B 301 -31.87 -30.90 45.83
CA ILE B 301 -31.79 -31.64 44.57
C ILE B 301 -33.12 -31.59 43.81
N GLY B 302 -34.25 -31.50 44.53
CA GLY B 302 -35.57 -31.49 43.93
C GLY B 302 -36.02 -30.25 43.18
N ALA B 303 -35.10 -29.34 42.80
CA ALA B 303 -35.46 -28.20 41.97
C ALA B 303 -35.55 -28.54 40.49
N ILE B 304 -35.14 -29.76 40.12
CA ILE B 304 -35.21 -30.23 38.74
C ILE B 304 -36.67 -30.35 38.29
N GLN B 305 -37.55 -30.79 39.20
CA GLN B 305 -38.97 -30.91 38.90
C GLN B 305 -39.64 -29.55 38.72
N VAL B 306 -39.17 -28.53 39.43
CA VAL B 306 -39.81 -27.22 39.37
C VAL B 306 -39.17 -26.31 38.32
N LEU B 307 -38.05 -26.71 37.73
CA LEU B 307 -37.47 -25.95 36.62
C LEU B 307 -38.35 -25.83 35.36
N PRO B 308 -38.98 -26.87 34.81
CA PRO B 308 -39.77 -26.64 33.58
C PRO B 308 -41.13 -25.97 33.79
N LYS B 309 -41.55 -25.73 35.03
CA LYS B 309 -42.81 -25.06 35.30
C LYS B 309 -42.70 -23.54 35.26
N LEU B 310 -41.51 -22.99 35.08
CA LEU B 310 -41.31 -21.54 35.10
C LEU B 310 -41.66 -20.97 33.74
N SER B 311 -42.88 -20.46 33.60
CA SER B 311 -43.30 -19.77 32.40
C SER B 311 -42.93 -18.29 32.49
N SER B 312 -43.31 -17.52 31.47
CA SER B 312 -42.98 -16.10 31.44
C SER B 312 -43.84 -15.30 32.42
N SER B 313 -45.05 -15.79 32.72
CA SER B 313 -45.94 -15.08 33.63
C SER B 313 -45.43 -15.15 35.06
N ILE B 314 -44.92 -16.31 35.49
CA ILE B 314 -44.39 -16.47 36.84
C ILE B 314 -43.09 -15.69 37.01
N ILE B 315 -42.27 -15.64 35.96
CA ILE B 315 -41.04 -14.84 35.98
C ILE B 315 -41.36 -13.35 36.05
N HIS B 316 -42.38 -12.90 35.32
CA HIS B 316 -42.81 -11.50 35.37
C HIS B 316 -43.42 -11.14 36.73
N GLU B 317 -44.13 -12.09 37.34
CA GLU B 317 -44.69 -11.85 38.68
C GLU B 317 -43.60 -11.78 39.75
N ILE B 318 -42.58 -12.64 39.63
CA ILE B 318 -41.43 -12.60 40.55
C ILE B 318 -40.64 -11.31 40.38
N ASP B 319 -40.46 -10.86 39.14
CA ASP B 319 -39.78 -9.58 38.90
C ASP B 319 -40.61 -8.39 39.35
N SER B 320 -41.94 -8.52 39.35
CA SER B 320 -42.78 -7.45 39.90
C SER B 320 -42.71 -7.41 41.41
N ILE B 321 -42.60 -8.57 42.07
CA ILE B 321 -42.49 -8.60 43.53
C ILE B 321 -41.12 -8.08 43.98
N LEU B 322 -40.05 -8.54 43.33
CA LEU B 322 -38.69 -8.19 43.76
C LEU B 322 -38.36 -6.73 43.48
N GLY B 323 -38.65 -6.27 42.27
CA GLY B 323 -38.44 -4.87 41.90
C GLY B 323 -37.00 -4.41 41.85
N ASN B 324 -36.08 -5.26 41.39
CA ASN B 324 -34.68 -4.90 41.30
C ASN B 324 -34.06 -5.34 39.98
N LYS B 325 -34.85 -5.35 38.91
CA LYS B 325 -34.36 -5.80 37.61
C LYS B 325 -33.42 -4.76 37.02
N PRO B 326 -32.20 -5.15 36.63
CA PRO B 326 -31.25 -4.16 36.12
C PRO B 326 -31.57 -3.73 34.69
N TYR B 327 -31.32 -2.45 34.41
CA TYR B 327 -31.63 -1.87 33.12
C TYR B 327 -30.47 -2.09 32.16
N SER B 328 -30.78 -2.54 30.94
CA SER B 328 -29.76 -2.79 29.93
C SER B 328 -30.23 -2.37 28.55
N ARG C 1 4.27 -57.16 -3.27
CA ARG C 1 3.31 -56.28 -3.93
C ARG C 1 2.49 -55.50 -2.92
N GLN C 2 1.93 -56.21 -1.93
CA GLN C 2 1.25 -55.57 -0.81
C GLN C 2 1.94 -55.88 0.52
N LEU C 3 2.07 -57.15 0.88
CA LEU C 3 2.77 -57.56 2.09
C LEU C 3 4.22 -57.87 1.72
N GLN C 4 5.14 -57.42 2.59
CA GLN C 4 6.59 -57.33 2.33
C GLN C 4 6.91 -56.49 1.09
N PHE C 5 6.04 -55.53 0.79
CA PHE C 5 6.32 -54.42 -0.12
C PHE C 5 5.84 -53.17 0.61
N TYR C 6 6.77 -52.32 0.99
CA TYR C 6 6.48 -51.27 1.95
C TYR C 6 6.31 -49.94 1.24
N ARG C 7 5.45 -49.09 1.81
CA ARG C 7 5.19 -47.79 1.24
C ARG C 7 4.89 -46.82 2.36
N ASN C 8 5.02 -45.53 2.05
CA ASN C 8 4.80 -44.49 3.04
C ASN C 8 3.31 -44.33 3.34
N LEU C 9 3.00 -44.10 4.61
CA LEU C 9 1.63 -43.82 5.03
C LEU C 9 1.35 -42.35 4.77
N GLY C 10 0.71 -42.07 3.65
CA GLY C 10 0.52 -40.69 3.25
C GLY C 10 1.82 -40.15 2.66
N LYS C 11 2.17 -38.92 3.06
CA LYS C 11 3.45 -38.33 2.69
C LYS C 11 4.42 -38.27 3.86
N SER C 12 4.13 -38.95 4.95
CA SER C 12 5.01 -38.95 6.11
C SER C 12 6.17 -39.93 5.91
N GLY C 13 7.04 -40.02 6.90
CA GLY C 13 8.18 -40.91 6.87
C GLY C 13 7.95 -42.30 7.41
N LEU C 14 6.73 -42.60 7.85
CA LEU C 14 6.43 -43.93 8.39
C LEU C 14 6.11 -44.88 7.24
N ARG C 15 6.78 -46.03 7.22
CA ARG C 15 6.64 -47.00 6.13
C ARG C 15 5.96 -48.25 6.65
N VAL C 16 4.88 -48.66 5.98
CA VAL C 16 4.08 -49.79 6.40
C VAL C 16 3.93 -50.75 5.22
N SER C 17 3.63 -52.00 5.55
CA SER C 17 3.17 -52.96 4.56
C SER C 17 1.70 -52.69 4.23
N CYS C 18 1.28 -53.13 3.05
CA CYS C 18 -0.06 -52.82 2.57
C CYS C 18 -1.10 -53.83 2.99
N LEU C 19 -0.73 -54.81 3.81
CA LEU C 19 -1.68 -55.67 4.50
C LEU C 19 -1.47 -55.52 6.00
N GLY C 20 -2.57 -55.32 6.74
CA GLY C 20 -2.54 -55.26 8.18
C GLY C 20 -3.52 -56.26 8.76
N LEU C 21 -3.41 -56.48 10.07
CA LEU C 21 -4.27 -57.40 10.78
C LEU C 21 -5.07 -56.64 11.82
N GLY C 22 -6.39 -56.86 11.83
CA GLY C 22 -7.28 -56.14 12.72
C GLY C 22 -7.63 -56.91 13.97
N THR C 23 -8.11 -56.17 14.97
CA THR C 23 -8.39 -56.71 16.30
C THR C 23 -9.86 -56.58 16.67
N TRP C 24 -10.76 -56.63 15.68
CA TRP C 24 -12.19 -56.67 15.90
C TRP C 24 -12.61 -58.10 16.28
N VAL C 25 -13.88 -58.45 16.03
CA VAL C 25 -14.77 -59.43 16.71
C VAL C 25 -14.10 -60.69 17.25
N THR C 26 -13.13 -61.22 16.49
CA THR C 26 -12.42 -62.45 16.85
C THR C 26 -11.63 -62.32 18.15
N PHE C 27 -10.82 -61.28 18.30
CA PHE C 27 -9.88 -61.16 19.41
C PHE C 27 -10.60 -60.86 20.72
N GLY C 28 -10.47 -61.74 21.70
CA GLY C 28 -11.15 -61.62 22.97
C GLY C 28 -12.58 -62.10 22.98
N GLY C 29 -13.17 -62.35 21.82
CA GLY C 29 -14.53 -62.78 21.64
C GLY C 29 -14.62 -64.18 21.05
N GLN C 30 -14.75 -64.21 19.72
CA GLN C 30 -15.06 -65.43 18.98
C GLN C 30 -13.96 -66.48 19.08
N ILE C 31 -12.69 -66.09 19.02
CA ILE C 31 -11.59 -67.03 19.02
C ILE C 31 -10.89 -67.02 20.38
N THR C 32 -10.02 -68.00 20.59
CA THR C 32 -9.27 -68.14 21.82
C THR C 32 -7.93 -67.42 21.74
N ASP C 33 -7.14 -67.50 22.81
CA ASP C 33 -5.86 -66.82 22.86
C ASP C 33 -4.78 -67.54 22.07
N GLU C 34 -4.82 -68.89 22.02
CA GLU C 34 -3.83 -69.65 21.28
C GLU C 34 -3.99 -69.46 19.78
N MET C 35 -5.23 -69.37 19.30
CA MET C 35 -5.49 -69.08 17.90
C MET C 35 -5.05 -67.66 17.55
N ALA C 36 -5.21 -66.72 18.47
CA ALA C 36 -4.75 -65.34 18.27
C ALA C 36 -3.23 -65.27 18.20
N GLU C 37 -2.54 -66.04 19.04
CA GLU C 37 -1.08 -66.10 19.00
C GLU C 37 -0.58 -66.75 17.71
N GLN C 38 -1.29 -67.79 17.24
CA GLN C 38 -0.95 -68.43 15.98
C GLN C 38 -1.15 -67.49 14.78
N LEU C 39 -2.25 -66.71 14.80
CA LEU C 39 -2.50 -65.74 13.73
C LEU C 39 -1.47 -64.61 13.74
N MET C 40 -1.06 -64.15 14.93
CA MET C 40 -0.05 -63.09 14.99
C MET C 40 1.33 -63.59 14.56
N THR C 41 1.66 -64.84 14.90
CA THR C 41 2.93 -65.43 14.46
C THR C 41 2.96 -65.63 12.95
N LEU C 42 1.85 -66.10 12.38
CA LEU C 42 1.74 -66.28 10.94
C LEU C 42 1.76 -64.96 10.19
N ALA C 43 1.20 -63.89 10.78
CA ALA C 43 1.26 -62.58 10.16
C ALA C 43 2.67 -61.99 10.25
N TYR C 44 3.34 -62.15 11.39
CA TYR C 44 4.66 -61.57 11.58
C TYR C 44 5.74 -62.27 10.75
N ASP C 45 5.60 -63.59 10.54
CA ASP C 45 6.61 -64.30 9.77
C ASP C 45 6.53 -64.05 8.27
N ASN C 46 5.46 -63.42 7.77
CA ASN C 46 5.33 -63.12 6.36
C ASN C 46 5.61 -61.64 6.04
N GLY C 47 6.04 -60.86 7.02
CA GLY C 47 6.43 -59.48 6.77
C GLY C 47 5.40 -58.42 7.08
N ILE C 48 4.31 -58.76 7.75
CA ILE C 48 3.29 -57.78 8.14
C ILE C 48 3.71 -57.15 9.46
N ASN C 49 3.77 -55.81 9.49
CA ASN C 49 4.19 -55.08 10.67
C ASN C 49 3.13 -54.14 11.21
N LEU C 50 1.90 -54.18 10.70
CA LEU C 50 0.85 -53.24 11.06
C LEU C 50 -0.27 -53.97 11.80
N PHE C 51 -0.58 -53.53 13.01
CA PHE C 51 -1.62 -54.13 13.84
C PHE C 51 -2.47 -53.03 14.44
N ASP C 52 -3.79 -53.16 14.32
CA ASP C 52 -4.72 -52.07 14.64
C ASP C 52 -5.78 -52.56 15.63
N THR C 53 -5.94 -51.84 16.73
CA THR C 53 -6.91 -52.17 17.76
C THR C 53 -7.66 -50.92 18.21
N ALA C 54 -8.52 -51.07 19.20
CA ALA C 54 -9.29 -49.96 19.75
C ALA C 54 -9.66 -50.28 21.20
N GLU C 55 -10.08 -49.24 21.93
CA GLU C 55 -10.43 -49.39 23.34
C GLU C 55 -11.86 -49.86 23.55
N VAL C 56 -12.69 -49.87 22.50
CA VAL C 56 -14.08 -50.30 22.64
C VAL C 56 -14.26 -51.77 22.30
N TYR C 57 -13.24 -52.43 21.75
CA TYR C 57 -13.36 -53.81 21.31
C TYR C 57 -13.28 -54.74 22.52
N ALA C 58 -14.37 -55.50 22.74
CA ALA C 58 -14.51 -56.52 23.79
C ALA C 58 -14.24 -55.95 25.19
N ALA C 59 -14.78 -54.73 25.42
CA ALA C 59 -14.59 -53.92 26.64
C ALA C 59 -13.11 -53.68 26.94
N GLY C 60 -12.29 -53.55 25.90
CA GLY C 60 -10.86 -53.37 26.06
C GLY C 60 -10.06 -54.64 26.14
N LYS C 61 -10.72 -55.80 26.33
CA LYS C 61 -10.05 -57.06 26.64
C LYS C 61 -9.15 -57.54 25.51
N ALA C 62 -9.53 -57.23 24.26
CA ALA C 62 -8.74 -57.58 23.09
C ALA C 62 -7.36 -56.93 23.13
N GLU C 63 -7.31 -55.66 23.59
CA GLU C 63 -6.05 -54.94 23.76
C GLU C 63 -5.14 -55.66 24.74
N VAL C 64 -5.75 -56.22 25.80
CA VAL C 64 -5.02 -56.98 26.82
C VAL C 64 -4.34 -58.19 26.21
N VAL C 65 -5.08 -58.92 25.34
CA VAL C 65 -4.50 -60.14 24.80
C VAL C 65 -3.45 -59.80 23.75
N LEU C 66 -3.55 -58.60 23.14
CA LEU C 66 -2.53 -58.16 22.20
C LEU C 66 -1.22 -57.95 22.91
N GLY C 67 -1.28 -57.35 24.12
CA GLY C 67 -0.09 -57.20 24.94
C GLY C 67 0.48 -58.53 25.38
N ASN C 68 -0.41 -59.50 25.63
CA ASN C 68 0.03 -60.82 26.08
C ASN C 68 0.70 -61.60 24.98
N ILE C 69 0.58 -61.19 23.72
CA ILE C 69 1.40 -61.82 22.69
C ILE C 69 2.76 -61.16 22.59
N ILE C 70 2.79 -59.82 22.68
CA ILE C 70 3.99 -59.04 22.34
C ILE C 70 5.06 -59.24 23.42
N LYS C 71 4.65 -59.28 24.67
CA LYS C 71 5.58 -59.58 25.76
C LYS C 71 6.01 -61.06 25.77
N LYS C 72 5.23 -61.94 25.14
CA LYS C 72 5.55 -63.36 25.24
C LYS C 72 6.63 -63.77 24.24
N LYS C 73 6.47 -63.39 22.98
CA LYS C 73 7.38 -63.85 21.94
C LYS C 73 8.68 -63.04 21.88
N GLY C 74 8.75 -61.89 22.55
CA GLY C 74 9.98 -61.15 22.64
C GLY C 74 10.39 -60.42 21.38
N TRP C 75 9.43 -59.91 20.61
CA TRP C 75 9.75 -59.16 19.42
C TRP C 75 10.26 -57.77 19.79
N ARG C 76 11.07 -57.20 18.90
CA ARG C 76 11.58 -55.85 19.10
C ARG C 76 10.48 -54.83 18.87
N ARG C 77 10.50 -53.76 19.69
CA ARG C 77 9.49 -52.72 19.58
C ARG C 77 9.67 -51.90 18.31
N SER C 78 10.91 -51.74 17.84
CA SER C 78 11.20 -50.90 16.69
C SER C 78 10.79 -51.51 15.35
N SER C 79 10.37 -52.77 15.32
CA SER C 79 9.95 -53.42 14.09
C SER C 79 8.43 -53.57 13.98
N LEU C 80 7.67 -52.92 14.84
CA LEU C 80 6.21 -53.05 14.86
C LEU C 80 5.57 -51.67 14.77
N VAL C 81 4.37 -51.64 14.17
CA VAL C 81 3.53 -50.45 14.11
C VAL C 81 2.21 -50.79 14.77
N ILE C 82 1.91 -50.13 15.89
CA ILE C 82 0.71 -50.39 16.68
C ILE C 82 -0.15 -49.13 16.68
N THR C 83 -1.43 -49.27 16.33
CA THR C 83 -2.37 -48.15 16.32
C THR C 83 -3.55 -48.44 17.25
N THR C 84 -4.11 -47.37 17.82
CA THR C 84 -5.28 -47.45 18.69
C THR C 84 -6.28 -46.37 18.30
N LYS C 85 -7.55 -46.60 18.67
CA LYS C 85 -8.64 -45.68 18.40
C LYS C 85 -9.37 -45.34 19.69
N ILE C 86 -9.72 -44.07 19.88
CA ILE C 86 -10.28 -43.56 21.13
C ILE C 86 -11.53 -42.73 20.82
N PHE C 87 -12.71 -43.26 21.14
CA PHE C 87 -13.87 -42.39 21.34
C PHE C 87 -14.69 -42.77 22.58
N TRP C 88 -14.88 -44.06 22.82
CA TRP C 88 -15.79 -44.55 23.84
C TRP C 88 -15.01 -45.18 24.98
N GLY C 89 -15.20 -44.68 26.19
CA GLY C 89 -14.41 -45.15 27.31
C GLY C 89 -15.19 -45.65 28.51
N GLY C 90 -16.50 -45.45 28.54
CA GLY C 90 -17.28 -45.86 29.68
C GLY C 90 -18.69 -45.32 29.61
N LYS C 91 -19.43 -45.53 30.70
CA LYS C 91 -20.83 -45.15 30.76
C LYS C 91 -21.06 -43.76 31.34
N ALA C 92 -20.04 -43.15 31.95
CA ALA C 92 -20.20 -41.81 32.49
C ALA C 92 -20.18 -40.76 31.39
N GLU C 93 -20.58 -39.54 31.74
CA GLU C 93 -20.71 -38.47 30.76
C GLU C 93 -19.35 -37.95 30.30
N THR C 94 -18.38 -37.91 31.20
CA THR C 94 -17.05 -37.38 30.90
C THR C 94 -16.11 -38.44 30.33
N GLU C 95 -16.59 -39.65 30.08
CA GLU C 95 -15.76 -40.73 29.56
C GLU C 95 -16.00 -40.99 28.07
N ARG C 96 -16.45 -39.99 27.33
CA ARG C 96 -16.59 -40.11 25.88
C ARG C 96 -16.40 -38.74 25.24
N GLY C 97 -16.08 -38.76 23.96
CA GLY C 97 -15.88 -37.54 23.19
C GLY C 97 -14.40 -37.31 22.88
N LEU C 98 -14.13 -36.14 22.33
CA LEU C 98 -12.79 -35.75 21.92
C LEU C 98 -12.32 -34.51 22.67
N SER C 99 -12.66 -34.43 23.95
CA SER C 99 -12.13 -33.38 24.80
C SER C 99 -10.70 -33.74 25.25
N ARG C 100 -10.03 -32.76 25.87
CA ARG C 100 -8.64 -32.94 26.30
C ARG C 100 -8.53 -33.98 27.42
N LYS C 101 -9.48 -33.93 28.36
CA LYS C 101 -9.47 -34.82 29.52
C LYS C 101 -9.64 -36.28 29.12
N HIS C 102 -10.60 -36.56 28.23
CA HIS C 102 -10.84 -37.94 27.83
C HIS C 102 -9.74 -38.47 26.91
N ILE C 103 -9.14 -37.61 26.08
CA ILE C 103 -8.04 -38.03 25.21
C ILE C 103 -6.83 -38.43 26.04
N ILE C 104 -6.48 -37.63 27.05
CA ILE C 104 -5.33 -37.94 27.90
C ILE C 104 -5.59 -39.18 28.76
N GLU C 105 -6.78 -39.27 29.37
CA GLU C 105 -7.10 -40.40 30.25
C GLU C 105 -7.29 -41.70 29.47
N GLY C 106 -7.93 -41.63 28.30
CA GLY C 106 -8.10 -42.82 27.48
C GLY C 106 -6.81 -43.34 26.88
N LEU C 107 -5.91 -42.43 26.48
CA LEU C 107 -4.62 -42.88 25.98
C LEU C 107 -3.76 -43.47 27.09
N LYS C 108 -3.84 -42.92 28.31
CA LYS C 108 -3.11 -43.51 29.44
C LYS C 108 -3.65 -44.88 29.83
N ALA C 109 -4.98 -45.05 29.81
CA ALA C 109 -5.57 -46.35 30.13
C ALA C 109 -5.28 -47.39 29.06
N SER C 110 -5.28 -46.98 27.77
CA SER C 110 -4.96 -47.91 26.70
C SER C 110 -3.48 -48.31 26.71
N LEU C 111 -2.59 -47.37 27.06
CA LEU C 111 -1.19 -47.73 27.20
C LEU C 111 -0.94 -48.60 28.42
N GLU C 112 -1.76 -48.46 29.47
CA GLU C 112 -1.64 -49.34 30.63
C GLU C 112 -2.12 -50.76 30.30
N ARG C 113 -3.18 -50.89 29.49
CA ARG C 113 -3.67 -52.22 29.14
C ARG C 113 -2.77 -52.91 28.13
N LEU C 114 -2.08 -52.16 27.28
CA LEU C 114 -1.24 -52.74 26.24
C LEU C 114 0.16 -53.12 26.73
N GLN C 115 0.53 -52.72 27.95
CA GLN C 115 1.86 -52.87 28.54
C GLN C 115 2.95 -52.25 27.66
N LEU C 116 2.67 -51.07 27.12
CA LEU C 116 3.59 -50.36 26.24
C LEU C 116 3.86 -48.97 26.77
N GLU C 117 4.90 -48.34 26.22
CA GLU C 117 5.23 -46.96 26.56
C GLU C 117 4.59 -45.96 25.60
N TYR C 118 4.38 -46.36 24.34
CA TYR C 118 3.84 -45.47 23.33
C TYR C 118 3.18 -46.31 22.25
N VAL C 119 2.29 -45.68 21.49
CA VAL C 119 1.78 -46.23 20.25
C VAL C 119 2.36 -45.40 19.11
N ASP C 120 2.17 -45.88 17.88
CA ASP C 120 2.68 -45.15 16.73
C ASP C 120 1.68 -44.13 16.22
N VAL C 121 0.45 -44.54 15.93
CA VAL C 121 -0.63 -43.65 15.50
C VAL C 121 -1.77 -43.79 16.49
N VAL C 122 -2.38 -42.67 16.87
CA VAL C 122 -3.60 -42.67 17.67
C VAL C 122 -4.71 -42.01 16.85
N PHE C 123 -5.82 -42.71 16.70
CA PHE C 123 -6.92 -42.24 15.85
C PHE C 123 -8.08 -41.73 16.69
N ALA C 124 -8.78 -40.74 16.14
CA ALA C 124 -10.08 -40.34 16.64
C ALA C 124 -11.14 -41.14 15.88
N ASN C 125 -11.96 -41.89 16.61
CA ASN C 125 -12.80 -42.92 15.98
C ASN C 125 -13.97 -42.32 15.19
N ARG C 126 -14.48 -41.17 15.62
CA ARG C 126 -15.58 -40.49 14.95
C ARG C 126 -15.52 -39.01 15.34
N PRO C 127 -16.10 -38.11 14.53
CA PRO C 127 -16.09 -36.69 14.90
C PRO C 127 -16.99 -36.37 16.09
N ASP C 128 -16.62 -35.30 16.79
CA ASP C 128 -17.32 -34.86 18.00
C ASP C 128 -17.93 -33.48 17.76
N PRO C 129 -19.26 -33.34 17.82
CA PRO C 129 -19.86 -32.01 17.57
C PRO C 129 -19.81 -31.06 18.75
N ASN C 130 -19.58 -31.55 19.97
CA ASN C 130 -19.62 -30.72 21.17
C ASN C 130 -18.27 -30.11 21.53
N THR C 131 -17.21 -30.45 20.81
CA THR C 131 -15.88 -29.95 21.12
C THR C 131 -15.38 -29.05 20.00
N PRO C 132 -14.75 -27.92 20.32
CA PRO C 132 -14.05 -27.14 19.28
C PRO C 132 -12.85 -27.90 18.73
N MET C 133 -12.52 -27.57 17.47
CA MET C 133 -11.43 -28.24 16.77
C MET C 133 -10.07 -27.89 17.37
N GLU C 134 -9.93 -26.67 17.89
CA GLU C 134 -8.67 -26.19 18.46
C GLU C 134 -8.27 -26.98 19.70
N GLU C 135 -9.25 -27.34 20.54
CA GLU C 135 -9.00 -28.15 21.73
C GLU C 135 -8.54 -29.56 21.38
N THR C 136 -9.15 -30.16 20.35
CA THR C 136 -8.77 -31.50 19.90
C THR C 136 -7.37 -31.52 19.30
N VAL C 137 -7.05 -30.53 18.46
CA VAL C 137 -5.72 -30.46 17.84
C VAL C 137 -4.64 -30.17 18.88
N ARG C 138 -4.95 -29.32 19.87
CA ARG C 138 -4.01 -29.05 20.95
C ARG C 138 -3.80 -30.27 21.86
N ALA C 139 -4.85 -31.06 22.08
CA ALA C 139 -4.70 -32.27 22.89
C ALA C 139 -3.88 -33.34 22.16
N MET C 140 -4.07 -33.48 20.84
CA MET C 140 -3.27 -34.41 20.06
C MET C 140 -1.81 -33.98 19.99
N THR C 141 -1.56 -32.68 19.85
CA THR C 141 -0.18 -32.16 19.86
C THR C 141 0.47 -32.35 21.23
N HIS C 142 -0.32 -32.20 22.30
CA HIS C 142 0.19 -32.42 23.65
C HIS C 142 0.57 -33.88 23.89
N VAL C 143 -0.27 -34.83 23.46
CA VAL C 143 0.09 -36.24 23.70
C VAL C 143 1.19 -36.71 22.76
N ILE C 144 1.39 -36.06 21.60
CA ILE C 144 2.57 -36.35 20.79
C ILE C 144 3.84 -35.81 21.45
N ASN C 145 3.78 -34.59 21.99
CA ASN C 145 4.97 -33.97 22.59
C ASN C 145 5.39 -34.58 23.92
N GLN C 146 4.51 -35.34 24.58
CA GLN C 146 4.87 -36.02 25.82
C GLN C 146 5.47 -37.39 25.59
N GLY C 147 5.59 -37.84 24.34
CA GLY C 147 6.16 -39.13 24.04
C GLY C 147 5.21 -40.30 24.14
N MET C 148 3.91 -40.06 24.28
CA MET C 148 2.93 -41.14 24.34
C MET C 148 2.47 -41.60 22.97
N ALA C 149 2.79 -40.86 21.91
CA ALA C 149 2.44 -41.23 20.54
C ALA C 149 3.43 -40.57 19.60
N MET C 150 3.44 -41.04 18.36
CA MET C 150 4.28 -40.47 17.31
C MET C 150 3.51 -39.67 16.28
N TYR C 151 2.34 -40.14 15.86
CA TYR C 151 1.51 -39.48 14.87
C TYR C 151 0.06 -39.58 15.31
N TRP C 152 -0.82 -38.87 14.62
CA TRP C 152 -2.24 -39.02 14.84
C TRP C 152 -3.00 -38.88 13.53
N GLY C 153 -4.20 -39.46 13.50
CA GLY C 153 -5.04 -39.45 12.33
C GLY C 153 -6.50 -39.45 12.72
N THR C 154 -7.37 -39.46 11.70
CA THR C 154 -8.81 -39.40 11.88
C THR C 154 -9.46 -40.68 11.36
N SER C 155 -10.76 -40.81 11.64
CA SER C 155 -11.56 -41.92 11.15
C SER C 155 -13.01 -41.48 11.07
N ARG C 156 -13.66 -41.76 9.93
CA ARG C 156 -15.03 -41.38 9.60
C ARG C 156 -15.27 -39.87 9.63
N TRP C 157 -14.26 -39.08 9.28
CA TRP C 157 -14.43 -37.64 9.15
C TRP C 157 -14.71 -37.29 7.70
N SER C 158 -15.41 -36.17 7.48
CA SER C 158 -15.61 -35.66 6.14
C SER C 158 -14.40 -34.83 5.72
N SER C 159 -14.40 -34.37 4.46
CA SER C 159 -13.27 -33.62 3.93
C SER C 159 -13.17 -32.22 4.54
N MET C 160 -14.31 -31.61 4.86
CA MET C 160 -14.32 -30.28 5.46
C MET C 160 -13.73 -30.29 6.86
N GLU C 161 -13.98 -31.36 7.62
CA GLU C 161 -13.46 -31.45 8.98
C GLU C 161 -11.94 -31.69 8.99
N ILE C 162 -11.45 -32.49 8.05
CA ILE C 162 -10.00 -32.72 7.92
C ILE C 162 -9.30 -31.44 7.46
N MET C 163 -9.91 -30.70 6.52
CA MET C 163 -9.36 -29.42 6.09
C MET C 163 -9.40 -28.38 7.20
N GLU C 164 -10.43 -28.40 8.03
CA GLU C 164 -10.52 -27.50 9.18
C GLU C 164 -9.45 -27.81 10.23
N ALA C 165 -9.19 -29.11 10.47
CA ALA C 165 -8.13 -29.51 11.40
C ALA C 165 -6.75 -29.09 10.88
N TYR C 166 -6.51 -29.23 9.57
CA TYR C 166 -5.27 -28.76 8.95
C TYR C 166 -5.11 -27.25 9.07
N SER C 167 -6.20 -26.50 8.86
CA SER C 167 -6.14 -25.05 8.91
C SER C 167 -5.91 -24.55 10.34
N VAL C 168 -6.53 -25.20 11.33
CA VAL C 168 -6.32 -24.87 12.73
C VAL C 168 -4.88 -25.20 13.16
N ALA C 169 -4.34 -26.33 12.68
CA ALA C 169 -2.96 -26.70 13.01
C ALA C 169 -1.95 -25.75 12.37
N ARG C 170 -2.22 -25.27 11.15
CA ARG C 170 -1.31 -24.31 10.53
C ARG C 170 -1.46 -22.92 11.13
N GLN C 171 -2.62 -22.58 11.69
CA GLN C 171 -2.82 -21.27 12.29
C GLN C 171 -2.03 -21.09 13.58
N PHE C 172 -2.05 -22.10 14.47
CA PHE C 172 -1.46 -21.98 15.80
C PHE C 172 -0.13 -22.72 15.95
N ASN C 173 0.49 -23.13 14.83
CA ASN C 173 1.78 -23.84 14.76
C ASN C 173 1.73 -25.16 15.55
N LEU C 174 0.81 -26.03 15.13
CA LEU C 174 0.55 -27.32 15.76
C LEU C 174 0.81 -28.44 14.74
N THR C 175 0.45 -29.67 15.13
CA THR C 175 0.75 -30.84 14.31
C THR C 175 -0.47 -31.27 13.50
N PRO C 176 -0.38 -31.29 12.17
CA PRO C 176 -1.51 -31.77 11.35
C PRO C 176 -1.61 -33.29 11.36
N PRO C 177 -2.78 -33.85 11.07
CA PRO C 177 -2.90 -35.31 10.97
C PRO C 177 -2.33 -35.83 9.65
N ILE C 178 -2.06 -37.14 9.62
CA ILE C 178 -1.41 -37.75 8.48
C ILE C 178 -2.26 -38.78 7.76
N CYS C 179 -3.33 -39.32 8.35
CA CYS C 179 -4.01 -40.45 7.75
C CYS C 179 -5.50 -40.41 8.06
N GLU C 180 -6.27 -41.09 7.22
CA GLU C 180 -7.72 -41.24 7.39
C GLU C 180 -8.10 -42.70 7.17
N GLN C 181 -8.90 -43.24 8.09
CA GLN C 181 -9.43 -44.60 7.97
C GLN C 181 -10.83 -44.55 7.40
N ALA C 182 -11.05 -45.22 6.27
CA ALA C 182 -12.33 -45.23 5.59
C ALA C 182 -12.70 -46.65 5.18
N GLU C 183 -14.00 -46.88 4.99
CA GLU C 183 -14.50 -48.16 4.54
C GLU C 183 -14.47 -48.23 3.02
N TYR C 184 -14.01 -49.36 2.50
CA TYR C 184 -13.83 -49.50 1.05
C TYR C 184 -13.90 -50.96 0.66
N HIS C 185 -14.91 -51.30 -0.14
CA HIS C 185 -14.98 -52.61 -0.80
C HIS C 185 -15.71 -52.41 -2.13
N MET C 186 -16.17 -53.51 -2.73
CA MET C 186 -16.75 -53.45 -4.07
C MET C 186 -18.15 -52.84 -4.08
N PHE C 187 -18.81 -52.74 -2.94
CA PHE C 187 -20.13 -52.13 -2.86
C PHE C 187 -20.13 -50.85 -2.04
N GLN C 188 -18.96 -50.27 -1.80
CA GLN C 188 -18.83 -49.01 -1.06
C GLN C 188 -17.61 -48.29 -1.64
N ARG C 189 -17.87 -47.41 -2.61
CA ARG C 189 -16.80 -46.87 -3.45
C ARG C 189 -16.72 -45.36 -3.53
N GLU C 190 -17.61 -44.61 -2.89
CA GLU C 190 -17.75 -43.19 -3.18
C GLU C 190 -16.64 -42.36 -2.55
N LYS C 191 -16.43 -42.54 -1.24
CA LYS C 191 -15.61 -41.62 -0.46
C LYS C 191 -14.13 -41.76 -0.78
N VAL C 192 -13.66 -42.99 -0.98
CA VAL C 192 -12.26 -43.23 -1.31
C VAL C 192 -11.94 -42.74 -2.72
N GLU C 193 -12.88 -42.89 -3.66
CA GLU C 193 -12.56 -42.62 -5.05
C GLU C 193 -12.83 -41.18 -5.50
N VAL C 194 -13.79 -40.45 -4.91
CA VAL C 194 -14.09 -39.12 -5.41
C VAL C 194 -13.71 -38.00 -4.45
N GLN C 195 -13.43 -38.27 -3.18
CA GLN C 195 -13.17 -37.22 -2.20
C GLN C 195 -11.74 -37.15 -1.72
N LEU C 196 -11.16 -38.29 -1.35
CA LEU C 196 -9.80 -38.41 -0.83
C LEU C 196 -8.59 -38.13 -1.76
N PRO C 197 -8.63 -38.35 -3.09
CA PRO C 197 -7.48 -37.90 -3.91
C PRO C 197 -7.17 -36.41 -3.89
N GLU C 198 -8.19 -35.55 -3.73
CA GLU C 198 -7.93 -34.11 -3.59
C GLU C 198 -7.16 -33.81 -2.31
N LEU C 199 -7.53 -34.48 -1.21
CA LEU C 199 -6.80 -34.30 0.04
C LEU C 199 -5.41 -34.91 -0.01
N PHE C 200 -5.22 -35.98 -0.79
CA PHE C 200 -3.89 -36.55 -0.93
C PHE C 200 -2.99 -35.65 -1.77
N HIS C 201 -3.52 -35.07 -2.84
CA HIS C 201 -2.71 -34.20 -3.69
C HIS C 201 -2.48 -32.83 -3.06
N LYS C 202 -3.39 -32.37 -2.20
CA LYS C 202 -3.28 -31.02 -1.66
C LYS C 202 -2.44 -30.97 -0.38
N ILE C 203 -2.83 -31.72 0.64
CA ILE C 203 -2.17 -31.65 1.94
C ILE C 203 -1.48 -32.96 2.33
N GLY C 204 -1.47 -33.94 1.44
CA GLY C 204 -0.75 -35.19 1.68
C GLY C 204 -1.28 -36.10 2.76
N VAL C 205 -2.60 -36.28 2.83
CA VAL C 205 -3.22 -37.16 3.81
C VAL C 205 -3.54 -38.48 3.12
N GLY C 206 -3.00 -39.58 3.65
CA GLY C 206 -3.21 -40.90 3.07
C GLY C 206 -4.45 -41.59 3.62
N ALA C 207 -4.75 -42.74 3.04
CA ALA C 207 -5.94 -43.51 3.38
C ALA C 207 -5.56 -44.92 3.79
N MET C 208 -6.22 -45.44 4.82
CA MET C 208 -6.02 -46.79 5.32
C MET C 208 -7.38 -47.45 5.42
N THR C 209 -7.75 -48.24 4.43
CA THR C 209 -9.12 -48.72 4.28
C THR C 209 -9.37 -49.96 5.13
N TRP C 210 -10.62 -50.12 5.54
CA TRP C 210 -11.05 -51.27 6.34
C TRP C 210 -12.26 -51.93 5.73
N SER C 211 -12.52 -53.16 6.19
CA SER C 211 -13.53 -54.12 5.75
C SER C 211 -13.47 -54.40 4.25
N PRO C 212 -12.45 -55.10 3.74
CA PRO C 212 -12.38 -55.33 2.28
C PRO C 212 -13.31 -56.43 1.79
N LEU C 213 -13.79 -57.31 2.67
CA LEU C 213 -14.66 -58.41 2.27
C LEU C 213 -16.10 -58.22 2.72
N ALA C 214 -16.45 -57.01 3.19
CA ALA C 214 -17.80 -56.61 3.64
C ALA C 214 -18.36 -57.54 4.73
N CYS C 215 -17.52 -57.77 5.75
CA CYS C 215 -17.77 -58.69 6.88
C CYS C 215 -18.02 -60.12 6.42
N GLY C 216 -17.42 -60.52 5.30
CA GLY C 216 -17.54 -61.88 4.80
C GLY C 216 -18.53 -62.09 3.67
N ILE C 217 -19.17 -61.02 3.19
CA ILE C 217 -20.16 -61.17 2.12
C ILE C 217 -19.49 -61.48 0.79
N VAL C 218 -18.42 -60.76 0.45
CA VAL C 218 -17.74 -60.93 -0.84
C VAL C 218 -16.84 -62.17 -0.86
N SER C 219 -16.70 -62.89 0.26
CA SER C 219 -16.03 -64.17 0.24
C SER C 219 -16.83 -65.23 -0.48
N GLY C 220 -18.16 -65.09 -0.50
CA GLY C 220 -19.02 -66.03 -1.21
C GLY C 220 -19.51 -67.20 -0.40
N LYS C 221 -19.41 -67.14 0.93
CA LYS C 221 -19.85 -68.26 1.76
C LYS C 221 -21.35 -68.28 1.99
N TYR C 222 -22.05 -67.17 1.72
CA TYR C 222 -23.48 -67.07 1.96
C TYR C 222 -24.30 -67.29 0.69
N ASP C 223 -23.82 -68.14 -0.22
CA ASP C 223 -24.53 -68.38 -1.47
C ASP C 223 -25.79 -69.21 -1.25
N SER C 224 -25.79 -70.09 -0.25
CA SER C 224 -26.97 -70.87 0.09
C SER C 224 -27.78 -70.21 1.21
N GLY C 225 -27.16 -70.04 2.37
CA GLY C 225 -27.84 -69.48 3.52
C GLY C 225 -26.86 -68.99 4.57
N ILE C 226 -27.16 -69.25 5.84
CA ILE C 226 -26.27 -68.88 6.93
C ILE C 226 -25.61 -70.14 7.48
N PRO C 227 -24.33 -70.37 7.18
CA PRO C 227 -23.63 -71.55 7.73
C PRO C 227 -23.35 -71.36 9.21
N PRO C 228 -23.17 -72.46 9.95
CA PRO C 228 -22.81 -72.34 11.37
C PRO C 228 -21.39 -71.84 11.55
N TYR C 229 -21.16 -71.28 12.75
CA TYR C 229 -19.88 -70.71 13.21
C TYR C 229 -19.40 -69.58 12.30
N SER C 230 -20.33 -68.77 11.80
CA SER C 230 -20.03 -67.59 11.01
C SER C 230 -20.37 -66.35 11.82
N ARG C 231 -20.00 -65.19 11.26
CA ARG C 231 -20.26 -63.92 11.94
C ARG C 231 -21.75 -63.58 11.96
N ALA C 232 -22.48 -63.97 10.90
CA ALA C 232 -23.90 -63.67 10.84
C ALA C 232 -24.74 -64.53 11.79
N SER C 233 -24.23 -65.68 12.21
CA SER C 233 -24.95 -66.55 13.12
C SER C 233 -24.61 -66.31 14.59
N LEU C 234 -23.73 -65.36 14.89
CA LEU C 234 -23.38 -65.08 16.27
C LEU C 234 -24.48 -64.26 16.94
N LYS C 235 -24.43 -64.23 18.27
CA LYS C 235 -25.36 -63.44 19.05
C LYS C 235 -24.97 -61.97 19.00
N GLY C 236 -25.93 -61.12 18.65
CA GLY C 236 -25.69 -59.69 18.55
C GLY C 236 -25.39 -59.17 17.17
N TYR C 237 -25.57 -59.99 16.12
CA TYR C 237 -25.31 -59.59 14.75
C TYR C 237 -26.54 -59.88 13.89
N GLN C 238 -27.70 -59.45 14.39
CA GLN C 238 -28.96 -59.64 13.66
C GLN C 238 -29.06 -58.69 12.47
N TRP C 239 -28.37 -57.55 12.53
CA TRP C 239 -28.38 -56.58 11.43
C TRP C 239 -27.70 -57.14 10.19
N LEU C 240 -26.58 -57.84 10.37
CA LEU C 240 -25.88 -58.46 9.24
C LEU C 240 -26.69 -59.60 8.64
N LYS C 241 -27.38 -60.38 9.50
CA LYS C 241 -28.22 -61.47 9.02
C LYS C 241 -29.44 -60.95 8.27
N ASP C 242 -29.99 -59.82 8.71
CA ASP C 242 -31.09 -59.20 7.97
C ASP C 242 -30.60 -58.57 6.67
N LYS C 243 -29.36 -58.07 6.65
CA LYS C 243 -28.81 -57.51 5.42
C LYS C 243 -28.52 -58.59 4.38
N ILE C 244 -28.08 -59.77 4.82
CA ILE C 244 -27.81 -60.87 3.89
C ILE C 244 -29.11 -61.43 3.32
N LEU C 245 -30.11 -61.64 4.17
CA LEU C 245 -31.35 -62.32 3.79
C LEU C 245 -32.41 -61.36 3.23
N SER C 246 -32.04 -60.17 2.81
CA SER C 246 -32.96 -59.25 2.19
C SER C 246 -32.96 -59.46 0.68
N GLU C 247 -33.58 -58.54 -0.07
CA GLU C 247 -33.72 -58.69 -1.51
C GLU C 247 -32.52 -58.20 -2.30
N GLU C 248 -31.73 -57.26 -1.75
CA GLU C 248 -30.52 -56.81 -2.42
C GLU C 248 -29.41 -57.86 -2.36
N GLY C 249 -29.45 -58.73 -1.35
CA GLY C 249 -28.44 -59.76 -1.18
C GLY C 249 -28.41 -60.78 -2.29
N ARG C 250 -29.57 -61.07 -2.90
CA ARG C 250 -29.62 -62.02 -4.01
C ARG C 250 -28.93 -61.47 -5.26
N ARG C 251 -29.13 -60.17 -5.52
CA ARG C 251 -28.44 -59.51 -6.63
C ARG C 251 -26.93 -59.43 -6.37
N GLN C 252 -26.56 -59.20 -5.10
CA GLN C 252 -25.15 -59.21 -4.73
C GLN C 252 -24.53 -60.61 -4.90
N GLN C 253 -25.30 -61.66 -4.59
CA GLN C 253 -24.80 -63.02 -4.77
C GLN C 253 -24.67 -63.40 -6.25
N ALA C 254 -25.58 -62.90 -7.11
CA ALA C 254 -25.46 -63.15 -8.55
C ALA C 254 -24.23 -62.44 -9.14
N LYS C 255 -24.01 -61.19 -8.75
CA LYS C 255 -22.80 -60.48 -9.16
C LYS C 255 -21.54 -61.14 -8.59
N LEU C 256 -21.63 -61.72 -7.40
CA LEU C 256 -20.52 -62.46 -6.82
C LEU C 256 -20.23 -63.75 -7.58
N LYS C 257 -21.26 -64.39 -8.12
CA LYS C 257 -21.05 -65.56 -8.98
C LYS C 257 -20.33 -65.19 -10.27
N GLU C 258 -20.70 -64.05 -10.87
CA GLU C 258 -19.99 -63.59 -12.08
C GLU C 258 -18.53 -63.20 -11.78
N LEU C 259 -18.31 -62.53 -10.65
CA LEU C 259 -16.94 -62.19 -10.25
C LEU C 259 -16.12 -63.42 -9.87
N GLN C 260 -16.78 -64.45 -9.32
CA GLN C 260 -16.11 -65.71 -9.04
C GLN C 260 -15.71 -66.44 -10.32
N ALA C 261 -16.54 -66.32 -11.36
CA ALA C 261 -16.17 -66.86 -12.68
C ALA C 261 -14.95 -66.14 -13.25
N ILE C 262 -14.88 -64.81 -13.11
CA ILE C 262 -13.70 -64.04 -13.54
C ILE C 262 -12.45 -64.45 -12.75
N ALA C 263 -12.59 -64.56 -11.43
CA ALA C 263 -11.46 -64.93 -10.57
C ALA C 263 -10.99 -66.37 -10.80
N GLU C 264 -11.91 -67.27 -11.14
CA GLU C 264 -11.51 -68.63 -11.50
C GLU C 264 -10.87 -68.68 -12.88
N ARG C 265 -11.25 -67.75 -13.77
CA ARG C 265 -10.53 -67.63 -15.04
C ARG C 265 -9.11 -67.13 -14.83
N LEU C 266 -8.91 -66.21 -13.89
CA LEU C 266 -7.56 -65.68 -13.63
C LEU C 266 -6.64 -66.65 -12.90
N GLY C 267 -7.17 -67.74 -12.33
CA GLY C 267 -6.35 -68.69 -11.61
C GLY C 267 -6.23 -68.42 -10.13
N CYS C 268 -7.21 -67.75 -9.53
CA CYS C 268 -7.15 -67.37 -8.12
C CYS C 268 -8.52 -67.64 -7.49
N THR C 269 -8.71 -67.11 -6.29
CA THR C 269 -9.98 -67.19 -5.59
C THR C 269 -10.61 -65.81 -5.49
N LEU C 270 -11.92 -65.79 -5.21
CA LEU C 270 -12.65 -64.53 -5.08
C LEU C 270 -12.21 -63.61 -3.92
N PRO C 271 -11.90 -64.07 -2.69
CA PRO C 271 -11.33 -63.12 -1.71
C PRO C 271 -9.98 -62.52 -2.07
N GLN C 272 -9.13 -63.26 -2.80
CA GLN C 272 -7.85 -62.70 -3.24
C GLN C 272 -8.05 -61.59 -4.27
N LEU C 273 -8.98 -61.78 -5.20
CA LEU C 273 -9.31 -60.75 -6.18
C LEU C 273 -9.97 -59.54 -5.51
N ALA C 274 -10.81 -59.79 -4.50
CA ALA C 274 -11.47 -58.69 -3.78
C ALA C 274 -10.48 -57.88 -2.95
N ILE C 275 -9.49 -58.53 -2.35
CA ILE C 275 -8.47 -57.82 -1.58
C ILE C 275 -7.54 -57.05 -2.52
N ALA C 276 -7.08 -57.70 -3.59
CA ALA C 276 -6.15 -57.04 -4.51
C ALA C 276 -6.81 -55.98 -5.39
N TRP C 277 -8.15 -55.97 -5.48
CA TRP C 277 -8.84 -54.91 -6.21
C TRP C 277 -8.75 -53.56 -5.47
N CYS C 278 -8.67 -53.59 -4.14
CA CYS C 278 -8.63 -52.35 -3.36
C CYS C 278 -7.28 -51.64 -3.43
N LEU C 279 -6.21 -52.33 -3.82
CA LEU C 279 -4.86 -51.77 -3.82
C LEU C 279 -4.38 -51.39 -5.21
N ARG C 280 -5.28 -51.25 -6.17
CA ARG C 280 -4.89 -50.98 -7.55
C ARG C 280 -4.52 -49.52 -7.79
N ASN C 281 -4.83 -48.62 -6.86
CA ASN C 281 -4.52 -47.21 -7.00
C ASN C 281 -3.55 -46.78 -5.91
N GLU C 282 -2.87 -45.66 -6.15
CA GLU C 282 -1.81 -45.20 -5.26
C GLU C 282 -2.32 -44.37 -4.10
N GLY C 283 -3.62 -44.03 -4.06
CA GLY C 283 -4.16 -43.29 -2.95
C GLY C 283 -4.36 -44.11 -1.69
N VAL C 284 -4.40 -45.43 -1.82
CA VAL C 284 -4.59 -46.34 -0.69
C VAL C 284 -3.23 -46.86 -0.26
N SER C 285 -2.90 -46.68 1.01
CA SER C 285 -1.60 -47.11 1.52
C SER C 285 -1.63 -48.52 2.07
N SER C 286 -2.70 -48.90 2.78
CA SER C 286 -2.75 -50.21 3.42
C SER C 286 -4.20 -50.66 3.53
N VAL C 287 -4.37 -51.98 3.65
CA VAL C 287 -5.68 -52.61 3.80
C VAL C 287 -5.66 -53.46 5.06
N LEU C 288 -6.60 -53.23 5.97
CA LEU C 288 -6.69 -53.99 7.20
C LEU C 288 -7.57 -55.23 7.00
N LEU C 289 -7.04 -56.39 7.40
CA LEU C 289 -7.71 -57.66 7.19
C LEU C 289 -8.35 -58.17 8.49
N GLY C 290 -9.33 -59.04 8.32
CA GLY C 290 -9.87 -59.79 9.44
C GLY C 290 -9.91 -61.26 9.10
N ALA C 291 -9.57 -62.08 10.08
CA ALA C 291 -9.52 -63.53 9.87
C ALA C 291 -9.95 -64.24 11.15
N SER C 292 -10.52 -65.43 10.96
CA SER C 292 -11.00 -66.23 12.09
C SER C 292 -10.19 -67.48 12.35
N ASN C 293 -9.43 -67.96 11.37
CA ASN C 293 -8.53 -69.09 11.55
C ASN C 293 -7.34 -68.92 10.62
N ALA C 294 -6.41 -69.86 10.68
CA ALA C 294 -5.14 -69.73 9.97
C ALA C 294 -5.27 -69.96 8.47
N ASP C 295 -6.24 -70.77 8.05
CA ASP C 295 -6.45 -71.04 6.62
C ASP C 295 -6.97 -69.81 5.89
N GLN C 296 -7.85 -69.05 6.55
CA GLN C 296 -8.35 -67.79 5.98
C GLN C 296 -7.25 -66.76 5.83
N LEU C 297 -6.35 -66.67 6.82
CA LEU C 297 -5.25 -65.72 6.76
C LEU C 297 -4.23 -66.12 5.69
N MET C 298 -3.94 -67.43 5.57
CA MET C 298 -3.03 -67.90 4.53
C MET C 298 -3.62 -67.75 3.14
N GLU C 299 -4.95 -67.82 3.01
CA GLU C 299 -5.58 -67.53 1.72
C GLU C 299 -5.55 -66.04 1.42
N ASN C 300 -5.80 -65.19 2.43
CA ASN C 300 -5.87 -63.75 2.21
C ASN C 300 -4.50 -63.13 1.95
N ILE C 301 -3.43 -63.75 2.44
CA ILE C 301 -2.09 -63.26 2.17
C ILE C 301 -1.73 -63.43 0.68
N GLY C 302 -2.26 -64.45 0.03
CA GLY C 302 -1.97 -64.75 -1.37
C GLY C 302 -2.53 -63.83 -2.44
N ALA C 303 -3.01 -62.63 -2.10
CA ALA C 303 -3.45 -61.66 -3.10
C ALA C 303 -2.30 -60.91 -3.75
N ILE C 304 -1.09 -61.07 -3.22
CA ILE C 304 0.12 -60.44 -3.74
C ILE C 304 0.43 -60.97 -5.14
N GLN C 305 0.20 -62.26 -5.35
CA GLN C 305 0.43 -62.88 -6.66
C GLN C 305 -0.58 -62.42 -7.69
N VAL C 306 -1.81 -62.12 -7.28
CA VAL C 306 -2.85 -61.74 -8.24
C VAL C 306 -2.94 -60.22 -8.42
N LEU C 307 -2.23 -59.43 -7.61
CA LEU C 307 -2.16 -57.99 -7.85
C LEU C 307 -1.54 -57.55 -9.20
N PRO C 308 -0.38 -58.06 -9.67
CA PRO C 308 0.12 -57.54 -10.96
C PRO C 308 -0.59 -58.05 -12.20
N LYS C 309 -1.53 -58.98 -12.07
CA LYS C 309 -2.29 -59.49 -13.22
C LYS C 309 -3.48 -58.62 -13.59
N LEU C 310 -3.76 -57.57 -12.82
CA LEU C 310 -4.94 -56.73 -13.06
C LEU C 310 -4.60 -55.70 -14.13
N SER C 311 -4.98 -56.00 -15.36
CA SER C 311 -4.83 -55.06 -16.46
C SER C 311 -6.07 -54.16 -16.54
N SER C 312 -6.09 -53.27 -17.54
CA SER C 312 -7.22 -52.35 -17.68
C SER C 312 -8.47 -53.05 -18.21
N SER C 313 -8.30 -54.14 -18.96
CA SER C 313 -9.43 -54.87 -19.51
C SER C 313 -10.22 -55.58 -18.42
N ILE C 314 -9.51 -56.20 -17.46
CA ILE C 314 -10.16 -56.90 -16.37
C ILE C 314 -10.85 -55.92 -15.42
N ILE C 315 -10.23 -54.76 -15.20
CA ILE C 315 -10.83 -53.70 -14.38
C ILE C 315 -12.10 -53.15 -15.06
N HIS C 316 -12.05 -52.97 -16.38
CA HIS C 316 -13.23 -52.51 -17.12
C HIS C 316 -14.34 -53.55 -17.13
N GLU C 317 -13.98 -54.84 -17.19
CA GLU C 317 -14.97 -55.91 -17.14
C GLU C 317 -15.62 -56.00 -15.76
N ILE C 318 -14.84 -55.83 -14.70
CA ILE C 318 -15.36 -55.82 -13.33
C ILE C 318 -16.28 -54.62 -13.11
N ASP C 319 -15.90 -53.45 -13.65
CA ASP C 319 -16.75 -52.26 -13.55
C ASP C 319 -18.01 -52.39 -14.40
N SER C 320 -17.96 -53.17 -15.48
CA SER C 320 -19.17 -53.43 -16.26
C SER C 320 -20.11 -54.38 -15.53
N ILE C 321 -19.55 -55.36 -14.82
CA ILE C 321 -20.39 -56.30 -14.06
C ILE C 321 -21.03 -55.61 -12.85
N LEU C 322 -20.23 -54.84 -12.10
CA LEU C 322 -20.72 -54.23 -10.86
C LEU C 322 -21.71 -53.10 -11.13
N GLY C 323 -21.37 -52.20 -12.05
CA GLY C 323 -22.27 -51.12 -12.44
C GLY C 323 -22.57 -50.08 -11.38
N ASN C 324 -21.57 -49.73 -10.57
CA ASN C 324 -21.76 -48.73 -9.52
C ASN C 324 -20.60 -47.76 -9.45
N LYS C 325 -19.99 -47.46 -10.60
CA LYS C 325 -18.84 -46.56 -10.64
C LYS C 325 -19.29 -45.12 -10.40
N PRO C 326 -18.70 -44.41 -9.44
CA PRO C 326 -19.15 -43.05 -9.14
C PRO C 326 -18.66 -42.05 -10.19
N TYR C 327 -19.52 -41.07 -10.47
CA TYR C 327 -19.23 -40.06 -11.47
C TYR C 327 -18.44 -38.91 -10.84
N SER C 328 -17.38 -38.50 -11.53
CA SER C 328 -16.53 -37.42 -11.04
C SER C 328 -16.08 -36.52 -12.18
N GLN D 1 -21.29 -29.35 -3.14
CA GLN D 1 -20.49 -28.23 -3.62
C GLN D 1 -21.12 -26.89 -3.24
N ASP D 2 -21.36 -26.72 -1.94
CA ASP D 2 -21.94 -25.47 -1.46
C ASP D 2 -20.95 -24.31 -1.54
N CYS D 3 -19.66 -24.62 -1.35
CA CYS D 3 -18.49 -23.73 -1.43
C CYS D 3 -18.68 -22.43 -0.64
N CYS D 4 -18.81 -22.59 0.68
CA CYS D 4 -19.11 -21.45 1.52
C CYS D 4 -18.40 -21.59 2.86
N GLY D 5 -18.15 -20.45 3.50
CA GLY D 5 -17.63 -20.36 4.85
C GLY D 5 -16.14 -20.22 5.04
N GLU D 6 -15.35 -20.95 4.27
CA GLU D 6 -13.91 -20.99 4.44
C GLU D 6 -13.26 -19.70 3.94
N ARG D 7 -12.14 -19.33 4.57
CA ARG D 7 -11.38 -18.15 4.19
C ARG D 7 -10.16 -18.57 3.36
N VAL D 8 -9.90 -17.82 2.30
CA VAL D 8 -8.86 -18.12 1.33
C VAL D 8 -7.87 -16.96 1.31
N VAL D 9 -6.58 -17.28 1.43
CA VAL D 9 -5.49 -16.31 1.39
C VAL D 9 -4.76 -16.46 0.06
N ILE D 10 -4.61 -15.35 -0.67
CA ILE D 10 -3.93 -15.31 -1.96
C ILE D 10 -2.74 -14.37 -1.82
N ASN D 11 -1.55 -14.86 -2.20
CA ASN D 11 -0.30 -14.13 -2.03
C ASN D 11 0.23 -13.73 -3.40
N ILE D 12 0.22 -12.43 -3.70
CA ILE D 12 0.75 -11.90 -4.94
C ILE D 12 2.06 -11.18 -4.66
N SER D 13 3.18 -11.89 -4.85
CA SER D 13 4.55 -11.40 -4.73
C SER D 13 4.86 -10.77 -3.37
N GLY D 14 4.26 -11.30 -2.30
CA GLY D 14 4.42 -10.74 -0.98
C GLY D 14 3.26 -9.91 -0.49
N LEU D 15 2.29 -9.60 -1.35
CA LEU D 15 1.12 -8.83 -0.96
C LEU D 15 -0.05 -9.79 -0.72
N ARG D 16 -0.64 -9.73 0.46
CA ARG D 16 -1.60 -10.74 0.90
C ARG D 16 -3.03 -10.22 0.79
N PHE D 17 -3.90 -11.05 0.23
CA PHE D 17 -5.33 -10.75 0.08
C PHE D 17 -6.12 -11.88 0.74
N GLU D 18 -7.21 -11.54 1.40
CA GLU D 18 -8.05 -12.54 2.05
C GLU D 18 -9.48 -12.38 1.57
N THR D 19 -10.15 -13.50 1.32
CA THR D 19 -11.53 -13.47 0.86
C THR D 19 -12.24 -14.73 1.34
N GLN D 20 -13.52 -14.84 1.02
CA GLN D 20 -14.30 -16.03 1.30
C GLN D 20 -14.43 -16.88 0.05
N LEU D 21 -14.75 -18.16 0.25
CA LEU D 21 -14.83 -19.09 -0.88
C LEU D 21 -16.09 -18.87 -1.72
N LYS D 22 -17.17 -18.38 -1.10
CA LYS D 22 -18.39 -18.11 -1.85
C LYS D 22 -18.29 -16.85 -2.70
N THR D 23 -17.34 -15.98 -2.40
CA THR D 23 -17.01 -14.90 -3.34
C THR D 23 -16.34 -15.46 -4.59
N LEU D 24 -15.44 -16.43 -4.42
CA LEU D 24 -14.67 -16.97 -5.53
C LEU D 24 -15.51 -17.90 -6.40
N CYS D 25 -16.42 -18.70 -5.82
CA CYS D 25 -17.15 -19.68 -6.60
C CYS D 25 -18.46 -19.12 -7.17
N GLN D 26 -18.57 -17.81 -7.34
CA GLN D 26 -19.63 -17.24 -8.16
C GLN D 26 -19.36 -17.42 -9.64
N PHE D 27 -18.08 -17.49 -10.03
CA PHE D 27 -17.65 -17.63 -11.42
C PHE D 27 -16.83 -18.91 -11.52
N PRO D 28 -17.46 -20.06 -11.77
CA PRO D 28 -16.74 -21.34 -11.75
C PRO D 28 -15.89 -21.61 -12.98
N GLU D 29 -15.95 -20.76 -14.02
CA GLU D 29 -15.22 -21.01 -15.25
C GLU D 29 -13.90 -20.25 -15.33
N THR D 30 -13.49 -19.60 -14.25
CA THR D 30 -12.25 -18.84 -14.21
C THR D 30 -11.16 -19.67 -13.53
N LEU D 31 -9.98 -19.05 -13.38
CA LEU D 31 -8.86 -19.74 -12.74
C LEU D 31 -9.06 -19.89 -11.25
N LEU D 32 -9.51 -18.82 -10.58
CA LEU D 32 -9.68 -18.85 -9.14
C LEU D 32 -10.98 -19.51 -8.72
N GLY D 33 -11.98 -19.56 -9.60
CA GLY D 33 -13.25 -20.18 -9.27
C GLY D 33 -13.32 -21.68 -9.47
N ASP D 34 -12.28 -22.28 -10.05
CA ASP D 34 -12.25 -23.71 -10.33
C ASP D 34 -11.18 -24.37 -9.47
N PRO D 35 -11.53 -25.36 -8.64
CA PRO D 35 -10.50 -26.03 -7.82
C PRO D 35 -9.50 -26.85 -8.60
N LYS D 36 -9.84 -27.29 -9.83
CA LYS D 36 -8.91 -28.09 -10.61
C LYS D 36 -7.79 -27.24 -11.21
N ARG D 37 -8.04 -25.95 -11.45
CA ARG D 37 -7.06 -25.11 -12.11
C ARG D 37 -6.15 -24.37 -11.14
N ARG D 38 -6.64 -24.06 -9.94
CA ARG D 38 -5.84 -23.33 -8.96
C ARG D 38 -5.05 -24.23 -8.03
N MET D 39 -5.16 -25.56 -8.19
CA MET D 39 -4.52 -26.48 -7.26
C MET D 39 -3.02 -26.58 -7.46
N ARG D 40 -2.50 -26.14 -8.61
CA ARG D 40 -1.06 -26.17 -8.86
C ARG D 40 -0.32 -24.97 -8.27
N TYR D 41 -1.04 -24.00 -7.69
CA TYR D 41 -0.42 -22.85 -7.06
C TYR D 41 -0.49 -22.91 -5.54
N PHE D 42 -0.99 -24.00 -4.97
CA PHE D 42 -1.16 -24.10 -3.53
C PHE D 42 0.18 -24.37 -2.84
N ASP D 43 0.39 -23.70 -1.72
CA ASP D 43 1.57 -23.91 -0.89
C ASP D 43 1.17 -24.62 0.39
N PRO D 44 1.59 -25.87 0.62
CA PRO D 44 1.13 -26.60 1.80
C PRO D 44 1.77 -26.16 3.11
N LEU D 45 2.96 -25.58 3.09
CA LEU D 45 3.62 -25.17 4.32
C LEU D 45 3.05 -23.88 4.90
N ARG D 46 2.36 -23.09 4.09
CA ARG D 46 1.86 -21.79 4.53
C ARG D 46 0.36 -21.61 4.39
N ASN D 47 -0.35 -22.57 3.78
CA ASN D 47 -1.80 -22.58 3.56
C ASN D 47 -2.26 -21.34 2.77
N GLU D 48 -1.70 -21.20 1.57
CA GLU D 48 -2.00 -20.05 0.73
C GLU D 48 -1.71 -20.41 -0.72
N TYR D 49 -2.22 -19.58 -1.63
CA TYR D 49 -1.93 -19.67 -3.06
C TYR D 49 -0.95 -18.56 -3.41
N PHE D 50 0.13 -18.91 -4.12
CA PHE D 50 1.20 -17.97 -4.43
C PHE D 50 1.27 -17.75 -5.93
N PHE D 51 1.32 -16.48 -6.33
CA PHE D 51 1.50 -16.08 -7.72
C PHE D 51 2.66 -15.09 -7.80
N ASP D 52 3.57 -15.33 -8.73
CA ASP D 52 4.76 -14.48 -8.91
C ASP D 52 4.51 -13.43 -9.98
N ARG D 53 3.56 -12.53 -9.72
CA ARG D 53 3.03 -11.66 -10.77
C ARG D 53 2.93 -10.20 -10.35
N ASN D 54 2.22 -9.41 -11.15
CA ASN D 54 2.14 -7.97 -10.96
C ASN D 54 1.24 -7.62 -9.80
N ARG D 55 1.76 -6.80 -8.87
CA ARG D 55 1.08 -6.43 -7.64
C ARG D 55 -0.07 -5.40 -7.75
N PRO D 56 0.02 -4.27 -8.47
CA PRO D 56 -1.13 -3.34 -8.46
C PRO D 56 -2.32 -3.78 -9.31
N SER D 57 -2.19 -4.82 -10.12
CA SER D 57 -3.29 -5.24 -10.97
C SER D 57 -4.32 -6.11 -10.25
N PHE D 58 -3.97 -6.69 -9.10
CA PHE D 58 -4.84 -7.69 -8.49
C PHE D 58 -6.01 -7.09 -7.72
N ASP D 59 -5.95 -5.80 -7.39
CA ASP D 59 -7.06 -5.15 -6.67
C ASP D 59 -8.30 -5.06 -7.55
N ALA D 60 -8.12 -4.76 -8.84
CA ALA D 60 -9.23 -4.75 -9.77
C ALA D 60 -9.77 -6.16 -10.05
N ILE D 61 -8.89 -7.17 -10.03
CA ILE D 61 -9.31 -8.56 -10.21
C ILE D 61 -10.14 -9.02 -9.02
N LEU D 62 -9.76 -8.62 -7.80
CA LEU D 62 -10.54 -8.98 -6.63
C LEU D 62 -11.87 -8.20 -6.58
N TYR D 63 -11.85 -6.94 -7.02
CA TYR D 63 -13.10 -6.18 -7.06
C TYR D 63 -14.05 -6.66 -8.16
N TYR D 64 -13.54 -7.33 -9.20
CA TYR D 64 -14.41 -7.99 -10.17
C TYR D 64 -15.24 -9.09 -9.52
N TYR D 65 -14.65 -9.87 -8.62
CA TYR D 65 -15.40 -10.88 -7.89
C TYR D 65 -16.30 -10.26 -6.83
N GLN D 66 -15.82 -9.24 -6.15
CA GLN D 66 -16.56 -8.68 -5.03
C GLN D 66 -17.74 -7.81 -5.47
N SER D 67 -17.65 -7.14 -6.61
CA SER D 67 -18.71 -6.26 -7.06
C SER D 67 -19.77 -6.97 -7.92
N GLY D 68 -19.51 -8.20 -8.33
CA GLY D 68 -20.46 -8.93 -9.14
C GLY D 68 -20.21 -8.91 -10.64
N GLY D 69 -19.08 -8.37 -11.10
CA GLY D 69 -18.76 -8.44 -12.51
C GLY D 69 -18.29 -7.17 -13.17
N ARG D 70 -17.95 -6.13 -12.39
CA ARG D 70 -17.54 -4.86 -12.95
C ARG D 70 -16.02 -4.81 -13.11
N ILE D 71 -15.57 -4.38 -14.29
CA ILE D 71 -14.15 -4.28 -14.63
C ILE D 71 -13.79 -2.79 -14.69
N ARG D 72 -12.78 -2.40 -13.92
CA ARG D 72 -12.28 -1.03 -13.92
C ARG D 72 -10.77 -1.06 -13.77
N ARG D 73 -10.07 -0.57 -14.79
CA ARG D 73 -8.62 -0.55 -14.79
C ARG D 73 -8.09 0.49 -13.79
N PRO D 74 -7.05 0.17 -13.02
CA PRO D 74 -6.43 1.17 -12.17
C PRO D 74 -5.70 2.23 -12.99
N VAL D 75 -5.51 3.40 -12.37
CA VAL D 75 -4.97 4.56 -13.07
C VAL D 75 -3.48 4.37 -13.38
N ASN D 76 -2.73 3.78 -12.46
CA ASN D 76 -1.28 3.67 -12.58
C ASN D 76 -0.83 2.42 -13.32
N VAL D 77 -1.74 1.70 -13.98
CA VAL D 77 -1.43 0.47 -14.69
C VAL D 77 -1.69 0.70 -16.16
N PRO D 78 -0.76 0.36 -17.07
CA PRO D 78 -1.01 0.53 -18.52
C PRO D 78 -2.02 -0.46 -19.10
N ILE D 79 -2.31 -0.30 -20.39
CA ILE D 79 -3.39 -1.06 -21.04
C ILE D 79 -2.96 -2.51 -21.26
N ASP D 80 -1.75 -2.72 -21.78
CA ASP D 80 -1.33 -4.06 -22.21
C ASP D 80 -1.01 -4.96 -21.03
N ILE D 81 -0.50 -4.40 -19.92
CA ILE D 81 -0.24 -5.18 -18.71
C ILE D 81 -1.54 -5.68 -18.10
N PHE D 82 -2.55 -4.81 -18.04
CA PHE D 82 -3.86 -5.20 -17.51
C PHE D 82 -4.57 -6.18 -18.44
N SER D 83 -4.36 -6.05 -19.76
CA SER D 83 -4.91 -7.01 -20.72
C SER D 83 -4.26 -8.38 -20.55
N GLU D 84 -2.95 -8.43 -20.30
CA GLU D 84 -2.26 -9.69 -20.03
C GLU D 84 -2.71 -10.31 -18.71
N GLU D 85 -3.02 -9.48 -17.70
CA GLU D 85 -3.53 -10.03 -16.44
C GLU D 85 -4.93 -10.59 -16.60
N ILE D 86 -5.80 -9.93 -17.37
CA ILE D 86 -7.13 -10.44 -17.67
C ILE D 86 -7.05 -11.74 -18.46
N ARG D 87 -6.09 -11.83 -19.38
CA ARG D 87 -5.88 -13.06 -20.14
C ARG D 87 -5.33 -14.18 -19.27
N PHE D 88 -4.48 -13.87 -18.27
CA PHE D 88 -3.96 -14.92 -17.39
C PHE D 88 -5.03 -15.44 -16.45
N TYR D 89 -5.83 -14.56 -15.85
CA TYR D 89 -6.76 -15.02 -14.84
C TYR D 89 -8.06 -15.60 -15.42
N GLN D 90 -8.20 -15.59 -16.76
CA GLN D 90 -9.22 -16.34 -17.51
C GLN D 90 -10.64 -15.88 -17.16
N LEU D 91 -10.85 -14.57 -17.20
CA LEU D 91 -12.13 -14.01 -16.81
C LEU D 91 -13.21 -14.20 -17.86
N GLY D 92 -12.84 -14.47 -19.10
CA GLY D 92 -13.78 -14.80 -20.15
C GLY D 92 -13.78 -13.78 -21.27
N GLU D 93 -14.59 -14.06 -22.29
CA GLU D 93 -14.70 -13.19 -23.44
C GLU D 93 -15.55 -11.96 -23.14
N GLU D 94 -16.60 -12.11 -22.33
CA GLU D 94 -17.49 -10.99 -22.03
C GLU D 94 -16.84 -9.99 -21.09
N ALA D 95 -15.88 -10.43 -20.27
CA ALA D 95 -15.12 -9.49 -19.45
C ALA D 95 -14.16 -8.67 -20.29
N MET D 96 -13.56 -9.30 -21.31
CA MET D 96 -12.74 -8.56 -22.27
C MET D 96 -13.57 -7.58 -23.09
N GLU D 97 -14.79 -7.97 -23.46
CA GLU D 97 -15.68 -7.07 -24.20
C GLU D 97 -16.12 -5.89 -23.35
N LYS D 98 -16.41 -6.14 -22.06
CA LYS D 98 -16.74 -5.06 -21.14
C LYS D 98 -15.55 -4.15 -20.87
N PHE D 99 -14.34 -4.71 -20.83
CA PHE D 99 -13.14 -3.89 -20.67
C PHE D 99 -12.86 -3.04 -21.90
N ARG D 100 -13.14 -3.58 -23.09
CA ARG D 100 -12.99 -2.79 -24.32
C ARG D 100 -14.04 -1.70 -24.41
N GLU D 101 -15.27 -1.99 -23.97
CA GLU D 101 -16.32 -0.98 -23.98
C GLU D 101 -16.09 0.11 -22.94
N ASP D 102 -15.50 -0.24 -21.79
CA ASP D 102 -15.26 0.73 -20.74
C ASP D 102 -14.02 1.58 -20.98
N GLU D 103 -13.19 1.24 -21.98
CA GLU D 103 -11.94 1.93 -22.22
C GLU D 103 -11.90 2.63 -23.58
N GLY D 104 -13.05 3.03 -24.10
CA GLY D 104 -13.03 3.85 -25.29
C GLY D 104 -13.15 3.10 -26.61
N PHE D 105 -11.99 2.78 -27.20
CA PHE D 105 -11.87 2.37 -28.60
C PHE D 105 -12.56 1.05 -28.93
N LEU D 106 -12.84 0.20 -27.94
CA LEU D 106 -13.52 -1.05 -28.20
C LEU D 106 -15.02 -0.84 -28.36
N ARG E 1 10.97 -0.01 56.31
CA ARG E 1 11.46 0.91 55.29
C ARG E 1 12.27 0.18 54.23
N GLN E 2 13.23 -0.64 54.65
CA GLN E 2 13.96 -1.52 53.75
C GLN E 2 13.74 -2.99 54.07
N LEU E 3 14.06 -3.41 55.29
CA LEU E 3 13.81 -4.78 55.74
C LEU E 3 12.47 -4.83 56.44
N GLN E 4 11.70 -5.90 56.15
CA GLN E 4 10.27 -6.03 56.46
C GLN E 4 9.44 -4.90 55.85
N PHE E 5 9.90 -4.34 54.74
CA PHE E 5 9.11 -3.51 53.85
C PHE E 5 9.41 -4.02 52.45
N TYR E 6 8.41 -4.61 51.82
CA TYR E 6 8.62 -5.41 50.64
C TYR E 6 8.25 -4.64 49.39
N ARG E 7 8.96 -4.93 48.31
CA ARG E 7 8.70 -4.26 47.05
C ARG E 7 9.01 -5.22 45.90
N ASN E 8 8.46 -4.91 44.74
CA ASN E 8 8.62 -5.76 43.57
C ASN E 8 10.03 -5.65 43.01
N LEU E 9 10.57 -6.78 42.57
CA LEU E 9 11.88 -6.81 41.93
C LEU E 9 11.69 -6.42 40.47
N GLY E 10 11.92 -5.15 40.15
CA GLY E 10 11.61 -4.66 38.82
C GLY E 10 10.12 -4.45 38.69
N LYS E 11 9.57 -4.87 37.56
CA LYS E 11 8.12 -4.84 37.35
C LYS E 11 7.49 -6.23 37.41
N SER E 12 8.22 -7.23 37.89
CA SER E 12 7.69 -8.58 37.98
C SER E 12 6.83 -8.73 39.23
N GLY E 13 6.30 -9.93 39.42
CA GLY E 13 5.48 -10.23 40.58
C GLY E 13 6.21 -10.74 41.80
N LEU E 14 7.52 -10.85 41.74
CA LEU E 14 8.31 -11.32 42.87
C LEU E 14 8.57 -10.18 43.83
N ARG E 15 8.24 -10.37 45.11
CA ARG E 15 8.37 -9.33 46.12
C ARG E 15 9.48 -9.70 47.10
N VAL E 16 10.42 -8.77 47.29
CA VAL E 16 11.58 -8.99 48.13
C VAL E 16 11.69 -7.86 49.14
N SER E 17 12.38 -8.15 50.24
CA SER E 17 12.82 -7.10 51.14
C SER E 17 14.02 -6.38 50.55
N CYS E 18 14.24 -5.14 51.00
CA CYS E 18 15.28 -4.30 50.41
C CYS E 18 16.64 -4.47 51.08
N LEU E 19 16.76 -5.39 52.03
CA LEU E 19 18.05 -5.83 52.54
C LEU E 19 18.19 -7.32 52.29
N GLY E 20 19.34 -7.73 51.74
CA GLY E 20 19.65 -9.12 51.54
C GLY E 20 20.99 -9.45 52.18
N LEU E 21 21.27 -10.74 52.28
CA LEU E 21 22.51 -11.23 52.88
C LEU E 21 23.31 -11.99 51.83
N GLY E 22 24.58 -11.65 51.71
CA GLY E 22 25.44 -12.23 50.70
C GLY E 22 26.29 -13.37 51.22
N THR E 23 26.79 -14.18 50.28
CA THR E 23 27.52 -15.40 50.59
C THR E 23 28.95 -15.35 50.04
N TRP E 24 29.55 -14.16 49.99
CA TRP E 24 30.96 -13.98 49.63
C TRP E 24 31.82 -14.30 50.86
N VAL E 25 33.03 -13.72 50.90
CA VAL E 25 34.29 -14.16 51.54
C VAL E 25 34.14 -14.91 52.87
N THR E 26 33.20 -14.48 53.70
CA THR E 26 32.97 -15.05 55.02
C THR E 26 32.53 -16.51 54.96
N PHE E 27 31.52 -16.83 54.15
CA PHE E 27 30.90 -18.16 54.15
C PHE E 27 31.81 -19.20 53.54
N GLY E 28 32.17 -20.22 54.31
CA GLY E 28 33.10 -21.26 53.89
C GLY E 28 34.56 -20.89 54.00
N GLY E 29 34.88 -19.63 54.21
CA GLY E 29 36.22 -19.10 54.30
C GLY E 29 36.54 -18.56 55.68
N GLN E 30 36.32 -17.25 55.83
CA GLN E 30 36.75 -16.49 57.01
C GLN E 30 36.05 -16.93 58.29
N ILE E 31 34.75 -17.20 58.22
CA ILE E 31 33.98 -17.53 59.42
C ILE E 31 33.68 -19.03 59.43
N THR E 32 33.17 -19.49 60.57
CA THR E 32 32.84 -20.90 60.76
C THR E 32 31.37 -21.15 60.41
N ASP E 33 30.93 -22.40 60.58
CA ASP E 33 29.56 -22.77 60.24
C ASP E 33 28.55 -22.33 61.30
N GLU E 34 28.96 -22.32 62.57
CA GLU E 34 28.06 -21.91 63.65
C GLU E 34 27.77 -20.41 63.58
N MET E 35 28.79 -19.61 63.24
CA MET E 35 28.60 -18.18 63.03
C MET E 35 27.70 -17.91 61.83
N ALA E 36 27.83 -18.72 60.78
CA ALA E 36 26.99 -18.59 59.60
C ALA E 36 25.53 -18.93 59.91
N GLU E 37 25.31 -19.96 60.73
CA GLU E 37 23.95 -20.32 61.17
C GLU E 37 23.35 -19.24 62.06
N GLN E 38 24.18 -18.64 62.92
CA GLN E 38 23.71 -17.53 63.76
C GLN E 38 23.35 -16.30 62.93
N LEU E 39 24.15 -15.99 61.91
CA LEU E 39 23.86 -14.86 61.02
C LEU E 39 22.60 -15.10 60.21
N MET E 40 22.39 -16.33 59.73
CA MET E 40 21.19 -16.63 58.96
C MET E 40 19.93 -16.61 59.84
N THR E 41 20.03 -17.08 61.09
CA THR E 41 18.90 -17.02 62.01
C THR E 41 18.56 -15.58 62.38
N LEU E 42 19.58 -14.74 62.62
CA LEU E 42 19.36 -13.33 62.92
C LEU E 42 18.80 -12.57 61.72
N ALA E 43 19.18 -12.95 60.50
CA ALA E 43 18.60 -12.31 59.32
C ALA E 43 17.16 -12.76 59.09
N TYR E 44 16.88 -14.05 59.31
CA TYR E 44 15.53 -14.56 59.05
C TYR E 44 14.53 -14.09 60.09
N ASP E 45 14.95 -13.89 61.34
CA ASP E 45 14.01 -13.45 62.37
C ASP E 45 13.63 -11.98 62.27
N ASN E 46 14.33 -11.19 61.45
CA ASN E 46 14.02 -9.78 61.26
C ASN E 46 13.29 -9.50 59.96
N GLY E 47 12.92 -10.53 59.20
CA GLY E 47 12.12 -10.34 58.01
C GLY E 47 12.86 -10.32 56.69
N ILE E 48 14.13 -10.69 56.68
CA ILE E 48 14.91 -10.75 55.44
C ILE E 48 14.69 -12.12 54.78
N ASN E 49 14.28 -12.11 53.51
CA ASN E 49 13.99 -13.34 52.79
C ASN E 49 14.85 -13.53 51.55
N LEU E 50 15.87 -12.70 51.35
CA LEU E 50 16.69 -12.74 50.13
C LEU E 50 18.10 -13.16 50.49
N PHE E 51 18.58 -14.23 49.85
CA PHE E 51 19.91 -14.76 50.08
C PHE E 51 20.56 -15.08 48.73
N ASP E 52 21.80 -14.61 48.53
CA ASP E 52 22.44 -14.63 47.23
C ASP E 52 23.80 -15.31 47.32
N THR E 53 24.03 -16.31 46.47
CA THR E 53 25.29 -17.04 46.43
C THR E 53 25.75 -17.22 44.99
N ALA E 54 26.85 -17.95 44.81
CA ALA E 54 27.39 -18.24 43.49
C ALA E 54 28.19 -19.54 43.55
N GLU E 55 28.49 -20.09 42.36
CA GLU E 55 29.20 -21.35 42.27
C GLU E 55 30.71 -21.19 42.33
N VAL E 56 31.22 -19.96 42.25
CA VAL E 56 32.67 -19.73 42.30
C VAL E 56 33.15 -19.41 43.71
N TYR E 57 32.24 -19.18 44.65
CA TYR E 57 32.61 -18.77 46.01
C TYR E 57 33.10 -19.99 46.78
N ALA E 58 34.37 -19.93 47.22
CA ALA E 58 35.04 -20.96 48.05
C ALA E 58 34.99 -22.34 47.42
N ALA E 59 35.22 -22.37 46.09
CA ALA E 59 35.12 -23.56 45.23
C ALA E 59 33.75 -24.26 45.33
N GLY E 60 32.70 -23.47 45.53
CA GLY E 60 31.37 -23.99 45.70
C GLY E 60 30.98 -24.34 47.12
N LYS E 61 31.96 -24.39 48.04
CA LYS E 61 31.75 -24.91 49.40
C LYS E 61 30.76 -24.09 50.19
N ALA E 62 30.73 -22.77 49.95
CA ALA E 62 29.79 -21.87 50.61
C ALA E 62 28.34 -22.26 50.32
N GLU E 63 28.07 -22.66 49.06
CA GLU E 63 26.74 -23.15 48.67
C GLU E 63 26.34 -24.36 49.49
N VAL E 64 27.32 -25.24 49.76
CA VAL E 64 27.11 -26.44 50.56
C VAL E 64 26.66 -26.08 51.97
N VAL E 65 27.32 -25.08 52.58
CA VAL E 65 26.97 -24.76 53.95
C VAL E 65 25.64 -24.00 54.00
N LEU E 66 25.26 -23.36 52.89
CA LEU E 66 23.95 -22.71 52.82
C LEU E 66 22.86 -23.75 52.87
N GLY E 67 23.06 -24.87 52.16
CA GLY E 67 22.11 -25.98 52.21
C GLY E 67 22.06 -26.60 53.59
N ASN E 68 23.21 -26.64 54.28
CA ASN E 68 23.26 -27.24 55.60
C ASN E 68 22.58 -26.38 56.66
N ILE E 69 22.26 -25.13 56.36
CA ILE E 69 21.42 -24.39 57.29
C ILE E 69 19.94 -24.63 57.00
N ILE E 70 19.58 -24.67 55.70
CA ILE E 70 18.17 -24.65 55.30
C ILE E 70 17.50 -25.98 55.63
N LYS E 71 18.21 -27.09 55.45
CA LYS E 71 17.70 -28.38 55.86
C LYS E 71 17.71 -28.57 57.36
N LYS E 72 18.50 -27.78 58.10
CA LYS E 72 18.62 -28.02 59.54
C LYS E 72 17.48 -27.37 60.31
N LYS E 73 17.20 -26.09 60.04
CA LYS E 73 16.22 -25.36 60.81
C LYS E 73 14.79 -25.62 60.38
N GLY E 74 14.58 -26.24 59.22
CA GLY E 74 13.25 -26.63 58.80
C GLY E 74 12.36 -25.50 58.34
N TRP E 75 12.92 -24.48 57.70
CA TRP E 75 12.12 -23.39 57.17
C TRP E 75 11.35 -23.84 55.92
N ARG E 76 10.23 -23.19 55.68
CA ARG E 76 9.44 -23.47 54.49
C ARG E 76 10.13 -22.92 53.25
N ARG E 77 10.02 -23.66 52.15
CA ARG E 77 10.65 -23.25 50.90
C ARG E 77 9.95 -22.05 50.29
N SER E 78 8.64 -21.92 50.50
CA SER E 78 7.84 -20.87 49.89
C SER E 78 8.06 -19.49 50.52
N SER E 79 8.79 -19.40 51.62
CA SER E 79 9.04 -18.12 52.29
C SER E 79 10.46 -17.60 52.06
N LEU E 80 11.21 -18.20 51.14
CA LEU E 80 12.59 -17.84 50.90
C LEU E 80 12.81 -17.52 49.42
N VAL E 81 13.76 -16.62 49.15
CA VAL E 81 14.19 -16.30 47.80
C VAL E 81 15.69 -16.58 47.72
N ILE E 82 16.06 -17.56 46.90
CA ILE E 82 17.45 -18.01 46.75
C ILE E 82 17.90 -17.73 45.32
N THR E 83 19.05 -17.04 45.19
CA THR E 83 19.61 -16.74 43.88
C THR E 83 21.02 -17.32 43.74
N THR E 84 21.39 -17.68 42.52
CA THR E 84 22.72 -18.20 42.20
C THR E 84 23.27 -17.52 40.95
N LYS E 85 24.59 -17.54 40.82
CA LYS E 85 25.29 -16.94 39.69
C LYS E 85 26.21 -17.99 39.04
N ILE E 86 26.23 -18.02 37.71
CA ILE E 86 26.93 -19.06 36.94
C ILE E 86 27.78 -18.39 35.87
N PHE E 87 29.11 -18.39 36.04
CA PHE E 87 30.00 -18.25 34.88
C PHE E 87 31.17 -19.23 34.90
N TRP E 88 31.75 -19.47 36.08
CA TRP E 88 33.00 -20.21 36.21
C TRP E 88 32.72 -21.54 36.89
N GLY E 89 33.07 -22.64 36.24
CA GLY E 89 32.75 -23.95 36.76
C GLY E 89 33.90 -24.91 36.92
N GLY E 90 35.07 -24.58 36.39
CA GLY E 90 36.20 -25.47 36.48
C GLY E 90 37.34 -25.00 35.59
N LYS E 91 38.37 -25.85 35.51
CA LYS E 91 39.58 -25.52 34.78
C LYS E 91 39.55 -25.97 33.32
N ALA E 92 38.61 -26.81 32.92
CA ALA E 92 38.51 -27.25 31.54
C ALA E 92 37.93 -26.15 30.66
N GLU E 93 38.07 -26.33 29.34
CA GLU E 93 37.65 -25.32 28.39
C GLU E 93 36.13 -25.22 28.28
N THR E 94 35.44 -26.36 28.39
CA THR E 94 34.00 -26.40 28.25
C THR E 94 33.26 -26.14 29.56
N GLU E 95 33.97 -25.81 30.63
CA GLU E 95 33.37 -25.57 31.93
C GLU E 95 33.28 -24.10 32.29
N ARG E 96 33.24 -23.22 31.28
CA ARG E 96 33.04 -21.80 31.53
C ARG E 96 32.34 -21.18 30.32
N GLY E 97 31.72 -20.03 30.56
CA GLY E 97 31.01 -19.30 29.53
C GLY E 97 29.50 -19.40 29.71
N LEU E 98 28.79 -18.89 28.71
CA LEU E 98 27.34 -18.85 28.71
C LEU E 98 26.75 -19.66 27.56
N SER E 99 27.37 -20.80 27.25
CA SER E 99 26.80 -21.72 26.30
C SER E 99 25.69 -22.54 26.94
N ARG E 100 24.95 -23.30 26.11
CA ARG E 100 23.82 -24.09 26.58
C ARG E 100 24.27 -25.23 27.49
N LYS E 101 25.38 -25.88 27.11
CA LYS E 101 25.90 -27.03 27.84
C LYS E 101 26.36 -26.66 29.25
N HIS E 102 27.10 -25.55 29.36
CA HIS E 102 27.60 -25.15 30.68
C HIS E 102 26.49 -24.58 31.55
N ILE E 103 25.49 -23.91 30.97
CA ILE E 103 24.37 -23.38 31.75
C ILE E 103 23.56 -24.53 32.35
N ILE E 104 23.27 -25.57 31.56
CA ILE E 104 22.50 -26.71 32.05
C ILE E 104 23.30 -27.51 33.09
N GLU E 105 24.58 -27.78 32.80
CA GLU E 105 25.39 -28.58 33.72
C GLU E 105 25.73 -27.82 35.01
N GLY E 106 26.02 -26.52 34.91
CA GLY E 106 26.29 -25.73 36.10
C GLY E 106 25.09 -25.52 36.99
N LEU E 107 23.91 -25.35 36.39
CA LEU E 107 22.69 -25.23 37.20
C LEU E 107 22.33 -26.55 37.87
N LYS E 108 22.56 -27.68 37.18
CA LYS E 108 22.33 -28.99 37.80
C LYS E 108 23.30 -29.26 38.95
N ALA E 109 24.58 -28.89 38.78
CA ALA E 109 25.56 -29.09 39.85
C ALA E 109 25.31 -28.17 41.03
N SER E 110 24.88 -26.93 40.77
CA SER E 110 24.55 -26.01 41.86
C SER E 110 23.30 -26.43 42.62
N LEU E 111 22.31 -26.98 41.91
CA LEU E 111 21.13 -27.51 42.59
C LEU E 111 21.44 -28.78 43.36
N GLU E 112 22.43 -29.56 42.91
CA GLU E 112 22.85 -30.74 43.66
C GLU E 112 23.60 -30.35 44.94
N ARG E 113 24.42 -29.29 44.88
CA ARG E 113 25.15 -28.87 46.07
C ARG E 113 24.24 -28.16 47.08
N LEU E 114 23.18 -27.50 46.63
CA LEU E 114 22.30 -26.75 47.51
C LEU E 114 21.23 -27.61 48.16
N GLN E 115 21.09 -28.87 47.74
CA GLN E 115 20.03 -29.81 48.16
C GLN E 115 18.63 -29.23 47.94
N LEU E 116 18.43 -28.60 46.79
CA LEU E 116 17.17 -27.97 46.43
C LEU E 116 16.66 -28.51 45.10
N GLU E 117 15.39 -28.24 44.82
CA GLU E 117 14.80 -28.59 43.53
C GLU E 117 14.89 -27.47 42.52
N TYR E 118 14.86 -26.22 42.98
CA TYR E 118 14.88 -25.06 42.09
C TYR E 118 15.44 -23.88 42.85
N VAL E 119 15.92 -22.89 42.10
CA VAL E 119 16.21 -21.57 42.64
C VAL E 119 15.17 -20.60 42.11
N ASP E 120 15.17 -19.39 42.66
CA ASP E 120 14.21 -18.40 42.21
C ASP E 120 14.73 -17.59 41.03
N VAL E 121 15.92 -16.99 41.15
CA VAL E 121 16.57 -16.27 40.07
C VAL E 121 17.92 -16.90 39.80
N VAL E 122 18.27 -17.07 38.53
CA VAL E 122 19.61 -17.50 38.14
C VAL E 122 20.24 -16.38 37.32
N PHE E 123 21.44 -15.96 37.72
CA PHE E 123 22.11 -14.83 37.09
C PHE E 123 23.27 -15.31 36.21
N ALA E 124 23.51 -14.56 35.14
CA ALA E 124 24.75 -14.68 34.37
C ALA E 124 25.74 -13.69 34.96
N ASN E 125 26.90 -14.19 35.39
CA ASN E 125 27.80 -13.39 36.24
C ASN E 125 28.52 -12.31 35.45
N ARG E 126 28.79 -12.53 34.18
CA ARG E 126 29.46 -11.56 33.31
C ARG E 126 29.10 -11.90 31.87
N PRO E 127 29.20 -10.94 30.94
CA PRO E 127 28.89 -11.25 29.54
C PRO E 127 29.94 -12.13 28.87
N ASP E 128 29.49 -12.86 27.86
CA ASP E 128 30.31 -13.82 27.14
C ASP E 128 30.45 -13.39 25.68
N PRO E 129 31.65 -13.07 25.20
CA PRO E 129 31.79 -12.62 23.81
C PRO E 129 31.79 -13.74 22.78
N ASN E 130 32.02 -14.99 23.17
CA ASN E 130 32.12 -16.10 22.23
C ASN E 130 30.80 -16.79 21.95
N THR E 131 29.72 -16.39 22.62
CA THR E 131 28.43 -17.03 22.45
C THR E 131 27.43 -16.07 21.83
N PRO E 132 26.63 -16.50 20.87
CA PRO E 132 25.51 -15.66 20.40
C PRO E 132 24.46 -15.48 21.48
N MET E 133 23.75 -14.35 21.39
CA MET E 133 22.73 -13.99 22.39
C MET E 133 21.53 -14.93 22.32
N GLU E 134 21.20 -15.43 21.13
CA GLU E 134 20.04 -16.29 20.93
C GLU E 134 20.20 -17.62 21.67
N GLU E 135 21.42 -18.18 21.66
CA GLU E 135 21.70 -19.42 22.38
C GLU E 135 21.57 -19.26 23.89
N THR E 136 22.04 -18.13 24.42
CA THR E 136 21.95 -17.84 25.85
C THR E 136 20.49 -17.64 26.30
N VAL E 137 19.71 -16.89 25.51
CA VAL E 137 18.31 -16.64 25.85
C VAL E 137 17.49 -17.93 25.73
N ARG E 138 17.80 -18.77 24.73
CA ARG E 138 17.11 -20.05 24.59
C ARG E 138 17.48 -21.02 25.72
N ALA E 139 18.72 -21.00 26.18
CA ALA E 139 19.11 -21.85 27.31
C ALA E 139 18.46 -21.41 28.61
N MET E 140 18.35 -20.10 28.84
CA MET E 140 17.66 -19.60 30.02
C MET E 140 16.16 -19.90 29.99
N THR E 141 15.53 -19.78 28.82
CA THR E 141 14.13 -20.15 28.65
C THR E 141 13.92 -21.64 28.86
N HIS E 142 14.88 -22.46 28.40
CA HIS E 142 14.81 -23.91 28.60
C HIS E 142 14.91 -24.30 30.07
N VAL E 143 15.84 -23.69 30.82
CA VAL E 143 15.94 -24.07 32.23
C VAL E 143 14.81 -23.47 33.07
N ILE E 144 14.17 -22.40 32.62
CA ILE E 144 12.95 -21.94 33.29
C ILE E 144 11.78 -22.90 33.01
N ASN E 145 11.65 -23.36 31.76
CA ASN E 145 10.52 -24.22 31.41
C ASN E 145 10.63 -25.65 31.95
N GLN E 146 11.82 -26.08 32.39
CA GLN E 146 11.97 -27.39 33.00
C GLN E 146 11.74 -27.38 34.51
N GLY E 147 11.44 -26.22 35.09
CA GLY E 147 11.18 -26.14 36.51
C GLY E 147 12.40 -26.03 37.39
N MET E 148 13.58 -25.79 36.82
CA MET E 148 14.80 -25.63 37.59
C MET E 148 15.01 -24.20 38.07
N ALA E 149 14.24 -23.25 37.56
CA ALA E 149 14.33 -21.85 37.98
C ALA E 149 13.00 -21.18 37.67
N MET E 150 12.79 -20.02 38.27
CA MET E 150 11.60 -19.22 38.05
C MET E 150 11.84 -17.98 37.19
N TYR E 151 12.94 -17.28 37.40
CA TYR E 151 13.29 -16.08 36.66
C TYR E 151 14.78 -16.12 36.35
N TRP E 152 15.22 -15.18 35.52
CA TRP E 152 16.65 -15.01 35.27
C TRP E 152 16.98 -13.55 35.09
N GLY E 153 18.24 -13.21 35.35
CA GLY E 153 18.73 -11.85 35.25
C GLY E 153 20.18 -11.83 34.84
N THR E 154 20.74 -10.63 34.75
CA THR E 154 22.11 -10.40 34.30
C THR E 154 22.93 -9.77 35.41
N SER E 155 24.24 -9.71 35.19
CA SER E 155 25.17 -9.05 36.11
C SER E 155 26.37 -8.57 35.33
N ARG E 156 26.76 -7.31 35.56
CA ARG E 156 27.86 -6.60 34.89
C ARG E 156 27.67 -6.51 33.37
N TRP E 157 26.43 -6.41 32.90
CA TRP E 157 26.16 -6.20 31.49
C TRP E 157 25.97 -4.70 31.24
N SER E 158 26.26 -4.27 30.01
CA SER E 158 25.97 -2.90 29.61
C SER E 158 24.52 -2.80 29.17
N SER E 159 24.08 -1.58 28.86
CA SER E 159 22.68 -1.35 28.47
C SER E 159 22.37 -1.91 27.09
N MET E 160 23.34 -1.87 26.18
CA MET E 160 23.13 -2.40 24.84
C MET E 160 22.96 -3.91 24.84
N GLU E 161 23.66 -4.61 25.73
CA GLU E 161 23.54 -6.06 25.80
C GLU E 161 22.20 -6.49 26.41
N ILE E 162 21.71 -5.75 27.41
CA ILE E 162 20.41 -6.02 28.00
C ILE E 162 19.29 -5.73 26.99
N MET E 163 19.43 -4.64 26.24
CA MET E 163 18.45 -4.32 25.20
C MET E 163 18.48 -5.33 24.05
N GLU E 164 19.66 -5.87 23.73
CA GLU E 164 19.79 -6.91 22.72
C GLU E 164 19.15 -8.22 23.18
N ALA E 165 19.31 -8.56 24.46
CA ALA E 165 18.67 -9.76 25.02
C ALA E 165 17.14 -9.63 25.02
N TYR E 166 16.64 -8.43 25.35
CA TYR E 166 15.20 -8.16 25.28
C TYR E 166 14.67 -8.26 23.86
N SER E 167 15.42 -7.72 22.89
CA SER E 167 14.99 -7.75 21.49
C SER E 167 15.00 -9.17 20.92
N VAL E 168 16.00 -9.98 21.29
CA VAL E 168 16.05 -11.38 20.86
C VAL E 168 14.92 -12.18 21.50
N ALA E 169 14.61 -11.91 22.78
CA ALA E 169 13.51 -12.61 23.44
C ALA E 169 12.15 -12.23 22.85
N ARG E 170 11.97 -10.97 22.45
CA ARG E 170 10.71 -10.58 21.83
C ARG E 170 10.60 -11.08 20.39
N GLN E 171 11.75 -11.29 19.72
CA GLN E 171 11.72 -11.76 18.33
C GLN E 171 11.26 -13.21 18.23
N PHE E 172 11.78 -14.09 19.09
CA PHE E 172 11.53 -15.53 18.98
C PHE E 172 10.54 -16.05 20.00
N ASN E 173 9.79 -15.16 20.68
CA ASN E 173 8.77 -15.47 21.70
C ASN E 173 9.37 -16.26 22.87
N LEU E 174 10.35 -15.65 23.52
CA LEU E 174 11.10 -16.23 24.63
C LEU E 174 10.91 -15.36 25.87
N THR E 175 11.68 -15.68 26.93
CA THR E 175 11.52 -15.02 28.23
C THR E 175 12.55 -13.92 28.40
N PRO E 176 12.15 -12.66 28.61
CA PRO E 176 13.12 -11.59 28.86
C PRO E 176 13.63 -11.63 30.29
N PRO E 177 14.80 -11.05 30.57
CA PRO E 177 15.27 -10.97 31.96
C PRO E 177 14.57 -9.88 32.75
N ILE E 178 14.66 -9.98 34.07
CA ILE E 178 13.93 -9.07 34.95
C ILE E 178 14.82 -8.18 35.81
N CYS E 179 16.10 -8.49 35.98
CA CYS E 179 16.89 -7.76 36.97
C CYS E 179 18.35 -7.67 36.52
N GLU E 180 19.04 -6.67 37.07
CA GLU E 180 20.46 -6.45 36.83
C GLU E 180 21.16 -6.20 38.16
N GLN E 181 22.28 -6.88 38.39
CA GLN E 181 23.11 -6.67 39.57
C GLN E 181 24.26 -5.74 39.24
N ALA E 182 24.36 -4.61 39.94
CA ALA E 182 25.38 -3.61 39.70
C ALA E 182 26.01 -3.17 41.01
N GLU E 183 27.22 -2.65 40.93
CA GLU E 183 27.94 -2.13 42.08
C GLU E 183 27.55 -0.68 42.32
N TYR E 184 27.29 -0.33 43.58
CA TYR E 184 26.80 1.00 43.91
C TYR E 184 27.16 1.35 45.34
N HIS E 185 27.98 2.37 45.51
CA HIS E 185 28.25 2.98 46.81
C HIS E 185 28.54 4.46 46.58
N MET E 186 29.11 5.13 47.59
CA MET E 186 29.29 6.57 47.52
C MET E 186 30.42 6.99 46.59
N PHE E 187 31.30 6.07 46.20
CA PHE E 187 32.38 6.38 45.27
C PHE E 187 32.24 5.63 43.96
N GLN E 188 31.05 5.10 43.67
CA GLN E 188 30.77 4.40 42.41
C GLN E 188 29.30 4.66 42.09
N ARG E 189 29.05 5.70 41.28
CA ARG E 189 27.71 6.23 41.13
C ARG E 189 27.20 6.34 39.70
N GLU E 190 28.00 6.00 38.68
CA GLU E 190 27.67 6.37 37.30
C GLU E 190 26.57 5.49 36.72
N LYS E 191 26.74 4.16 36.80
CA LYS E 191 25.93 3.22 36.05
C LYS E 191 24.51 3.13 36.59
N VAL E 192 24.36 3.16 37.91
CA VAL E 192 23.04 3.08 38.54
C VAL E 192 22.25 4.37 38.29
N GLU E 193 22.93 5.51 38.30
CA GLU E 193 22.22 6.78 38.27
C GLU E 193 21.96 7.33 36.88
N VAL E 194 22.80 7.05 35.87
CA VAL E 194 22.59 7.66 34.56
C VAL E 194 22.18 6.68 33.46
N GLN E 195 22.32 5.37 33.67
CA GLN E 195 22.04 4.41 32.61
C GLN E 195 20.81 3.55 32.86
N LEU E 196 20.67 3.01 34.07
CA LEU E 196 19.57 2.13 34.47
C LEU E 196 18.14 2.70 34.60
N PRO E 197 17.90 3.99 34.93
CA PRO E 197 16.50 4.48 34.90
C PRO E 197 15.81 4.44 33.53
N GLU E 198 16.56 4.58 32.44
CA GLU E 198 15.97 4.44 31.10
C GLU E 198 15.50 3.01 30.86
N LEU E 199 16.29 2.02 31.29
CA LEU E 199 15.88 0.63 31.18
C LEU E 199 14.74 0.28 32.12
N PHE E 200 14.67 0.94 33.27
CA PHE E 200 13.55 0.69 34.18
C PHE E 200 12.26 1.29 33.64
N HIS E 201 12.33 2.49 33.05
CA HIS E 201 11.12 3.11 32.51
C HIS E 201 10.69 2.50 31.18
N LYS E 202 11.62 1.94 30.42
CA LYS E 202 11.30 1.42 29.09
C LYS E 202 10.82 -0.02 29.13
N ILE E 203 11.64 -0.94 29.63
CA ILE E 203 11.33 -2.37 29.59
C ILE E 203 11.14 -2.96 30.98
N GLY E 204 11.19 -2.15 32.03
CA GLY E 204 10.91 -2.62 33.37
C GLY E 204 11.92 -3.55 34.01
N VAL E 205 13.21 -3.27 33.84
CA VAL E 205 14.27 -4.06 34.43
C VAL E 205 14.76 -3.37 35.69
N GLY E 206 14.68 -4.07 36.83
CA GLY E 206 15.11 -3.50 38.10
C GLY E 206 16.57 -3.72 38.39
N ALA E 207 17.03 -3.12 39.50
CA ALA E 207 18.42 -3.15 39.90
C ALA E 207 18.54 -3.70 41.31
N MET E 208 19.57 -4.54 41.52
CA MET E 208 19.87 -5.12 42.82
C MET E 208 21.35 -4.87 43.09
N THR E 209 21.65 -3.84 43.88
CA THR E 209 23.01 -3.35 44.01
C THR E 209 23.80 -4.14 45.04
N TRP E 210 25.11 -4.20 44.83
CA TRP E 210 26.01 -4.90 45.75
C TRP E 210 27.17 -4.01 46.15
N SER E 211 27.87 -4.43 47.21
CA SER E 211 28.95 -3.77 47.94
C SER E 211 28.59 -2.35 48.37
N PRO E 212 27.71 -2.16 49.36
CA PRO E 212 27.34 -0.79 49.76
C PRO E 212 28.38 -0.10 50.63
N LEU E 213 29.29 -0.84 51.26
CA LEU E 213 30.29 -0.27 52.14
C LEU E 213 31.69 -0.31 51.55
N ALA E 214 31.81 -0.63 50.24
CA ALA E 214 33.06 -0.67 49.47
C ALA E 214 34.11 -1.60 50.10
N CYS E 215 33.65 -2.82 50.43
CA CYS E 215 34.42 -3.87 51.13
C CYS E 215 34.92 -3.41 52.50
N GLY E 216 34.19 -2.52 53.17
CA GLY E 216 34.54 -2.05 54.48
C GLY E 216 35.23 -0.71 54.55
N ILE E 217 35.42 -0.03 53.42
CA ILE E 217 36.12 1.26 53.43
C ILE E 217 35.25 2.35 54.04
N VAL E 218 33.97 2.41 53.65
CA VAL E 218 33.07 3.46 54.13
C VAL E 218 32.56 3.19 55.54
N SER E 219 32.90 2.05 56.15
CA SER E 219 32.62 1.84 57.56
C SER E 219 33.47 2.72 58.45
N GLY E 220 34.66 3.10 57.98
CA GLY E 220 35.53 3.97 58.74
C GLY E 220 36.51 3.28 59.67
N LYS E 221 36.74 1.98 59.49
CA LYS E 221 37.66 1.26 60.37
C LYS E 221 39.12 1.44 59.97
N TYR E 222 39.40 1.94 58.77
CA TYR E 222 40.76 2.10 58.28
C TYR E 222 41.26 3.54 58.42
N ASP E 223 40.81 4.25 59.45
CA ASP E 223 41.23 5.64 59.65
C ASP E 223 42.68 5.73 60.10
N SER E 224 43.17 4.73 60.84
CA SER E 224 44.57 4.70 61.27
C SER E 224 45.42 3.87 60.31
N GLY E 225 45.09 2.59 60.17
CA GLY E 225 45.85 1.68 59.34
C GLY E 225 45.08 0.43 58.99
N ILE E 226 45.74 -0.72 59.04
CA ILE E 226 45.09 -2.00 58.78
C ILE E 226 44.95 -2.75 60.10
N PRO E 227 43.75 -2.82 60.68
CA PRO E 227 43.57 -3.57 61.92
C PRO E 227 43.62 -5.07 61.67
N PRO E 228 43.94 -5.87 62.69
CA PRO E 228 43.94 -7.33 62.51
C PRO E 228 42.53 -7.88 62.37
N TYR E 229 42.45 -9.07 61.75
CA TYR E 229 41.23 -9.83 61.48
C TYR E 229 40.24 -9.04 60.62
N SER E 230 40.76 -8.29 59.66
CA SER E 230 39.97 -7.57 58.69
C SER E 230 40.14 -8.21 57.31
N ARG E 231 39.35 -7.72 56.35
CA ARG E 231 39.43 -8.26 54.99
C ARG E 231 40.72 -7.85 54.29
N ALA E 232 41.24 -6.66 54.59
CA ALA E 232 42.47 -6.20 53.96
C ALA E 232 43.70 -6.92 54.46
N SER E 233 43.65 -7.51 55.65
CA SER E 233 44.80 -8.22 56.22
C SER E 233 44.78 -9.72 55.91
N LEU E 234 43.78 -10.21 55.19
CA LEU E 234 43.71 -11.62 54.86
C LEU E 234 44.68 -11.95 53.71
N LYS E 235 44.95 -13.23 53.56
CA LYS E 235 45.81 -13.71 52.47
C LYS E 235 45.04 -13.71 51.16
N GLY E 236 45.61 -13.07 50.14
CA GLY E 236 44.98 -13.00 48.85
C GLY E 236 44.21 -11.73 48.58
N TYR E 237 44.33 -10.72 49.43
CA TYR E 237 43.65 -9.44 49.25
C TYR E 237 44.65 -8.29 49.32
N GLN E 238 45.74 -8.44 48.56
CA GLN E 238 46.76 -7.40 48.50
C GLN E 238 46.30 -6.20 47.70
N TRP E 239 45.37 -6.40 46.76
CA TRP E 239 44.85 -5.30 45.95
C TRP E 239 44.04 -4.32 46.78
N LEU E 240 43.25 -4.82 47.73
CA LEU E 240 42.48 -3.95 48.62
C LEU E 240 43.39 -3.19 49.58
N LYS E 241 44.45 -3.86 50.06
CA LYS E 241 45.41 -3.21 50.95
C LYS E 241 46.22 -2.14 50.23
N ASP E 242 46.54 -2.37 48.95
CA ASP E 242 47.20 -1.34 48.15
C ASP E 242 46.25 -0.20 47.81
N LYS E 243 44.95 -0.49 47.65
CA LYS E 243 43.97 0.56 47.37
C LYS E 243 43.75 1.45 48.59
N ILE E 244 43.77 0.86 49.79
CA ILE E 244 43.58 1.63 51.02
C ILE E 244 44.80 2.52 51.29
N LEU E 245 46.00 1.96 51.14
CA LEU E 245 47.24 2.64 51.53
C LEU E 245 47.83 3.49 50.41
N SER E 246 47.05 3.85 49.40
CA SER E 246 47.51 4.73 48.34
C SER E 246 47.18 6.18 48.71
N GLU E 247 47.32 7.09 47.76
CA GLU E 247 47.13 8.52 48.02
C GLU E 247 45.68 8.97 47.93
N GLU E 248 44.84 8.26 47.17
CA GLU E 248 43.42 8.60 47.11
C GLU E 248 42.68 8.19 48.39
N GLY E 249 43.22 7.20 49.11
CA GLY E 249 42.60 6.73 50.34
C GLY E 249 42.57 7.75 51.45
N ARG E 250 43.57 8.63 51.50
CA ARG E 250 43.59 9.68 52.53
C ARG E 250 42.49 10.72 52.30
N ARG E 251 42.25 11.08 51.02
CA ARG E 251 41.15 11.98 50.69
C ARG E 251 39.81 11.32 50.96
N GLN E 252 39.71 10.01 50.70
CA GLN E 252 38.49 9.27 51.03
C GLN E 252 38.26 9.21 52.54
N GLN E 253 39.34 9.09 53.33
CA GLN E 253 39.20 9.08 54.78
C GLN E 253 38.80 10.46 55.33
N ALA E 254 39.30 11.54 54.71
CA ALA E 254 38.89 12.88 55.14
C ALA E 254 37.42 13.16 54.84
N LYS E 255 36.97 12.76 53.64
CA LYS E 255 35.55 12.85 53.31
C LYS E 255 34.69 11.94 54.19
N LEU E 256 35.24 10.79 54.60
CA LEU E 256 34.54 9.91 55.54
C LEU E 256 34.45 10.51 56.93
N LYS E 257 35.45 11.29 57.35
CA LYS E 257 35.35 12.02 58.62
C LYS E 257 34.25 13.08 58.58
N GLU E 258 34.13 13.80 57.46
CA GLU E 258 33.05 14.79 57.32
C GLU E 258 31.67 14.13 57.28
N LEU E 259 31.55 12.99 56.57
CA LEU E 259 30.29 12.26 56.54
C LEU E 259 29.96 11.62 57.89
N GLN E 260 30.98 11.23 58.66
CA GLN E 260 30.78 10.73 60.02
C GLN E 260 30.29 11.84 60.95
N ALA E 261 30.77 13.07 60.74
CA ALA E 261 30.23 14.21 61.49
C ALA E 261 28.76 14.46 61.17
N ILE E 262 28.38 14.34 59.90
CA ILE E 262 26.96 14.48 59.51
C ILE E 262 26.11 13.36 60.11
N ALA E 263 26.60 12.11 60.05
CA ALA E 263 25.87 10.98 60.60
C ALA E 263 25.76 11.03 62.12
N GLU E 264 26.77 11.56 62.80
CA GLU E 264 26.68 11.75 64.24
C GLU E 264 25.76 12.90 64.60
N ARG E 265 25.63 13.89 63.71
CA ARG E 265 24.61 14.93 63.91
C ARG E 265 23.20 14.36 63.76
N LEU E 266 23.01 13.43 62.83
CA LEU E 266 21.68 12.85 62.64
C LEU E 266 21.28 11.85 63.73
N GLY E 267 22.21 11.42 64.57
CA GLY E 267 21.88 10.46 65.61
C GLY E 267 22.06 9.01 65.23
N CYS E 268 22.94 8.72 64.28
CA CYS E 268 23.14 7.36 63.77
C CYS E 268 24.64 7.12 63.62
N THR E 269 24.98 6.04 62.93
CA THR E 269 26.36 5.71 62.61
C THR E 269 26.59 5.83 61.12
N LEU E 270 27.86 5.91 60.74
CA LEU E 270 28.24 6.03 59.34
C LEU E 270 27.86 4.84 58.43
N PRO E 271 28.02 3.55 58.82
CA PRO E 271 27.48 2.48 57.94
C PRO E 271 25.97 2.49 57.75
N GLN E 272 25.20 2.93 58.74
CA GLN E 272 23.75 3.03 58.57
C GLN E 272 23.37 4.12 57.58
N LEU E 273 24.06 5.26 57.62
CA LEU E 273 23.84 6.32 56.65
C LEU E 273 24.29 5.90 55.25
N ALA E 274 25.39 5.14 55.17
CA ALA E 274 25.88 4.68 53.87
C ALA E 274 24.95 3.64 53.25
N ILE E 275 24.36 2.77 54.07
CA ILE E 275 23.41 1.79 53.55
C ILE E 275 22.11 2.46 53.14
N ALA E 276 21.58 3.34 54.00
CA ALA E 276 20.31 4.00 53.69
C ALA E 276 20.41 5.06 52.61
N TRP E 277 21.63 5.51 52.26
CA TRP E 277 21.80 6.43 51.15
C TRP E 277 21.54 5.75 49.81
N CYS E 278 21.80 4.45 49.70
CA CYS E 278 21.62 3.74 48.45
C CYS E 278 20.17 3.46 48.11
N LEU E 279 19.26 3.52 49.08
CA LEU E 279 17.86 3.18 48.89
C LEU E 279 16.96 4.40 48.79
N ARG E 280 17.52 5.58 48.53
CA ARG E 280 16.73 6.80 48.52
C ARG E 280 15.93 6.99 47.23
N ASN E 281 16.21 6.22 46.18
CA ASN E 281 15.49 6.32 44.92
C ASN E 281 14.76 5.02 44.64
N GLU E 282 13.76 5.10 43.76
CA GLU E 282 12.88 3.98 43.47
C GLU E 282 13.42 3.02 42.42
N GLY E 283 14.53 3.36 41.78
CA GLY E 283 15.12 2.45 40.80
C GLY E 283 15.84 1.28 41.41
N VAL E 284 16.22 1.36 42.69
CA VAL E 284 16.93 0.30 43.39
C VAL E 284 15.90 -0.50 44.19
N SER E 285 15.87 -1.81 43.96
CA SER E 285 14.91 -2.67 44.64
C SER E 285 15.45 -3.25 45.94
N SER E 286 16.72 -3.65 45.96
CA SER E 286 17.29 -4.29 47.14
C SER E 286 18.78 -4.03 47.20
N VAL E 287 19.34 -4.16 48.40
CA VAL E 287 20.76 -3.96 48.66
C VAL E 287 21.28 -5.21 49.36
N LEU E 288 22.31 -5.82 48.79
CA LEU E 288 22.93 -7.01 49.37
C LEU E 288 24.02 -6.62 50.36
N LEU E 289 23.95 -7.19 51.56
CA LEU E 289 24.87 -6.86 52.64
C LEU E 289 25.91 -7.95 52.84
N GLY E 290 27.02 -7.56 53.44
CA GLY E 290 28.02 -8.52 53.90
C GLY E 290 28.37 -8.23 55.35
N ALA E 291 28.53 -9.30 56.12
CA ALA E 291 28.82 -9.15 57.54
C ALA E 291 29.72 -10.29 57.98
N SER E 292 30.53 -10.01 59.00
CA SER E 292 31.48 -10.98 59.53
C SER E 292 31.13 -11.50 60.91
N ASN E 293 30.30 -10.78 61.68
CA ASN E 293 29.83 -11.25 62.97
C ASN E 293 28.43 -10.66 63.19
N ALA E 294 27.84 -11.01 64.34
CA ALA E 294 26.45 -10.66 64.60
C ALA E 294 26.26 -9.20 64.95
N ASP E 295 27.28 -8.55 65.53
CA ASP E 295 27.18 -7.15 65.89
C ASP E 295 27.15 -6.26 64.66
N GLN E 296 27.92 -6.62 63.63
CA GLN E 296 27.91 -5.88 62.36
C GLN E 296 26.56 -6.01 61.66
N LEU E 297 25.96 -7.20 61.69
CA LEU E 297 24.65 -7.40 61.07
C LEU E 297 23.55 -6.66 61.82
N MET E 298 23.61 -6.67 63.16
CA MET E 298 22.63 -5.94 63.96
C MET E 298 22.79 -4.43 63.82
N GLU E 299 24.01 -3.95 63.56
CA GLU E 299 24.19 -2.54 63.26
C GLU E 299 23.68 -2.19 61.86
N ASN E 300 23.95 -3.07 60.88
CA ASN E 300 23.56 -2.78 59.50
C ASN E 300 22.06 -2.88 59.27
N ILE E 301 21.35 -3.67 60.10
CA ILE E 301 19.89 -3.75 59.99
C ILE E 301 19.24 -2.42 60.40
N GLY E 302 19.85 -1.69 61.33
CA GLY E 302 19.31 -0.44 61.83
C GLY E 302 19.31 0.78 60.92
N ALA E 303 19.51 0.63 59.61
CA ALA E 303 19.41 1.75 58.68
C ALA E 303 17.97 2.08 58.31
N ILE E 304 17.02 1.24 58.71
CA ILE E 304 15.60 1.44 58.46
C ILE E 304 15.11 2.68 59.20
N GLN E 305 15.61 2.90 60.42
CA GLN E 305 15.25 4.06 61.21
C GLN E 305 15.79 5.36 60.62
N VAL E 306 16.96 5.31 59.97
CA VAL E 306 17.58 6.52 59.44
C VAL E 306 17.21 6.78 57.99
N LEU E 307 16.54 5.84 57.32
CA LEU E 307 16.02 6.10 55.97
C LEU E 307 15.00 7.23 55.85
N PRO E 308 13.93 7.37 56.69
CA PRO E 308 13.00 8.49 56.45
C PRO E 308 13.49 9.86 56.90
N LYS E 309 14.66 9.96 57.53
CA LYS E 309 15.19 11.24 57.96
C LYS E 309 15.97 11.95 56.86
N LEU E 310 16.16 11.33 55.70
CA LEU E 310 16.96 11.90 54.63
C LEU E 310 16.10 12.88 53.83
N SER E 311 16.22 14.17 54.16
CA SER E 311 15.55 15.22 53.41
C SER E 311 16.43 15.66 52.24
N SER E 312 15.97 16.66 51.49
CA SER E 312 16.72 17.14 50.33
C SER E 312 17.94 17.95 50.74
N SER E 313 17.89 18.59 51.92
CA SER E 313 19.01 19.40 52.39
C SER E 313 20.20 18.54 52.77
N ILE E 314 19.95 17.40 53.43
CA ILE E 314 21.02 16.49 53.83
C ILE E 314 21.63 15.81 52.60
N ILE E 315 20.80 15.47 51.62
CA ILE E 315 21.27 14.89 50.36
C ILE E 315 22.13 15.90 49.59
N HIS E 316 21.71 17.17 49.58
CA HIS E 316 22.49 18.21 48.91
C HIS E 316 23.80 18.50 49.63
N GLU E 317 23.80 18.40 50.97
CA GLU E 317 25.02 18.57 51.74
C GLU E 317 26.01 17.42 51.52
N ILE E 318 25.49 16.19 51.44
CA ILE E 318 26.32 15.02 51.16
C ILE E 318 26.91 15.10 49.74
N ASP E 319 26.10 15.55 48.77
CA ASP E 319 26.59 15.73 47.41
C ASP E 319 27.59 16.90 47.30
N SER E 320 27.48 17.89 48.18
CA SER E 320 28.48 18.95 48.20
C SER E 320 29.80 18.47 48.80
N ILE E 321 29.72 17.60 49.81
CA ILE E 321 30.94 17.06 50.42
C ILE E 321 31.65 16.10 49.46
N LEU E 322 30.89 15.19 48.84
CA LEU E 322 31.49 14.15 48.01
C LEU E 322 32.04 14.72 46.70
N GLY E 323 31.26 15.54 46.02
CA GLY E 323 31.70 16.21 44.79
C GLY E 323 31.95 15.31 43.61
N ASN E 324 31.13 14.26 43.43
CA ASN E 324 31.31 13.35 42.31
C ASN E 324 29.97 13.01 41.66
N LYS E 325 29.04 13.96 41.65
CA LYS E 325 27.72 13.71 41.08
C LYS E 325 27.80 13.66 39.56
N PRO E 326 27.31 12.59 38.92
CA PRO E 326 27.44 12.49 37.47
C PRO E 326 26.45 13.38 36.74
N TYR E 327 26.90 13.93 35.61
CA TYR E 327 26.11 14.86 34.81
C TYR E 327 25.22 14.08 33.85
N SER E 328 23.95 14.46 33.79
CA SER E 328 22.99 13.80 32.90
C SER E 328 22.04 14.82 32.28
N GLN F 1 24.77 -24.48 -10.97
CA GLN F 1 24.18 -23.15 -10.83
C GLN F 1 22.86 -23.06 -11.58
N ASP F 2 21.93 -23.97 -11.24
CA ASP F 2 20.63 -23.97 -11.89
C ASP F 2 19.78 -22.78 -11.43
N CYS F 3 19.95 -22.37 -10.17
CA CYS F 3 19.33 -21.24 -9.47
C CYS F 3 17.81 -21.21 -9.66
N CYS F 4 17.16 -22.25 -9.14
CA CYS F 4 15.72 -22.38 -9.35
C CYS F 4 15.06 -22.98 -8.11
N GLY F 5 13.78 -22.67 -7.95
CA GLY F 5 12.92 -23.27 -6.93
C GLY F 5 12.75 -22.52 -5.63
N GLU F 6 13.83 -21.96 -5.10
CA GLU F 6 13.80 -21.33 -3.78
C GLU F 6 13.08 -19.98 -3.83
N ARG F 7 12.45 -19.62 -2.72
CA ARG F 7 11.75 -18.35 -2.59
C ARG F 7 12.61 -17.37 -1.80
N VAL F 8 12.65 -16.12 -2.28
CA VAL F 8 13.50 -15.06 -1.74
C VAL F 8 12.60 -13.94 -1.24
N VAL F 9 12.85 -13.49 -0.02
CA VAL F 9 12.13 -12.39 0.61
C VAL F 9 13.05 -11.18 0.68
N ILE F 10 12.60 -10.04 0.16
CA ILE F 10 13.34 -8.80 0.16
C ILE F 10 12.55 -7.76 0.94
N ASN F 11 13.21 -7.13 1.92
CA ASN F 11 12.57 -6.21 2.84
C ASN F 11 13.08 -4.79 2.56
N ILE F 12 12.21 -3.94 2.04
CA ILE F 12 12.54 -2.55 1.77
C ILE F 12 11.83 -1.66 2.80
N SER F 13 12.55 -1.32 3.87
CA SER F 13 12.12 -0.40 4.95
C SER F 13 10.83 -0.83 5.62
N GLY F 14 10.61 -2.14 5.75
CA GLY F 14 9.38 -2.66 6.31
C GLY F 14 8.37 -3.16 5.30
N LEU F 15 8.60 -2.94 4.00
CA LEU F 15 7.71 -3.44 2.96
C LEU F 15 8.31 -4.70 2.36
N ARG F 16 7.54 -5.78 2.37
CA ARG F 16 8.06 -7.11 2.05
C ARG F 16 7.66 -7.53 0.64
N PHE F 17 8.63 -8.05 -0.11
CA PHE F 17 8.43 -8.56 -1.46
C PHE F 17 8.93 -9.99 -1.51
N GLU F 18 8.22 -10.85 -2.23
CA GLU F 18 8.61 -12.25 -2.37
C GLU F 18 8.72 -12.60 -3.83
N THR F 19 9.75 -13.37 -4.19
CA THR F 19 9.94 -13.78 -5.57
C THR F 19 10.64 -15.13 -5.58
N GLN F 20 10.89 -15.65 -6.78
CA GLN F 20 11.66 -16.87 -6.96
C GLN F 20 13.08 -16.53 -7.39
N LEU F 21 13.98 -17.50 -7.20
CA LEU F 21 15.39 -17.27 -7.48
C LEU F 21 15.66 -17.27 -8.99
N LYS F 22 14.87 -18.00 -9.77
CA LYS F 22 15.06 -18.01 -11.22
C LYS F 22 14.56 -16.74 -11.88
N THR F 23 13.70 -15.97 -11.20
CA THR F 23 13.41 -14.62 -11.65
C THR F 23 14.62 -13.71 -11.48
N LEU F 24 15.32 -13.85 -10.36
CA LEU F 24 16.45 -12.98 -10.05
C LEU F 24 17.69 -13.31 -10.88
N CYS F 25 17.95 -14.59 -11.14
CA CYS F 25 19.18 -14.97 -11.84
C CYS F 25 19.02 -14.99 -13.36
N GLN F 26 18.06 -14.26 -13.91
CA GLN F 26 18.06 -13.99 -15.34
C GLN F 26 19.10 -12.93 -15.71
N PHE F 27 19.42 -12.03 -14.79
CA PHE F 27 20.37 -10.95 -15.00
C PHE F 27 21.49 -11.10 -13.98
N PRO F 28 22.54 -11.87 -14.29
CA PRO F 28 23.58 -12.15 -13.29
C PRO F 28 24.56 -11.02 -13.05
N GLU F 29 24.49 -9.91 -13.80
CA GLU F 29 25.44 -8.82 -13.66
C GLU F 29 24.92 -7.68 -12.80
N THR F 30 23.76 -7.85 -12.16
CA THR F 30 23.18 -6.82 -11.32
C THR F 30 23.48 -7.12 -9.85
N LEU F 31 22.93 -6.28 -8.97
CA LEU F 31 23.15 -6.46 -7.53
C LEU F 31 22.36 -7.65 -7.00
N LEU F 32 21.10 -7.78 -7.38
CA LEU F 32 20.26 -8.87 -6.89
C LEU F 32 20.50 -10.19 -7.61
N GLY F 33 21.04 -10.15 -8.82
CA GLY F 33 21.30 -11.36 -9.57
C GLY F 33 22.62 -12.03 -9.28
N ASP F 34 23.48 -11.41 -8.48
CA ASP F 34 24.79 -11.94 -8.16
C ASP F 34 24.85 -12.29 -6.68
N PRO F 35 25.14 -13.55 -6.32
CA PRO F 35 25.23 -13.90 -4.88
C PRO F 35 26.39 -13.26 -4.15
N LYS F 36 27.46 -12.85 -4.85
CA LYS F 36 28.59 -12.23 -4.18
C LYS F 36 28.30 -10.80 -3.74
N ARG F 37 27.41 -10.11 -4.44
CA ARG F 37 27.15 -8.71 -4.15
C ARG F 37 26.01 -8.50 -3.17
N ARG F 38 25.03 -9.40 -3.14
CA ARG F 38 23.89 -9.25 -2.25
C ARG F 38 24.09 -9.93 -0.90
N MET F 39 25.24 -10.55 -0.67
CA MET F 39 25.46 -11.32 0.55
C MET F 39 25.71 -10.42 1.77
N ARG F 40 26.05 -9.16 1.57
CA ARG F 40 26.28 -8.25 2.68
C ARG F 40 24.99 -7.63 3.22
N TYR F 41 23.85 -7.90 2.59
CA TYR F 41 22.57 -7.39 3.06
C TYR F 41 21.70 -8.48 3.68
N PHE F 42 22.23 -9.69 3.84
CA PHE F 42 21.45 -10.80 4.36
C PHE F 42 21.31 -10.70 5.88
N ASP F 43 20.11 -10.99 6.37
CA ASP F 43 19.82 -11.02 7.80
C ASP F 43 19.62 -12.47 8.23
N PRO F 44 20.51 -13.04 9.05
CA PRO F 44 20.38 -14.46 9.40
C PRO F 44 19.27 -14.77 10.39
N LEU F 45 18.86 -13.81 11.23
CA LEU F 45 17.82 -14.08 12.22
C LEU F 45 16.42 -14.10 11.61
N ARG F 46 16.23 -13.53 10.43
CA ARG F 46 14.91 -13.41 9.84
C ARG F 46 14.80 -14.03 8.45
N ASN F 47 15.92 -14.48 7.87
CA ASN F 47 16.00 -15.11 6.53
C ASN F 47 15.47 -14.19 5.43
N GLU F 48 16.07 -13.02 5.33
CA GLU F 48 15.64 -12.01 4.36
C GLU F 48 16.80 -11.07 4.07
N TYR F 49 16.65 -10.31 2.99
CA TYR F 49 17.58 -9.24 2.63
C TYR F 49 16.93 -7.91 2.98
N PHE F 50 17.66 -7.05 3.67
CA PHE F 50 17.14 -5.79 4.16
C PHE F 50 17.84 -4.62 3.50
N PHE F 51 17.05 -3.67 2.98
CA PHE F 51 17.56 -2.43 2.40
C PHE F 51 16.86 -1.26 3.06
N ASP F 52 17.63 -0.27 3.48
CA ASP F 52 17.09 0.91 4.16
C ASP F 52 16.88 2.06 3.16
N ARG F 53 15.97 1.83 2.20
CA ARG F 53 15.87 2.71 1.05
C ARG F 53 14.44 3.12 0.72
N ASN F 54 14.26 3.69 -0.47
CA ASN F 54 12.99 4.28 -0.87
C ASN F 54 11.97 3.18 -1.22
N ARG F 55 10.80 3.27 -0.61
CA ARG F 55 9.74 2.26 -0.75
C ARG F 55 8.94 2.26 -2.07
N PRO F 56 8.46 3.38 -2.64
CA PRO F 56 7.66 3.24 -3.89
C PRO F 56 8.48 2.95 -5.14
N SER F 57 9.81 3.03 -5.09
CA SER F 57 10.61 2.79 -6.28
C SER F 57 10.85 1.32 -6.57
N PHE F 58 10.64 0.42 -5.59
CA PHE F 58 11.06 -0.96 -5.77
C PHE F 58 10.08 -1.79 -6.59
N ASP F 59 8.84 -1.32 -6.76
CA ASP F 59 7.87 -2.05 -7.58
C ASP F 59 8.27 -2.08 -9.04
N ALA F 60 8.80 -0.96 -9.56
CA ALA F 60 9.32 -0.92 -10.92
C ALA F 60 10.58 -1.75 -11.08
N ILE F 61 11.42 -1.81 -10.04
CA ILE F 61 12.63 -2.63 -10.06
C ILE F 61 12.27 -4.11 -10.10
N LEU F 62 11.25 -4.52 -9.35
CA LEU F 62 10.79 -5.91 -9.39
C LEU F 62 10.10 -6.25 -10.71
N TYR F 63 9.35 -5.30 -11.27
CA TYR F 63 8.72 -5.54 -12.56
C TYR F 63 9.72 -5.55 -13.72
N TYR F 64 10.90 -4.94 -13.54
CA TYR F 64 11.98 -5.08 -14.52
C TYR F 64 12.45 -6.53 -14.61
N TYR F 65 12.56 -7.22 -13.48
CA TYR F 65 12.93 -8.63 -13.50
C TYR F 65 11.77 -9.50 -13.97
N GLN F 66 10.54 -9.16 -13.55
CA GLN F 66 9.41 -10.03 -13.85
C GLN F 66 8.94 -9.92 -15.30
N SER F 67 9.07 -8.75 -15.93
CA SER F 67 8.60 -8.55 -17.28
C SER F 67 9.63 -8.92 -18.35
N GLY F 68 10.88 -9.13 -17.96
CA GLY F 68 11.92 -9.46 -18.91
C GLY F 68 12.80 -8.32 -19.36
N GLY F 69 12.67 -7.14 -18.77
CA GLY F 69 13.58 -6.06 -19.12
C GLY F 69 12.96 -4.70 -19.38
N ARG F 70 11.69 -4.52 -19.06
CA ARG F 70 11.00 -3.26 -19.32
C ARG F 70 11.11 -2.32 -18.12
N ILE F 71 11.46 -1.07 -18.40
CA ILE F 71 11.64 -0.03 -17.38
C ILE F 71 10.50 0.96 -17.54
N ARG F 72 9.75 1.19 -16.45
CA ARG F 72 8.66 2.16 -16.43
C ARG F 72 8.65 2.86 -15.08
N ARG F 73 8.88 4.17 -15.08
CA ARG F 73 8.92 4.94 -13.85
C ARG F 73 7.52 5.09 -13.28
N PRO F 74 7.35 4.95 -11.96
CA PRO F 74 6.06 5.24 -11.34
C PRO F 74 5.72 6.72 -11.40
N VAL F 75 4.42 7.01 -11.31
CA VAL F 75 3.91 8.37 -11.50
C VAL F 75 4.30 9.27 -10.33
N ASN F 76 4.25 8.74 -9.11
CA ASN F 76 4.46 9.54 -7.91
C ASN F 76 5.92 9.62 -7.48
N VAL F 77 6.86 9.22 -8.34
CA VAL F 77 8.28 9.23 -8.03
C VAL F 77 8.96 10.19 -8.98
N PRO F 78 9.81 11.13 -8.49
CA PRO F 78 10.53 12.04 -9.40
C PRO F 78 11.61 11.38 -10.23
N ILE F 79 12.26 12.18 -11.10
CA ILE F 79 13.22 11.65 -12.06
C ILE F 79 14.53 11.28 -11.38
N ASP F 80 15.05 12.17 -10.53
CA ASP F 80 16.38 11.99 -9.97
C ASP F 80 16.42 10.89 -8.91
N ILE F 81 15.34 10.72 -8.15
CA ILE F 81 15.25 9.64 -7.17
C ILE F 81 15.25 8.28 -7.85
N PHE F 82 14.48 8.15 -8.94
CA PHE F 82 14.44 6.90 -9.69
C PHE F 82 15.76 6.63 -10.42
N SER F 83 16.43 7.70 -10.86
CA SER F 83 17.76 7.56 -11.46
C SER F 83 18.79 7.08 -10.44
N GLU F 84 18.72 7.59 -9.21
CA GLU F 84 19.59 7.12 -8.14
C GLU F 84 19.30 5.67 -7.75
N GLU F 85 18.02 5.26 -7.81
CA GLU F 85 17.70 3.86 -7.52
C GLU F 85 18.20 2.93 -8.61
N ILE F 86 18.10 3.34 -9.87
CA ILE F 86 18.64 2.56 -10.99
C ILE F 86 20.16 2.46 -10.89
N ARG F 87 20.81 3.55 -10.47
CA ARG F 87 22.25 3.53 -10.26
C ARG F 87 22.67 2.66 -9.07
N PHE F 88 21.85 2.60 -8.01
CA PHE F 88 22.18 1.75 -6.87
C PHE F 88 22.01 0.27 -7.20
N TYR F 89 20.92 -0.09 -7.87
CA TYR F 89 20.66 -1.51 -8.08
C TYR F 89 21.42 -2.11 -9.26
N GLN F 90 22.21 -1.28 -9.97
CA GLN F 90 23.22 -1.70 -10.95
C GLN F 90 22.60 -2.45 -12.14
N LEU F 91 21.55 -1.87 -12.71
CA LEU F 91 20.82 -2.52 -13.79
C LEU F 91 21.57 -2.49 -15.12
N GLY F 92 22.54 -1.59 -15.27
CA GLY F 92 23.39 -1.57 -16.44
C GLY F 92 23.23 -0.28 -17.24
N GLU F 93 24.04 -0.19 -18.30
CA GLU F 93 24.01 0.99 -19.17
C GLU F 93 22.81 0.97 -20.10
N GLU F 94 22.43 -0.22 -20.58
CA GLU F 94 21.32 -0.30 -21.53
C GLU F 94 19.98 -0.07 -20.86
N ALA F 95 19.87 -0.34 -19.55
CA ALA F 95 18.66 -0.02 -18.82
C ALA F 95 18.54 1.49 -18.62
N MET F 96 19.66 2.17 -18.39
CA MET F 96 19.67 3.64 -18.33
C MET F 96 19.33 4.25 -19.68
N GLU F 97 19.83 3.65 -20.77
CA GLU F 97 19.51 4.14 -22.11
C GLU F 97 18.04 3.94 -22.45
N LYS F 98 17.47 2.80 -22.05
CA LYS F 98 16.04 2.55 -22.24
C LYS F 98 15.18 3.47 -21.37
N PHE F 99 15.66 3.81 -20.17
CA PHE F 99 14.95 4.76 -19.32
C PHE F 99 15.00 6.17 -19.89
N ARG F 100 16.13 6.55 -20.50
CA ARG F 100 16.24 7.85 -21.14
C ARG F 100 15.37 7.92 -22.40
N GLU F 101 15.30 6.82 -23.16
CA GLU F 101 14.45 6.79 -24.36
C GLU F 101 12.97 6.78 -24.00
N ASP F 102 12.60 6.14 -22.89
CA ASP F 102 11.20 6.06 -22.50
C ASP F 102 10.70 7.33 -21.81
N GLU F 103 11.58 8.26 -21.46
CA GLU F 103 11.21 9.45 -20.71
C GLU F 103 11.46 10.73 -21.48
N GLY F 104 11.40 10.68 -22.81
CA GLY F 104 11.46 11.91 -23.56
C GLY F 104 12.83 12.35 -24.02
N PHE F 105 13.48 13.20 -23.22
CA PHE F 105 14.64 13.99 -23.62
C PHE F 105 15.88 13.15 -23.97
N LEU F 106 15.97 11.91 -23.51
CA LEU F 106 17.11 11.07 -23.84
C LEU F 106 16.98 10.49 -25.24
N GLN G 1 27.08 7.75 23.11
CA GLN G 1 25.92 8.04 22.29
C GLN G 1 26.24 7.88 20.81
N ASP G 2 26.74 6.71 20.43
CA ASP G 2 27.07 6.44 19.04
C ASP G 2 25.82 6.30 18.18
N CYS G 3 24.75 5.75 18.78
CA CYS G 3 23.40 5.54 18.22
C CYS G 3 23.42 4.87 16.85
N CYS G 4 23.93 3.64 16.83
CA CYS G 4 24.11 2.94 15.56
C CYS G 4 23.83 1.45 15.72
N GLY G 5 23.45 0.82 14.62
CA GLY G 5 23.30 -0.62 14.53
C GLY G 5 21.92 -1.20 14.75
N GLU G 6 21.18 -0.69 15.73
CA GLU G 6 19.90 -1.26 16.11
C GLU G 6 18.82 -0.91 15.08
N ARG G 7 17.85 -1.81 14.95
CA ARG G 7 16.71 -1.61 14.05
C ARG G 7 15.49 -1.16 14.84
N VAL G 8 14.77 -0.18 14.29
CA VAL G 8 13.64 0.46 14.95
C VAL G 8 12.40 0.23 14.08
N VAL G 9 11.32 -0.23 14.70
CA VAL G 9 10.04 -0.46 14.05
C VAL G 9 9.06 0.61 14.51
N ILE G 10 8.44 1.30 13.56
CA ILE G 10 7.47 2.36 13.83
C ILE G 10 6.14 1.94 13.21
N ASN G 11 5.08 1.96 14.01
CA ASN G 11 3.76 1.48 13.61
C ASN G 11 2.81 2.67 13.51
N ILE G 12 2.40 3.00 12.29
CA ILE G 12 1.45 4.07 12.04
C ILE G 12 0.11 3.47 11.64
N SER G 13 -0.79 3.32 12.63
CA SER G 13 -2.17 2.84 12.49
C SER G 13 -2.27 1.48 11.80
N GLY G 14 -1.31 0.60 12.06
CA GLY G 14 -1.27 -0.70 11.43
C GLY G 14 -0.29 -0.82 10.28
N LEU G 15 0.30 0.27 9.83
CA LEU G 15 1.29 0.25 8.75
C LEU G 15 2.69 0.31 9.36
N ARG G 16 3.53 -0.67 9.02
CA ARG G 16 4.80 -0.86 9.71
C ARG G 16 5.96 -0.35 8.87
N PHE G 17 6.86 0.40 9.49
CA PHE G 17 8.05 0.94 8.88
C PHE G 17 9.25 0.49 9.70
N GLU G 18 10.36 0.16 9.03
CA GLU G 18 11.57 -0.27 9.70
C GLU G 18 12.74 0.59 9.24
N THR G 19 13.59 0.98 10.18
CA THR G 19 14.75 1.79 9.85
C THR G 19 15.88 1.48 10.83
N GLN G 20 17.00 2.14 10.65
CA GLN G 20 18.12 2.03 11.58
C GLN G 20 18.16 3.26 12.49
N LEU G 21 18.85 3.10 13.62
CA LEU G 21 18.89 4.17 14.61
C LEU G 21 19.79 5.33 14.18
N LYS G 22 20.81 5.04 13.37
CA LYS G 22 21.68 6.10 12.89
C LYS G 22 21.03 6.95 11.79
N THR G 23 19.99 6.44 11.15
CA THR G 23 19.16 7.28 10.30
C THR G 23 18.36 8.27 11.14
N LEU G 24 17.84 7.83 12.29
CA LEU G 24 16.99 8.68 13.12
C LEU G 24 17.80 9.71 13.90
N CYS G 25 19.00 9.37 14.36
CA CYS G 25 19.75 10.29 15.20
C CYS G 25 20.67 11.22 14.41
N GLN G 26 20.37 11.45 13.13
CA GLN G 26 21.01 12.55 12.41
C GLN G 26 20.41 13.89 12.82
N PHE G 27 19.15 13.91 13.23
CA PHE G 27 18.44 15.13 13.63
C PHE G 27 17.99 14.96 15.07
N PRO G 28 18.84 15.32 16.05
CA PRO G 28 18.51 15.07 17.45
C PRO G 28 17.48 16.01 18.06
N GLU G 29 17.04 17.04 17.35
CA GLU G 29 16.12 18.03 17.89
C GLU G 29 14.67 17.76 17.50
N THR G 30 14.39 16.63 16.86
CA THR G 30 13.04 16.30 16.45
C THR G 30 12.41 15.31 17.44
N LEU G 31 11.19 14.87 17.13
CA LEU G 31 10.50 13.93 18.01
C LEU G 31 11.11 12.53 17.93
N LEU G 32 11.40 12.05 16.73
CA LEU G 32 11.94 10.71 16.56
C LEU G 32 13.44 10.64 16.82
N GLY G 33 14.16 11.76 16.72
CA GLY G 33 15.58 11.78 16.96
C GLY G 33 15.99 11.94 18.40
N ASP G 34 15.06 12.18 19.30
CA ASP G 34 15.34 12.39 20.72
C ASP G 34 14.75 11.25 21.53
N PRO G 35 15.55 10.50 22.30
CA PRO G 35 14.98 9.41 23.12
C PRO G 35 14.07 9.88 24.25
N LYS G 36 14.20 11.12 24.71
CA LYS G 36 13.35 11.59 25.80
C LYS G 36 11.92 11.88 25.32
N ARG G 37 11.75 12.23 24.05
CA ARG G 37 10.44 12.63 23.56
C ARG G 37 9.65 11.47 22.96
N ARG G 38 10.32 10.47 22.42
CA ARG G 38 9.63 9.34 21.80
C ARG G 38 9.39 8.19 22.78
N MET G 39 9.79 8.33 24.04
CA MET G 39 9.69 7.23 24.99
C MET G 39 8.27 7.01 25.48
N ARG G 40 7.37 7.99 25.31
CA ARG G 40 5.98 7.84 25.72
C ARG G 40 5.13 7.11 24.70
N TYR G 41 5.67 6.77 23.53
CA TYR G 41 4.94 6.04 22.51
C TYR G 41 5.42 4.60 22.37
N PHE G 42 6.32 4.14 23.25
CA PHE G 42 6.86 2.81 23.14
C PHE G 42 5.88 1.77 23.68
N ASP G 43 5.78 0.66 22.96
CA ASP G 43 4.95 -0.47 23.37
C ASP G 43 5.85 -1.62 23.81
N PRO G 44 5.85 -1.99 25.09
CA PRO G 44 6.78 -3.03 25.56
C PRO G 44 6.40 -4.45 25.15
N LEU G 45 5.12 -4.73 24.90
CA LEU G 45 4.72 -6.08 24.54
C LEU G 45 5.04 -6.44 23.10
N ARG G 46 5.28 -5.45 22.24
CA ARG G 46 5.49 -5.69 20.82
C ARG G 46 6.80 -5.14 20.29
N ASN G 47 7.55 -4.39 21.10
CA ASN G 47 8.86 -3.78 20.77
C ASN G 47 8.75 -2.85 19.55
N GLU G 48 7.89 -1.84 19.67
CA GLU G 48 7.63 -0.91 18.58
C GLU G 48 7.10 0.39 19.16
N TYR G 49 7.12 1.43 18.33
CA TYR G 49 6.50 2.71 18.64
C TYR G 49 5.20 2.83 17.86
N PHE G 50 4.13 3.20 18.54
CA PHE G 50 2.80 3.24 17.94
C PHE G 50 2.29 4.68 17.90
N PHE G 51 1.80 5.09 16.73
CA PHE G 51 1.17 6.39 16.54
C PHE G 51 -0.20 6.17 15.89
N ASP G 52 -1.22 6.83 16.44
CA ASP G 52 -2.58 6.70 15.94
C ASP G 52 -2.92 7.84 14.99
N ARG G 53 -2.21 7.88 13.86
CA ARG G 53 -2.22 9.06 13.01
C ARG G 53 -2.41 8.73 11.52
N ASN G 54 -2.17 9.73 10.67
CA ASN G 54 -2.44 9.62 9.25
C ASN G 54 -1.40 8.75 8.55
N ARG G 55 -1.86 7.75 7.80
CA ARG G 55 -1.02 6.76 7.14
C ARG G 55 -0.26 7.22 5.88
N PRO G 56 -0.83 7.93 4.88
CA PRO G 56 -0.01 8.27 3.70
C PRO G 56 0.99 9.38 3.91
N SER G 57 0.95 10.10 5.03
CA SER G 57 1.87 11.20 5.25
C SER G 57 3.24 10.77 5.76
N PHE G 58 3.37 9.54 6.28
CA PHE G 58 4.60 9.17 6.97
C PHE G 58 5.72 8.76 6.01
N ASP G 59 5.40 8.46 4.74
CA ASP G 59 6.43 8.10 3.78
C ASP G 59 7.34 9.29 3.46
N ALA G 60 6.77 10.49 3.35
CA ALA G 60 7.56 11.70 3.17
C ALA G 60 8.37 12.04 4.42
N ILE G 61 7.82 11.77 5.60
CA ILE G 61 8.54 12.00 6.86
C ILE G 61 9.75 11.07 6.97
N LEU G 62 9.59 9.81 6.56
CA LEU G 62 10.72 8.88 6.57
C LEU G 62 11.75 9.22 5.50
N TYR G 63 11.29 9.69 4.32
CA TYR G 63 12.23 10.10 3.28
C TYR G 63 12.97 11.39 3.63
N TYR G 64 12.40 12.22 4.51
CA TYR G 64 13.13 13.37 5.03
C TYR G 64 14.38 12.94 5.81
N TYR G 65 14.27 11.87 6.61
CA TYR G 65 15.43 11.36 7.33
C TYR G 65 16.35 10.60 6.39
N GLN G 66 15.80 9.84 5.45
CA GLN G 66 16.63 9.00 4.61
C GLN G 66 17.39 9.78 3.52
N SER G 67 16.82 10.87 3.02
CA SER G 67 17.45 11.63 1.95
C SER G 67 18.40 12.71 2.47
N GLY G 68 18.41 13.00 3.76
CA GLY G 68 19.27 14.01 4.31
C GLY G 68 18.65 15.38 4.52
N GLY G 69 17.34 15.53 4.32
CA GLY G 69 16.71 16.80 4.62
C GLY G 69 15.75 17.35 3.58
N ARG G 70 15.37 16.55 2.60
CA ARG G 70 14.50 17.01 1.54
C ARG G 70 13.03 16.76 1.89
N ILE G 71 12.19 17.78 1.70
CA ILE G 71 10.76 17.72 1.99
C ILE G 71 10.01 17.73 0.66
N ARG G 72 9.17 16.73 0.46
CA ARG G 72 8.34 16.64 -0.74
C ARG G 72 6.98 16.09 -0.35
N ARG G 73 5.93 16.89 -0.53
CA ARG G 73 4.58 16.50 -0.18
C ARG G 73 4.07 15.44 -1.16
N PRO G 74 3.39 14.39 -0.67
CA PRO G 74 2.75 13.44 -1.58
C PRO G 74 1.58 14.07 -2.32
N VAL G 75 1.24 13.46 -3.45
CA VAL G 75 0.25 14.02 -4.37
C VAL G 75 -1.16 13.91 -3.78
N ASN G 76 -1.46 12.80 -3.13
CA ASN G 76 -2.80 12.52 -2.65
C ASN G 76 -3.08 13.05 -1.24
N VAL G 77 -2.21 13.92 -0.72
CA VAL G 77 -2.35 14.47 0.62
C VAL G 77 -2.54 15.97 0.49
N PRO G 78 -3.55 16.58 1.15
CA PRO G 78 -3.72 18.03 1.08
C PRO G 78 -2.66 18.84 1.83
N ILE G 79 -2.76 20.17 1.75
CA ILE G 79 -1.73 21.05 2.29
C ILE G 79 -1.78 21.10 3.81
N ASP G 80 -2.99 21.27 4.37
CA ASP G 80 -3.14 21.51 5.80
C ASP G 80 -2.88 20.26 6.64
N ILE G 81 -3.22 19.07 6.10
CA ILE G 81 -2.95 17.82 6.78
C ILE G 81 -1.45 17.57 6.88
N PHE G 82 -0.72 17.82 5.78
CA PHE G 82 0.73 17.66 5.78
C PHE G 82 1.41 18.71 6.64
N SER G 83 0.85 19.92 6.70
CA SER G 83 1.37 20.95 7.59
C SER G 83 1.19 20.57 9.06
N GLU G 84 0.04 19.96 9.40
CA GLU G 84 -0.19 19.48 10.75
C GLU G 84 0.74 18.31 11.10
N GLU G 85 1.06 17.45 10.13
CA GLU G 85 1.99 16.36 10.39
C GLU G 85 3.42 16.87 10.59
N ILE G 86 3.82 17.88 9.82
CA ILE G 86 5.14 18.51 10.01
C ILE G 86 5.21 19.20 11.36
N ARG G 87 4.11 19.83 11.79
CA ARG G 87 4.06 20.45 13.11
C ARG G 87 4.07 19.42 14.24
N PHE G 88 3.45 18.25 14.03
CA PHE G 88 3.47 17.22 15.08
C PHE G 88 4.85 16.59 15.23
N TYR G 89 5.51 16.27 14.11
CA TYR G 89 6.75 15.53 14.21
C TYR G 89 7.96 16.42 14.50
N GLN G 90 7.76 17.74 14.61
CA GLN G 90 8.71 18.72 15.14
C GLN G 90 9.99 18.80 14.31
N LEU G 91 9.82 18.93 13.00
CA LEU G 91 10.97 18.92 12.09
C LEU G 91 11.76 20.23 12.13
N GLY G 92 11.16 21.31 12.61
CA GLY G 92 11.86 22.56 12.80
C GLY G 92 11.30 23.66 11.94
N GLU G 93 11.88 24.86 12.12
CA GLU G 93 11.45 26.03 11.37
C GLU G 93 11.98 26.01 9.95
N GLU G 94 13.20 25.51 9.74
CA GLU G 94 13.79 25.52 8.41
C GLU G 94 13.15 24.47 7.51
N ALA G 95 12.60 23.40 8.08
CA ALA G 95 11.85 22.44 7.29
C ALA G 95 10.52 23.02 6.83
N MET G 96 9.88 23.81 7.68
CA MET G 96 8.67 24.53 7.28
C MET G 96 8.96 25.58 6.23
N GLU G 97 10.10 26.26 6.33
CA GLU G 97 10.50 27.24 5.32
C GLU G 97 10.81 26.58 3.98
N LYS G 98 11.47 25.41 4.01
CA LYS G 98 11.73 24.66 2.79
C LYS G 98 10.45 24.10 2.19
N PHE G 99 9.48 23.72 3.03
CA PHE G 99 8.18 23.26 2.53
C PHE G 99 7.39 24.41 1.90
N ARG G 100 7.48 25.60 2.48
CA ARG G 100 6.82 26.78 1.90
C ARG G 100 7.48 27.18 0.59
N GLU G 101 8.81 27.09 0.51
CA GLU G 101 9.51 27.42 -0.73
C GLU G 101 9.26 26.39 -1.82
N ASP G 102 9.11 25.12 -1.46
CA ASP G 102 8.89 24.07 -2.44
C ASP G 102 7.45 24.00 -2.93
N GLU G 103 6.52 24.72 -2.29
CA GLU G 103 5.10 24.63 -2.63
C GLU G 103 4.54 25.95 -3.13
N GLY G 104 5.36 26.79 -3.76
CA GLY G 104 4.82 27.96 -4.41
C GLY G 104 4.81 29.22 -3.58
N PHE G 105 3.67 29.46 -2.92
CA PHE G 105 3.31 30.76 -2.34
C PHE G 105 4.22 31.22 -1.21
N LEU G 106 4.95 30.32 -0.58
CA LEU G 106 5.86 30.71 0.50
C LEU G 106 7.16 31.28 -0.07
N GLN H 1 -18.86 2.91 30.87
CA GLN H 1 -18.65 2.98 29.44
C GLN H 1 -17.64 4.07 29.09
N ASP H 2 -16.44 3.97 29.68
CA ASP H 2 -15.39 4.95 29.41
C ASP H 2 -14.82 4.78 28.01
N CYS H 3 -14.77 3.52 27.53
CA CYS H 3 -14.32 3.06 26.21
C CYS H 3 -12.97 3.66 25.81
N CYS H 4 -11.95 3.31 26.58
CA CYS H 4 -10.63 3.89 26.36
C CYS H 4 -9.55 2.85 26.63
N GLY H 5 -8.40 3.06 25.99
CA GLY H 5 -7.19 2.30 26.25
C GLY H 5 -6.90 1.11 25.35
N GLU H 6 -7.93 0.33 25.02
CA GLU H 6 -7.74 -0.91 24.26
C GLU H 6 -7.45 -0.62 22.80
N ARG H 7 -6.68 -1.51 22.17
CA ARG H 7 -6.35 -1.41 20.76
C ARG H 7 -7.23 -2.36 19.96
N VAL H 8 -7.72 -1.87 18.81
CA VAL H 8 -8.67 -2.58 17.97
C VAL H 8 -8.03 -2.78 16.59
N VAL H 9 -8.06 -4.01 16.10
CA VAL H 9 -7.54 -4.38 14.79
C VAL H 9 -8.72 -4.66 13.86
N ILE H 10 -8.73 -3.99 12.71
CA ILE H 10 -9.78 -4.14 11.70
C ILE H 10 -9.13 -4.66 10.42
N ASN H 11 -9.66 -5.75 9.88
CA ASN H 11 -9.08 -6.43 8.72
C ASN H 11 -10.02 -6.26 7.53
N ILE H 12 -9.58 -5.49 6.54
CA ILE H 12 -10.33 -5.28 5.30
C ILE H 12 -9.67 -6.04 4.18
N SER H 13 -10.16 -7.25 3.91
CA SER H 13 -9.74 -8.14 2.81
C SER H 13 -8.25 -8.46 2.82
N GLY H 14 -7.65 -8.56 4.00
CA GLY H 14 -6.23 -8.79 4.13
C GLY H 14 -5.41 -7.56 4.47
N LEU H 15 -6.01 -6.37 4.45
CA LEU H 15 -5.32 -5.14 4.81
C LEU H 15 -5.67 -4.77 6.24
N ARG H 16 -4.65 -4.61 7.08
CA ARG H 16 -4.85 -4.48 8.52
C ARG H 16 -4.72 -3.03 8.97
N PHE H 17 -5.67 -2.59 9.79
CA PHE H 17 -5.69 -1.26 10.38
C PHE H 17 -5.76 -1.40 11.89
N GLU H 18 -5.06 -0.53 12.62
CA GLU H 18 -5.07 -0.56 14.07
C GLU H 18 -5.44 0.82 14.59
N THR H 19 -6.27 0.85 15.63
CA THR H 19 -6.69 2.11 16.22
C THR H 19 -6.97 1.89 17.70
N GLN H 20 -7.36 2.96 18.39
CA GLN H 20 -7.79 2.88 19.78
C GLN H 20 -9.30 2.92 19.86
N LEU H 21 -9.82 2.46 21.00
CA LEU H 21 -11.26 2.36 21.17
C LEU H 21 -11.90 3.73 21.39
N LYS H 22 -11.16 4.67 21.97
CA LYS H 22 -11.69 6.01 22.19
C LYS H 22 -11.75 6.82 20.92
N THR H 23 -11.00 6.43 19.89
CA THR H 23 -11.21 6.99 18.55
C THR H 23 -12.54 6.53 17.97
N LEU H 24 -12.87 5.25 18.17
CA LEU H 24 -14.08 4.69 17.59
C LEU H 24 -15.35 5.13 18.31
N CYS H 25 -15.30 5.27 19.64
CA CYS H 25 -16.51 5.59 20.39
C CYS H 25 -16.75 7.09 20.54
N GLN H 26 -16.19 7.92 19.65
CA GLN H 26 -16.63 9.30 19.53
C GLN H 26 -17.97 9.41 18.83
N PHE H 27 -18.28 8.46 17.94
CA PHE H 27 -19.52 8.44 17.17
C PHE H 27 -20.26 7.15 17.49
N PRO H 28 -21.10 7.15 18.53
CA PRO H 28 -21.74 5.90 18.97
C PRO H 28 -22.89 5.42 18.10
N GLU H 29 -23.32 6.21 17.10
CA GLU H 29 -24.47 5.85 16.28
C GLU H 29 -24.08 5.20 14.96
N THR H 30 -22.80 4.90 14.76
CA THR H 30 -22.34 4.28 13.53
C THR H 30 -22.16 2.78 13.74
N LEU H 31 -21.66 2.10 12.70
CA LEU H 31 -21.45 0.66 12.78
C LEU H 31 -20.26 0.31 13.67
N LEU H 32 -19.14 1.03 13.51
CA LEU H 32 -17.94 0.74 14.29
C LEU H 32 -17.99 1.33 15.68
N GLY H 33 -18.81 2.35 15.91
CA GLY H 33 -18.91 2.96 17.23
C GLY H 33 -19.87 2.29 18.18
N ASP H 34 -20.64 1.32 17.71
CA ASP H 34 -21.63 0.63 18.53
C ASP H 34 -21.21 -0.81 18.72
N PRO H 35 -21.04 -1.29 19.97
CA PRO H 35 -20.66 -2.70 20.17
C PRO H 35 -21.74 -3.71 19.78
N LYS H 36 -23.01 -3.30 19.73
CA LYS H 36 -24.07 -4.24 19.36
C LYS H 36 -24.08 -4.53 17.87
N ARG H 37 -23.62 -3.59 17.05
CA ARG H 37 -23.69 -3.75 15.60
C ARG H 37 -22.44 -4.38 15.01
N ARG H 38 -21.28 -4.18 15.61
CA ARG H 38 -20.04 -4.73 15.09
C ARG H 38 -19.70 -6.10 15.65
N MET H 39 -20.54 -6.65 16.53
CA MET H 39 -20.22 -7.91 17.18
C MET H 39 -20.39 -9.12 16.26
N ARG H 40 -21.11 -8.96 15.15
CA ARG H 40 -21.28 -10.07 14.22
C ARG H 40 -20.12 -10.21 13.23
N TYR H 41 -19.15 -9.31 13.26
CA TYR H 41 -17.98 -9.40 12.40
C TYR H 41 -16.72 -9.81 13.16
N PHE H 42 -16.84 -10.14 14.44
CA PHE H 42 -15.68 -10.47 15.25
C PHE H 42 -15.20 -11.88 14.95
N ASP H 43 -13.88 -12.04 14.88
CA ASP H 43 -13.25 -13.34 14.68
C ASP H 43 -12.55 -13.75 15.97
N PRO H 44 -13.01 -14.80 16.66
CA PRO H 44 -12.41 -15.15 17.96
C PRO H 44 -11.04 -15.81 17.87
N LEU H 45 -10.71 -16.48 16.75
CA LEU H 45 -9.43 -17.15 16.64
C LEU H 45 -8.28 -16.19 16.37
N ARG H 46 -8.55 -14.98 15.89
CA ARG H 46 -7.51 -14.05 15.51
C ARG H 46 -7.59 -12.70 16.22
N ASN H 47 -8.64 -12.45 17.00
CA ASN H 47 -8.89 -11.22 17.77
C ASN H 47 -8.92 -9.99 16.86
N GLU H 48 -9.83 -10.01 15.90
CA GLU H 48 -9.96 -8.93 14.93
C GLU H 48 -11.36 -8.93 14.35
N TYR H 49 -11.71 -7.82 13.70
CA TYR H 49 -12.95 -7.70 12.95
C TYR H 49 -12.62 -7.81 11.46
N PHE H 50 -13.38 -8.65 10.75
CA PHE H 50 -13.11 -8.94 9.35
C PHE H 50 -14.25 -8.44 8.48
N PHE H 51 -13.91 -7.70 7.43
CA PHE H 51 -14.87 -7.24 6.43
C PHE H 51 -14.37 -7.64 5.05
N ASP H 52 -15.26 -8.23 4.25
CA ASP H 52 -14.91 -8.69 2.90
C ASP H 52 -15.28 -7.64 1.86
N ARG H 53 -14.62 -6.48 1.94
CA ARG H 53 -15.06 -5.31 1.20
C ARG H 53 -13.93 -4.59 0.47
N ASN H 54 -14.22 -3.37 0.00
CA ASN H 54 -13.29 -2.62 -0.84
C ASN H 54 -12.14 -2.05 -0.02
N ARG H 55 -10.92 -2.31 -0.46
CA ARG H 55 -9.69 -1.93 0.24
C ARG H 55 -9.29 -0.44 0.18
N PRO H 56 -9.29 0.29 -0.95
CA PRO H 56 -8.83 1.69 -0.89
C PRO H 56 -9.82 2.66 -0.27
N SER H 57 -11.07 2.25 -0.02
CA SER H 57 -12.05 3.18 0.54
C SER H 57 -11.94 3.34 2.06
N PHE H 58 -11.25 2.42 2.76
CA PHE H 58 -11.31 2.43 4.21
C PHE H 58 -10.37 3.46 4.84
N ASP H 59 -9.41 3.98 4.09
CA ASP H 59 -8.50 5.00 4.63
C ASP H 59 -9.24 6.31 4.92
N ALA H 60 -10.16 6.69 4.04
CA ALA H 60 -11.00 7.86 4.27
C ALA H 60 -11.98 7.64 5.41
N ILE H 61 -12.48 6.41 5.57
CA ILE H 61 -13.38 6.06 6.67
C ILE H 61 -12.65 6.16 8.01
N LEU H 62 -11.39 5.71 8.06
CA LEU H 62 -10.61 5.81 9.28
C LEU H 62 -10.21 7.25 9.57
N TYR H 63 -9.91 8.04 8.52
CA TYR H 63 -9.58 9.44 8.72
C TYR H 63 -10.80 10.28 9.13
N TYR H 64 -12.02 9.82 8.81
CA TYR H 64 -13.23 10.46 9.34
C TYR H 64 -13.29 10.37 10.85
N TYR H 65 -12.91 9.23 11.42
CA TYR H 65 -12.87 9.11 12.88
C TYR H 65 -11.67 9.84 13.47
N GLN H 66 -10.53 9.78 12.79
CA GLN H 66 -9.31 10.35 13.36
C GLN H 66 -9.27 11.88 13.29
N SER H 67 -9.88 12.48 12.27
CA SER H 67 -9.84 13.92 12.11
C SER H 67 -10.97 14.64 12.82
N GLY H 68 -11.97 13.93 13.31
CA GLY H 68 -13.08 14.55 14.00
C GLY H 68 -14.32 14.79 13.17
N GLY H 69 -14.38 14.29 11.94
CA GLY H 69 -15.60 14.42 11.17
C GLY H 69 -15.47 14.88 9.73
N ARG H 70 -14.26 14.92 9.20
CA ARG H 70 -14.03 15.40 7.84
C ARG H 70 -14.10 14.25 6.85
N ILE H 71 -14.84 14.47 5.76
CA ILE H 71 -15.03 13.48 4.70
C ILE H 71 -14.28 13.97 3.47
N ARG H 72 -13.38 13.13 2.94
CA ARG H 72 -12.63 13.44 1.72
C ARG H 72 -12.47 12.17 0.92
N ARG H 73 -13.05 12.16 -0.28
CA ARG H 73 -12.98 10.98 -1.15
C ARG H 73 -11.58 10.82 -1.71
N PRO H 74 -11.05 9.59 -1.76
CA PRO H 74 -9.77 9.36 -2.44
C PRO H 74 -9.88 9.56 -3.95
N VAL H 75 -8.73 9.83 -4.56
CA VAL H 75 -8.68 10.20 -5.97
C VAL H 75 -9.00 9.00 -6.86
N ASN H 76 -8.50 7.82 -6.51
CA ASN H 76 -8.61 6.64 -7.34
C ASN H 76 -9.88 5.84 -7.10
N VAL H 77 -10.85 6.38 -6.38
CA VAL H 77 -12.10 5.70 -6.06
C VAL H 77 -13.24 6.46 -6.71
N PRO H 78 -14.15 5.80 -7.44
CA PRO H 78 -15.29 6.50 -8.04
C PRO H 78 -16.34 6.99 -7.04
N ILE H 79 -17.37 7.67 -7.54
CA ILE H 79 -18.35 8.32 -6.69
C ILE H 79 -19.30 7.30 -6.06
N ASP H 80 -19.81 6.37 -6.88
CA ASP H 80 -20.86 5.46 -6.43
C ASP H 80 -20.33 4.39 -5.47
N ILE H 81 -19.08 3.96 -5.67
CA ILE H 81 -18.46 2.99 -4.76
C ILE H 81 -18.26 3.61 -3.37
N PHE H 82 -17.78 4.86 -3.33
CA PHE H 82 -17.59 5.55 -2.06
C PHE H 82 -18.92 5.89 -1.39
N SER H 83 -19.96 6.16 -2.19
CA SER H 83 -21.29 6.37 -1.66
C SER H 83 -21.86 5.10 -1.04
N GLU H 84 -21.63 3.95 -1.69
CA GLU H 84 -22.04 2.66 -1.12
C GLU H 84 -21.27 2.33 0.16
N GLU H 85 -19.99 2.70 0.23
CA GLU H 85 -19.23 2.46 1.46
C GLU H 85 -19.71 3.35 2.60
N ILE H 86 -20.05 4.62 2.31
CA ILE H 86 -20.62 5.51 3.32
C ILE H 86 -21.97 5.01 3.80
N ARG H 87 -22.77 4.45 2.87
CA ARG H 87 -24.05 3.86 3.24
C ARG H 87 -23.90 2.59 4.05
N PHE H 88 -22.86 1.78 3.79
CA PHE H 88 -22.64 0.56 4.57
C PHE H 88 -22.16 0.87 5.98
N TYR H 89 -21.22 1.81 6.13
CA TYR H 89 -20.64 2.03 7.45
C TYR H 89 -21.48 2.94 8.33
N GLN H 90 -22.62 3.44 7.82
CA GLN H 90 -23.69 4.10 8.58
C GLN H 90 -23.20 5.38 9.27
N LEU H 91 -22.54 6.23 8.51
CA LEU H 91 -21.96 7.44 9.06
C LEU H 91 -23.00 8.51 9.36
N GLY H 92 -24.17 8.43 8.77
CA GLY H 92 -25.27 9.33 9.08
C GLY H 92 -25.67 10.18 7.89
N GLU H 93 -26.71 10.98 8.11
CA GLU H 93 -27.23 11.86 7.08
C GLU H 93 -26.35 13.09 6.89
N GLU H 94 -25.80 13.62 7.98
CA GLU H 94 -24.98 14.83 7.88
C GLU H 94 -23.63 14.55 7.23
N ALA H 95 -23.12 13.31 7.34
CA ALA H 95 -21.90 12.95 6.63
C ALA H 95 -22.15 12.85 5.13
N MET H 96 -23.33 12.34 4.74
CA MET H 96 -23.72 12.33 3.33
C MET H 96 -23.92 13.74 2.79
N GLU H 97 -24.49 14.63 3.62
CA GLU H 97 -24.67 16.02 3.21
C GLU H 97 -23.33 16.74 3.06
N LYS H 98 -22.39 16.48 3.97
CA LYS H 98 -21.04 17.04 3.86
C LYS H 98 -20.29 16.47 2.66
N PHE H 99 -20.51 15.20 2.33
CA PHE H 99 -19.91 14.60 1.15
C PHE H 99 -20.48 15.18 -0.13
N ARG H 100 -21.79 15.47 -0.15
CA ARG H 100 -22.40 16.11 -1.30
C ARG H 100 -21.94 17.55 -1.45
N GLU H 101 -21.76 18.27 -0.34
CA GLU H 101 -21.27 19.65 -0.40
C GLU H 101 -19.80 19.71 -0.81
N ASP H 102 -19.00 18.72 -0.40
CA ASP H 102 -17.58 18.72 -0.73
C ASP H 102 -17.29 18.24 -2.15
N GLU H 103 -18.28 17.69 -2.85
CA GLU H 103 -18.07 17.11 -4.17
C GLU H 103 -18.85 17.83 -5.25
N GLY H 104 -19.11 19.12 -5.08
CA GLY H 104 -19.71 19.87 -6.18
C GLY H 104 -21.22 19.96 -6.19
N PHE H 105 -21.85 19.03 -6.92
CA PHE H 105 -23.25 19.13 -7.34
C PHE H 105 -24.25 19.10 -6.20
N LEU H 106 -23.87 18.60 -5.02
CA LEU H 106 -24.78 18.57 -3.89
C LEU H 106 -24.86 19.94 -3.21
N ARG I 1 48.08 -25.17 18.67
CA ARG I 1 47.72 -24.77 17.31
C ARG I 1 46.46 -25.50 16.84
N GLN I 2 46.42 -26.81 17.01
CA GLN I 2 45.22 -27.60 16.76
C GLN I 2 44.71 -28.29 18.02
N LEU I 3 45.53 -29.12 18.66
CA LEU I 3 45.16 -29.76 19.92
C LEU I 3 45.68 -28.90 21.07
N GLN I 4 44.85 -28.77 22.11
CA GLN I 4 44.98 -27.78 23.19
C GLN I 4 45.06 -26.35 22.66
N PHE I 5 44.42 -26.10 21.52
CA PHE I 5 44.07 -24.78 21.02
C PHE I 5 42.63 -24.88 20.58
N TYR I 6 41.75 -24.20 21.28
CA TYR I 6 40.33 -24.44 21.17
C TYR I 6 39.66 -23.37 20.33
N ARG I 7 38.62 -23.77 19.61
CA ARG I 7 37.89 -22.85 18.76
C ARG I 7 36.44 -23.27 18.71
N ASN I 8 35.59 -22.32 18.31
CA ASN I 8 34.15 -22.56 18.27
C ASN I 8 33.79 -23.47 17.09
N LEU I 9 32.84 -24.36 17.33
CA LEU I 9 32.33 -25.24 16.29
C LEU I 9 31.28 -24.44 15.50
N GLY I 10 31.70 -23.89 14.37
CA GLY I 10 30.82 -23.00 13.64
C GLY I 10 30.77 -21.65 14.32
N LYS I 11 29.57 -21.09 14.44
CA LYS I 11 29.35 -19.86 15.18
C LYS I 11 28.65 -20.09 16.50
N SER I 12 28.55 -21.34 16.95
CA SER I 12 27.89 -21.65 18.22
C SER I 12 28.84 -21.40 19.38
N GLY I 13 28.36 -21.65 20.60
CA GLY I 13 29.13 -21.48 21.80
C GLY I 13 29.92 -22.69 22.24
N LEU I 14 29.86 -23.79 21.50
CA LEU I 14 30.60 -24.99 21.86
C LEU I 14 32.03 -24.88 21.36
N ARG I 15 33.00 -25.10 22.25
CA ARG I 15 34.41 -24.96 21.93
C ARG I 15 35.09 -26.32 21.95
N VAL I 16 35.77 -26.64 20.86
CA VAL I 16 36.42 -27.94 20.68
C VAL I 16 37.87 -27.73 20.31
N SER I 17 38.67 -28.77 20.57
CA SER I 17 40.01 -28.83 20.02
C SER I 17 39.94 -29.25 18.56
N CYS I 18 40.98 -28.92 17.80
CA CYS I 18 40.96 -29.14 16.36
C CYS I 18 41.50 -30.51 15.96
N LEU I 19 41.81 -31.37 16.92
CA LEU I 19 42.05 -32.77 16.67
C LEU I 19 41.05 -33.59 17.48
N GLY I 20 40.42 -34.56 16.82
CA GLY I 20 39.53 -35.48 17.48
C GLY I 20 39.94 -36.91 17.18
N LEU I 21 39.34 -37.84 17.93
CA LEU I 21 39.64 -39.26 17.79
C LEU I 21 38.38 -39.99 17.35
N GLY I 22 38.50 -40.80 16.32
CA GLY I 22 37.37 -41.50 15.74
C GLY I 22 37.23 -42.93 16.23
N THR I 23 36.03 -43.47 16.06
CA THR I 23 35.66 -44.78 16.56
C THR I 23 35.28 -45.75 15.45
N TRP I 24 35.88 -45.59 14.27
CA TRP I 24 35.72 -46.52 13.15
C TRP I 24 36.64 -47.74 13.39
N VAL I 25 37.03 -48.43 12.31
CA VAL I 25 37.37 -49.85 12.14
C VAL I 25 38.10 -50.51 13.32
N THR I 26 39.00 -49.77 13.96
CA THR I 26 39.81 -50.27 15.07
C THR I 26 38.96 -50.67 16.28
N PHE I 27 38.07 -49.78 16.73
CA PHE I 27 37.35 -49.97 17.99
C PHE I 27 36.29 -51.07 17.87
N GLY I 28 36.44 -52.12 18.69
CA GLY I 28 35.57 -53.27 18.64
C GLY I 28 35.89 -54.29 17.57
N GLY I 29 36.76 -53.94 16.63
CA GLY I 29 37.17 -54.78 15.52
C GLY I 29 38.63 -55.15 15.58
N GLN I 30 39.44 -54.34 14.89
CA GLN I 30 40.85 -54.63 14.65
C GLN I 30 41.68 -54.67 15.93
N ILE I 31 41.45 -53.75 16.86
CA ILE I 31 42.25 -53.65 18.07
C ILE I 31 41.45 -54.19 19.26
N THR I 32 42.16 -54.37 20.38
CA THR I 32 41.56 -54.88 21.61
C THR I 32 41.09 -53.73 22.50
N ASP I 33 40.54 -54.08 23.66
CA ASP I 33 40.02 -53.07 24.58
C ASP I 33 41.11 -52.34 25.34
N GLU I 34 42.20 -53.04 25.67
CA GLU I 34 43.30 -52.41 26.41
C GLU I 34 44.03 -51.38 25.54
N MET I 35 44.19 -51.68 24.26
CA MET I 35 44.78 -50.73 23.32
C MET I 35 43.87 -49.52 23.13
N ALA I 36 42.55 -49.73 23.13
CA ALA I 36 41.59 -48.64 23.03
C ALA I 36 41.62 -47.75 24.26
N GLU I 37 41.76 -48.35 25.45
CA GLU I 37 41.89 -47.56 26.68
C GLU I 37 43.20 -46.78 26.72
N GLN I 38 44.28 -47.38 26.21
CA GLN I 38 45.56 -46.69 26.11
C GLN I 38 45.50 -45.50 25.14
N LEU I 39 44.82 -45.69 24.00
CA LEU I 39 44.66 -44.61 23.03
C LEU I 39 43.80 -43.48 23.57
N MET I 40 42.73 -43.83 24.32
CA MET I 40 41.88 -42.78 24.89
C MET I 40 42.59 -42.03 26.01
N THR I 41 43.40 -42.72 26.82
CA THR I 41 44.18 -42.05 27.86
C THR I 41 45.24 -41.13 27.26
N LEU I 42 45.92 -41.58 26.20
CA LEU I 42 46.91 -40.76 25.53
C LEU I 42 46.29 -39.56 24.83
N ALA I 43 45.06 -39.71 24.30
CA ALA I 43 44.38 -38.57 23.70
C ALA I 43 43.90 -37.59 24.75
N TYR I 44 43.38 -38.08 25.88
CA TYR I 44 42.84 -37.20 26.91
C TYR I 44 43.94 -36.44 27.66
N ASP I 45 45.12 -37.05 27.83
CA ASP I 45 46.19 -36.36 28.55
C ASP I 45 46.87 -35.26 27.74
N ASN I 46 46.62 -35.18 26.44
CA ASN I 46 47.21 -34.14 25.59
C ASN I 46 46.23 -33.03 25.26
N GLY I 47 45.02 -33.04 25.83
CA GLY I 47 44.08 -31.96 25.66
C GLY I 47 43.00 -32.16 24.62
N ILE I 48 42.84 -33.37 24.09
CA ILE I 48 41.79 -33.67 23.13
C ILE I 48 40.50 -34.00 23.88
N ASN I 49 39.41 -33.29 23.55
CA ASN I 49 38.14 -33.49 24.23
C ASN I 49 37.02 -33.93 23.30
N LEU I 50 37.32 -34.26 22.05
CA LEU I 50 36.31 -34.57 21.04
C LEU I 50 36.43 -36.04 20.63
N PHE I 51 35.33 -36.78 20.79
CA PHE I 51 35.30 -38.20 20.45
C PHE I 51 34.01 -38.49 19.68
N ASP I 52 34.14 -39.18 18.54
CA ASP I 52 33.05 -39.33 17.59
C ASP I 52 32.82 -40.80 17.27
N THR I 53 31.57 -41.26 17.42
CA THR I 53 31.20 -42.64 17.16
C THR I 53 29.89 -42.68 16.37
N ALA I 54 29.40 -43.89 16.12
CA ALA I 54 28.15 -44.10 15.40
C ALA I 54 27.53 -45.42 15.82
N GLU I 55 26.26 -45.60 15.48
CA GLU I 55 25.52 -46.81 15.86
C GLU I 55 25.72 -47.95 14.88
N VAL I 56 26.32 -47.70 13.72
CA VAL I 56 26.53 -48.75 12.72
C VAL I 56 27.92 -49.38 12.85
N TYR I 57 28.81 -48.81 13.66
CA TYR I 57 30.18 -49.29 13.75
C TYR I 57 30.21 -50.54 14.63
N ALA I 58 30.67 -51.66 14.03
CA ALA I 58 30.84 -52.97 14.68
C ALA I 58 29.58 -53.47 15.36
N ALA I 59 28.44 -53.28 14.66
CA ALA I 59 27.07 -53.57 15.13
C ALA I 59 26.74 -52.87 16.45
N GLY I 60 27.29 -51.66 16.65
CA GLY I 60 27.11 -50.92 17.86
C GLY I 60 28.11 -51.20 18.95
N LYS I 61 28.90 -52.28 18.82
CA LYS I 61 29.76 -52.78 19.89
C LYS I 61 30.85 -51.80 20.28
N ALA I 62 31.33 -51.01 19.31
CA ALA I 62 32.33 -49.97 19.56
C ALA I 62 31.83 -48.94 20.55
N GLU I 63 30.54 -48.56 20.43
CA GLU I 63 29.91 -47.64 21.37
C GLU I 63 29.94 -48.18 22.79
N VAL I 64 29.74 -49.51 22.91
CA VAL I 64 29.77 -50.19 24.20
C VAL I 64 31.14 -50.05 24.84
N VAL I 65 32.21 -50.25 24.06
CA VAL I 65 33.53 -50.20 24.66
C VAL I 65 33.93 -48.76 24.97
N LEU I 66 33.31 -47.78 24.27
CA LEU I 66 33.55 -46.38 24.58
C LEU I 66 33.01 -46.06 25.96
N GLY I 67 31.82 -46.59 26.27
CA GLY I 67 31.24 -46.42 27.59
C GLY I 67 32.08 -47.11 28.65
N ASN I 68 32.67 -48.26 28.31
CA ASN I 68 33.48 -49.00 29.25
C ASN I 68 34.80 -48.31 29.56
N ILE I 69 35.21 -47.31 28.78
CA ILE I 69 36.35 -46.52 29.20
C ILE I 69 35.92 -45.38 30.11
N ILE I 70 34.80 -44.74 29.78
CA ILE I 70 34.42 -43.47 30.43
C ILE I 70 33.98 -43.71 31.87
N LYS I 71 33.25 -44.81 32.09
CA LYS I 71 32.89 -45.19 33.45
C LYS I 71 34.08 -45.74 34.24
N LYS I 72 35.14 -46.19 33.57
CA LYS I 72 36.24 -46.82 34.30
C LYS I 72 37.19 -45.79 34.88
N LYS I 73 37.63 -44.83 34.07
CA LYS I 73 38.65 -43.88 34.51
C LYS I 73 38.08 -42.74 35.35
N GLY I 74 36.76 -42.55 35.37
CA GLY I 74 36.15 -41.58 36.24
C GLY I 74 36.33 -40.13 35.81
N TRP I 75 36.35 -39.88 34.51
CA TRP I 75 36.45 -38.51 34.02
C TRP I 75 35.13 -37.77 34.22
N ARG I 76 35.23 -36.44 34.35
CA ARG I 76 34.05 -35.61 34.48
C ARG I 76 33.31 -35.52 33.14
N ARG I 77 31.98 -35.49 33.22
CA ARG I 77 31.16 -35.43 32.01
C ARG I 77 31.25 -34.05 31.36
N SER I 78 31.45 -33.00 32.15
CA SER I 78 31.47 -31.63 31.64
C SER I 78 32.73 -31.27 30.87
N SER I 79 33.75 -32.13 30.87
CA SER I 79 34.99 -31.87 30.15
C SER I 79 35.13 -32.67 28.86
N LEU I 80 34.06 -33.33 28.41
CA LEU I 80 34.10 -34.17 27.22
C LEU I 80 33.02 -33.74 26.23
N VAL I 81 33.31 -33.96 24.95
CA VAL I 81 32.36 -33.73 23.87
C VAL I 81 32.18 -35.07 23.14
N ILE I 82 30.98 -35.64 23.20
CA ILE I 82 30.68 -36.94 22.61
C ILE I 82 29.64 -36.74 21.52
N THR I 83 29.91 -37.26 20.31
CA THR I 83 28.98 -37.18 19.20
C THR I 83 28.62 -38.57 18.69
N THR I 84 27.40 -38.70 18.16
CA THR I 84 26.90 -39.95 17.58
C THR I 84 26.22 -39.66 16.25
N LYS I 85 26.16 -40.70 15.41
CA LYS I 85 25.52 -40.62 14.10
C LYS I 85 24.46 -41.71 13.96
N ILE I 86 23.32 -41.35 13.37
CA ILE I 86 22.14 -42.24 13.31
C ILE I 86 21.62 -42.24 11.88
N PHE I 87 21.81 -43.37 11.16
CA PHE I 87 20.95 -43.67 10.03
C PHE I 87 20.48 -45.13 10.00
N TRP I 88 21.37 -46.07 10.32
CA TRP I 88 21.14 -47.49 10.14
C TRP I 88 21.00 -48.16 11.50
N GLY I 89 19.87 -48.82 11.73
CA GLY I 89 19.62 -49.39 13.04
C GLY I 89 19.28 -50.87 13.06
N GLY I 90 19.05 -51.48 11.91
CA GLY I 90 18.68 -52.88 11.88
C GLY I 90 18.23 -53.30 10.49
N LYS I 91 17.74 -54.52 10.42
CA LYS I 91 17.34 -55.12 9.15
C LYS I 91 15.87 -54.91 8.81
N ALA I 92 15.06 -54.46 9.76
CA ALA I 92 13.64 -54.22 9.49
C ALA I 92 13.46 -52.92 8.71
N GLU I 93 12.26 -52.74 8.17
CA GLU I 93 11.97 -51.60 7.31
C GLU I 93 11.87 -50.30 8.11
N THR I 94 11.33 -50.37 9.32
CA THR I 94 11.14 -49.19 10.15
C THR I 94 12.36 -48.84 11.00
N GLU I 95 13.47 -49.56 10.84
CA GLU I 95 14.68 -49.33 11.61
C GLU I 95 15.76 -48.60 10.83
N ARG I 96 15.38 -47.81 9.82
CA ARG I 96 16.32 -46.99 9.09
C ARG I 96 15.61 -45.75 8.57
N GLY I 97 16.39 -44.72 8.28
CA GLY I 97 15.87 -43.47 7.76
C GLY I 97 15.93 -42.37 8.79
N LEU I 98 15.33 -41.24 8.43
CA LEU I 98 15.30 -40.05 9.27
C LEU I 98 13.87 -39.67 9.65
N SER I 99 13.03 -40.67 9.91
CA SER I 99 11.70 -40.40 10.44
C SER I 99 11.78 -40.14 11.94
N ARG I 100 10.66 -39.70 12.51
CA ARG I 100 10.60 -39.33 13.93
C ARG I 100 10.76 -40.55 14.82
N LYS I 101 10.15 -41.67 14.44
CA LYS I 101 10.17 -42.90 15.21
C LYS I 101 11.57 -43.49 15.32
N HIS I 102 12.29 -43.54 14.19
CA HIS I 102 13.63 -44.10 14.21
C HIS I 102 14.65 -43.18 14.88
N ILE I 103 14.46 -41.86 14.76
CA ILE I 103 15.36 -40.91 15.43
C ILE I 103 15.24 -41.03 16.95
N ILE I 104 14.01 -41.11 17.46
CA ILE I 104 13.79 -41.23 18.90
C ILE I 104 14.27 -42.59 19.43
N GLU I 105 13.94 -43.68 18.71
CA GLU I 105 14.32 -45.02 19.16
C GLU I 105 15.82 -45.27 19.03
N GLY I 106 16.44 -44.78 17.95
CA GLY I 106 17.87 -44.95 17.78
C GLY I 106 18.69 -44.14 18.76
N LEU I 107 18.23 -42.91 19.08
CA LEU I 107 18.94 -42.12 20.08
C LEU I 107 18.79 -42.72 21.47
N LYS I 108 17.61 -43.29 21.79
CA LYS I 108 17.44 -43.96 23.08
C LYS I 108 18.30 -45.23 23.19
N ALA I 109 18.41 -46.01 22.11
CA ALA I 109 19.24 -47.21 22.13
C ALA I 109 20.72 -46.87 22.19
N SER I 110 21.14 -45.80 21.51
CA SER I 110 22.54 -45.39 21.56
C SER I 110 22.91 -44.81 22.93
N LEU I 111 21.99 -44.09 23.57
CA LEU I 111 22.24 -43.63 24.93
C LEU I 111 22.23 -44.77 25.94
N GLU I 112 21.47 -45.83 25.67
CA GLU I 112 21.50 -47.00 26.54
C GLU I 112 22.81 -47.76 26.40
N ARG I 113 23.35 -47.85 25.18
CA ARG I 113 24.62 -48.57 25.00
C ARG I 113 25.82 -47.78 25.51
N LEU I 114 25.73 -46.44 25.50
CA LEU I 114 26.86 -45.60 25.91
C LEU I 114 26.92 -45.38 27.41
N GLN I 115 25.88 -45.80 28.15
CA GLN I 115 25.70 -45.56 29.60
C GLN I 115 25.77 -44.07 29.95
N LEU I 116 25.12 -43.26 29.13
CA LEU I 116 25.11 -41.81 29.31
C LEU I 116 23.67 -41.30 29.38
N GLU I 117 23.54 -40.05 29.83
CA GLU I 117 22.23 -39.39 29.84
C GLU I 117 21.98 -38.58 28.59
N TYR I 118 23.03 -38.03 27.97
CA TYR I 118 22.89 -37.19 26.79
C TYR I 118 24.19 -37.25 26.00
N VAL I 119 24.09 -36.90 24.72
CA VAL I 119 25.26 -36.61 23.91
C VAL I 119 25.28 -35.10 23.64
N ASP I 120 26.39 -34.64 23.07
CA ASP I 120 26.51 -33.21 22.78
C ASP I 120 25.94 -32.88 21.40
N VAL I 121 26.42 -33.55 20.35
CA VAL I 121 25.90 -33.38 19.00
C VAL I 121 25.39 -34.72 18.51
N VAL I 122 24.24 -34.72 17.85
CA VAL I 122 23.72 -35.90 17.16
C VAL I 122 23.64 -35.59 15.67
N PHE I 123 24.25 -36.44 14.86
CA PHE I 123 24.33 -36.21 13.42
C PHE I 123 23.38 -37.12 12.66
N ALA I 124 22.88 -36.63 11.54
CA ALA I 124 22.22 -37.45 10.54
C ALA I 124 23.28 -37.90 9.53
N ASN I 125 23.42 -39.23 9.38
CA ASN I 125 24.58 -39.78 8.69
C ASN I 125 24.52 -39.56 7.18
N ARG I 126 23.33 -39.52 6.60
CA ARG I 126 23.14 -39.30 5.18
C ARG I 126 21.72 -38.78 4.97
N PRO I 127 21.46 -38.08 3.86
CA PRO I 127 20.09 -37.58 3.63
C PRO I 127 19.10 -38.69 3.30
N ASP I 128 17.83 -38.41 3.61
CA ASP I 128 16.74 -39.36 3.43
C ASP I 128 15.75 -38.82 2.42
N PRO I 129 15.55 -39.48 1.27
CA PRO I 129 14.61 -38.95 0.27
C PRO I 129 13.14 -39.23 0.57
N ASN I 130 12.83 -40.17 1.44
CA ASN I 130 11.45 -40.57 1.70
C ASN I 130 10.79 -39.78 2.82
N THR I 131 11.53 -38.91 3.51
CA THR I 131 10.99 -38.16 4.62
C THR I 131 10.95 -36.67 4.29
N PRO I 132 9.87 -35.97 4.64
CA PRO I 132 9.89 -34.50 4.54
C PRO I 132 10.87 -33.88 5.52
N MET I 133 11.36 -32.69 5.15
CA MET I 133 12.35 -31.99 5.95
C MET I 133 11.76 -31.49 7.26
N GLU I 134 10.47 -31.13 7.27
CA GLU I 134 9.80 -30.59 8.45
C GLU I 134 9.72 -31.62 9.57
N GLU I 135 9.47 -32.89 9.22
CA GLU I 135 9.43 -33.97 10.20
C GLU I 135 10.79 -34.22 10.84
N THR I 136 11.87 -34.17 10.04
CA THR I 136 13.22 -34.37 10.54
C THR I 136 13.65 -33.22 11.46
N VAL I 137 13.35 -31.98 11.08
CA VAL I 137 13.72 -30.82 11.90
C VAL I 137 12.91 -30.80 13.20
N ARG I 138 11.63 -31.19 13.13
CA ARG I 138 10.80 -31.27 14.34
C ARG I 138 11.26 -32.39 15.27
N ALA I 139 11.71 -33.51 14.72
CA ALA I 139 12.22 -34.60 15.55
C ALA I 139 13.54 -34.23 16.24
N MET I 140 14.42 -33.52 15.52
CA MET I 140 15.67 -33.05 16.12
C MET I 140 15.43 -32.01 17.20
N THR I 141 14.47 -31.10 16.97
CA THR I 141 14.09 -30.11 17.98
C THR I 141 13.46 -30.79 19.20
N HIS I 142 12.67 -31.85 18.97
CA HIS I 142 12.07 -32.59 20.07
C HIS I 142 13.12 -33.31 20.93
N VAL I 143 14.11 -33.96 20.30
CA VAL I 143 15.11 -34.65 21.12
C VAL I 143 16.08 -33.68 21.77
N ILE I 144 16.25 -32.46 21.23
CA ILE I 144 17.02 -31.45 21.95
C ILE I 144 16.23 -30.93 23.15
N ASN I 145 14.93 -30.70 23.00
CA ASN I 145 14.13 -30.14 24.09
C ASN I 145 13.84 -31.13 25.21
N GLN I 146 14.03 -32.42 24.99
CA GLN I 146 13.85 -33.42 26.05
C GLN I 146 15.12 -33.66 26.85
N GLY I 147 16.22 -32.99 26.51
CA GLY I 147 17.46 -33.16 27.24
C GLY I 147 18.30 -34.34 26.83
N MET I 148 17.99 -34.98 25.71
CA MET I 148 18.77 -36.11 25.23
C MET I 148 19.95 -35.68 24.35
N ALA I 149 20.00 -34.40 23.95
CA ALA I 149 21.08 -33.87 23.15
C ALA I 149 21.14 -32.37 23.36
N MET I 150 22.26 -31.77 22.96
CA MET I 150 22.45 -30.33 23.04
C MET I 150 22.38 -29.63 21.69
N TYR I 151 22.98 -30.22 20.66
CA TYR I 151 23.00 -29.65 19.32
C TYR I 151 22.77 -30.78 18.31
N TRP I 152 22.57 -30.41 17.05
CA TRP I 152 22.51 -31.39 15.99
C TRP I 152 23.14 -30.84 14.72
N GLY I 153 23.59 -31.75 13.86
CA GLY I 153 24.24 -31.40 12.62
C GLY I 153 23.96 -32.45 11.56
N THR I 154 24.53 -32.23 10.38
CA THR I 154 24.32 -33.09 9.21
C THR I 154 25.64 -33.74 8.80
N SER I 155 25.52 -34.69 7.87
CA SER I 155 26.69 -35.36 7.30
C SER I 155 26.32 -35.86 5.91
N ARG I 156 27.20 -35.58 4.93
CA ARG I 156 27.05 -35.89 3.50
C ARG I 156 25.79 -35.26 2.88
N TRP I 157 25.42 -34.08 3.35
CA TRP I 157 24.32 -33.33 2.73
C TRP I 157 24.89 -32.32 1.74
N SER I 158 24.09 -31.97 0.74
CA SER I 158 24.47 -30.91 -0.19
C SER I 158 24.09 -29.57 0.41
N SER I 159 24.46 -28.49 -0.28
CA SER I 159 24.21 -27.13 0.22
C SER I 159 22.74 -26.77 0.17
N MET I 160 22.01 -27.27 -0.84
CA MET I 160 20.58 -26.98 -0.96
C MET I 160 19.78 -27.63 0.16
N GLU I 161 20.19 -28.82 0.62
CA GLU I 161 19.48 -29.50 1.69
C GLU I 161 19.72 -28.83 3.04
N ILE I 162 20.94 -28.34 3.28
CA ILE I 162 21.24 -27.60 4.50
C ILE I 162 20.51 -26.27 4.53
N MET I 163 20.45 -25.58 3.38
CA MET I 163 19.70 -24.33 3.28
C MET I 163 18.20 -24.55 3.43
N GLU I 164 17.69 -25.69 2.94
CA GLU I 164 16.28 -26.03 3.12
C GLU I 164 15.96 -26.33 4.58
N ALA I 165 16.87 -27.02 5.29
CA ALA I 165 16.68 -27.28 6.71
C ALA I 165 16.70 -25.99 7.54
N TYR I 166 17.59 -25.06 7.18
CA TYR I 166 17.63 -23.75 7.82
C TYR I 166 16.35 -22.95 7.58
N SER I 167 15.83 -23.00 6.34
CA SER I 167 14.62 -22.25 5.99
C SER I 167 13.39 -22.83 6.68
N VAL I 168 13.31 -24.17 6.79
CA VAL I 168 12.21 -24.81 7.51
C VAL I 168 12.28 -24.51 9.00
N ALA I 169 13.49 -24.49 9.57
CA ALA I 169 13.65 -24.16 10.99
C ALA I 169 13.30 -22.71 11.28
N ARG I 170 13.63 -21.79 10.37
CA ARG I 170 13.25 -20.40 10.58
C ARG I 170 11.76 -20.15 10.33
N GLN I 171 11.13 -20.97 9.50
CA GLN I 171 9.71 -20.80 9.21
C GLN I 171 8.83 -21.16 10.41
N PHE I 172 9.11 -22.28 11.08
CA PHE I 172 8.25 -22.79 12.14
C PHE I 172 8.80 -22.57 13.54
N ASN I 173 9.82 -21.71 13.69
CA ASN I 173 10.48 -21.35 14.95
C ASN I 173 11.09 -22.58 15.65
N LEU I 174 11.98 -23.24 14.93
CA LEU I 174 12.64 -24.47 15.37
C LEU I 174 14.15 -24.23 15.46
N THR I 175 14.91 -25.31 15.69
CA THR I 175 16.35 -25.22 15.92
C THR I 175 17.12 -25.53 14.65
N PRO I 176 17.94 -24.61 14.13
CA PRO I 176 18.76 -24.90 12.95
C PRO I 176 19.98 -25.75 13.31
N PRO I 177 20.56 -26.47 12.34
CA PRO I 177 21.80 -27.22 12.62
C PRO I 177 23.02 -26.31 12.67
N ILE I 178 24.09 -26.82 13.27
CA ILE I 178 25.29 -26.02 13.49
C ILE I 178 26.51 -26.52 12.73
N CYS I 179 26.54 -27.76 12.25
CA CYS I 179 27.80 -28.31 11.74
C CYS I 179 27.52 -29.29 10.62
N GLU I 180 28.54 -29.50 9.78
CA GLU I 180 28.50 -30.44 8.67
C GLU I 180 29.79 -31.26 8.68
N GLN I 181 29.66 -32.58 8.57
CA GLN I 181 30.80 -33.48 8.47
C GLN I 181 31.06 -33.82 7.00
N ALA I 182 32.26 -33.53 6.51
CA ALA I 182 32.62 -33.75 5.12
C ALA I 182 33.99 -34.42 5.04
N GLU I 183 34.23 -35.10 3.92
CA GLU I 183 35.51 -35.73 3.66
C GLU I 183 36.47 -34.73 3.03
N TYR I 184 37.71 -34.71 3.51
CA TYR I 184 38.68 -33.71 3.06
C TYR I 184 40.09 -34.25 3.25
N HIS I 185 40.81 -34.43 2.14
CA HIS I 185 42.24 -34.70 2.16
C HIS I 185 42.84 -34.09 0.89
N MET I 186 44.07 -34.50 0.57
CA MET I 186 44.79 -33.87 -0.56
C MET I 186 44.26 -34.29 -1.92
N PHE I 187 43.48 -35.36 -2.00
CA PHE I 187 42.89 -35.80 -3.25
C PHE I 187 41.37 -35.70 -3.26
N GLN I 188 40.80 -34.93 -2.32
CA GLN I 188 39.35 -34.70 -2.25
C GLN I 188 39.17 -33.29 -1.69
N ARG I 189 39.02 -32.32 -2.59
CA ARG I 189 39.13 -30.92 -2.22
C ARG I 189 37.95 -30.03 -2.62
N GLU I 190 36.94 -30.56 -3.32
CA GLU I 190 35.97 -29.69 -3.98
C GLU I 190 34.96 -29.11 -3.00
N LYS I 191 34.34 -29.96 -2.18
CA LYS I 191 33.17 -29.57 -1.40
C LYS I 191 33.53 -28.64 -0.25
N VAL I 192 34.66 -28.89 0.41
CA VAL I 192 35.09 -28.05 1.52
C VAL I 192 35.54 -26.68 1.02
N GLU I 193 36.18 -26.63 -0.15
CA GLU I 193 36.81 -25.39 -0.59
C GLU I 193 35.90 -24.49 -1.43
N VAL I 194 34.94 -25.02 -2.19
CA VAL I 194 34.14 -24.16 -3.06
C VAL I 194 32.68 -24.01 -2.63
N GLN I 195 32.16 -24.86 -1.74
CA GLN I 195 30.74 -24.84 -1.40
C GLN I 195 30.47 -24.36 0.02
N LEU I 196 31.18 -24.89 1.00
CA LEU I 196 31.02 -24.58 2.43
C LEU I 196 31.38 -23.17 2.94
N PRO I 197 32.35 -22.41 2.38
CA PRO I 197 32.52 -21.01 2.86
C PRO I 197 31.32 -20.09 2.69
N GLU I 198 30.49 -20.29 1.66
CA GLU I 198 29.27 -19.50 1.52
C GLU I 198 28.28 -19.80 2.64
N LEU I 199 28.16 -21.08 3.03
CA LEU I 199 27.30 -21.44 4.16
C LEU I 199 27.88 -20.97 5.48
N PHE I 200 29.20 -20.91 5.60
CA PHE I 200 29.79 -20.40 6.84
C PHE I 200 29.61 -18.90 6.96
N HIS I 201 29.75 -18.16 5.87
CA HIS I 201 29.58 -16.72 5.93
C HIS I 201 28.12 -16.31 6.00
N LYS I 202 27.21 -17.12 5.48
CA LYS I 202 25.80 -16.74 5.42
C LYS I 202 25.04 -17.12 6.70
N ILE I 203 25.01 -18.40 7.04
CA ILE I 203 24.22 -18.88 8.16
C ILE I 203 25.07 -19.45 9.29
N GLY I 204 26.38 -19.36 9.19
CA GLY I 204 27.27 -19.78 10.27
C GLY I 204 27.35 -21.26 10.57
N VAL I 205 27.39 -22.09 9.54
CA VAL I 205 27.51 -23.54 9.70
C VAL I 205 28.98 -23.94 9.51
N GLY I 206 29.56 -24.58 10.52
CA GLY I 206 30.95 -24.98 10.46
C GLY I 206 31.13 -26.36 9.85
N ALA I 207 32.40 -26.73 9.67
CA ALA I 207 32.78 -27.99 9.04
C ALA I 207 33.69 -28.79 9.96
N MET I 208 33.46 -30.10 10.01
CA MET I 208 34.26 -31.03 10.80
C MET I 208 34.68 -32.16 9.87
N THR I 209 35.90 -32.09 9.36
CA THR I 209 36.32 -32.97 8.27
C THR I 209 36.81 -34.32 8.79
N TRP I 210 36.65 -35.35 7.95
CA TRP I 210 37.07 -36.70 8.29
C TRP I 210 37.94 -37.28 7.18
N SER I 211 38.63 -38.36 7.53
CA SER I 211 39.64 -39.10 6.76
C SER I 211 40.75 -38.20 6.21
N PRO I 212 41.66 -37.68 7.05
CA PRO I 212 42.70 -36.79 6.53
C PRO I 212 43.84 -37.52 5.85
N LEU I 213 44.02 -38.82 6.08
CA LEU I 213 45.11 -39.58 5.48
C LEU I 213 44.63 -40.56 4.41
N ALA I 214 43.36 -40.44 3.98
CA ALA I 214 42.73 -41.24 2.92
C ALA I 214 42.81 -42.75 3.20
N CYS I 215 42.42 -43.11 4.44
CA CYS I 215 42.49 -44.47 5.00
C CYS I 215 43.91 -45.04 4.99
N GLY I 216 44.92 -44.18 5.12
CA GLY I 216 46.29 -44.61 5.19
C GLY I 216 47.10 -44.48 3.91
N ILE I 217 46.50 -43.95 2.83
CA ILE I 217 47.21 -43.84 1.56
C ILE I 217 48.29 -42.76 1.64
N VAL I 218 47.93 -41.58 2.17
CA VAL I 218 48.87 -40.45 2.22
C VAL I 218 49.91 -40.59 3.33
N SER I 219 49.82 -41.64 4.15
CA SER I 219 50.90 -41.93 5.10
C SER I 219 52.15 -42.43 4.39
N GLY I 220 52.00 -43.04 3.22
CA GLY I 220 53.14 -43.51 2.46
C GLY I 220 53.58 -44.92 2.75
N LYS I 221 52.76 -45.73 3.39
CA LYS I 221 53.15 -47.10 3.73
C LYS I 221 52.96 -48.07 2.56
N TYR I 222 52.22 -47.68 1.53
CA TYR I 222 51.95 -48.55 0.39
C TYR I 222 52.84 -48.24 -0.81
N ASP I 223 54.08 -47.81 -0.56
CA ASP I 223 54.98 -47.48 -1.65
C ASP I 223 55.48 -48.73 -2.38
N SER I 224 55.60 -49.85 -1.67
CA SER I 224 55.98 -51.11 -2.30
C SER I 224 54.76 -51.95 -2.66
N GLY I 225 53.96 -52.31 -1.67
CA GLY I 225 52.80 -53.16 -1.89
C GLY I 225 51.82 -53.09 -0.75
N ILE I 226 51.27 -54.23 -0.35
CA ILE I 226 50.35 -54.30 0.78
C ILE I 226 51.06 -54.96 1.95
N PRO I 227 51.48 -54.21 2.97
CA PRO I 227 52.12 -54.82 4.13
C PRO I 227 51.12 -55.55 4.99
N PRO I 228 51.56 -56.53 5.79
CA PRO I 228 50.64 -57.23 6.69
C PRO I 228 50.17 -56.34 7.84
N TYR I 229 49.02 -56.73 8.40
CA TYR I 229 48.34 -56.06 9.52
C TYR I 229 47.99 -54.61 9.19
N SER I 230 47.60 -54.36 7.95
CA SER I 230 47.13 -53.06 7.51
C SER I 230 45.63 -53.13 7.22
N ARG I 231 45.04 -51.97 6.94
CA ARG I 231 43.61 -51.91 6.66
C ARG I 231 43.29 -52.52 5.31
N ALA I 232 44.19 -52.41 4.33
CA ALA I 232 43.94 -52.97 3.01
C ALA I 232 44.02 -54.48 2.98
N SER I 233 44.73 -55.10 3.93
CA SER I 233 44.86 -56.54 3.98
C SER I 233 43.81 -57.23 4.85
N LEU I 234 42.90 -56.46 5.46
CA LEU I 234 41.86 -57.05 6.28
C LEU I 234 40.77 -57.67 5.43
N LYS I 235 39.96 -58.52 6.06
CA LYS I 235 38.83 -59.13 5.39
C LYS I 235 37.69 -58.14 5.26
N GLY I 236 37.18 -57.97 4.05
CA GLY I 236 36.10 -57.03 3.79
C GLY I 236 36.51 -55.68 3.28
N TYR I 237 37.77 -55.49 2.90
CA TYR I 237 38.28 -54.23 2.39
C TYR I 237 38.98 -54.46 1.05
N GLN I 238 38.30 -55.19 0.16
CA GLN I 238 38.83 -55.46 -1.17
C GLN I 238 38.78 -54.23 -2.06
N TRP I 239 37.84 -53.30 -1.78
CA TRP I 239 37.71 -52.08 -2.57
C TRP I 239 38.92 -51.17 -2.38
N LEU I 240 39.42 -51.06 -1.15
CA LEU I 240 40.60 -50.25 -0.88
C LEU I 240 41.85 -50.88 -1.50
N LYS I 241 41.95 -52.21 -1.48
CA LYS I 241 43.09 -52.89 -2.08
C LYS I 241 43.07 -52.78 -3.60
N ASP I 242 41.87 -52.78 -4.20
CA ASP I 242 41.77 -52.54 -5.64
C ASP I 242 42.05 -51.09 -6.00
N LYS I 243 41.71 -50.16 -5.09
CA LYS I 243 42.00 -48.75 -5.33
C LYS I 243 43.49 -48.46 -5.25
N ILE I 244 44.20 -49.13 -4.34
CA ILE I 244 45.64 -48.93 -4.20
C ILE I 244 46.39 -49.53 -5.40
N LEU I 245 46.01 -50.74 -5.81
CA LEU I 245 46.74 -51.48 -6.82
C LEU I 245 46.27 -51.19 -8.25
N SER I 246 45.57 -50.08 -8.47
CA SER I 246 45.16 -49.68 -9.81
C SER I 246 46.23 -48.78 -10.42
N GLU I 247 45.91 -48.14 -11.54
CA GLU I 247 46.87 -47.33 -12.26
C GLU I 247 46.99 -45.90 -11.73
N GLU I 248 45.94 -45.36 -11.10
CA GLU I 248 46.02 -44.04 -10.50
C GLU I 248 46.86 -44.02 -9.22
N GLY I 249 46.97 -45.18 -8.56
CA GLY I 249 47.73 -45.29 -7.33
C GLY I 249 49.22 -45.06 -7.51
N ARG I 250 49.77 -45.42 -8.67
CA ARG I 250 51.19 -45.18 -8.93
C ARG I 250 51.50 -43.70 -9.06
N ARG I 251 50.61 -42.96 -9.73
CA ARG I 251 50.76 -41.51 -9.83
C ARG I 251 50.59 -40.84 -8.47
N GLN I 252 49.66 -41.37 -7.65
CA GLN I 252 49.51 -40.87 -6.28
C GLN I 252 50.76 -41.16 -5.43
N GLN I 253 51.40 -42.32 -5.64
CA GLN I 253 52.62 -42.64 -4.91
C GLN I 253 53.80 -41.77 -5.34
N ALA I 254 53.88 -41.42 -6.63
CA ALA I 254 54.92 -40.52 -7.11
C ALA I 254 54.76 -39.10 -6.55
N LYS I 255 53.52 -38.59 -6.54
CA LYS I 255 53.24 -37.31 -5.90
C LYS I 255 53.48 -37.36 -4.40
N LEU I 256 53.24 -38.52 -3.77
CA LEU I 256 53.53 -38.69 -2.36
C LEU I 256 55.03 -38.70 -2.08
N LYS I 257 55.83 -39.22 -3.01
CA LYS I 257 57.29 -39.13 -2.87
C LYS I 257 57.78 -37.69 -2.94
N GLU I 258 57.21 -36.89 -3.86
CA GLU I 258 57.57 -35.47 -3.93
C GLU I 258 57.14 -34.70 -2.68
N LEU I 259 55.93 -34.99 -2.17
CA LEU I 259 55.48 -34.35 -0.94
C LEU I 259 56.27 -34.82 0.28
N GLN I 260 56.75 -36.06 0.27
CA GLN I 260 57.63 -36.55 1.33
C GLN I 260 58.98 -35.85 1.29
N ALA I 261 59.48 -35.54 0.09
CA ALA I 261 60.70 -34.73 -0.03
C ALA I 261 60.51 -33.32 0.55
N ILE I 262 59.35 -32.71 0.29
CA ILE I 262 59.05 -31.39 0.87
C ILE I 262 58.93 -31.46 2.40
N ALA I 263 58.24 -32.49 2.92
CA ALA I 263 58.08 -32.65 4.35
C ALA I 263 59.38 -32.99 5.07
N GLU I 264 60.28 -33.71 4.40
CA GLU I 264 61.59 -33.97 4.97
C GLU I 264 62.48 -32.73 4.91
N ARG I 265 62.25 -31.85 3.93
CA ARG I 265 62.92 -30.55 3.92
C ARG I 265 62.46 -29.68 5.07
N LEU I 266 61.16 -29.72 5.41
CA LEU I 266 60.64 -28.91 6.50
C LEU I 266 61.02 -29.42 7.89
N GLY I 267 61.54 -30.64 8.00
CA GLY I 267 61.91 -31.18 9.29
C GLY I 267 60.82 -31.98 9.99
N CYS I 268 59.88 -32.54 9.24
CA CYS I 268 58.75 -33.26 9.81
C CYS I 268 58.55 -34.55 9.01
N THR I 269 57.40 -35.18 9.21
CA THR I 269 57.01 -36.37 8.48
C THR I 269 55.81 -36.05 7.59
N LEU I 270 55.58 -36.93 6.61
CA LEU I 270 54.46 -36.76 5.68
C LEU I 270 53.05 -36.82 6.31
N PRO I 271 52.70 -37.72 7.25
CA PRO I 271 51.37 -37.59 7.89
C PRO I 271 51.16 -36.32 8.70
N GLN I 272 52.21 -35.76 9.30
CA GLN I 272 52.07 -34.50 10.03
C GLN I 272 51.78 -33.33 9.09
N LEU I 273 52.45 -33.31 7.93
CA LEU I 273 52.18 -32.29 6.92
C LEU I 273 50.80 -32.46 6.31
N ALA I 274 50.36 -33.72 6.12
CA ALA I 274 49.04 -33.98 5.56
C ALA I 274 47.92 -33.58 6.54
N ILE I 275 48.13 -33.81 7.84
CA ILE I 275 47.14 -33.41 8.84
C ILE I 275 47.10 -31.89 8.99
N ALA I 276 48.27 -31.25 9.09
CA ALA I 276 48.32 -29.80 9.26
C ALA I 276 47.97 -29.02 8.00
N TRP I 277 47.96 -29.66 6.84
CA TRP I 277 47.51 -28.99 5.61
C TRP I 277 46.01 -28.74 5.63
N CYS I 278 45.24 -29.60 6.30
CA CYS I 278 43.79 -29.46 6.32
C CYS I 278 43.30 -28.34 7.22
N LEU I 279 44.13 -27.87 8.16
CA LEU I 279 43.73 -26.87 9.14
C LEU I 279 44.27 -25.48 8.81
N ARG I 280 44.69 -25.24 7.57
CA ARG I 280 45.30 -23.97 7.22
C ARG I 280 44.27 -22.85 7.00
N ASN I 281 42.99 -23.17 6.88
CA ASN I 281 41.95 -22.18 6.68
C ASN I 281 40.99 -22.19 7.86
N GLU I 282 40.26 -21.08 8.00
CA GLU I 282 39.40 -20.87 9.17
C GLU I 282 38.02 -21.49 9.02
N GLY I 283 37.68 -22.03 7.84
CA GLY I 283 36.40 -22.69 7.66
C GLY I 283 36.31 -24.06 8.29
N VAL I 284 37.46 -24.68 8.58
CA VAL I 284 37.51 -26.01 9.19
C VAL I 284 37.73 -25.84 10.67
N SER I 285 36.84 -26.42 11.48
CA SER I 285 36.92 -26.30 12.92
C SER I 285 37.74 -27.42 13.56
N SER I 286 37.58 -28.66 13.08
CA SER I 286 38.26 -29.78 13.70
C SER I 286 38.51 -30.86 12.66
N VAL I 287 39.48 -31.73 12.94
CA VAL I 287 39.85 -32.84 12.09
C VAL I 287 39.81 -34.11 12.92
N LEU I 288 39.03 -35.10 12.47
CA LEU I 288 38.92 -36.38 13.16
C LEU I 288 40.00 -37.33 12.69
N LEU I 289 40.72 -37.93 13.64
CA LEU I 289 41.84 -38.81 13.34
C LEU I 289 41.46 -40.28 13.54
N GLY I 290 42.22 -41.14 12.89
CA GLY I 290 42.15 -42.57 13.14
C GLY I 290 43.53 -43.11 13.38
N ALA I 291 43.63 -44.03 14.34
CA ALA I 291 44.92 -44.60 14.71
C ALA I 291 44.72 -46.06 15.13
N SER I 292 45.77 -46.85 14.91
CA SER I 292 45.73 -48.27 15.23
C SER I 292 46.60 -48.66 16.40
N ASN I 293 47.60 -47.85 16.75
CA ASN I 293 48.43 -48.08 17.91
C ASN I 293 48.89 -46.74 18.46
N ALA I 294 49.65 -46.77 19.56
CA ALA I 294 50.01 -45.55 20.26
C ALA I 294 51.08 -44.73 19.55
N ASP I 295 51.94 -45.39 18.78
CA ASP I 295 53.00 -44.68 18.05
C ASP I 295 52.42 -43.84 16.92
N GLN I 296 51.38 -44.34 16.24
CA GLN I 296 50.70 -43.58 15.20
C GLN I 296 49.99 -42.36 15.78
N LEU I 297 49.37 -42.50 16.94
CA LEU I 297 48.68 -41.37 17.58
C LEU I 297 49.67 -40.33 18.08
N MET I 298 50.80 -40.78 18.64
CA MET I 298 51.83 -39.84 19.10
C MET I 298 52.52 -39.15 17.92
N GLU I 299 52.60 -39.80 16.76
CA GLU I 299 53.10 -39.11 15.58
C GLU I 299 52.08 -38.13 15.03
N ASN I 300 50.79 -38.50 15.03
CA ASN I 300 49.76 -37.64 14.45
C ASN I 300 49.47 -36.42 15.31
N ILE I 301 49.73 -36.49 16.61
CA ILE I 301 49.54 -35.34 17.49
C ILE I 301 50.56 -34.25 17.18
N GLY I 302 51.76 -34.62 16.73
CA GLY I 302 52.83 -33.69 16.44
C GLY I 302 52.71 -32.80 15.22
N ALA I 303 51.52 -32.65 14.63
CA ALA I 303 51.32 -31.71 13.52
C ALA I 303 51.13 -30.28 13.99
N ILE I 304 50.99 -30.07 15.30
CA ILE I 304 50.84 -28.75 15.90
C ILE I 304 52.10 -27.92 15.68
N GLN I 305 53.27 -28.57 15.78
CA GLN I 305 54.55 -27.90 15.57
C GLN I 305 54.75 -27.49 14.12
N VAL I 306 54.22 -28.27 13.17
CA VAL I 306 54.44 -27.98 11.75
C VAL I 306 53.33 -27.12 11.15
N LEU I 307 52.24 -26.88 11.89
CA LEU I 307 51.22 -25.93 11.43
C LEU I 307 51.68 -24.49 11.22
N PRO I 308 52.42 -23.81 12.13
CA PRO I 308 52.77 -22.41 11.83
C PRO I 308 53.89 -22.22 10.83
N LYS I 309 54.54 -23.28 10.35
CA LYS I 309 55.59 -23.18 9.36
C LYS I 309 55.07 -23.12 7.93
N LEU I 310 53.76 -23.24 7.72
CA LEU I 310 53.19 -23.27 6.39
C LEU I 310 53.01 -21.85 5.88
N SER I 311 53.97 -21.37 5.10
CA SER I 311 53.86 -20.07 4.47
C SER I 311 53.14 -20.21 3.13
N SER I 312 53.02 -19.09 2.41
CA SER I 312 52.31 -19.11 1.12
C SER I 312 53.14 -19.78 0.03
N SER I 313 54.47 -19.75 0.15
CA SER I 313 55.34 -20.36 -0.85
C SER I 313 55.25 -21.89 -0.81
N ILE I 314 55.20 -22.47 0.39
CA ILE I 314 55.09 -23.92 0.54
C ILE I 314 53.72 -24.40 0.09
N ILE I 315 52.67 -23.62 0.37
CA ILE I 315 51.31 -23.94 -0.08
C ILE I 315 51.22 -23.88 -1.61
N HIS I 316 51.87 -22.87 -2.21
CA HIS I 316 51.88 -22.76 -3.67
C HIS I 316 52.70 -23.88 -4.31
N GLU I 317 53.77 -24.32 -3.66
CA GLU I 317 54.57 -25.43 -4.17
C GLU I 317 53.81 -26.76 -4.08
N ILE I 318 53.06 -26.97 -2.99
CA ILE I 318 52.23 -28.15 -2.83
C ILE I 318 51.10 -28.17 -3.85
N ASP I 319 50.49 -27.00 -4.11
CA ASP I 319 49.45 -26.91 -5.13
C ASP I 319 50.01 -27.07 -6.54
N SER I 320 51.27 -26.72 -6.75
CA SER I 320 51.90 -26.97 -8.06
C SER I 320 52.20 -28.45 -8.24
N ILE I 321 52.58 -29.15 -7.17
CA ILE I 321 52.86 -30.58 -7.27
C ILE I 321 51.57 -31.38 -7.47
N LEU I 322 50.53 -31.06 -6.68
CA LEU I 322 49.29 -31.84 -6.71
C LEU I 322 48.51 -31.60 -8.00
N GLY I 323 48.33 -30.34 -8.39
CA GLY I 323 47.67 -29.99 -9.64
C GLY I 323 46.19 -30.31 -9.71
N ASN I 324 45.46 -30.16 -8.62
CA ASN I 324 44.04 -30.45 -8.59
C ASN I 324 43.25 -29.36 -7.86
N LYS I 325 43.71 -28.12 -7.95
CA LYS I 325 43.05 -27.02 -7.25
C LYS I 325 41.74 -26.67 -7.94
N PRO I 326 40.62 -26.64 -7.22
CA PRO I 326 39.33 -26.37 -7.87
C PRO I 326 39.16 -24.90 -8.21
N TYR I 327 38.51 -24.65 -9.34
CA TYR I 327 38.31 -23.30 -9.84
C TYR I 327 37.04 -22.71 -9.22
N SER I 328 37.14 -21.47 -8.74
CA SER I 328 36.02 -20.79 -8.13
C SER I 328 35.98 -19.32 -8.51
N GLU J 1 8.02 40.67 6.23
CA GLU J 1 7.37 41.95 6.50
C GLU J 1 8.30 43.11 6.18
N ARG J 2 7.97 44.27 6.75
CA ARG J 2 8.77 45.47 6.66
C ARG J 2 8.93 46.06 8.05
N PRO J 3 10.04 46.74 8.31
CA PRO J 3 10.22 47.37 9.63
C PRO J 3 9.15 48.43 9.86
N LEU J 4 8.83 48.64 11.13
CA LEU J 4 7.94 49.73 11.44
C LEU J 4 8.69 50.81 12.20
N PRO J 5 8.29 52.07 12.07
CA PRO J 5 9.03 53.15 12.74
C PRO J 5 9.09 53.00 14.25
N ARG J 6 8.04 52.45 14.86
CA ARG J 6 8.01 52.19 16.30
C ARG J 6 8.28 53.47 17.09
N ARG J 7 7.57 54.54 16.74
CA ARG J 7 7.78 55.83 17.35
C ARG J 7 6.44 56.52 17.57
N ASP J 8 6.51 57.79 17.98
CA ASP J 8 5.33 58.46 18.50
C ASP J 8 4.44 58.98 17.39
N PHE J 9 4.93 59.95 16.61
CA PHE J 9 4.12 60.55 15.55
C PHE J 9 4.42 59.90 14.20
N GLN J 10 5.69 59.67 13.91
CA GLN J 10 6.09 59.19 12.59
C GLN J 10 5.50 57.81 12.29
N ARG J 11 5.53 56.90 13.26
CA ARG J 11 4.95 55.59 13.05
C ARG J 11 3.45 55.68 12.77
N GLN J 12 2.76 56.51 13.54
CA GLN J 12 1.32 56.69 13.34
C GLN J 12 1.05 57.25 11.96
N VAL J 13 1.86 58.22 11.53
CA VAL J 13 1.64 58.86 10.23
C VAL J 13 1.90 57.87 9.10
N TRP J 14 2.96 57.09 9.20
CA TRP J 14 3.27 56.15 8.13
C TRP J 14 2.25 55.04 8.05
N LEU J 15 1.75 54.57 9.21
CA LEU J 15 0.65 53.61 9.16
C LEU J 15 -0.59 54.22 8.52
N LEU J 16 -0.78 55.53 8.68
CA LEU J 16 -1.93 56.19 8.06
C LEU J 16 -1.78 56.26 6.55
N PHE J 17 -0.59 56.64 6.07
CA PHE J 17 -0.39 56.85 4.65
C PHE J 17 0.07 55.60 3.90
N GLU J 18 0.21 54.47 4.59
CA GLU J 18 0.70 53.29 3.89
C GLU J 18 -0.29 52.14 3.85
N TYR J 19 -1.10 51.96 4.90
CA TYR J 19 -2.00 50.81 4.98
C TYR J 19 -3.45 51.25 5.00
N PRO J 20 -4.15 51.19 3.88
CA PRO J 20 -5.54 51.63 3.83
C PRO J 20 -6.51 50.77 4.62
N GLU J 21 -6.05 49.69 5.24
CA GLU J 21 -6.92 48.82 6.00
C GLU J 21 -7.02 49.21 7.47
N SER J 22 -6.26 50.22 7.90
CA SER J 22 -6.13 50.49 9.33
C SER J 22 -7.42 51.04 9.92
N SER J 23 -7.84 52.21 9.48
CA SER J 23 -8.89 52.95 10.18
C SER J 23 -9.79 53.63 9.16
N GLY J 24 -10.69 54.47 9.67
CA GLY J 24 -11.51 55.31 8.84
C GLY J 24 -10.72 56.36 8.07
N PRO J 25 -9.83 57.09 8.76
CA PRO J 25 -9.01 58.07 8.05
C PRO J 25 -8.17 57.49 6.92
N ALA J 26 -7.66 56.27 7.07
CA ALA J 26 -6.88 55.68 5.99
C ALA J 26 -7.75 55.47 4.76
N ARG J 27 -8.97 54.98 4.95
CA ARG J 27 -9.87 54.81 3.82
C ARG J 27 -10.23 56.15 3.20
N GLY J 28 -10.42 57.18 4.04
CA GLY J 28 -10.70 58.50 3.49
C GLY J 28 -9.56 59.05 2.65
N ILE J 29 -8.33 58.91 3.13
CA ILE J 29 -7.18 59.36 2.36
C ILE J 29 -7.08 58.60 1.04
N ALA J 30 -7.27 57.29 1.07
CA ALA J 30 -7.19 56.52 -0.16
C ALA J 30 -8.23 56.99 -1.17
N ILE J 31 -9.47 57.20 -0.73
CA ILE J 31 -10.50 57.64 -1.66
C ILE J 31 -10.17 59.03 -2.19
N VAL J 32 -9.58 59.88 -1.37
CA VAL J 32 -9.20 61.21 -1.85
C VAL J 32 -8.17 61.09 -2.97
N SER J 33 -7.17 60.23 -2.77
CA SER J 33 -6.15 60.07 -3.81
C SER J 33 -6.77 59.57 -5.11
N VAL J 34 -7.71 58.62 -5.01
CA VAL J 34 -8.34 58.10 -6.22
C VAL J 34 -9.11 59.20 -6.93
N LEU J 35 -9.86 60.00 -6.18
CA LEU J 35 -10.64 61.06 -6.81
C LEU J 35 -9.73 62.05 -7.51
N VAL J 36 -8.63 62.43 -6.88
CA VAL J 36 -7.76 63.43 -7.49
C VAL J 36 -7.12 62.86 -8.76
N ILE J 37 -6.71 61.59 -8.74
CA ILE J 37 -6.12 61.01 -9.95
C ILE J 37 -7.13 61.06 -11.09
N LEU J 38 -8.37 60.64 -10.82
CA LEU J 38 -9.38 60.64 -11.89
C LEU J 38 -9.61 62.04 -12.42
N ILE J 39 -9.71 63.02 -11.52
CA ILE J 39 -9.92 64.40 -11.96
C ILE J 39 -8.80 64.83 -12.88
N SER J 40 -7.56 64.53 -12.50
CA SER J 40 -6.43 64.98 -13.31
C SER J 40 -6.44 64.34 -14.68
N ILE J 41 -6.80 63.05 -14.76
CA ILE J 41 -6.85 62.40 -16.06
C ILE J 41 -7.92 63.06 -16.93
N VAL J 42 -9.08 63.36 -16.35
CA VAL J 42 -10.15 63.97 -17.15
C VAL J 42 -9.69 65.35 -17.64
N ILE J 43 -9.01 66.11 -16.80
CA ILE J 43 -8.53 67.42 -17.22
C ILE J 43 -7.56 67.28 -18.38
N PHE J 44 -6.64 66.32 -18.28
CA PHE J 44 -5.66 66.15 -19.35
C PHE J 44 -6.32 65.77 -20.66
N CYS J 45 -7.29 64.86 -20.62
CA CYS J 45 -7.91 64.39 -21.85
C CYS J 45 -8.98 65.32 -22.38
N LEU J 46 -9.37 66.33 -21.61
CA LEU J 46 -10.43 67.24 -22.02
C LEU J 46 -9.92 68.53 -22.62
N GLU J 47 -8.76 69.02 -22.18
CA GLU J 47 -8.28 70.31 -22.65
C GLU J 47 -7.79 70.26 -24.08
N THR J 48 -7.95 69.16 -24.79
CA THR J 48 -7.43 69.04 -26.14
C THR J 48 -8.52 69.16 -27.20
N LEU J 49 -9.73 69.54 -26.86
CA LEU J 49 -10.82 69.63 -27.86
C LEU J 49 -10.64 70.74 -28.85
N PRO J 50 -11.36 70.67 -29.97
CA PRO J 50 -11.29 71.66 -31.03
C PRO J 50 -11.82 73.00 -30.59
N GLU J 51 -12.85 73.01 -29.77
CA GLU J 51 -13.48 74.22 -29.27
C GLU J 51 -12.64 75.14 -28.40
N PHE J 52 -11.91 74.60 -27.44
CA PHE J 52 -11.07 75.41 -26.56
C PHE J 52 -9.66 75.51 -27.09
N ARG J 53 -9.40 74.91 -28.24
CA ARG J 53 -8.09 74.98 -28.81
C ARG J 53 -7.74 76.39 -29.20
N ASP J 54 -8.72 77.11 -29.75
CA ASP J 54 -8.52 78.48 -30.23
C ASP J 54 -7.41 78.53 -31.26
N GLU J 55 -6.43 79.40 -31.05
CA GLU J 55 -5.31 79.53 -31.99
C GLU J 55 -3.98 79.13 -31.36
N SER J 83 -0.20 81.84 -18.04
CA SER J 83 -1.62 82.19 -18.05
C SER J 83 -2.03 82.70 -16.68
N PHE J 84 -3.31 82.89 -16.46
CA PHE J 84 -3.75 83.36 -15.15
C PHE J 84 -5.05 82.77 -14.57
N SER J 85 -6.18 83.11 -15.18
CA SER J 85 -7.50 82.68 -14.68
C SER J 85 -8.33 81.70 -15.50
N ASP J 86 -7.72 80.99 -16.44
CA ASP J 86 -8.47 80.04 -17.23
C ASP J 86 -8.92 78.88 -16.37
N PRO J 87 -10.04 78.28 -16.69
CA PRO J 87 -10.50 77.16 -15.88
C PRO J 87 -9.52 76.01 -15.96
N PHE J 88 -9.00 75.73 -17.15
CA PHE J 88 -8.04 74.66 -17.30
C PHE J 88 -6.72 74.85 -16.58
N PHE J 89 -6.20 76.06 -16.50
CA PHE J 89 -4.94 76.22 -15.81
C PHE J 89 -4.98 76.17 -14.29
N VAL J 90 -6.14 76.23 -13.68
CA VAL J 90 -6.14 76.18 -12.22
C VAL J 90 -5.97 74.76 -11.69
N VAL J 91 -6.97 73.95 -11.99
CA VAL J 91 -7.17 72.56 -11.60
C VAL J 91 -5.86 71.79 -11.65
N GLU J 92 -5.05 72.04 -12.68
CA GLU J 92 -3.76 71.36 -12.76
C GLU J 92 -2.88 71.71 -11.58
N THR J 93 -2.83 72.97 -11.21
CA THR J 93 -2.01 73.38 -10.08
C THR J 93 -2.49 72.73 -8.79
N LEU J 94 -3.81 72.64 -8.60
CA LEU J 94 -4.34 71.99 -7.41
C LEU J 94 -3.93 70.52 -7.37
N CYS J 95 -4.06 69.81 -8.48
CA CYS J 95 -3.72 68.39 -8.49
C CYS J 95 -2.23 68.19 -8.24
N ILE J 96 -1.38 69.02 -8.84
CA ILE J 96 0.05 68.89 -8.60
C ILE J 96 0.38 69.18 -7.15
N ILE J 97 -0.30 70.17 -6.55
CA ILE J 97 -0.07 70.45 -5.14
C ILE J 97 -0.37 69.23 -4.31
N TRP J 98 -1.50 68.57 -4.56
CA TRP J 98 -1.85 67.42 -3.73
C TRP J 98 -0.88 66.27 -3.94
N PHE J 99 -0.48 66.01 -5.19
CA PHE J 99 0.47 64.92 -5.43
C PHE J 99 1.79 65.18 -4.72
N SER J 100 2.30 66.42 -4.81
CA SER J 100 3.56 66.73 -4.16
C SER J 100 3.46 66.61 -2.65
N PHE J 101 2.35 67.08 -2.08
CA PHE J 101 2.18 66.95 -0.65
C PHE J 101 2.18 65.49 -0.22
N GLU J 102 1.44 64.65 -0.95
CA GLU J 102 1.38 63.23 -0.59
C GLU J 102 2.74 62.58 -0.68
N LEU J 103 3.47 62.84 -1.76
CA LEU J 103 4.80 62.25 -1.90
C LEU J 103 5.73 62.70 -0.79
N LEU J 104 5.72 64.00 -0.48
CA LEU J 104 6.61 64.52 0.54
C LEU J 104 6.31 63.91 1.89
N VAL J 105 5.03 63.83 2.26
CA VAL J 105 4.67 63.27 3.56
C VAL J 105 5.03 61.79 3.61
N ARG J 106 4.74 61.05 2.54
CA ARG J 106 5.05 59.63 2.52
C ARG J 106 6.54 59.39 2.67
N PHE J 107 7.36 60.23 2.06
CA PHE J 107 8.80 60.08 2.20
C PHE J 107 9.29 60.58 3.55
N PHE J 108 8.52 61.44 4.22
CA PHE J 108 9.00 62.04 5.46
C PHE J 108 9.28 61.00 6.52
N ALA J 109 8.37 60.03 6.66
CA ALA J 109 8.52 58.95 7.63
C ALA J 109 8.69 57.64 6.86
N CYS J 110 9.92 57.35 6.47
CA CYS J 110 10.22 56.11 5.77
C CYS J 110 11.44 55.51 6.45
N PRO J 111 11.36 54.25 6.88
CA PRO J 111 12.46 53.68 7.68
C PRO J 111 13.78 53.63 6.94
N SER J 112 13.83 53.01 5.77
CA SER J 112 15.08 52.82 5.05
C SER J 112 15.05 53.59 3.73
N LYS J 113 16.14 54.30 3.45
CA LYS J 113 16.28 55.06 2.22
C LYS J 113 16.53 54.16 1.02
N ALA J 114 17.27 53.07 1.20
CA ALA J 114 17.58 52.19 0.08
C ALA J 114 16.32 51.58 -0.50
N THR J 115 15.39 51.19 0.35
CA THR J 115 14.11 50.67 -0.14
C THR J 115 13.36 51.74 -0.93
N PHE J 116 13.37 52.98 -0.44
CA PHE J 116 12.67 54.06 -1.12
C PHE J 116 13.25 54.27 -2.52
N SER J 117 14.58 54.24 -2.64
CA SER J 117 15.18 54.37 -3.96
C SER J 117 14.85 53.18 -4.85
N ARG J 118 14.86 51.97 -4.28
CA ARG J 118 14.68 50.77 -5.08
C ARG J 118 13.22 50.50 -5.43
N ASN J 119 12.28 51.28 -4.92
CA ASN J 119 10.88 51.03 -5.20
C ASN J 119 10.56 51.44 -6.63
N ILE J 120 9.30 51.23 -7.03
CA ILE J 120 8.85 51.64 -8.34
C ILE J 120 7.71 52.67 -8.29
N MET J 121 6.78 52.54 -7.34
CA MET J 121 5.68 53.51 -7.26
C MET J 121 6.20 54.93 -7.10
N ASN J 122 7.26 55.11 -6.31
CA ASN J 122 7.81 56.45 -6.12
C ASN J 122 8.35 57.00 -7.43
N LEU J 123 8.92 56.15 -8.27
CA LEU J 123 9.36 56.61 -9.58
C LEU J 123 8.19 57.13 -10.40
N ILE J 124 7.07 56.40 -10.38
CA ILE J 124 5.89 56.87 -11.10
C ILE J 124 5.46 58.23 -10.57
N ASP J 125 5.48 58.41 -9.25
CA ASP J 125 5.03 59.68 -8.69
C ASP J 125 5.94 60.83 -9.11
N ILE J 126 7.25 60.64 -9.02
CA ILE J 126 8.14 61.75 -9.35
C ILE J 126 8.08 62.04 -10.85
N VAL J 127 7.92 61.02 -11.68
CA VAL J 127 7.81 61.25 -13.11
C VAL J 127 6.52 61.98 -13.44
N ALA J 128 5.44 61.67 -12.71
CA ALA J 128 4.19 62.39 -12.93
C ALA J 128 4.24 63.82 -12.41
N ILE J 129 5.15 64.13 -11.50
CA ILE J 129 5.24 65.50 -11.00
C ILE J 129 6.23 66.36 -11.81
N ILE J 130 7.23 65.76 -12.43
CA ILE J 130 8.26 66.54 -13.12
C ILE J 130 7.70 67.47 -14.20
N PRO J 131 6.90 67.00 -15.17
CA PRO J 131 6.59 67.86 -16.33
C PRO J 131 5.94 69.18 -15.97
N TYR J 132 5.06 69.21 -14.97
CA TYR J 132 4.45 70.48 -14.60
C TYR J 132 5.50 71.47 -14.14
N PHE J 133 6.54 71.01 -13.48
CA PHE J 133 7.56 71.98 -13.09
C PHE J 133 8.37 72.43 -14.28
N ILE J 134 8.70 71.53 -15.18
CA ILE J 134 9.47 71.96 -16.33
C ILE J 134 8.75 72.96 -17.19
N THR J 135 7.49 72.72 -17.48
CA THR J 135 6.79 73.65 -18.32
C THR J 135 6.68 74.97 -17.65
N LEU J 136 6.26 74.96 -16.41
CA LEU J 136 6.10 76.22 -15.74
C LEU J 136 7.42 76.90 -15.56
N GLY J 137 8.42 76.13 -15.17
CA GLY J 137 9.71 76.71 -14.93
C GLY J 137 10.30 77.32 -16.17
N THR J 138 10.17 76.63 -17.31
CA THR J 138 10.73 77.16 -18.53
C THR J 138 10.11 78.49 -18.99
N GLU J 139 8.80 78.63 -18.90
CA GLU J 139 8.19 79.88 -19.34
C GLU J 139 8.55 81.09 -18.54
N LEU J 140 8.60 80.96 -17.23
CA LEU J 140 8.88 82.15 -16.47
C LEU J 140 10.24 82.76 -16.73
N ALA J 141 11.29 81.95 -16.68
CA ALA J 141 12.62 82.51 -16.87
C ALA J 141 12.95 83.02 -18.25
N GLU J 142 12.69 82.20 -19.27
CA GLU J 142 12.99 82.59 -20.65
C GLU J 142 12.17 83.67 -21.34
N ARG J 143 10.85 83.63 -21.21
CA ARG J 143 10.02 84.62 -21.90
C ARG J 143 10.26 86.03 -21.39
N GLN J 144 10.35 86.15 -20.07
CA GLN J 144 10.58 87.42 -19.39
C GLN J 144 11.91 88.07 -19.68
N GLY J 145 12.96 87.27 -19.75
CA GLY J 145 14.29 87.80 -20.00
C GLY J 145 15.05 87.34 -21.24
N ASN J 146 14.37 86.72 -22.20
CA ASN J 146 15.06 86.22 -23.39
C ASN J 146 14.16 86.07 -24.62
N GLY J 147 14.77 85.88 -25.78
CA GLY J 147 14.01 85.66 -26.99
C GLY J 147 14.25 84.20 -27.32
N GLN J 148 13.17 83.43 -27.44
CA GLN J 148 13.30 82.00 -27.73
C GLN J 148 12.29 81.50 -28.76
N GLN J 149 12.65 80.41 -29.43
CA GLN J 149 11.76 79.81 -30.41
C GLN J 149 10.51 79.26 -29.75
N ALA J 150 10.76 78.64 -28.58
CA ALA J 150 9.86 77.92 -27.64
C ALA J 150 10.92 77.14 -26.92
N MET J 151 11.52 76.28 -27.72
CA MET J 151 12.65 75.43 -27.44
C MET J 151 12.73 74.78 -28.80
N SER J 152 11.70 74.01 -29.10
CA SER J 152 11.53 73.41 -30.40
C SER J 152 10.07 73.01 -30.52
N LEU J 153 9.57 72.83 -31.74
CA LEU J 153 8.21 72.38 -31.86
C LEU J 153 8.13 70.97 -31.33
N ALA J 154 9.12 70.17 -31.71
CA ALA J 154 9.19 68.81 -31.25
C ALA J 154 9.45 68.70 -29.75
N ILE J 155 10.36 69.49 -29.20
CA ILE J 155 10.67 69.32 -27.78
C ILE J 155 9.50 69.57 -26.86
N LEU J 156 8.78 70.65 -27.09
CA LEU J 156 7.62 70.94 -26.28
C LEU J 156 6.53 69.95 -26.50
N ARG J 157 6.37 69.51 -27.72
CA ARG J 157 5.37 68.52 -28.02
C ARG J 157 5.69 67.20 -27.35
N VAL J 158 6.96 66.84 -27.28
CA VAL J 158 7.34 65.62 -26.64
C VAL J 158 6.97 65.63 -25.18
N ILE J 159 7.20 66.72 -24.48
CA ILE J 159 6.88 66.74 -23.08
C ILE J 159 5.42 66.57 -22.80
N ARG J 160 4.55 67.25 -23.54
CA ARG J 160 3.11 67.18 -23.33
C ARG J 160 2.59 65.78 -23.26
N LEU J 161 3.22 64.90 -24.00
CA LEU J 161 2.89 63.48 -24.07
C LEU J 161 3.28 62.76 -22.79
N VAL J 162 4.46 63.07 -22.24
CA VAL J 162 4.92 62.42 -21.01
C VAL J 162 3.94 62.69 -19.88
N ARG J 163 3.23 63.80 -19.94
CA ARG J 163 2.26 64.14 -18.91
C ARG J 163 1.20 63.06 -18.70
N VAL J 164 1.15 62.01 -19.54
CA VAL J 164 0.08 61.02 -19.45
C VAL J 164 0.37 59.89 -18.49
N PHE J 165 1.56 59.83 -17.91
CA PHE J 165 1.87 58.71 -17.02
C PHE J 165 1.13 58.77 -15.70
N ARG J 166 0.18 59.69 -15.53
CA ARG J 166 -0.57 59.74 -14.29
C ARG J 166 -1.51 58.56 -14.12
N ILE J 167 -1.75 57.79 -15.18
CA ILE J 167 -2.65 56.64 -15.04
C ILE J 167 -2.05 55.60 -14.12
N PHE J 168 -0.75 55.35 -14.25
CA PHE J 168 -0.15 54.26 -13.52
C PHE J 168 -0.10 54.49 -12.04
N LYS J 169 -0.46 55.68 -11.56
CA LYS J 169 -0.58 55.87 -10.14
C LYS J 169 -1.73 55.08 -9.55
N LEU J 170 -2.59 54.51 -10.38
CA LEU J 170 -3.63 53.61 -9.91
C LEU J 170 -3.11 52.23 -9.57
N SER J 171 -1.82 51.97 -9.79
CA SER J 171 -1.24 50.71 -9.35
C SER J 171 -1.24 50.57 -7.83
N ARG J 172 -1.37 51.68 -7.11
CA ARG J 172 -1.41 51.61 -5.66
C ARG J 172 -2.77 51.12 -5.16
N HIS J 173 -3.81 51.22 -5.99
CA HIS J 173 -5.17 51.00 -5.52
C HIS J 173 -5.90 49.87 -6.22
N SER J 174 -5.21 49.04 -7.00
CA SER J 174 -5.83 47.89 -7.63
C SER J 174 -4.85 46.74 -7.69
N LYS J 175 -5.30 45.54 -7.32
CA LYS J 175 -4.44 44.37 -7.45
C LYS J 175 -4.31 43.95 -8.90
N GLY J 176 -5.27 44.34 -9.74
CA GLY J 176 -5.23 43.92 -11.13
C GLY J 176 -3.99 44.43 -11.85
N LEU J 177 -3.69 45.72 -11.69
CA LEU J 177 -2.53 46.27 -12.38
C LEU J 177 -1.25 45.67 -11.85
N GLN J 178 -1.17 45.36 -10.56
CA GLN J 178 0.05 44.78 -10.03
C GLN J 178 0.25 43.36 -10.51
N ILE J 179 -0.84 42.59 -10.59
CA ILE J 179 -0.77 41.26 -11.19
C ILE J 179 -0.27 41.37 -12.63
N LEU J 180 -0.78 42.35 -13.37
CA LEU J 180 -0.36 42.55 -14.74
C LEU J 180 1.12 42.90 -14.82
N GLY J 181 1.59 43.74 -13.91
CA GLY J 181 3.00 44.08 -13.90
C GLY J 181 3.88 42.87 -13.66
N GLN J 182 3.50 42.03 -12.69
CA GLN J 182 4.30 40.84 -12.40
C GLN J 182 4.27 39.86 -13.57
N THR J 183 3.10 39.68 -14.20
CA THR J 183 3.01 38.80 -15.35
C THR J 183 3.88 39.29 -16.49
N LEU J 184 3.86 40.59 -16.77
CA LEU J 184 4.68 41.11 -17.86
C LEU J 184 6.16 41.03 -17.53
N LYS J 185 6.52 41.15 -16.27
CA LYS J 185 7.94 41.03 -15.91
C LYS J 185 8.42 39.59 -16.04
N ALA J 186 7.57 38.63 -15.69
CA ALA J 186 8.01 37.24 -15.73
C ALA J 186 8.18 36.73 -17.15
N SER J 187 7.36 37.21 -18.08
CA SER J 187 7.26 36.66 -19.42
C SER J 187 7.96 37.51 -20.47
N MET J 188 9.13 38.05 -20.16
CA MET J 188 9.82 38.91 -21.13
C MET J 188 10.24 38.12 -22.37
N ARG J 189 10.73 36.90 -22.18
CA ARG J 189 11.29 36.15 -23.30
C ARG J 189 10.24 35.81 -24.34
N GLU J 190 9.04 35.45 -23.91
CA GLU J 190 7.99 35.12 -24.86
C GLU J 190 7.56 36.35 -25.64
N LEU J 191 7.57 37.52 -25.01
CA LEU J 191 7.33 38.75 -25.76
C LEU J 191 8.39 38.95 -26.84
N GLY J 192 9.66 38.70 -26.49
CA GLY J 192 10.69 38.78 -27.50
C GLY J 192 10.42 37.86 -28.68
N LEU J 193 10.04 36.61 -28.38
CA LEU J 193 9.79 35.65 -29.45
C LEU J 193 8.62 36.09 -30.34
N LEU J 194 7.55 36.59 -29.73
CA LEU J 194 6.41 37.02 -30.53
C LEU J 194 6.79 38.13 -31.49
N ILE J 195 7.50 39.15 -30.99
CA ILE J 195 7.91 40.24 -31.86
C ILE J 195 8.85 39.74 -32.96
N PHE J 196 9.73 38.79 -32.61
CA PHE J 196 10.67 38.29 -33.60
C PHE J 196 9.97 37.58 -34.74
N PHE J 197 9.03 36.69 -34.41
CA PHE J 197 8.29 35.99 -35.46
C PHE J 197 7.49 36.95 -36.30
N LEU J 198 6.88 37.96 -35.67
CA LEU J 198 6.15 38.95 -36.44
C LEU J 198 7.06 39.68 -37.41
N PHE J 199 8.25 40.06 -36.97
CA PHE J 199 9.17 40.80 -37.83
C PHE J 199 9.59 39.98 -39.03
N ILE J 200 9.92 38.70 -38.81
CA ILE J 200 10.32 37.85 -39.93
C ILE J 200 9.17 37.69 -40.91
N GLY J 201 7.96 37.41 -40.40
CA GLY J 201 6.83 37.25 -41.30
C GLY J 201 6.56 38.50 -42.10
N VAL J 202 6.64 39.66 -41.45
CA VAL J 202 6.37 40.93 -42.12
C VAL J 202 7.32 41.12 -43.28
N ILE J 203 8.62 40.93 -43.05
CA ILE J 203 9.58 41.16 -44.13
C ILE J 203 9.31 40.20 -45.28
N LEU J 204 9.10 38.92 -44.97
CA LEU J 204 8.93 37.92 -46.01
C LEU J 204 7.73 38.24 -46.89
N PHE J 205 6.57 38.49 -46.28
CA PHE J 205 5.38 38.68 -47.11
C PHE J 205 5.35 40.04 -47.77
N SER J 206 5.92 41.07 -47.14
CA SER J 206 6.01 42.35 -47.83
C SER J 206 6.82 42.22 -49.10
N SER J 207 7.96 41.54 -49.03
CA SER J 207 8.76 41.36 -50.23
C SER J 207 8.00 40.60 -51.30
N ALA J 208 7.36 39.50 -50.92
CA ALA J 208 6.65 38.70 -51.91
C ALA J 208 5.55 39.50 -52.61
N VAL J 209 4.76 40.25 -51.86
CA VAL J 209 3.64 40.94 -52.50
C VAL J 209 4.06 42.22 -53.19
N TYR J 210 5.22 42.80 -52.86
CA TYR J 210 5.71 43.90 -53.69
C TYR J 210 6.19 43.38 -55.03
N PHE J 211 6.92 42.27 -55.04
CA PHE J 211 7.41 41.79 -56.33
C PHE J 211 6.32 41.18 -57.18
N ALA J 212 5.23 40.70 -56.56
CA ALA J 212 4.15 40.15 -57.37
C ALA J 212 3.31 41.23 -58.04
N GLU J 213 3.53 42.51 -57.72
CA GLU J 213 2.73 43.60 -58.26
C GLU J 213 3.56 44.76 -58.78
N ALA J 214 4.77 44.48 -59.28
CA ALA J 214 5.58 45.56 -59.84
C ALA J 214 5.14 45.91 -61.25
N ASP J 215 4.74 44.91 -62.03
CA ASP J 215 4.40 45.13 -63.43
C ASP J 215 3.11 45.93 -63.58
N ASP J 216 2.18 45.79 -62.66
CA ASP J 216 0.91 46.49 -62.78
C ASP J 216 1.12 47.98 -62.54
N PRO J 217 0.44 48.84 -63.29
CA PRO J 217 0.51 50.28 -63.02
C PRO J 217 -0.33 50.71 -61.83
N THR J 218 -1.54 50.19 -61.72
CA THR J 218 -2.51 50.66 -60.72
C THR J 218 -2.39 49.80 -59.46
N SER J 219 -1.33 50.05 -58.71
CA SER J 219 -1.09 49.33 -57.46
C SER J 219 -0.68 50.32 -56.40
N GLY J 220 -1.14 50.08 -55.18
CA GLY J 220 -0.83 50.98 -54.08
C GLY J 220 0.54 50.77 -53.48
N PHE J 221 1.22 49.69 -53.83
CA PHE J 221 2.50 49.35 -53.24
C PHE J 221 3.60 49.97 -54.08
N SER J 222 4.21 51.03 -53.56
CA SER J 222 5.27 51.73 -54.28
C SER J 222 6.64 51.18 -53.98
N SER J 223 6.85 50.64 -52.79
CA SER J 223 8.15 50.12 -52.39
C SER J 223 7.93 49.12 -51.28
N ILE J 224 8.95 48.30 -51.01
CA ILE J 224 8.84 47.30 -49.95
C ILE J 224 8.57 47.96 -48.61
N PRO J 225 9.23 49.03 -48.20
CA PRO J 225 8.86 49.65 -46.92
C PRO J 225 7.44 50.15 -46.89
N ASP J 226 6.73 50.15 -48.01
CA ASP J 226 5.35 50.59 -47.99
C ASP J 226 4.37 49.45 -47.76
N ALA J 227 4.79 48.21 -47.99
CA ALA J 227 3.94 47.05 -47.76
C ALA J 227 4.00 46.57 -46.31
N PHE J 228 4.87 47.13 -45.49
CA PHE J 228 4.93 46.72 -44.09
C PHE J 228 3.61 46.95 -43.39
N TRP J 229 2.98 48.09 -43.66
CA TRP J 229 1.71 48.39 -43.00
C TRP J 229 0.65 47.37 -43.38
N TRP J 230 0.60 47.01 -44.65
CA TRP J 230 -0.35 45.99 -45.08
C TRP J 230 -0.08 44.66 -44.41
N ALA J 231 1.19 44.29 -44.30
CA ALA J 231 1.51 43.00 -43.70
C ALA J 231 1.13 42.95 -42.23
N VAL J 232 1.40 44.00 -41.47
CA VAL J 232 1.02 43.93 -40.05
C VAL J 232 -0.48 44.03 -39.89
N VAL J 233 -1.18 44.77 -40.74
CA VAL J 233 -2.61 44.85 -40.57
C VAL J 233 -3.32 43.60 -41.06
N THR J 234 -2.68 42.78 -41.88
CA THR J 234 -3.28 41.53 -42.32
C THR J 234 -2.93 40.34 -41.44
N MET J 235 -1.69 40.24 -40.96
CA MET J 235 -1.32 39.11 -40.10
C MET J 235 -2.12 39.11 -38.81
N THR J 236 -2.38 40.27 -38.24
CA THR J 236 -3.11 40.37 -36.99
C THR J 236 -4.61 40.39 -37.18
N THR J 237 -5.08 40.29 -38.43
CA THR J 237 -6.51 40.19 -38.75
C THR J 237 -7.28 41.43 -38.36
N VAL J 238 -6.71 42.60 -38.59
CA VAL J 238 -7.48 43.84 -38.45
C VAL J 238 -8.03 44.17 -39.83
N GLY J 239 -7.15 44.35 -40.80
CA GLY J 239 -7.62 44.56 -42.15
C GLY J 239 -8.35 45.86 -42.34
N TYR J 240 -7.63 46.98 -42.32
CA TYR J 240 -8.29 48.27 -42.38
C TYR J 240 -9.01 48.48 -43.71
N GLY J 241 -8.42 48.06 -44.81
CA GLY J 241 -9.13 48.06 -46.08
C GLY J 241 -8.52 48.91 -47.17
N ASP J 242 -7.55 49.77 -46.86
CA ASP J 242 -6.73 50.37 -47.90
C ASP J 242 -5.55 49.46 -48.19
N MET J 243 -4.96 49.61 -49.38
CA MET J 243 -3.84 48.79 -49.79
C MET J 243 -4.22 47.31 -49.80
N HIS J 244 -4.98 46.95 -50.75
CA HIS J 244 -5.17 45.51 -50.84
C HIS J 244 -4.79 45.02 -52.23
N PRO J 245 -4.38 43.75 -52.38
CA PRO J 245 -3.91 43.27 -53.68
C PRO J 245 -5.00 43.29 -54.74
N VAL J 246 -4.57 43.46 -55.99
CA VAL J 246 -5.46 43.46 -57.14
C VAL J 246 -5.08 42.39 -58.16
N THR J 247 -3.80 42.20 -58.42
CA THR J 247 -3.39 41.16 -59.34
C THR J 247 -3.65 39.79 -58.71
N ILE J 248 -3.71 38.77 -59.56
CA ILE J 248 -3.92 37.41 -59.06
C ILE J 248 -2.73 36.96 -58.22
N GLY J 249 -1.52 37.26 -58.69
CA GLY J 249 -0.34 36.92 -57.90
C GLY J 249 -0.32 37.62 -56.56
N GLY J 250 -0.89 38.81 -56.48
CA GLY J 250 -1.04 39.47 -55.21
C GLY J 250 -2.01 38.78 -54.28
N LYS J 251 -3.14 38.31 -54.80
CA LYS J 251 -4.13 37.63 -53.98
C LYS J 251 -3.61 36.30 -53.47
N ILE J 252 -2.83 35.59 -54.28
CA ILE J 252 -2.27 34.33 -53.83
C ILE J 252 -1.43 34.52 -52.57
N VAL J 253 -0.72 35.64 -52.47
CA VAL J 253 0.13 35.88 -51.32
C VAL J 253 -0.68 36.48 -50.17
N GLY J 254 -1.65 37.32 -50.50
CA GLY J 254 -2.49 37.90 -49.46
C GLY J 254 -3.30 36.88 -48.72
N SER J 255 -3.57 35.72 -49.33
CA SER J 255 -4.20 34.64 -48.58
C SER J 255 -3.22 34.00 -47.60
N LEU J 256 -1.99 33.74 -48.05
CA LEU J 256 -1.02 33.08 -47.17
C LEU J 256 -0.65 33.97 -46.01
N CYS J 257 -0.60 35.28 -46.21
CA CYS J 257 -0.34 36.17 -45.08
C CYS J 257 -1.42 36.03 -44.03
N ALA J 258 -2.68 36.01 -44.46
CA ALA J 258 -3.78 35.89 -43.51
C ALA J 258 -3.69 34.59 -42.74
N ILE J 259 -3.34 33.50 -43.43
CA ILE J 259 -3.24 32.21 -42.75
C ILE J 259 -2.07 32.19 -41.77
N ALA J 260 -0.91 32.72 -42.18
CA ALA J 260 0.28 32.62 -41.34
C ALA J 260 0.26 33.57 -40.17
N GLY J 261 -0.53 34.64 -40.23
CA GLY J 261 -0.62 35.55 -39.11
C GLY J 261 -1.12 34.85 -37.86
N VAL J 262 -2.18 34.06 -37.99
CA VAL J 262 -2.72 33.32 -36.86
C VAL J 262 -1.65 32.41 -36.26
N LEU J 263 -0.93 31.69 -37.12
CA LEU J 263 0.05 30.73 -36.64
C LEU J 263 1.17 31.41 -35.87
N THR J 264 1.70 32.53 -36.37
CA THR J 264 2.79 33.17 -35.65
C THR J 264 2.30 33.92 -34.41
N ILE J 265 1.07 34.42 -34.43
CA ILE J 265 0.56 35.14 -33.27
C ILE J 265 0.28 34.18 -32.13
N ALA J 266 -0.34 33.04 -32.42
CA ALA J 266 -0.93 32.21 -31.38
C ALA J 266 0.06 31.27 -30.69
N LEU J 267 1.35 31.39 -30.96
CA LEU J 267 2.30 30.46 -30.33
C LEU J 267 2.57 30.78 -28.88
N PRO J 268 3.07 31.96 -28.49
CA PRO J 268 3.40 32.20 -27.08
C PRO J 268 2.27 32.75 -26.23
N VAL J 269 1.04 32.75 -26.71
CA VAL J 269 -0.08 33.21 -25.89
C VAL J 269 -0.33 32.28 -24.70
N PRO J 270 -0.35 30.95 -24.86
CA PRO J 270 -0.61 30.10 -23.69
C PRO J 270 0.33 30.33 -22.54
N VAL J 271 1.60 30.63 -22.79
CA VAL J 271 2.54 30.85 -21.69
C VAL J 271 2.12 32.06 -20.87
N ILE J 272 1.82 33.17 -21.54
CA ILE J 272 1.46 34.39 -20.83
C ILE J 272 0.13 34.20 -20.09
N VAL J 273 -0.82 33.53 -20.73
CA VAL J 273 -2.08 33.30 -20.04
C VAL J 273 -1.87 32.42 -18.82
N SER J 274 -1.03 31.41 -18.91
CA SER J 274 -0.77 30.56 -17.75
C SER J 274 -0.11 31.35 -16.62
N ASN J 275 0.87 32.19 -16.95
CA ASN J 275 1.50 33.03 -15.93
C ASN J 275 0.48 33.92 -15.24
N PHE J 276 -0.36 34.60 -16.01
CA PHE J 276 -1.33 35.48 -15.38
C PHE J 276 -2.29 34.69 -14.51
N ASN J 277 -2.76 33.55 -14.99
CA ASN J 277 -3.72 32.79 -14.20
C ASN J 277 -3.10 32.34 -12.89
N TYR J 278 -1.86 31.87 -12.92
CA TYR J 278 -1.20 31.44 -11.70
C TYR J 278 -0.99 32.60 -10.73
N PHE J 279 -0.49 33.74 -11.22
CA PHE J 279 -0.26 34.88 -10.34
C PHE J 279 -1.56 35.42 -9.77
N TYR J 280 -2.66 35.29 -10.50
CA TYR J 280 -3.92 35.87 -10.05
C TYR J 280 -4.64 34.96 -9.08
N HIS J 281 -4.74 33.68 -9.41
CA HIS J 281 -5.43 32.72 -8.55
C HIS J 281 -4.54 32.20 -7.44
N ARG J 282 -3.29 32.64 -7.36
CA ARG J 282 -2.42 32.25 -6.26
C ARG J 282 -3.04 32.61 -4.92
N GLU J 283 -3.63 33.79 -4.82
CA GLU J 283 -4.30 34.17 -3.59
C GLU J 283 -5.33 35.26 -3.84
N GLU K 1 -16.46 -6.73 -37.84
CA GLU K 1 -16.17 -6.76 -39.27
C GLU K 1 -17.44 -6.68 -40.10
N ARG K 2 -17.31 -7.08 -41.36
CA ARG K 2 -18.42 -7.18 -42.30
C ARG K 2 -18.37 -8.54 -42.97
N PRO K 3 -19.51 -9.09 -43.36
CA PRO K 3 -19.49 -10.36 -44.09
C PRO K 3 -18.77 -10.24 -45.40
N LEU K 4 -18.19 -11.33 -45.84
CA LEU K 4 -17.60 -11.34 -47.16
C LEU K 4 -18.40 -12.25 -48.09
N PRO K 5 -18.42 -11.95 -49.39
CA PRO K 5 -19.24 -12.77 -50.30
C PRO K 5 -18.84 -14.23 -50.31
N ARG K 6 -17.56 -14.53 -50.14
CA ARG K 6 -17.07 -15.90 -50.08
C ARG K 6 -17.47 -16.69 -51.32
N ARG K 7 -17.22 -16.11 -52.49
CA ARG K 7 -17.62 -16.71 -53.74
C ARG K 7 -16.53 -16.50 -54.79
N ASP K 8 -16.86 -16.86 -56.03
CA ASP K 8 -15.82 -16.99 -57.06
C ASP K 8 -15.45 -15.64 -57.65
N PHE K 9 -16.38 -15.01 -58.36
CA PHE K 9 -16.10 -13.74 -59.01
C PHE K 9 -16.55 -12.55 -58.16
N GLN K 10 -17.73 -12.65 -57.55
CA GLN K 10 -18.31 -11.53 -56.84
C GLN K 10 -17.46 -11.13 -55.64
N ARG K 11 -16.96 -12.10 -54.88
CA ARG K 11 -16.11 -11.77 -53.75
C ARG K 11 -14.84 -11.08 -54.20
N GLN K 12 -14.22 -11.58 -55.27
CA GLN K 12 -13.01 -10.96 -55.80
C GLN K 12 -13.29 -9.53 -56.25
N VAL K 13 -14.43 -9.32 -56.90
CA VAL K 13 -14.78 -8.00 -57.42
C VAL K 13 -15.01 -7.01 -56.27
N TRP K 14 -15.75 -7.46 -55.24
CA TRP K 14 -16.05 -6.57 -54.15
C TRP K 14 -14.80 -6.24 -53.34
N LEU K 15 -13.90 -7.21 -53.16
CA LEU K 15 -12.62 -6.88 -52.52
C LEU K 15 -11.84 -5.89 -53.36
N LEU K 16 -12.00 -5.93 -54.69
CA LEU K 16 -11.30 -4.98 -55.55
C LEU K 16 -11.87 -3.58 -55.40
N PHE K 17 -13.19 -3.46 -55.39
CA PHE K 17 -13.81 -2.15 -55.36
C PHE K 17 -14.09 -1.62 -53.96
N GLU K 18 -13.70 -2.35 -52.92
CA GLU K 18 -14.01 -1.87 -51.57
C GLU K 18 -12.76 -1.59 -50.73
N TYR K 19 -11.70 -2.36 -50.90
CA TYR K 19 -10.52 -2.23 -50.05
C TYR K 19 -9.30 -1.81 -50.86
N PRO K 20 -8.94 -0.53 -50.84
CA PRO K 20 -7.80 -0.06 -51.64
C PRO K 20 -6.45 -0.56 -51.16
N GLU K 21 -6.40 -1.34 -50.08
CA GLU K 21 -5.13 -1.85 -49.57
C GLU K 21 -4.77 -3.21 -50.15
N SER K 22 -5.64 -3.80 -50.97
CA SER K 22 -5.46 -5.19 -51.36
C SER K 22 -4.27 -5.36 -52.29
N SER K 23 -4.34 -4.78 -53.49
CA SER K 23 -3.40 -5.10 -54.54
C SER K 23 -3.04 -3.84 -55.31
N GLY K 24 -2.32 -4.03 -56.41
CA GLY K 24 -2.04 -2.97 -57.33
C GLY K 24 -3.26 -2.42 -58.04
N PRO K 25 -4.10 -3.31 -58.58
CA PRO K 25 -5.34 -2.83 -59.22
C PRO K 25 -6.24 -2.03 -58.31
N ALA K 26 -6.32 -2.36 -57.03
CA ALA K 26 -7.15 -1.58 -56.12
C ALA K 26 -6.63 -0.16 -56.01
N ARG K 27 -5.31 0.00 -55.87
CA ARG K 27 -4.74 1.34 -55.82
C ARG K 27 -4.97 2.08 -57.13
N GLY K 28 -4.86 1.38 -58.26
CA GLY K 28 -5.14 2.02 -59.54
C GLY K 28 -6.56 2.53 -59.65
N ILE K 29 -7.53 1.70 -59.25
CA ILE K 29 -8.92 2.12 -59.28
C ILE K 29 -9.14 3.33 -58.38
N ALA K 30 -8.58 3.30 -57.17
CA ALA K 30 -8.76 4.43 -56.27
C ALA K 30 -8.22 5.71 -56.88
N ILE K 31 -7.02 5.65 -57.46
CA ILE K 31 -6.45 6.86 -58.05
C ILE K 31 -7.30 7.33 -59.21
N VAL K 32 -7.86 6.40 -59.98
CA VAL K 32 -8.72 6.80 -61.09
C VAL K 32 -9.94 7.57 -60.57
N SER K 33 -10.56 7.06 -59.51
CA SER K 33 -11.72 7.75 -58.96
C SER K 33 -11.36 9.14 -58.48
N VAL K 34 -10.19 9.28 -57.83
CA VAL K 34 -9.79 10.60 -57.36
C VAL K 34 -9.59 11.56 -58.53
N LEU K 35 -8.93 11.09 -59.59
CA LEU K 35 -8.69 11.95 -60.74
C LEU K 35 -10.00 12.40 -61.36
N VAL K 36 -10.95 11.49 -61.51
CA VAL K 36 -12.20 11.86 -62.15
C VAL K 36 -12.97 12.86 -61.29
N ILE K 37 -12.97 12.68 -59.97
CA ILE K 37 -13.66 13.64 -59.12
C ILE K 37 -13.06 15.02 -59.28
N LEU K 38 -11.74 15.12 -59.25
CA LEU K 38 -11.10 16.43 -59.38
C LEU K 38 -11.42 17.06 -60.73
N ILE K 39 -11.37 16.27 -61.80
CA ILE K 39 -11.70 16.81 -63.12
C ILE K 39 -13.10 17.37 -63.12
N SER K 40 -14.06 16.64 -62.56
CA SER K 40 -15.43 17.10 -62.60
C SER K 40 -15.60 18.39 -61.82
N ILE K 41 -14.94 18.50 -60.67
CA ILE K 41 -15.04 19.75 -59.91
C ILE K 41 -14.49 20.92 -60.72
N VAL K 42 -13.35 20.72 -61.38
CA VAL K 42 -12.77 21.81 -62.16
C VAL K 42 -13.70 22.21 -63.29
N ILE K 43 -14.32 21.23 -63.93
CA ILE K 43 -15.26 21.55 -65.02
C ILE K 43 -16.43 22.36 -64.48
N PHE K 44 -16.97 21.96 -63.34
CA PHE K 44 -18.11 22.69 -62.79
C PHE K 44 -17.74 24.12 -62.44
N CYS K 45 -16.57 24.33 -61.83
CA CYS K 45 -16.19 25.66 -61.39
C CYS K 45 -15.62 26.52 -62.51
N LEU K 46 -15.37 25.94 -63.68
CA LEU K 46 -14.75 26.68 -64.76
C LEU K 46 -15.75 27.14 -65.80
N GLU K 47 -16.83 26.42 -66.01
CA GLU K 47 -17.78 26.77 -67.06
C GLU K 47 -18.60 27.99 -66.73
N THR K 48 -18.33 28.68 -65.63
CA THR K 48 -19.13 29.81 -65.20
C THR K 48 -18.46 31.15 -65.47
N LEU K 49 -17.35 31.18 -66.20
CA LEU K 49 -16.66 32.46 -66.46
C LEU K 49 -17.40 33.39 -67.37
N PRO K 50 -17.02 34.67 -67.34
CA PRO K 50 -17.66 35.71 -68.15
C PRO K 50 -17.43 35.50 -69.63
N GLU K 51 -16.27 35.01 -70.01
CA GLU K 51 -15.90 34.77 -71.38
C GLU K 51 -16.71 33.73 -72.15
N PHE K 52 -16.97 32.58 -71.55
CA PHE K 52 -17.73 31.53 -72.21
C PHE K 52 -19.21 31.61 -71.87
N ARG K 53 -19.57 32.62 -71.09
CA ARG K 53 -20.96 32.79 -70.74
C ARG K 53 -21.78 33.12 -71.96
N ASP K 54 -21.24 33.95 -72.83
CA ASP K 54 -21.94 34.40 -74.05
C ASP K 54 -23.26 35.07 -73.67
N GLU K 55 -24.36 34.61 -74.27
CA GLU K 55 -25.68 35.19 -73.99
C GLU K 55 -26.61 34.18 -73.32
N SER K 83 -27.29 20.46 -76.51
CA SER K 83 -26.09 20.89 -77.21
C SER K 83 -25.49 19.72 -77.97
N PHE K 84 -24.31 19.89 -78.53
CA PHE K 84 -23.69 18.78 -79.25
C PHE K 84 -22.17 18.59 -79.10
N SER K 85 -21.38 19.51 -79.65
CA SER K 85 -19.92 19.41 -79.65
C SER K 85 -19.09 20.40 -78.84
N ASP K 86 -19.71 21.09 -77.88
CA ASP K 86 -18.95 22.02 -77.08
C ASP K 86 -17.97 21.29 -76.19
N PRO K 87 -16.85 21.90 -75.88
CA PRO K 87 -15.90 21.21 -75.02
C PRO K 87 -16.49 20.96 -73.64
N PHE K 88 -17.20 21.93 -73.10
CA PHE K 88 -17.82 21.76 -71.81
C PHE K 88 -18.89 20.69 -71.72
N PHE K 89 -19.69 20.51 -72.75
CA PHE K 89 -20.71 19.49 -72.65
C PHE K 89 -20.26 18.04 -72.80
N VAL K 90 -19.04 17.79 -73.24
CA VAL K 90 -18.63 16.40 -73.36
C VAL K 90 -18.24 15.80 -72.02
N VAL K 91 -17.17 16.34 -71.47
CA VAL K 91 -16.48 15.97 -70.25
C VAL K 91 -17.48 15.61 -69.16
N GLU K 92 -18.57 16.36 -69.05
CA GLU K 92 -19.58 16.05 -68.05
C GLU K 92 -20.18 14.67 -68.29
N THR K 93 -20.48 14.35 -69.54
CA THR K 93 -21.05 13.04 -69.84
C THR K 93 -20.07 11.93 -69.50
N LEU K 94 -18.78 12.14 -69.78
CA LEU K 94 -17.79 11.12 -69.45
C LEU K 94 -17.73 10.90 -67.94
N CYS K 95 -17.70 11.98 -67.17
CA CYS K 95 -17.61 11.83 -65.72
C CYS K 95 -18.86 11.15 -65.16
N ILE K 96 -20.04 11.51 -65.66
CA ILE K 96 -21.25 10.86 -65.18
C ILE K 96 -21.25 9.38 -65.55
N ILE K 97 -20.75 9.05 -66.74
CA ILE K 97 -20.66 7.65 -67.12
C ILE K 97 -19.81 6.89 -66.12
N TRP K 98 -18.65 7.44 -65.76
CA TRP K 98 -17.78 6.70 -64.86
C TRP K 98 -18.39 6.57 -63.47
N PHE K 99 -19.01 7.64 -62.96
CA PHE K 99 -19.65 7.55 -61.65
C PHE K 99 -20.74 6.50 -61.65
N SER K 100 -21.58 6.48 -62.67
CA SER K 100 -22.66 5.51 -62.70
C SER K 100 -22.14 4.09 -62.81
N PHE K 101 -21.09 3.88 -63.62
CA PHE K 101 -20.51 2.56 -63.71
C PHE K 101 -19.98 2.10 -62.36
N GLU K 102 -19.26 2.97 -61.67
CA GLU K 102 -18.69 2.59 -60.38
C GLU K 102 -19.79 2.25 -59.38
N LEU K 103 -20.82 3.09 -59.31
CA LEU K 103 -21.91 2.81 -58.36
C LEU K 103 -22.58 1.49 -58.69
N LEU K 104 -22.88 1.26 -59.97
CA LEU K 104 -23.57 0.04 -60.35
C LEU K 104 -22.75 -1.19 -60.02
N VAL K 105 -21.45 -1.17 -60.33
CA VAL K 105 -20.61 -2.33 -60.03
C VAL K 105 -20.50 -2.55 -58.53
N ARG K 106 -20.30 -1.46 -57.77
CA ARG K 106 -20.19 -1.59 -56.32
C ARG K 106 -21.46 -2.18 -55.73
N PHE K 107 -22.61 -1.79 -56.24
CA PHE K 107 -23.86 -2.36 -55.72
C PHE K 107 -24.09 -3.77 -56.24
N PHE K 108 -23.45 -4.15 -57.35
CA PHE K 108 -23.73 -5.46 -57.94
C PHE K 108 -23.39 -6.59 -57.00
N ALA K 109 -22.25 -6.50 -56.32
CA ALA K 109 -21.82 -7.52 -55.37
C ALA K 109 -21.80 -6.87 -53.99
N CYS K 110 -22.95 -6.88 -53.32
CA CYS K 110 -23.06 -6.34 -51.99
C CYS K 110 -23.82 -7.37 -51.17
N PRO K 111 -23.27 -7.80 -50.03
CA PRO K 111 -23.90 -8.91 -49.29
C PRO K 111 -25.30 -8.59 -48.80
N SER K 112 -25.48 -7.51 -48.06
CA SER K 112 -26.77 -7.19 -47.45
C SER K 112 -27.32 -5.90 -48.04
N LYS K 113 -28.61 -5.92 -48.40
CA LYS K 113 -29.28 -4.75 -48.94
C LYS K 113 -29.58 -3.71 -47.88
N ALA K 114 -29.89 -4.14 -46.65
CA ALA K 114 -30.23 -3.20 -45.60
C ALA K 114 -29.05 -2.29 -45.27
N THR K 115 -27.84 -2.86 -45.25
CA THR K 115 -26.66 -2.03 -45.03
C THR K 115 -26.49 -1.03 -46.17
N PHE K 116 -26.71 -1.45 -47.40
CA PHE K 116 -26.57 -0.54 -48.54
C PHE K 116 -27.54 0.62 -48.42
N SER K 117 -28.78 0.36 -48.04
CA SER K 117 -29.72 1.45 -47.83
C SER K 117 -29.32 2.34 -46.68
N ARG K 118 -28.82 1.75 -45.59
CA ARG K 118 -28.52 2.52 -44.39
C ARG K 118 -27.21 3.28 -44.47
N ASN K 119 -26.43 3.08 -45.53
CA ASN K 119 -25.15 3.75 -45.63
C ASN K 119 -25.35 5.23 -45.94
N ILE K 120 -24.25 5.97 -46.03
CA ILE K 120 -24.29 7.37 -46.38
C ILE K 120 -23.54 7.69 -47.66
N MET K 121 -22.39 7.05 -47.91
CA MET K 121 -21.64 7.34 -49.13
C MET K 121 -22.48 7.08 -50.37
N ASN K 122 -23.29 6.03 -50.36
CA ASN K 122 -24.14 5.74 -51.51
C ASN K 122 -25.14 6.85 -51.75
N LEU K 123 -25.64 7.46 -50.68
CA LEU K 123 -26.54 8.61 -50.85
C LEU K 123 -25.83 9.75 -51.56
N ILE K 124 -24.59 10.02 -51.17
CA ILE K 124 -23.83 11.07 -51.84
C ILE K 124 -23.68 10.75 -53.31
N ASP K 125 -23.40 9.49 -53.64
CA ASP K 125 -23.20 9.14 -55.04
C ASP K 125 -24.48 9.32 -55.85
N ILE K 126 -25.60 8.84 -55.33
CA ILE K 126 -26.83 8.95 -56.11
C ILE K 126 -27.27 10.40 -56.23
N VAL K 127 -27.05 11.20 -55.19
CA VAL K 127 -27.39 12.62 -55.27
C VAL K 127 -26.50 13.33 -56.27
N ALA K 128 -25.23 12.93 -56.37
CA ALA K 128 -24.35 13.53 -57.35
C ALA K 128 -24.67 13.08 -58.76
N ILE K 129 -25.34 11.95 -58.93
CA ILE K 129 -25.69 11.51 -60.28
C ILE K 129 -27.06 12.03 -60.74
N ILE K 130 -27.98 12.31 -59.82
CA ILE K 130 -29.34 12.70 -60.22
C ILE K 130 -29.39 13.92 -61.13
N PRO K 131 -28.77 15.06 -60.78
CA PRO K 131 -29.04 16.29 -61.54
C PRO K 131 -28.73 16.20 -63.01
N TYR K 132 -27.67 15.50 -63.39
CA TYR K 132 -27.37 15.37 -64.81
C TYR K 132 -28.49 14.66 -65.55
N PHE K 133 -29.13 13.70 -64.91
CA PHE K 133 -30.25 13.08 -65.61
C PHE K 133 -31.45 13.99 -65.68
N ILE K 134 -31.73 14.73 -64.63
CA ILE K 134 -32.87 15.61 -64.69
C ILE K 134 -32.73 16.69 -65.75
N THR K 135 -31.58 17.33 -65.81
CA THR K 135 -31.44 18.37 -66.80
C THR K 135 -31.53 17.81 -68.15
N LEU K 136 -30.81 16.74 -68.41
CA LEU K 136 -30.84 16.20 -69.74
C LEU K 136 -32.20 15.67 -70.06
N GLY K 137 -32.80 14.99 -69.11
CA GLY K 137 -34.09 14.40 -69.35
C GLY K 137 -35.13 15.44 -69.62
N THR K 138 -35.12 16.52 -68.87
CA THR K 138 -36.13 17.56 -69.08
C THR K 138 -36.05 18.23 -70.45
N GLU K 139 -34.87 18.53 -70.96
CA GLU K 139 -34.79 19.18 -72.25
C GLU K 139 -35.25 18.35 -73.41
N LEU K 140 -34.90 17.08 -73.43
CA LEU K 140 -35.30 16.32 -74.59
C LEU K 140 -36.80 16.19 -74.78
N ALA K 141 -37.52 15.81 -73.73
CA ALA K 141 -38.95 15.62 -73.90
C ALA K 141 -39.78 16.88 -74.13
N GLU K 142 -39.57 17.90 -73.30
CA GLU K 142 -40.33 19.13 -73.42
C GLU K 142 -40.06 20.08 -74.59
N ARG K 143 -38.81 20.34 -74.91
CA ARG K 143 -38.52 21.27 -75.99
C ARG K 143 -39.00 20.77 -77.34
N GLN K 144 -38.77 19.48 -77.59
CA GLN K 144 -39.16 18.83 -78.83
C GLN K 144 -40.65 18.74 -79.06
N GLY K 145 -41.42 18.47 -78.02
CA GLY K 145 -42.86 18.35 -78.14
C GLY K 145 -43.75 19.28 -77.35
N ASN K 146 -43.21 20.38 -76.82
CA ASN K 146 -44.02 21.30 -76.02
C ASN K 146 -43.48 22.72 -75.96
N GLY K 147 -44.29 23.65 -75.49
CA GLY K 147 -43.86 25.02 -75.32
C GLY K 147 -43.74 25.20 -73.83
N GLN K 148 -42.56 25.61 -73.36
CA GLN K 148 -42.33 25.79 -71.93
C GLN K 148 -41.55 27.04 -71.59
N GLN K 149 -41.75 27.55 -70.37
CA GLN K 149 -41.02 28.72 -69.91
C GLN K 149 -39.53 28.42 -69.80
N ALA K 150 -39.27 27.22 -69.28
CA ALA K 150 -37.98 26.55 -68.95
C ALA K 150 -38.54 25.51 -68.01
N MET K 151 -39.07 26.07 -66.93
CA MET K 151 -39.78 25.45 -65.85
C MET K 151 -40.03 26.70 -65.04
N SER K 152 -38.95 27.26 -64.55
CA SER K 152 -38.95 28.52 -63.85
C SER K 152 -37.54 29.06 -63.85
N LEU K 153 -37.37 30.35 -63.66
CA LEU K 153 -36.00 30.84 -63.58
C LEU K 153 -35.39 30.31 -62.30
N ALA K 154 -36.16 30.35 -61.23
CA ALA K 154 -35.71 29.83 -59.97
C ALA K 154 -35.52 28.33 -59.98
N ILE K 155 -36.44 27.56 -60.56
CA ILE K 155 -36.29 26.11 -60.48
C ILE K 155 -35.03 25.58 -61.15
N LEU K 156 -34.75 26.06 -62.34
CA LEU K 156 -33.56 25.63 -63.03
C LEU K 156 -32.33 26.11 -62.34
N ARG K 157 -32.38 27.32 -61.82
CA ARG K 157 -31.26 27.85 -61.09
C ARG K 157 -30.99 27.07 -59.83
N VAL K 158 -32.03 26.63 -59.16
CA VAL K 158 -31.85 25.84 -57.96
C VAL K 158 -31.13 24.55 -58.24
N ILE K 159 -31.46 23.87 -59.31
CA ILE K 159 -30.80 22.62 -59.58
C ILE K 159 -29.34 22.78 -59.84
N ARG K 160 -28.93 23.76 -60.64
CA ARG K 160 -27.53 23.98 -60.97
C ARG K 160 -26.63 24.01 -59.78
N LEU K 161 -27.15 24.51 -58.68
CA LEU K 161 -26.46 24.60 -57.41
C LEU K 161 -26.27 23.23 -56.77
N VAL K 162 -27.29 22.38 -56.81
CA VAL K 162 -27.20 21.05 -56.22
C VAL K 162 -26.07 20.26 -56.87
N ARG K 163 -25.76 20.57 -58.12
CA ARG K 163 -24.68 19.88 -58.82
C ARG K 163 -23.35 19.94 -58.09
N VAL K 164 -23.22 20.73 -57.00
CA VAL K 164 -21.93 20.92 -56.35
C VAL K 164 -21.61 19.86 -55.30
N PHE K 165 -22.53 18.96 -54.99
CA PHE K 165 -22.25 17.98 -53.95
C PHE K 165 -21.23 16.93 -54.37
N ARG K 166 -20.59 17.08 -55.52
CA ARG K 166 -19.57 16.12 -55.90
C ARG K 166 -18.33 16.19 -55.05
N ILE K 167 -18.16 17.24 -54.25
CA ILE K 167 -16.98 17.33 -53.41
C ILE K 167 -16.99 16.23 -52.36
N PHE K 168 -18.13 15.97 -51.76
CA PHE K 168 -18.17 15.05 -50.64
C PHE K 168 -17.89 13.62 -51.03
N LYS K 169 -17.78 13.33 -52.32
CA LYS K 169 -17.33 12.00 -52.71
C LYS K 169 -15.89 11.75 -52.33
N LEU K 170 -15.15 12.77 -51.91
CA LEU K 170 -13.82 12.59 -51.38
C LEU K 170 -13.81 12.06 -49.96
N SER K 171 -14.98 11.87 -49.35
CA SER K 171 -15.02 11.24 -48.04
C SER K 171 -14.58 9.80 -48.09
N ARG K 172 -14.59 9.18 -49.26
CA ARG K 172 -14.14 7.81 -49.39
C ARG K 172 -12.62 7.70 -49.34
N HIS K 173 -11.92 8.80 -49.61
CA HIS K 173 -10.48 8.74 -49.81
C HIS K 173 -9.67 9.58 -48.83
N SER K 174 -10.27 10.10 -47.77
CA SER K 174 -9.53 10.83 -46.75
C SER K 174 -10.13 10.55 -45.39
N LYS K 175 -9.26 10.29 -44.41
CA LYS K 175 -9.76 10.11 -43.04
C LYS K 175 -10.14 11.45 -42.43
N GLY K 176 -9.59 12.54 -42.96
CA GLY K 176 -9.89 13.84 -42.38
C GLY K 176 -11.36 14.20 -42.46
N LEU K 177 -11.96 14.01 -43.63
CA LEU K 177 -13.38 14.34 -43.77
C LEU K 177 -14.25 13.44 -42.92
N GLN K 178 -13.87 12.17 -42.76
CA GLN K 178 -14.70 11.29 -41.94
C GLN K 178 -14.59 11.63 -40.47
N ILE K 179 -13.39 11.99 -40.01
CA ILE K 179 -13.24 12.50 -38.65
C ILE K 179 -14.11 13.73 -38.45
N LEU K 180 -14.12 14.62 -39.44
CA LEU K 180 -14.94 15.83 -39.34
C LEU K 180 -16.42 15.48 -39.29
N GLY K 181 -16.85 14.51 -40.07
CA GLY K 181 -18.24 14.10 -40.02
C GLY K 181 -18.63 13.56 -38.67
N GLN K 182 -17.79 12.71 -38.08
CA GLN K 182 -18.10 12.16 -36.77
C GLN K 182 -18.11 13.25 -35.70
N THR K 183 -17.15 14.18 -35.76
CA THR K 183 -17.12 15.28 -34.79
C THR K 183 -18.38 16.14 -34.90
N LEU K 184 -18.80 16.46 -36.11
CA LEU K 184 -19.99 17.28 -36.27
C LEU K 184 -21.24 16.53 -35.84
N LYS K 185 -21.26 15.21 -36.00
CA LYS K 185 -22.45 14.47 -35.56
C LYS K 185 -22.51 14.39 -34.05
N ALA K 186 -21.36 14.27 -33.38
CA ALA K 186 -21.37 14.12 -31.93
C ALA K 186 -21.77 15.41 -31.23
N SER K 187 -21.39 16.55 -31.80
CA SER K 187 -21.50 17.84 -31.13
C SER K 187 -22.67 18.68 -31.65
N MET K 188 -23.82 18.06 -31.89
CA MET K 188 -24.96 18.82 -32.41
C MET K 188 -25.45 19.85 -31.39
N ARG K 189 -25.50 19.48 -30.11
CA ARG K 189 -26.11 20.35 -29.12
C ARG K 189 -25.32 21.65 -28.95
N GLU K 190 -23.99 21.57 -28.97
CA GLU K 190 -23.20 22.77 -28.82
C GLU K 190 -23.37 23.69 -30.02
N LEU K 191 -23.54 23.14 -31.21
CA LEU K 191 -23.88 23.96 -32.37
C LEU K 191 -25.19 24.69 -32.13
N GLY K 192 -26.19 23.99 -31.61
CA GLY K 192 -27.44 24.65 -31.29
C GLY K 192 -27.25 25.81 -30.33
N LEU K 193 -26.46 25.59 -29.28
CA LEU K 193 -26.23 26.66 -28.30
C LEU K 193 -25.53 27.86 -28.92
N LEU K 194 -24.52 27.61 -29.76
CA LEU K 194 -23.81 28.72 -30.38
C LEU K 194 -24.74 29.57 -31.22
N ILE K 195 -25.55 28.93 -32.07
CA ILE K 195 -26.48 29.69 -32.90
C ILE K 195 -27.49 30.43 -32.04
N PHE K 196 -27.93 29.82 -30.95
CA PHE K 196 -28.92 30.46 -30.10
C PHE K 196 -28.37 31.73 -29.46
N PHE K 197 -27.16 31.66 -28.91
CA PHE K 197 -26.57 32.84 -28.30
C PHE K 197 -26.33 33.92 -29.33
N LEU K 198 -25.89 33.53 -30.54
CA LEU K 198 -25.71 34.52 -31.58
C LEU K 198 -27.02 35.22 -31.92
N PHE K 199 -28.11 34.46 -32.03
CA PHE K 199 -29.40 35.04 -32.39
C PHE K 199 -29.87 36.04 -31.34
N ILE K 200 -29.75 35.68 -30.07
CA ILE K 200 -30.17 36.60 -29.02
C ILE K 200 -29.33 37.87 -29.04
N GLY K 201 -28.01 37.72 -29.15
CA GLY K 201 -27.16 38.90 -29.19
C GLY K 201 -27.48 39.80 -30.36
N VAL K 202 -27.71 39.20 -31.54
CA VAL K 202 -28.02 39.97 -32.74
C VAL K 202 -29.26 40.80 -32.53
N ILE K 203 -30.34 40.20 -32.04
CA ILE K 203 -31.56 40.96 -31.87
C ILE K 203 -31.35 42.10 -30.88
N LEU K 204 -30.71 41.81 -29.76
CA LEU K 204 -30.55 42.82 -28.72
C LEU K 204 -29.78 44.03 -29.24
N PHE K 205 -28.62 43.79 -29.85
CA PHE K 205 -27.80 44.93 -30.25
C PHE K 205 -28.34 45.62 -31.49
N SER K 206 -28.98 44.90 -32.40
CA SER K 206 -29.63 45.59 -33.51
C SER K 206 -30.68 46.56 -33.02
N SER K 207 -31.51 46.13 -32.08
CA SER K 207 -32.53 47.04 -31.55
C SER K 207 -31.89 48.25 -30.89
N ALA K 208 -30.87 48.02 -30.06
CA ALA K 208 -30.26 49.15 -29.36
C ALA K 208 -29.68 50.17 -30.33
N VAL K 209 -28.95 49.71 -31.35
CA VAL K 209 -28.30 50.68 -32.23
C VAL K 209 -29.24 51.26 -33.27
N TYR K 210 -30.39 50.64 -33.55
CA TYR K 210 -31.37 51.33 -34.36
C TYR K 210 -32.02 52.45 -33.60
N PHE K 211 -32.38 52.21 -32.34
CA PHE K 211 -33.04 53.27 -31.58
C PHE K 211 -32.07 54.37 -31.19
N ALA K 212 -30.78 54.09 -31.10
CA ALA K 212 -29.84 55.15 -30.77
C ALA K 212 -29.57 56.08 -31.94
N GLU K 213 -30.05 55.77 -33.13
CA GLU K 213 -29.77 56.55 -34.33
C GLU K 213 -31.02 56.85 -35.15
N ALA K 214 -32.17 56.98 -34.52
CA ALA K 214 -33.38 57.31 -35.27
C ALA K 214 -33.45 58.81 -35.55
N ASP K 215 -33.01 59.63 -34.59
CA ASP K 215 -33.14 61.07 -34.74
C ASP K 215 -32.23 61.62 -35.83
N ASP K 216 -31.07 61.01 -36.04
CA ASP K 216 -30.15 61.53 -37.03
C ASP K 216 -30.70 61.29 -38.44
N PRO K 217 -30.53 62.24 -39.35
CA PRO K 217 -30.93 62.01 -40.74
C PRO K 217 -29.98 61.13 -41.52
N THR K 218 -28.68 61.36 -41.34
CA THR K 218 -27.66 60.71 -42.17
C THR K 218 -27.18 59.44 -41.47
N SER K 219 -28.02 58.41 -41.52
CA SER K 219 -27.71 57.14 -40.92
C SER K 219 -28.08 56.02 -41.88
N GLY K 220 -27.25 54.98 -41.92
CA GLY K 220 -27.51 53.89 -42.83
C GLY K 220 -28.55 52.90 -42.34
N PHE K 221 -28.95 53.00 -41.08
CA PHE K 221 -29.87 52.04 -40.49
C PHE K 221 -31.28 52.55 -40.69
N SER K 222 -32.01 51.93 -41.61
CA SER K 222 -33.37 52.33 -41.92
C SER K 222 -34.40 51.62 -41.06
N SER K 223 -34.12 50.40 -40.63
CA SER K 223 -35.05 49.62 -39.84
C SER K 223 -34.26 48.58 -39.08
N ILE K 224 -34.90 48.01 -38.04
CA ILE K 224 -34.23 46.98 -37.24
C ILE K 224 -33.79 45.80 -38.10
N PRO K 225 -34.61 45.25 -39.00
CA PRO K 225 -34.10 44.17 -39.85
C PRO K 225 -32.93 44.56 -40.71
N ASP K 226 -32.58 45.86 -40.76
CA ASP K 226 -31.43 46.25 -41.55
C ASP K 226 -30.15 46.28 -40.74
N ALA K 227 -30.23 46.32 -39.42
CA ALA K 227 -29.06 46.29 -38.57
C ALA K 227 -28.58 44.89 -38.26
N PHE K 228 -29.33 43.86 -38.67
CA PHE K 228 -28.90 42.50 -38.42
C PHE K 228 -27.55 42.22 -39.08
N TRP K 229 -27.37 42.69 -40.31
CA TRP K 229 -26.12 42.46 -41.00
C TRP K 229 -24.95 43.09 -40.27
N TRP K 230 -25.13 44.30 -39.79
CA TRP K 230 -24.09 44.95 -39.01
C TRP K 230 -23.78 44.18 -37.74
N ALA K 231 -24.81 43.68 -37.06
CA ALA K 231 -24.57 42.97 -35.81
C ALA K 231 -23.80 41.68 -36.04
N VAL K 232 -24.16 40.91 -37.08
CA VAL K 232 -23.41 39.66 -37.28
C VAL K 232 -22.01 39.95 -37.79
N VAL K 233 -21.82 40.99 -38.57
CA VAL K 233 -20.47 41.25 -39.06
C VAL K 233 -19.59 41.88 -37.98
N THR K 234 -20.17 42.45 -36.93
CA THR K 234 -19.36 42.99 -35.84
C THR K 234 -19.11 42.01 -34.71
N MET K 235 -20.10 41.18 -34.35
CA MET K 235 -19.88 40.21 -33.28
C MET K 235 -18.79 39.21 -33.64
N THR K 236 -18.75 38.78 -34.89
CA THR K 236 -17.76 37.81 -35.33
C THR K 236 -16.44 38.43 -35.73
N THR K 237 -16.31 39.75 -35.62
CA THR K 237 -15.06 40.47 -35.84
C THR K 237 -14.60 40.36 -37.29
N VAL K 238 -15.53 40.46 -38.23
CA VAL K 238 -15.13 40.61 -39.63
C VAL K 238 -15.10 42.10 -39.93
N GLY K 239 -16.23 42.78 -39.76
CA GLY K 239 -16.20 44.22 -39.91
C GLY K 239 -15.96 44.66 -41.33
N TYR K 240 -16.94 44.47 -42.21
CA TYR K 240 -16.73 44.78 -43.62
C TYR K 240 -16.47 46.26 -43.85
N GLY K 241 -17.20 47.13 -43.16
CA GLY K 241 -16.89 48.55 -43.19
C GLY K 241 -17.98 49.44 -43.71
N ASP K 242 -19.04 48.90 -44.31
CA ASP K 242 -20.24 49.67 -44.55
C ASP K 242 -21.15 49.57 -43.34
N MET K 243 -22.04 50.54 -43.19
CA MET K 243 -22.96 50.58 -42.05
C MET K 243 -22.18 50.64 -40.73
N HIS K 244 -21.63 51.75 -40.47
CA HIS K 244 -21.07 51.85 -39.13
C HIS K 244 -21.65 53.04 -38.39
N PRO K 245 -21.70 53.01 -37.07
CA PRO K 245 -22.34 54.10 -36.32
C PRO K 245 -21.64 55.43 -36.50
N VAL K 246 -22.41 56.51 -36.40
CA VAL K 246 -21.90 57.87 -36.50
C VAL K 246 -22.22 58.69 -35.26
N THR K 247 -23.42 58.56 -34.70
CA THR K 247 -23.73 59.28 -33.49
C THR K 247 -22.93 58.70 -32.32
N ILE K 248 -22.81 59.49 -31.25
CA ILE K 248 -22.09 59.02 -30.07
C ILE K 248 -22.83 57.86 -29.42
N GLY K 249 -24.16 57.96 -29.32
CA GLY K 249 -24.93 56.85 -28.79
C GLY K 249 -24.79 55.59 -29.61
N GLY K 250 -24.59 55.73 -30.92
CA GLY K 250 -24.30 54.57 -31.74
C GLY K 250 -22.96 53.95 -31.45
N LYS K 251 -21.93 54.77 -31.23
CA LYS K 251 -20.60 54.23 -30.95
C LYS K 251 -20.55 53.54 -29.59
N ILE K 252 -21.29 54.06 -28.61
CA ILE K 252 -21.31 53.41 -27.31
C ILE K 252 -21.81 51.98 -27.43
N VAL K 253 -22.76 51.73 -28.32
CA VAL K 253 -23.30 50.37 -28.46
C VAL K 253 -22.42 49.54 -29.39
N GLY K 254 -21.85 50.18 -30.41
CA GLY K 254 -20.97 49.45 -31.30
C GLY K 254 -19.73 48.93 -30.63
N SER K 255 -19.33 49.56 -29.52
CA SER K 255 -18.23 48.98 -28.75
C SER K 255 -18.67 47.73 -27.99
N LEU K 256 -19.85 47.79 -27.36
CA LEU K 256 -20.32 46.65 -26.59
C LEU K 256 -20.60 45.46 -27.47
N CYS K 257 -21.08 45.69 -28.69
CA CYS K 257 -21.27 44.56 -29.61
C CYS K 257 -19.95 43.87 -29.89
N ALA K 258 -18.90 44.64 -30.15
CA ALA K 258 -17.61 44.06 -30.44
C ALA K 258 -17.11 43.24 -29.27
N ILE K 259 -17.30 43.76 -28.05
CA ILE K 259 -16.83 43.03 -26.87
C ILE K 259 -17.65 41.76 -26.66
N ALA K 260 -18.97 41.82 -26.81
CA ALA K 260 -19.81 40.67 -26.49
C ALA K 260 -19.76 39.59 -27.55
N GLY K 261 -19.35 39.94 -28.78
CA GLY K 261 -19.23 38.91 -29.80
C GLY K 261 -18.23 37.84 -29.42
N VAL K 262 -17.07 38.25 -28.92
CA VAL K 262 -16.05 37.29 -28.50
C VAL K 262 -16.61 36.38 -27.41
N LEU K 263 -17.30 36.96 -26.43
CA LEU K 263 -17.79 36.18 -25.31
C LEU K 263 -18.80 35.13 -25.76
N THR K 264 -19.75 35.51 -26.62
CA THR K 264 -20.75 34.52 -27.03
C THR K 264 -20.18 33.51 -28.03
N ILE K 265 -19.20 33.91 -28.84
CA ILE K 265 -18.64 32.98 -29.80
C ILE K 265 -17.79 31.92 -29.10
N ALA K 266 -16.97 32.35 -28.13
CA ALA K 266 -15.91 31.49 -27.62
C ALA K 266 -16.36 30.51 -26.54
N LEU K 267 -17.66 30.39 -26.28
CA LEU K 267 -18.09 29.48 -25.22
C LEU K 267 -18.04 28.02 -25.63
N PRO K 268 -18.73 27.56 -26.66
CA PRO K 268 -18.73 26.12 -26.97
C PRO K 268 -17.63 25.66 -27.90
N VAL K 269 -16.62 26.48 -28.18
CA VAL K 269 -15.50 26.04 -29.00
C VAL K 269 -14.68 24.94 -28.33
N PRO K 270 -14.33 25.04 -27.04
CA PRO K 270 -13.53 23.97 -26.44
C PRO K 270 -14.15 22.60 -26.54
N VAL K 271 -15.47 22.48 -26.46
CA VAL K 271 -16.09 21.16 -26.56
C VAL K 271 -15.84 20.55 -27.93
N ILE K 272 -16.06 21.32 -28.99
CA ILE K 272 -15.89 20.79 -30.33
C ILE K 272 -14.42 20.48 -30.59
N VAL K 273 -13.53 21.32 -30.13
CA VAL K 273 -12.12 21.03 -30.32
C VAL K 273 -11.72 19.76 -29.58
N SER K 274 -12.23 19.57 -28.37
CA SER K 274 -11.93 18.35 -27.63
C SER K 274 -12.44 17.12 -28.34
N ASN K 275 -13.67 17.18 -28.86
CA ASN K 275 -14.21 16.05 -29.60
C ASN K 275 -13.36 15.71 -30.81
N PHE K 276 -12.99 16.72 -31.60
CA PHE K 276 -12.18 16.45 -32.77
C PHE K 276 -10.84 15.85 -32.37
N ASN K 277 -10.20 16.41 -31.36
CA ASN K 277 -8.90 15.90 -30.98
C ASN K 277 -8.98 14.46 -30.53
N TYR K 278 -10.00 14.11 -29.75
CA TYR K 278 -10.14 12.72 -29.31
C TYR K 278 -10.42 11.79 -30.48
N PHE K 279 -11.34 12.15 -31.37
CA PHE K 279 -11.64 11.29 -32.51
C PHE K 279 -10.44 11.13 -33.45
N TYR K 280 -9.59 12.15 -33.52
CA TYR K 280 -8.48 12.11 -34.47
C TYR K 280 -7.30 11.36 -33.90
N HIS K 281 -6.92 11.66 -32.66
CA HIS K 281 -5.79 11.01 -32.03
C HIS K 281 -6.15 9.66 -31.43
N ARG K 282 -7.41 9.24 -31.53
CA ARG K 282 -7.80 7.92 -31.05
C ARG K 282 -6.97 6.83 -31.73
N GLU K 283 -6.73 6.96 -33.02
CA GLU K 283 -5.91 5.99 -33.71
C GLU K 283 -5.33 6.58 -34.99
N GLU L 1 27.30 13.35 -29.45
CA GLU L 1 28.16 14.47 -29.83
C GLU L 1 28.53 14.42 -31.30
N ARG L 2 29.61 15.13 -31.63
CA ARG L 2 30.19 15.14 -32.96
C ARG L 2 31.69 14.93 -32.83
N PRO L 3 32.32 14.32 -33.83
CA PRO L 3 33.77 14.16 -33.78
C PRO L 3 34.47 15.50 -33.76
N LEU L 4 35.64 15.53 -33.15
CA LEU L 4 36.44 16.74 -33.23
C LEU L 4 37.69 16.48 -34.07
N PRO L 5 38.20 17.52 -34.74
CA PRO L 5 39.37 17.30 -35.61
C PRO L 5 40.57 16.74 -34.88
N ARG L 6 40.77 17.14 -33.61
CA ARG L 6 41.87 16.64 -32.79
C ARG L 6 43.21 16.87 -33.46
N ARG L 7 43.43 18.09 -33.91
CA ARG L 7 44.65 18.43 -34.64
C ARG L 7 45.12 19.82 -34.21
N ASP L 8 46.13 20.31 -34.94
CA ASP L 8 46.87 21.48 -34.46
C ASP L 8 46.14 22.78 -34.78
N PHE L 9 46.02 23.10 -36.07
CA PHE L 9 45.38 24.36 -36.46
C PHE L 9 43.91 24.15 -36.80
N GLN L 10 43.59 23.08 -37.52
CA GLN L 10 42.23 22.87 -38.01
C GLN L 10 41.24 22.71 -36.88
N ARG L 11 41.61 21.94 -35.84
CA ARG L 11 40.70 21.77 -34.72
C ARG L 11 40.46 23.10 -34.02
N GLN L 12 41.52 23.88 -33.81
CA GLN L 12 41.37 25.19 -33.18
C GLN L 12 40.46 26.09 -34.01
N VAL L 13 40.63 26.06 -35.34
CA VAL L 13 39.85 26.92 -36.21
C VAL L 13 38.39 26.53 -36.19
N TRP L 14 38.12 25.22 -36.25
CA TRP L 14 36.74 24.78 -36.27
C TRP L 14 36.04 25.04 -34.95
N LEU L 15 36.76 24.88 -33.83
CA LEU L 15 36.17 25.27 -32.56
C LEU L 15 35.88 26.77 -32.51
N LEU L 16 36.68 27.57 -33.23
CA LEU L 16 36.44 29.00 -33.25
C LEU L 16 35.20 29.34 -34.07
N PHE L 17 35.05 28.70 -35.23
CA PHE L 17 33.94 29.05 -36.12
C PHE L 17 32.69 28.23 -35.88
N GLU L 18 32.68 27.34 -34.89
CA GLU L 18 31.50 26.51 -34.70
C GLU L 18 30.83 26.72 -33.35
N TYR L 19 31.60 26.97 -32.29
CA TYR L 19 31.02 27.08 -30.94
C TYR L 19 31.21 28.48 -30.39
N PRO L 20 30.18 29.32 -30.42
CA PRO L 20 30.31 30.69 -29.91
C PRO L 20 30.48 30.80 -28.41
N GLU L 21 30.48 29.69 -27.68
CA GLU L 21 30.63 29.73 -26.24
C GLU L 21 32.09 29.60 -25.81
N SER L 22 33.02 29.40 -26.74
CA SER L 22 34.38 29.05 -26.38
C SER L 22 35.11 30.21 -25.72
N SER L 23 35.33 31.29 -26.46
CA SER L 23 36.26 32.33 -26.03
C SER L 23 35.70 33.69 -26.40
N GLY L 24 36.52 34.71 -26.21
CA GLY L 24 36.20 36.05 -26.67
C GLY L 24 36.14 36.18 -28.18
N PRO L 25 37.14 35.65 -28.89
CA PRO L 25 37.09 35.70 -30.36
C PRO L 25 35.86 35.03 -30.95
N ALA L 26 35.38 33.93 -30.37
CA ALA L 26 34.19 33.29 -30.90
C ALA L 26 32.98 34.22 -30.81
N ARG L 27 32.83 34.89 -29.67
CA ARG L 27 31.74 35.85 -29.51
C ARG L 27 31.89 37.01 -30.49
N GLY L 28 33.13 37.47 -30.71
CA GLY L 28 33.34 38.54 -31.67
C GLY L 28 32.96 38.13 -33.07
N ILE L 29 33.34 36.93 -33.49
CA ILE L 29 32.98 36.46 -34.83
C ILE L 29 31.46 36.35 -34.96
N ALA L 30 30.80 35.81 -33.93
CA ALA L 30 29.35 35.68 -34.01
C ALA L 30 28.68 37.04 -34.16
N ILE L 31 29.12 38.03 -33.38
CA ILE L 31 28.50 39.34 -33.48
C ILE L 31 28.78 39.95 -34.84
N VAL L 32 29.97 39.70 -35.40
CA VAL L 32 30.25 40.22 -36.74
C VAL L 32 29.28 39.63 -37.76
N SER L 33 29.05 38.32 -37.69
CA SER L 33 28.12 37.71 -38.64
C SER L 33 26.73 38.30 -38.50
N VAL L 34 26.29 38.52 -37.26
CA VAL L 34 24.95 39.09 -37.08
C VAL L 34 24.87 40.49 -37.67
N LEU L 35 25.89 41.30 -37.44
CA LEU L 35 25.89 42.67 -37.98
C LEU L 35 25.84 42.65 -39.50
N VAL L 36 26.62 41.79 -40.13
CA VAL L 36 26.65 41.77 -41.58
C VAL L 36 25.31 41.31 -42.13
N ILE L 37 24.68 40.31 -41.52
CA ILE L 37 23.38 39.87 -42.00
C ILE L 37 22.38 41.01 -41.95
N LEU L 38 22.33 41.71 -40.81
CA LEU L 38 21.38 42.81 -40.68
C LEU L 38 21.63 43.89 -41.73
N ILE L 39 22.91 44.24 -41.93
CA ILE L 39 23.24 45.25 -42.94
C ILE L 39 22.73 44.82 -44.30
N SER L 40 22.96 43.57 -44.67
CA SER L 40 22.55 43.12 -46.00
C SER L 40 21.04 43.17 -46.15
N ILE L 41 20.30 42.79 -45.11
CA ILE L 41 18.84 42.87 -45.21
C ILE L 41 18.39 44.30 -45.42
N VAL L 42 18.99 45.24 -44.67
CA VAL L 42 18.58 46.64 -44.82
C VAL L 42 18.89 47.13 -46.22
N ILE L 43 20.04 46.75 -46.77
CA ILE L 43 20.38 47.16 -48.13
C ILE L 43 19.36 46.62 -49.12
N PHE L 44 19.00 45.35 -48.97
CA PHE L 44 18.04 44.77 -49.91
C PHE L 44 16.69 45.47 -49.83
N CYS L 45 16.21 45.75 -48.62
CA CYS L 45 14.88 46.35 -48.48
C CYS L 45 14.87 47.84 -48.71
N LEU L 46 16.03 48.47 -48.84
CA LEU L 46 16.10 49.91 -49.00
C LEU L 46 16.29 50.35 -50.44
N GLU L 47 16.96 49.55 -51.26
CA GLU L 47 17.25 49.97 -52.62
C GLU L 47 16.04 49.95 -53.52
N THR L 48 14.85 49.69 -52.99
CA THR L 48 13.66 49.58 -53.81
C THR L 48 12.76 50.80 -53.72
N LEU L 49 13.19 51.89 -53.10
CA LEU L 49 12.34 53.09 -52.97
C LEU L 49 12.09 53.81 -54.26
N PRO L 50 11.05 54.64 -54.29
CA PRO L 50 10.67 55.41 -55.47
C PRO L 50 11.71 56.42 -55.86
N GLU L 51 12.37 57.03 -54.90
CA GLU L 51 13.39 58.03 -55.12
C GLU L 51 14.65 57.60 -55.85
N PHE L 52 15.22 56.46 -55.49
CA PHE L 52 16.42 55.97 -56.15
C PHE L 52 16.10 55.02 -57.29
N ARG L 53 14.82 54.82 -57.53
CA ARG L 53 14.42 53.97 -58.62
C ARG L 53 14.83 54.52 -59.95
N ASP L 54 14.70 55.85 -60.10
CA ASP L 54 15.02 56.54 -61.35
C ASP L 54 14.20 55.95 -62.50
N GLU L 55 14.89 55.55 -63.57
CA GLU L 55 14.21 54.98 -64.73
C GLU L 55 14.59 53.52 -64.97
N SER L 83 27.55 48.24 -63.15
CA SER L 83 27.66 49.57 -62.54
C SER L 83 29.07 49.79 -62.04
N PHE L 84 29.30 50.86 -61.32
CA PHE L 84 30.64 51.10 -60.80
C PHE L 84 30.77 51.68 -59.37
N SER L 85 30.38 52.94 -59.20
CA SER L 85 30.52 53.64 -57.92
C SER L 85 29.27 54.02 -57.13
N ASP L 86 28.13 53.41 -57.43
CA ASP L 86 26.92 53.74 -56.68
C ASP L 86 27.03 53.25 -55.25
N PRO L 87 26.40 53.94 -54.33
CA PRO L 87 26.49 53.49 -52.95
C PRO L 87 25.86 52.11 -52.79
N PHE L 88 24.73 51.88 -53.43
CA PHE L 88 24.09 50.59 -53.34
C PHE L 88 24.87 49.43 -53.93
N PHE L 89 25.58 49.63 -55.01
CA PHE L 89 26.31 48.50 -55.56
C PHE L 89 27.58 48.09 -54.84
N VAL L 90 28.09 48.88 -53.92
CA VAL L 90 29.30 48.46 -53.24
C VAL L 90 29.02 47.43 -52.15
N VAL L 91 28.30 47.89 -51.14
CA VAL L 91 27.91 47.21 -49.91
C VAL L 91 27.53 45.77 -50.19
N GLU L 92 26.81 45.53 -51.29
CA GLU L 92 26.44 44.16 -51.63
C GLU L 92 27.68 43.30 -51.86
N THR L 93 28.67 43.84 -52.58
CA THR L 93 29.87 43.06 -52.84
C THR L 93 30.61 42.76 -51.54
N LEU L 94 30.66 43.73 -50.62
CA LEU L 94 31.31 43.48 -49.35
C LEU L 94 30.62 42.37 -48.57
N CYS L 95 29.29 42.42 -48.51
CA CYS L 95 28.57 41.39 -47.76
C CYS L 95 28.75 40.02 -48.40
N ILE L 96 28.70 39.94 -49.72
CA ILE L 96 28.90 38.65 -50.37
C ILE L 96 30.31 38.14 -50.13
N ILE L 97 31.29 39.04 -50.13
CA ILE L 97 32.65 38.61 -49.82
C ILE L 97 32.72 37.98 -48.45
N TRP L 98 32.11 38.62 -47.45
CA TRP L 98 32.21 38.07 -46.11
C TRP L 98 31.48 36.74 -45.99
N PHE L 99 30.29 36.63 -46.60
CA PHE L 99 29.57 35.36 -46.54
C PHE L 99 30.38 34.24 -47.19
N SER L 100 30.96 34.50 -48.35
CA SER L 100 31.72 33.46 -49.02
C SER L 100 32.96 33.07 -48.21
N PHE L 101 33.63 34.05 -47.62
CA PHE L 101 34.78 33.73 -46.80
C PHE L 101 34.39 32.84 -45.63
N GLU L 102 33.30 33.20 -44.95
CA GLU L 102 32.87 32.42 -43.80
C GLU L 102 32.52 30.99 -44.20
N LEU L 103 31.76 30.84 -45.29
CA LEU L 103 31.39 29.49 -45.72
C LEU L 103 32.62 28.69 -46.09
N LEU L 104 33.56 29.28 -46.82
CA LEU L 104 34.74 28.55 -47.26
C LEU L 104 35.56 28.10 -46.06
N VAL L 105 35.78 29.00 -45.10
CA VAL L 105 36.57 28.63 -43.92
C VAL L 105 35.87 27.55 -43.12
N ARG L 106 34.56 27.69 -42.92
CA ARG L 106 33.82 26.70 -42.15
C ARG L 106 33.90 25.33 -42.81
N PHE L 107 33.85 25.29 -44.13
CA PHE L 107 33.96 24.01 -44.81
C PHE L 107 35.39 23.50 -44.85
N PHE L 108 36.37 24.39 -44.67
CA PHE L 108 37.77 23.98 -44.82
C PHE L 108 38.14 22.92 -43.79
N ALA L 109 37.72 23.10 -42.55
CA ALA L 109 38.00 22.15 -41.48
C ALA L 109 36.67 21.55 -41.05
N CYS L 110 36.23 20.50 -41.74
CA CYS L 110 35.02 19.80 -41.40
C CYS L 110 35.34 18.31 -41.40
N PRO L 111 35.05 17.60 -40.31
CA PRO L 111 35.48 16.20 -40.23
C PRO L 111 34.88 15.31 -41.31
N SER L 112 33.57 15.26 -41.43
CA SER L 112 32.91 14.36 -42.35
C SER L 112 32.19 15.14 -43.44
N LYS L 113 32.36 14.71 -44.69
CA LYS L 113 31.71 15.34 -45.82
C LYS L 113 30.23 15.01 -45.91
N ALA L 114 29.85 13.78 -45.52
CA ALA L 114 28.46 13.37 -45.60
C ALA L 114 27.58 14.23 -44.71
N THR L 115 28.07 14.54 -43.51
CA THR L 115 27.33 15.44 -42.63
C THR L 115 27.18 16.82 -43.25
N PHE L 116 28.24 17.33 -43.88
CA PHE L 116 28.17 18.64 -44.50
C PHE L 116 27.13 18.67 -45.60
N SER L 117 27.06 17.63 -46.41
CA SER L 117 26.03 17.57 -47.44
C SER L 117 24.64 17.45 -46.84
N ARG L 118 24.50 16.66 -45.78
CA ARG L 118 23.18 16.40 -45.20
C ARG L 118 22.68 17.52 -44.33
N ASN L 119 23.48 18.54 -44.07
CA ASN L 119 23.04 19.62 -43.20
C ASN L 119 22.01 20.49 -43.92
N ILE L 120 21.52 21.51 -43.21
CA ILE L 120 20.58 22.44 -43.80
C ILE L 120 21.11 23.88 -43.80
N MET L 121 21.81 24.31 -42.74
CA MET L 121 22.32 25.67 -42.72
C MET L 121 23.22 25.96 -43.91
N ASN L 122 24.04 24.98 -44.31
CA ASN L 122 24.92 25.18 -45.45
C ASN L 122 24.12 25.40 -46.72
N LEU L 123 22.98 24.73 -46.86
CA LEU L 123 22.12 24.97 -48.01
C LEU L 123 21.64 26.42 -48.03
N ILE L 124 21.23 26.93 -46.88
CA ILE L 124 20.81 28.32 -46.80
C ILE L 124 21.94 29.24 -47.24
N ASP L 125 23.16 28.96 -46.79
CA ASP L 125 24.28 29.83 -47.13
C ASP L 125 24.56 29.83 -48.62
N ILE L 126 24.60 28.64 -49.24
CA ILE L 126 24.92 28.60 -50.66
C ILE L 126 23.80 29.21 -51.49
N VAL L 127 22.55 29.02 -51.06
CA VAL L 127 21.44 29.63 -51.79
C VAL L 127 21.48 31.14 -51.66
N ALA L 128 21.90 31.65 -50.49
CA ALA L 128 22.03 33.09 -50.33
C ALA L 128 23.21 33.66 -51.11
N ILE L 129 24.19 32.84 -51.45
CA ILE L 129 25.33 33.36 -52.21
C ILE L 129 25.14 33.23 -53.72
N ILE L 130 24.34 32.28 -54.19
CA ILE L 130 24.20 32.04 -55.63
C ILE L 130 23.74 33.28 -56.41
N PRO L 131 22.63 33.95 -56.04
CA PRO L 131 22.07 34.97 -56.95
C PRO L 131 23.03 36.08 -57.31
N TYR L 132 23.86 36.52 -56.36
CA TYR L 132 24.80 37.58 -56.69
C TYR L 132 25.76 37.14 -57.78
N PHE L 133 26.14 35.87 -57.80
CA PHE L 133 27.01 35.45 -58.88
C PHE L 133 26.28 35.36 -60.19
N ILE L 134 25.06 34.87 -60.17
CA ILE L 134 24.33 34.79 -61.42
C ILE L 134 24.08 36.13 -62.05
N THR L 135 23.65 37.11 -61.27
CA THR L 135 23.38 38.39 -61.87
C THR L 135 24.63 38.98 -62.39
N LEU L 136 25.67 38.98 -61.58
CA LEU L 136 26.89 39.58 -62.05
C LEU L 136 27.45 38.83 -63.21
N GLY L 137 27.44 37.52 -63.11
CA GLY L 137 28.00 36.70 -64.16
C GLY L 137 27.28 36.89 -65.45
N THR L 138 25.95 36.96 -65.42
CA THR L 138 25.20 37.11 -66.66
C THR L 138 25.47 38.44 -67.39
N GLU L 139 25.57 39.54 -66.67
CA GLU L 139 25.80 40.80 -67.34
C GLU L 139 27.13 40.93 -68.02
N LEU L 140 28.18 40.47 -67.38
CA LEU L 140 29.47 40.65 -68.02
C LEU L 140 29.62 39.94 -69.34
N ALA L 141 29.30 38.65 -69.40
CA ALA L 141 29.49 37.93 -70.64
C ALA L 141 28.58 38.32 -71.80
N GLU L 142 27.28 38.39 -71.54
CA GLU L 142 26.31 38.72 -72.59
C GLU L 142 26.25 40.14 -73.13
N ARG L 143 26.27 41.15 -72.27
CA ARG L 143 26.16 42.51 -72.75
C ARG L 143 27.34 42.93 -73.62
N GLN L 144 28.54 42.55 -73.17
CA GLN L 144 29.78 42.85 -73.87
C GLN L 144 29.93 42.20 -75.22
N GLY L 145 29.51 40.94 -75.33
CA GLY L 145 29.62 40.23 -76.59
C GLY L 145 28.37 39.72 -77.27
N ASN L 146 27.19 40.20 -76.88
CA ASN L 146 25.95 39.72 -77.48
C ASN L 146 24.79 40.69 -77.38
N GLY L 147 23.73 40.42 -78.14
CA GLY L 147 22.54 41.25 -78.07
C GLY L 147 21.51 40.38 -77.36
N GLN L 148 20.96 40.88 -76.26
CA GLN L 148 19.98 40.11 -75.49
C GLN L 148 18.79 40.94 -75.02
N GLN L 149 17.67 40.27 -74.80
CA GLN L 149 16.48 40.94 -74.30
C GLN L 149 16.71 41.47 -72.89
N ALA L 150 17.39 40.63 -72.11
CA ALA L 150 17.78 40.72 -70.68
C ALA L 150 18.04 39.26 -70.46
N MET L 151 16.94 38.53 -70.60
CA MET L 151 16.78 37.11 -70.55
C MET L 151 15.30 37.08 -70.77
N SER L 152 14.59 37.58 -69.78
CA SER L 152 13.16 37.77 -69.83
C SER L 152 12.78 38.76 -68.77
N LEU L 153 11.63 39.40 -68.90
CA LEU L 153 11.24 40.30 -67.83
C LEU L 153 10.95 39.48 -66.60
N ALA L 154 10.25 38.36 -66.80
CA ALA L 154 9.95 37.46 -65.73
C ALA L 154 11.18 36.79 -65.14
N ILE L 155 12.10 36.32 -65.98
CA ILE L 155 13.23 35.60 -65.40
C ILE L 155 14.10 36.42 -64.48
N LEU L 156 14.42 37.63 -64.89
CA LEU L 156 15.22 38.48 -64.04
C LEU L 156 14.47 38.91 -62.83
N ARG L 157 13.18 39.14 -62.98
CA ARG L 157 12.38 39.50 -61.84
C ARG L 157 12.28 38.37 -60.85
N VAL L 158 12.20 37.15 -61.33
CA VAL L 158 12.15 36.02 -60.43
C VAL L 158 13.38 35.92 -59.58
N ILE L 159 14.55 36.11 -60.15
CA ILE L 159 15.74 36.01 -59.35
C ILE L 159 15.81 37.01 -58.25
N ARG L 160 15.50 38.27 -58.53
CA ARG L 160 15.57 39.34 -57.53
C ARG L 160 14.89 39.01 -56.25
N LEU L 161 13.82 38.24 -56.35
CA LEU L 161 13.03 37.78 -55.23
C LEU L 161 13.77 36.73 -54.42
N VAL L 162 14.44 35.80 -55.07
CA VAL L 162 15.17 34.75 -54.36
C VAL L 162 16.23 35.37 -53.46
N ARG L 163 16.73 36.55 -53.83
CA ARG L 163 17.74 37.21 -53.03
C ARG L 163 17.31 37.44 -51.57
N VAL L 164 16.05 37.16 -51.22
CA VAL L 164 15.56 37.48 -49.87
C VAL L 164 15.81 36.39 -48.84
N PHE L 165 16.32 35.23 -49.25
CA PHE L 165 16.52 34.16 -48.29
C PHE L 165 17.64 34.42 -47.31
N ARG L 166 18.23 35.63 -47.30
CA ARG L 166 19.27 35.92 -46.34
C ARG L 166 18.75 36.01 -44.91
N ILE L 167 17.44 36.09 -44.72
CA ILE L 167 16.92 36.17 -43.36
C ILE L 167 17.20 34.89 -42.61
N PHE L 168 17.02 33.75 -43.26
CA PHE L 168 17.10 32.48 -42.55
C PHE L 168 18.50 32.16 -42.08
N LYS L 169 19.50 32.95 -42.46
CA LYS L 169 20.82 32.75 -41.88
C LYS L 169 20.85 33.10 -40.41
N LEU L 170 19.81 33.73 -39.88
CA LEU L 170 19.69 33.96 -38.45
C LEU L 170 19.28 32.72 -37.68
N SER L 171 19.04 31.61 -38.36
CA SER L 171 18.78 30.36 -37.66
C SER L 171 19.99 29.87 -36.90
N ARG L 172 21.18 30.36 -37.25
CA ARG L 172 22.38 29.96 -36.54
C ARG L 172 22.49 30.66 -35.19
N HIS L 173 21.79 31.77 -35.00
CA HIS L 173 22.01 32.62 -33.85
C HIS L 173 20.79 32.81 -32.97
N SER L 174 19.73 32.04 -33.15
CA SER L 174 18.57 32.10 -32.28
C SER L 174 17.96 30.72 -32.12
N LYS L 175 17.63 30.36 -30.88
CA LYS L 175 16.96 29.10 -30.66
C LYS L 175 15.50 29.16 -31.08
N GLY L 176 14.95 30.37 -31.15
CA GLY L 176 13.55 30.50 -31.51
C GLY L 176 13.26 29.98 -32.91
N LEU L 177 14.07 30.36 -33.88
CA LEU L 177 13.83 29.91 -35.24
C LEU L 177 14.02 28.40 -35.36
N GLN L 178 14.96 27.84 -34.62
CA GLN L 178 15.18 26.40 -34.73
C GLN L 178 14.04 25.62 -34.09
N ILE L 179 13.52 26.12 -32.97
CA ILE L 179 12.31 25.53 -32.38
C ILE L 179 11.17 25.58 -33.38
N LEU L 180 11.03 26.72 -34.06
CA LEU L 180 9.97 26.85 -35.05
C LEU L 180 10.16 25.87 -36.20
N GLY L 181 11.40 25.67 -36.64
CA GLY L 181 11.64 24.72 -37.70
C GLY L 181 11.27 23.31 -37.29
N GLN L 182 11.65 22.91 -36.09
CA GLN L 182 11.31 21.57 -35.62
C GLN L 182 9.80 21.39 -35.46
N THR L 183 9.11 22.41 -34.93
CA THR L 183 7.67 22.34 -34.79
C THR L 183 6.98 22.21 -36.14
N LEU L 184 7.43 22.98 -37.13
CA LEU L 184 6.79 22.89 -38.44
C LEU L 184 7.11 21.57 -39.11
N LYS L 185 8.27 20.99 -38.84
CA LYS L 185 8.57 19.69 -39.45
C LYS L 185 7.74 18.59 -38.82
N ALA L 186 7.50 18.67 -37.51
CA ALA L 186 6.77 17.59 -36.85
C ALA L 186 5.30 17.58 -37.24
N SER L 187 4.72 18.75 -37.49
CA SER L 187 3.28 18.91 -37.64
C SER L 187 2.85 19.09 -39.09
N MET L 188 3.46 18.34 -40.02
CA MET L 188 3.10 18.50 -41.43
C MET L 188 1.66 18.09 -41.70
N ARG L 189 1.21 17.00 -41.07
CA ARG L 189 -0.11 16.46 -41.39
C ARG L 189 -1.23 17.42 -41.01
N GLU L 190 -1.10 18.07 -39.86
CA GLU L 190 -2.13 19.02 -39.44
C GLU L 190 -2.18 20.22 -40.36
N LEU L 191 -1.04 20.65 -40.89
CA LEU L 191 -1.05 21.69 -41.91
C LEU L 191 -1.82 21.24 -43.13
N GLY L 192 -1.59 20.00 -43.57
CA GLY L 192 -2.36 19.49 -44.68
C GLY L 192 -3.86 19.53 -44.41
N LEU L 193 -4.26 19.11 -43.22
CA LEU L 193 -5.70 19.11 -42.90
C LEU L 193 -6.27 20.52 -42.90
N LEU L 194 -5.55 21.47 -42.34
CA LEU L 194 -6.06 22.84 -42.30
C LEU L 194 -6.28 23.38 -43.70
N ILE L 195 -5.30 23.20 -44.59
CA ILE L 195 -5.46 23.69 -45.95
C ILE L 195 -6.60 22.97 -46.65
N PHE L 196 -6.77 21.67 -46.38
CA PHE L 196 -7.82 20.91 -47.04
C PHE L 196 -9.20 21.43 -46.64
N PHE L 197 -9.42 21.63 -45.35
CA PHE L 197 -10.72 22.14 -44.89
C PHE L 197 -10.97 23.52 -45.44
N LEU L 198 -9.94 24.36 -45.49
CA LEU L 198 -10.11 25.68 -46.06
C LEU L 198 -10.53 25.60 -47.52
N PHE L 199 -9.89 24.72 -48.29
CA PHE L 199 -10.20 24.60 -49.71
C PHE L 199 -11.64 24.17 -49.94
N ILE L 200 -12.09 23.17 -49.18
CA ILE L 200 -13.47 22.71 -49.33
C ILE L 200 -14.45 23.82 -48.96
N GLY L 201 -14.21 24.50 -47.85
CA GLY L 201 -15.11 25.57 -47.47
C GLY L 201 -15.16 26.68 -48.50
N VAL L 202 -14.00 27.05 -49.05
CA VAL L 202 -13.93 28.11 -50.04
C VAL L 202 -14.78 27.77 -51.25
N ILE L 203 -14.61 26.55 -51.79
CA ILE L 203 -15.38 26.20 -52.98
C ILE L 203 -16.87 26.23 -52.68
N LEU L 204 -17.26 25.64 -51.56
CA LEU L 204 -18.69 25.54 -51.24
C LEU L 204 -19.34 26.92 -51.14
N PHE L 205 -18.74 27.81 -50.35
CA PHE L 205 -19.39 29.09 -50.14
C PHE L 205 -19.26 30.02 -51.34
N SER L 206 -18.16 29.94 -52.09
CA SER L 206 -18.08 30.71 -53.32
C SER L 206 -19.19 30.34 -54.26
N SER L 207 -19.44 29.05 -54.45
CA SER L 207 -20.52 28.64 -55.34
C SER L 207 -21.86 29.15 -54.84
N ALA L 208 -22.13 28.99 -53.55
CA ALA L 208 -23.42 29.40 -53.03
C ALA L 208 -23.66 30.90 -53.24
N VAL L 209 -22.67 31.73 -52.94
CA VAL L 209 -22.91 33.16 -53.03
C VAL L 209 -22.81 33.69 -54.45
N TYR L 210 -22.18 32.97 -55.37
CA TYR L 210 -22.30 33.38 -56.77
C TYR L 210 -23.68 33.10 -57.31
N PHE L 211 -24.23 31.93 -56.99
CA PHE L 211 -25.56 31.62 -57.52
C PHE L 211 -26.65 32.43 -56.83
N ALA L 212 -26.43 32.88 -55.60
CA ALA L 212 -27.45 33.69 -54.94
C ALA L 212 -27.51 35.12 -55.48
N GLU L 213 -26.56 35.51 -56.33
CA GLU L 213 -26.48 36.88 -56.83
C GLU L 213 -26.28 36.96 -58.34
N ALA L 214 -26.81 35.98 -59.08
CA ALA L 214 -26.69 36.05 -60.54
C ALA L 214 -27.73 36.97 -61.13
N ASP L 215 -28.94 36.99 -60.56
CA ASP L 215 -30.03 37.76 -61.14
C ASP L 215 -29.81 39.26 -60.98
N ASP L 216 -29.14 39.68 -59.92
CA ASP L 216 -28.94 41.11 -59.71
C ASP L 216 -27.95 41.66 -60.73
N PRO L 217 -28.18 42.86 -61.24
CA PRO L 217 -27.20 43.48 -62.14
C PRO L 217 -25.99 44.05 -61.41
N THR L 218 -26.22 44.72 -60.29
CA THR L 218 -25.17 45.48 -59.59
C THR L 218 -24.53 44.59 -58.54
N SER L 219 -23.71 43.66 -58.99
CA SER L 219 -23.02 42.74 -58.10
C SER L 219 -21.57 42.64 -58.52
N GLY L 220 -20.67 42.55 -57.56
CA GLY L 220 -19.25 42.47 -57.87
C GLY L 220 -18.79 41.09 -58.27
N PHE L 221 -19.62 40.07 -58.09
CA PHE L 221 -19.23 38.70 -58.36
C PHE L 221 -19.57 38.37 -59.80
N SER L 222 -18.56 38.29 -60.65
CA SER L 222 -18.76 38.01 -62.06
C SER L 222 -18.71 36.53 -62.37
N SER L 223 -17.96 35.76 -61.59
CA SER L 223 -17.84 34.33 -61.84
C SER L 223 -17.42 33.67 -60.54
N ILE L 224 -17.58 32.35 -60.48
CA ILE L 224 -17.19 31.62 -59.27
C ILE L 224 -15.72 31.81 -58.95
N PRO L 225 -14.79 31.72 -59.89
CA PRO L 225 -13.39 32.00 -59.53
C PRO L 225 -13.17 33.39 -59.01
N ASP L 226 -14.16 34.27 -59.08
CA ASP L 226 -13.98 35.61 -58.55
C ASP L 226 -14.43 35.74 -57.11
N ALA L 227 -15.23 34.81 -56.62
CA ALA L 227 -15.67 34.82 -55.23
C ALA L 227 -14.69 34.13 -54.30
N PHE L 228 -13.65 33.50 -54.84
CA PHE L 228 -12.68 32.84 -53.97
C PHE L 228 -12.02 33.84 -53.04
N TRP L 229 -11.68 35.01 -53.55
CA TRP L 229 -11.03 36.02 -52.73
C TRP L 229 -11.92 36.44 -51.57
N TRP L 230 -13.20 36.65 -51.86
CA TRP L 230 -14.14 37.00 -50.80
C TRP L 230 -14.25 35.88 -49.77
N ALA L 231 -14.28 34.63 -50.21
CA ALA L 231 -14.42 33.54 -49.26
C ALA L 231 -13.22 33.43 -48.36
N VAL L 232 -12.00 33.55 -48.90
CA VAL L 232 -10.86 33.42 -48.00
C VAL L 232 -10.73 34.64 -47.10
N VAL L 233 -11.11 35.82 -47.58
CA VAL L 233 -10.98 36.98 -46.70
C VAL L 233 -12.09 37.02 -45.65
N THR L 234 -13.18 36.30 -45.84
CA THR L 234 -14.24 36.25 -44.83
C THR L 234 -14.08 35.10 -43.85
N MET L 235 -13.66 33.92 -44.31
CA MET L 235 -13.50 32.80 -43.39
C MET L 235 -12.45 33.08 -42.33
N THR L 236 -11.36 33.74 -42.72
CA THR L 236 -10.28 34.04 -41.80
C THR L 236 -10.51 35.32 -41.01
N THR L 237 -11.63 35.99 -41.23
CA THR L 237 -12.02 37.17 -40.44
C THR L 237 -11.08 38.34 -40.66
N VAL L 238 -10.64 38.56 -41.89
CA VAL L 238 -9.93 39.79 -42.20
C VAL L 238 -10.95 40.77 -42.72
N GLY L 239 -11.65 40.43 -43.79
CA GLY L 239 -12.73 41.30 -44.24
C GLY L 239 -12.24 42.62 -44.78
N TYR L 240 -11.61 42.62 -45.95
CA TYR L 240 -11.02 43.85 -46.47
C TYR L 240 -12.07 44.90 -46.76
N GLY L 241 -13.21 44.51 -47.32
CA GLY L 241 -14.33 45.43 -47.46
C GLY L 241 -14.79 45.68 -48.87
N ASP L 242 -14.04 45.26 -49.89
CA ASP L 242 -14.57 45.20 -51.23
C ASP L 242 -15.23 43.86 -51.45
N MET L 243 -16.14 43.79 -52.43
CA MET L 243 -16.87 42.57 -52.71
C MET L 243 -17.66 42.10 -51.49
N HIS L 244 -18.69 42.78 -51.22
CA HIS L 244 -19.53 42.21 -50.19
C HIS L 244 -20.96 42.02 -50.69
N PRO L 245 -21.71 41.08 -50.13
CA PRO L 245 -23.05 40.80 -50.66
C PRO L 245 -24.00 41.98 -50.50
N VAL L 246 -24.96 42.06 -51.42
CA VAL L 246 -25.99 43.10 -51.41
C VAL L 246 -27.39 42.51 -51.36
N THR L 247 -27.65 41.46 -52.12
CA THR L 247 -28.96 40.84 -52.05
C THR L 247 -29.15 40.15 -50.70
N ILE L 248 -30.41 39.89 -50.35
CA ILE L 248 -30.68 39.21 -49.08
C ILE L 248 -30.15 37.79 -49.11
N GLY L 249 -30.34 37.09 -50.23
CA GLY L 249 -29.79 35.76 -50.35
C GLY L 249 -28.29 35.74 -50.24
N GLY L 250 -27.62 36.81 -50.67
CA GLY L 250 -26.19 36.91 -50.47
C GLY L 250 -25.81 37.08 -49.02
N LYS L 251 -26.56 37.89 -48.27
CA LYS L 251 -26.25 38.10 -46.86
C LYS L 251 -26.47 36.84 -46.04
N ILE L 252 -27.50 36.06 -46.38
CA ILE L 252 -27.74 34.83 -45.66
C ILE L 252 -26.53 33.91 -45.73
N VAL L 253 -25.84 33.90 -46.87
CA VAL L 253 -24.69 33.02 -47.01
C VAL L 253 -23.43 33.67 -46.44
N GLY L 254 -23.32 34.99 -46.57
CA GLY L 254 -22.18 35.68 -46.01
C GLY L 254 -22.11 35.58 -44.51
N SER L 255 -23.24 35.36 -43.85
CA SER L 255 -23.20 35.11 -42.42
C SER L 255 -22.64 33.71 -42.12
N LEU L 256 -23.10 32.70 -42.87
CA LEU L 256 -22.65 31.34 -42.61
C LEU L 256 -21.17 31.19 -42.92
N CYS L 257 -20.67 31.88 -43.92
CA CYS L 257 -19.23 31.83 -44.17
C CYS L 257 -18.46 32.34 -42.97
N ALA L 258 -18.90 33.47 -42.41
CA ALA L 258 -18.20 34.04 -41.26
C ALA L 258 -18.21 33.07 -40.10
N ILE L 259 -19.34 32.40 -39.88
CA ILE L 259 -19.43 31.45 -38.76
C ILE L 259 -18.55 30.24 -39.01
N ALA L 260 -18.57 29.69 -40.23
CA ALA L 260 -17.85 28.44 -40.49
C ALA L 260 -16.35 28.64 -40.60
N GLY L 261 -15.90 29.86 -40.88
CA GLY L 261 -14.47 30.09 -40.95
C GLY L 261 -13.79 29.79 -39.63
N VAL L 262 -14.36 30.26 -38.52
CA VAL L 262 -13.80 30.00 -37.21
C VAL L 262 -13.72 28.49 -36.96
N LEU L 263 -14.79 27.78 -37.28
CA LEU L 263 -14.84 26.35 -37.00
C LEU L 263 -13.77 25.59 -37.78
N THR L 264 -13.59 25.89 -39.07
CA THR L 264 -12.59 25.14 -39.83
C THR L 264 -11.18 25.59 -39.50
N ILE L 265 -10.99 26.85 -39.12
CA ILE L 265 -9.64 27.32 -38.79
C ILE L 265 -9.17 26.74 -37.47
N ALA L 266 -10.05 26.72 -36.46
CA ALA L 266 -9.61 26.46 -35.09
C ALA L 266 -9.48 24.99 -34.74
N LEU L 267 -9.57 24.08 -35.71
CA LEU L 267 -9.49 22.66 -35.36
C LEU L 267 -8.06 22.21 -35.09
N PRO L 268 -7.09 22.32 -36.02
CA PRO L 268 -5.76 21.79 -35.74
C PRO L 268 -4.79 22.75 -35.07
N VAL L 269 -5.26 23.88 -34.57
CA VAL L 269 -4.38 24.79 -33.84
C VAL L 269 -3.85 24.19 -32.54
N PRO L 270 -4.67 23.55 -31.71
CA PRO L 270 -4.13 22.99 -30.46
C PRO L 270 -2.98 22.03 -30.66
N VAL L 271 -2.99 21.22 -31.72
CA VAL L 271 -1.89 20.29 -31.93
C VAL L 271 -0.57 21.04 -32.15
N ILE L 272 -0.59 22.05 -33.01
CA ILE L 272 0.64 22.78 -33.31
C ILE L 272 1.10 23.56 -32.08
N VAL L 273 0.17 24.15 -31.34
CA VAL L 273 0.58 24.84 -30.14
C VAL L 273 1.18 23.89 -29.12
N SER L 274 0.61 22.69 -28.98
CA SER L 274 1.17 21.72 -28.05
C SER L 274 2.58 21.31 -28.47
N ASN L 275 2.78 21.05 -29.76
CA ASN L 275 4.11 20.69 -30.25
C ASN L 275 5.12 21.79 -29.94
N PHE L 276 4.77 23.03 -30.25
CA PHE L 276 5.71 24.10 -29.99
C PHE L 276 6.01 24.22 -28.51
N ASN L 277 4.99 24.15 -27.67
CA ASN L 277 5.23 24.29 -26.24
C ASN L 277 6.14 23.20 -25.72
N TYR L 278 5.92 21.96 -26.16
CA TYR L 278 6.77 20.87 -25.71
C TYR L 278 8.21 21.04 -26.19
N PHE L 279 8.40 21.37 -27.48
CA PHE L 279 9.76 21.54 -27.99
C PHE L 279 10.48 22.72 -27.34
N TYR L 280 9.73 23.73 -26.92
CA TYR L 280 10.36 24.93 -26.37
C TYR L 280 10.68 24.76 -24.90
N HIS L 281 9.73 24.26 -24.12
CA HIS L 281 9.93 24.08 -22.69
C HIS L 281 10.66 22.78 -22.37
N ARG L 282 11.00 21.98 -23.38
CA ARG L 282 11.78 20.78 -23.13
C ARG L 282 13.08 21.10 -22.42
N GLU L 283 13.75 22.17 -22.82
CA GLU L 283 14.97 22.57 -22.14
C GLU L 283 15.27 24.05 -22.37
#